data_6MUN
#
_entry.id   6MUN
#
loop_
_entity.id
_entity.type
_entity.pdbx_description
1 polymer '26S proteasome non-ATPase regulatory subunit 4'
2 polymer Ubiquilin-2
#
loop_
_entity_poly.entity_id
_entity_poly.type
_entity_poly.pdbx_seq_one_letter_code
_entity_poly.pdbx_strand_id
1 'polypeptide(L)'
;MLGLGASDFEFGVDPSADPELALALRVSMEEQRQRQEEEARRAAAASAAEAGIATTGTEDSDDALLKMTISQQEFGRTGL
PDLSSMTEEEQIAYAMQMSLQGAEFGQAESA
;
A
2 'polypeptide(L)' APAEPKIIKVTVKTPKEKEEFAVPENSSVQQFKEAISKRFKSQTDQLVLIFAGKILKDQDTLIQHGIHDGLTVHLVIK B,C
#
# COMPACT_ATOMS: atom_id res chain seq x y z
N MET A 1 34.85 47.39 -2.90
CA MET A 1 35.62 46.72 -1.81
C MET A 1 34.74 45.66 -1.16
N LEU A 2 35.36 44.55 -0.78
CA LEU A 2 34.62 43.46 -0.15
C LEU A 2 34.08 43.90 1.21
N GLY A 3 34.87 44.72 1.91
CA GLY A 3 34.46 45.20 3.22
C GLY A 3 33.15 45.99 3.15
N LEU A 4 33.16 47.07 2.40
CA LEU A 4 31.98 47.91 2.25
C LEU A 4 30.88 47.17 1.47
N GLY A 5 31.30 46.42 0.46
CA GLY A 5 30.35 45.66 -0.35
C GLY A 5 29.73 44.53 0.46
N ALA A 6 28.44 44.35 0.30
CA ALA A 6 27.73 43.31 1.02
C ALA A 6 27.88 43.49 2.53
N SER A 7 28.29 44.69 2.94
CA SER A 7 28.47 44.97 4.37
C SER A 7 29.40 43.94 4.99
N ASP A 8 30.38 43.47 4.21
CA ASP A 8 31.34 42.49 4.70
C ASP A 8 30.64 41.27 5.27
N PHE A 9 29.42 41.01 4.79
CA PHE A 9 28.64 39.88 5.25
C PHE A 9 28.71 39.74 6.76
N GLU A 10 28.58 40.87 7.46
CA GLU A 10 28.64 40.87 8.92
C GLU A 10 27.49 40.04 9.49
N PHE A 11 26.31 40.18 8.90
CA PHE A 11 25.15 39.43 9.36
C PHE A 11 24.59 38.56 8.24
N GLY A 12 25.27 38.54 7.09
CA GLY A 12 24.82 37.74 5.96
C GLY A 12 25.48 36.37 5.96
N VAL A 13 25.91 35.93 7.14
CA VAL A 13 26.58 34.64 7.27
C VAL A 13 26.02 33.86 8.45
N ASP A 14 25.79 34.54 9.56
CA ASP A 14 25.25 33.90 10.76
C ASP A 14 23.93 34.53 11.15
N PRO A 15 22.82 34.00 10.67
CA PRO A 15 21.47 34.55 10.97
C PRO A 15 21.31 34.93 12.44
N SER A 16 20.79 36.12 12.68
CA SER A 16 20.59 36.61 14.05
C SER A 16 21.91 36.64 14.80
N ALA A 17 23.01 36.72 14.05
CA ALA A 17 24.33 36.76 14.65
C ALA A 17 24.57 35.52 15.49
N ASP A 18 23.98 34.41 15.06
CA ASP A 18 24.14 33.15 15.78
C ASP A 18 24.63 32.06 14.83
N PRO A 19 25.93 31.87 14.72
CA PRO A 19 26.52 30.83 13.84
C PRO A 19 25.85 29.47 14.02
N GLU A 20 25.30 29.25 15.20
CA GLU A 20 24.63 27.99 15.50
C GLU A 20 23.42 27.80 14.59
N LEU A 21 22.68 28.87 14.36
CA LEU A 21 21.50 28.81 13.51
C LEU A 21 21.92 28.40 12.10
N ALA A 22 23.03 28.96 11.64
CA ALA A 22 23.54 28.64 10.32
C ALA A 22 23.91 27.16 10.26
N LEU A 23 24.51 26.66 11.33
CA LEU A 23 24.89 25.25 11.37
C LEU A 23 23.67 24.37 11.43
N ALA A 24 22.66 24.80 12.19
CA ALA A 24 21.44 24.02 12.31
C ALA A 24 20.75 23.86 10.96
N LEU A 25 20.73 24.95 10.21
CA LEU A 25 20.10 24.95 8.90
C LEU A 25 20.91 24.08 7.93
N ARG A 26 22.23 24.18 8.03
CA ARG A 26 23.11 23.41 7.19
C ARG A 26 22.91 21.93 7.45
N VAL A 27 22.80 21.59 8.73
CA VAL A 27 22.58 20.20 9.10
C VAL A 27 21.22 19.76 8.60
N SER A 28 20.23 20.64 8.74
CA SER A 28 18.88 20.33 8.30
C SER A 28 18.87 20.03 6.81
N MET A 29 19.57 20.85 6.06
CA MET A 29 19.68 20.65 4.62
C MET A 29 20.37 19.31 4.35
N GLU A 30 21.37 19.00 5.15
CA GLU A 30 22.09 17.74 4.99
C GLU A 30 21.18 16.56 5.33
N GLU A 31 20.34 16.73 6.36
CA GLU A 31 19.42 15.67 6.75
C GLU A 31 18.48 15.34 5.60
N GLN A 32 17.98 16.38 4.94
CA GLN A 32 17.10 16.18 3.81
C GLN A 32 17.86 15.48 2.69
N ARG A 33 19.11 15.87 2.51
CA ARG A 33 19.94 15.26 1.49
C ARG A 33 20.08 13.77 1.76
N GLN A 34 20.30 13.42 3.03
CA GLN A 34 20.47 12.02 3.40
C GLN A 34 19.21 11.23 3.05
N ARG A 35 18.06 11.80 3.36
CA ARG A 35 16.78 11.16 3.06
C ARG A 35 16.61 11.06 1.55
N GLN A 36 17.02 12.12 0.85
CA GLN A 36 16.92 12.17 -0.59
C GLN A 36 17.80 11.09 -1.20
N GLU A 37 18.98 10.88 -0.61
CA GLU A 37 19.90 9.88 -1.10
C GLU A 37 19.28 8.49 -0.96
N GLU A 38 18.60 8.26 0.15
CA GLU A 38 17.97 6.98 0.37
C GLU A 38 16.90 6.75 -0.68
N GLU A 39 16.10 7.76 -0.96
CA GLU A 39 15.08 7.64 -1.98
C GLU A 39 15.70 7.47 -3.35
N ALA A 40 16.78 8.21 -3.59
CA ALA A 40 17.47 8.15 -4.86
C ALA A 40 18.03 6.76 -5.10
N ARG A 41 18.63 6.19 -4.05
CA ARG A 41 19.20 4.86 -4.14
C ARG A 41 18.10 3.83 -4.17
N ARG A 42 16.97 4.16 -3.54
CA ARG A 42 15.85 3.25 -3.51
C ARG A 42 15.34 3.02 -4.93
N ALA A 43 15.16 4.11 -5.67
CA ALA A 43 14.69 4.00 -7.04
C ALA A 43 15.68 3.23 -7.88
N ALA A 44 16.97 3.51 -7.66
CA ALA A 44 18.02 2.81 -8.40
C ALA A 44 17.99 1.32 -8.09
N ALA A 45 17.82 0.99 -6.82
CA ALA A 45 17.76 -0.41 -6.41
C ALA A 45 16.56 -1.10 -7.05
N ALA A 46 15.42 -0.43 -7.02
CA ALA A 46 14.20 -0.99 -7.62
C ALA A 46 14.36 -1.13 -9.12
N SER A 47 14.98 -0.13 -9.73
CA SER A 47 15.21 -0.13 -11.17
C SER A 47 16.11 -1.28 -11.56
N ALA A 48 17.14 -1.54 -10.75
CA ALA A 48 18.07 -2.62 -11.03
C ALA A 48 17.34 -3.95 -11.02
N ALA A 49 16.42 -4.09 -10.08
CA ALA A 49 15.63 -5.31 -9.98
C ALA A 49 14.78 -5.50 -11.23
N GLU A 50 14.22 -4.40 -11.73
CA GLU A 50 13.40 -4.47 -12.93
C GLU A 50 14.25 -4.89 -14.12
N ALA A 51 15.46 -4.33 -14.20
CA ALA A 51 16.37 -4.65 -15.28
C ALA A 51 16.74 -6.13 -15.25
N GLY A 52 16.98 -6.65 -14.04
CA GLY A 52 17.36 -8.05 -13.91
C GLY A 52 16.21 -8.98 -14.30
N ILE A 53 15.00 -8.64 -13.85
CA ILE A 53 13.83 -9.44 -14.18
C ILE A 53 13.55 -9.40 -15.68
N ALA A 54 13.62 -8.19 -16.25
CA ALA A 54 13.39 -8.01 -17.67
C ALA A 54 14.65 -8.30 -18.47
N THR A 55 14.52 -8.26 -19.79
CA THR A 55 15.66 -8.53 -20.67
C THR A 55 16.68 -7.39 -20.59
N THR A 56 17.87 -7.63 -21.12
CA THR A 56 18.93 -6.62 -21.10
C THR A 56 19.22 -6.14 -22.51
N GLY A 57 19.29 -4.81 -22.68
CA GLY A 57 19.56 -4.24 -23.99
C GLY A 57 20.46 -3.02 -23.87
N THR A 58 21.02 -2.59 -24.98
CA THR A 58 21.91 -1.44 -24.98
C THR A 58 21.34 -0.31 -25.82
N GLU A 59 20.01 -0.21 -25.85
CA GLU A 59 19.35 0.83 -26.63
C GLU A 59 18.96 2.00 -25.73
N ASP A 60 19.87 2.36 -24.83
CA ASP A 60 19.62 3.46 -23.90
C ASP A 60 19.48 4.78 -24.66
N SER A 61 20.35 5.00 -25.65
CA SER A 61 20.31 6.23 -26.43
C SER A 61 18.97 6.36 -27.15
N ASP A 62 18.52 5.27 -27.75
CA ASP A 62 17.25 5.28 -28.47
C ASP A 62 16.10 5.60 -27.53
N ASP A 63 16.16 5.06 -26.31
CA ASP A 63 15.13 5.29 -25.33
C ASP A 63 15.05 6.76 -24.95
N ALA A 64 16.22 7.39 -24.84
CA ALA A 64 16.27 8.79 -24.47
C ALA A 64 15.58 9.63 -25.53
N LEU A 65 15.80 9.27 -26.78
CA LEU A 65 15.20 9.99 -27.89
C LEU A 65 13.68 9.87 -27.84
N LEU A 66 13.20 8.68 -27.50
CA LEU A 66 11.76 8.45 -27.42
C LEU A 66 11.15 9.32 -26.32
N LYS A 67 11.83 9.39 -25.18
CA LYS A 67 11.33 10.19 -24.05
C LYS A 67 11.26 11.67 -24.44
N MET A 68 12.29 12.14 -25.15
CA MET A 68 12.32 13.54 -25.57
C MET A 68 11.22 13.83 -26.58
N THR A 69 11.02 12.90 -27.51
CA THR A 69 10.01 13.08 -28.55
C THR A 69 8.60 13.01 -27.98
N ILE A 70 8.37 12.07 -27.06
CA ILE A 70 7.06 11.92 -26.45
C ILE A 70 6.81 13.04 -25.46
N SER A 71 7.86 13.52 -24.82
CA SER A 71 7.71 14.58 -23.84
C SER A 71 7.20 15.86 -24.49
N GLN A 72 7.76 16.21 -25.65
CA GLN A 72 7.33 17.41 -26.37
C GLN A 72 5.92 17.23 -26.90
N GLN A 73 5.62 16.03 -27.42
CA GLN A 73 4.31 15.74 -27.95
C GLN A 73 3.26 15.74 -26.84
N GLU A 74 3.63 15.20 -25.69
CA GLU A 74 2.71 15.15 -24.56
C GLU A 74 2.28 16.55 -24.15
N PHE A 75 3.23 17.47 -24.08
CA PHE A 75 2.93 18.85 -23.71
C PHE A 75 1.96 19.47 -24.70
N GLY A 76 2.27 19.34 -25.98
CA GLY A 76 1.42 19.91 -27.02
C GLY A 76 0.03 19.27 -26.98
N ARG A 77 -0.01 17.97 -26.71
CA ARG A 77 -1.27 17.24 -26.66
C ARG A 77 -1.69 16.98 -25.22
N THR A 78 -1.36 17.92 -24.35
CA THR A 78 -1.74 17.81 -22.95
C THR A 78 -3.25 17.71 -22.81
N GLY A 79 -3.96 18.41 -23.69
CA GLY A 79 -5.42 18.40 -23.65
C GLY A 79 -5.97 16.98 -23.80
N LEU A 80 -5.22 16.12 -24.48
CA LEU A 80 -5.65 14.73 -24.69
C LEU A 80 -4.57 13.76 -24.18
N PRO A 81 -4.49 13.60 -22.88
CA PRO A 81 -3.48 12.70 -22.26
C PRO A 81 -3.87 11.23 -22.37
N ASP A 82 -3.42 10.58 -23.45
CA ASP A 82 -3.73 9.18 -23.66
C ASP A 82 -3.21 8.34 -22.51
N LEU A 83 -4.00 7.36 -22.09
CA LEU A 83 -3.61 6.50 -20.99
C LEU A 83 -2.36 5.70 -21.35
N SER A 84 -2.30 5.22 -22.59
CA SER A 84 -1.17 4.43 -23.04
C SER A 84 0.12 5.26 -22.97
N SER A 85 0.00 6.53 -23.34
CA SER A 85 1.15 7.42 -23.30
C SER A 85 1.65 7.61 -21.88
N MET A 86 0.71 7.79 -20.95
CA MET A 86 1.04 8.00 -19.55
C MET A 86 1.42 6.67 -18.89
N THR A 87 2.05 6.76 -17.73
CA THR A 87 2.47 5.56 -17.01
C THR A 87 1.31 4.97 -16.21
N GLU A 88 1.47 3.74 -15.75
CA GLU A 88 0.42 3.08 -14.99
C GLU A 88 0.04 3.89 -13.75
N GLU A 89 1.04 4.50 -13.12
CA GLU A 89 0.80 5.32 -11.95
C GLU A 89 -0.05 6.53 -12.28
N GLU A 90 0.24 7.14 -13.43
CA GLU A 90 -0.51 8.31 -13.86
C GLU A 90 -1.97 7.95 -14.12
N GLN A 91 -2.18 6.82 -14.79
CA GLN A 91 -3.53 6.38 -15.11
C GLN A 91 -4.28 6.02 -13.82
N ILE A 92 -3.57 5.36 -12.91
CA ILE A 92 -4.16 4.99 -11.64
C ILE A 92 -4.54 6.22 -10.84
N ALA A 93 -3.65 7.20 -10.82
CA ALA A 93 -3.89 8.44 -10.09
C ALA A 93 -5.14 9.15 -10.63
N TYR A 94 -5.29 9.14 -11.94
CA TYR A 94 -6.42 9.80 -12.57
C TYR A 94 -7.72 9.20 -12.05
N ALA A 95 -7.80 7.87 -12.04
CA ALA A 95 -9.00 7.19 -11.56
C ALA A 95 -9.26 7.51 -10.09
N MET A 96 -8.19 7.55 -9.31
CA MET A 96 -8.29 7.83 -7.88
C MET A 96 -8.82 9.24 -7.65
N GLN A 97 -8.33 10.19 -8.45
CA GLN A 97 -8.76 11.57 -8.31
C GLN A 97 -10.25 11.71 -8.56
N MET A 98 -10.72 10.99 -9.57
CA MET A 98 -12.14 11.03 -9.92
C MET A 98 -12.97 10.41 -8.80
N SER A 99 -12.43 9.36 -8.19
CA SER A 99 -13.14 8.68 -7.11
C SER A 99 -13.44 9.65 -5.97
N LEU A 100 -12.47 10.50 -5.65
CA LEU A 100 -12.65 11.46 -4.58
C LEU A 100 -13.47 12.66 -5.06
N GLN A 101 -13.93 12.62 -6.32
CA GLN A 101 -14.72 13.71 -6.87
C GLN A 101 -13.94 15.01 -6.86
N GLY A 102 -12.70 14.96 -7.34
CA GLY A 102 -11.86 16.15 -7.38
C GLY A 102 -10.84 16.15 -6.25
N ALA A 103 -10.06 15.08 -6.16
CA ALA A 103 -9.06 14.97 -5.11
C ALA A 103 -8.11 16.16 -5.16
N GLU A 104 -7.76 16.67 -3.98
CA GLU A 104 -6.86 17.81 -3.89
C GLU A 104 -7.41 19.00 -4.66
N PHE A 105 -6.76 20.15 -4.51
CA PHE A 105 -7.20 21.36 -5.20
C PHE A 105 -7.04 21.21 -6.70
N GLY A 106 -5.98 20.50 -7.11
CA GLY A 106 -5.71 20.30 -8.53
C GLY A 106 -4.94 21.48 -9.12
N GLN A 107 -4.62 22.47 -8.28
CA GLN A 107 -3.89 23.64 -8.74
C GLN A 107 -2.66 23.88 -7.86
N ALA A 108 -1.60 24.41 -8.46
CA ALA A 108 -0.37 24.68 -7.73
C ALA A 108 -0.20 26.18 -7.50
N GLU A 109 0.22 26.55 -6.30
CA GLU A 109 0.42 27.95 -5.96
C GLU A 109 -0.85 28.75 -6.27
N SER A 110 -1.79 28.73 -5.33
CA SER A 110 -3.05 29.45 -5.51
C SER A 110 -2.78 30.95 -5.65
N ALA A 111 -3.48 31.59 -6.58
CA ALA A 111 -3.31 33.02 -6.79
C ALA A 111 -4.60 33.63 -7.35
N ALA B 1 -7.75 0.25 8.84
CA ALA B 1 -7.75 1.67 9.33
C ALA B 1 -7.31 2.60 8.20
N PRO B 2 -8.13 2.71 7.17
CA PRO B 2 -7.83 3.57 6.00
C PRO B 2 -8.10 5.04 6.28
N ALA B 3 -7.47 5.57 7.31
CA ALA B 3 -7.65 6.96 7.67
C ALA B 3 -6.72 7.85 6.85
N GLU B 4 -7.25 8.97 6.37
CA GLU B 4 -6.44 9.92 5.61
C GLU B 4 -5.25 10.40 6.45
N PRO B 5 -5.47 10.93 7.64
CA PRO B 5 -4.36 11.42 8.50
C PRO B 5 -3.55 10.29 9.12
N LYS B 6 -2.33 10.17 8.65
CA LYS B 6 -1.42 9.13 9.15
C LYS B 6 -0.37 9.74 10.07
N ILE B 7 -0.18 9.11 11.23
CA ILE B 7 0.79 9.58 12.20
C ILE B 7 2.21 9.43 11.67
N ILE B 8 3.00 10.48 11.85
CA ILE B 8 4.39 10.49 11.40
C ILE B 8 5.33 10.69 12.55
N LYS B 9 6.50 10.07 12.45
CA LYS B 9 7.49 10.20 13.49
C LYS B 9 8.63 11.11 13.06
N VAL B 10 8.80 12.19 13.80
CA VAL B 10 9.85 13.15 13.49
C VAL B 10 10.89 13.20 14.62
N THR B 11 12.16 13.11 14.24
CA THR B 11 13.24 13.15 15.21
C THR B 11 13.57 14.60 15.54
N VAL B 12 13.29 15.00 16.77
CA VAL B 12 13.55 16.36 17.20
C VAL B 12 14.90 16.44 17.88
N LYS B 13 15.80 17.25 17.34
CA LYS B 13 17.13 17.38 17.95
C LYS B 13 17.22 18.70 18.71
N THR B 14 17.67 18.63 19.95
CA THR B 14 17.79 19.83 20.75
C THR B 14 19.17 19.90 21.39
N PRO B 15 19.53 21.07 21.89
CA PRO B 15 20.84 21.28 22.55
C PRO B 15 21.04 20.38 23.77
N LYS B 16 19.96 19.74 24.22
CA LYS B 16 20.04 18.88 25.37
C LYS B 16 20.13 17.44 24.93
N GLU B 17 19.35 17.12 23.90
CA GLU B 17 19.31 15.75 23.36
C GLU B 17 18.33 15.66 22.18
N LYS B 18 18.12 14.45 21.68
CA LYS B 18 17.21 14.23 20.57
C LYS B 18 16.13 13.25 20.96
N GLU B 19 14.91 13.54 20.54
CA GLU B 19 13.79 12.67 20.87
C GLU B 19 12.81 12.61 19.70
N GLU B 20 12.34 11.41 19.38
CA GLU B 20 11.40 11.24 18.28
C GLU B 20 9.97 11.43 18.76
N PHE B 21 9.20 12.21 18.01
CA PHE B 21 7.80 12.48 18.35
C PHE B 21 6.87 12.00 17.26
N ALA B 22 5.77 11.36 17.64
CA ALA B 22 4.80 10.88 16.67
C ALA B 22 3.57 11.78 16.65
N VAL B 23 3.24 12.32 15.48
CA VAL B 23 2.07 13.19 15.38
C VAL B 23 1.44 13.08 14.00
N PRO B 24 0.18 13.40 13.88
CA PRO B 24 -0.53 13.31 12.56
C PRO B 24 0.24 14.01 11.44
N GLU B 25 0.31 13.38 10.28
CA GLU B 25 1.01 13.97 9.14
C GLU B 25 0.39 15.29 8.74
N ASN B 26 -0.85 15.49 9.12
CA ASN B 26 -1.56 16.73 8.78
C ASN B 26 -1.60 17.66 9.99
N SER B 27 -0.76 17.38 10.97
CA SER B 27 -0.71 18.21 12.16
C SER B 27 -0.03 19.53 11.87
N SER B 28 -0.24 20.51 12.75
CA SER B 28 0.37 21.82 12.58
C SER B 28 1.62 21.93 13.44
N VAL B 29 2.46 22.91 13.13
CA VAL B 29 3.67 23.12 13.89
C VAL B 29 3.34 23.40 15.35
N GLN B 30 2.28 24.16 15.59
CA GLN B 30 1.87 24.48 16.93
C GLN B 30 1.60 23.22 17.74
N GLN B 31 0.97 22.24 17.10
CA GLN B 31 0.67 20.98 17.78
C GLN B 31 1.97 20.25 18.10
N PHE B 32 2.90 20.29 17.16
CA PHE B 32 4.19 19.63 17.35
C PHE B 32 4.97 20.31 18.46
N LYS B 33 4.90 21.64 18.50
CA LYS B 33 5.58 22.40 19.53
C LYS B 33 5.06 22.04 20.89
N GLU B 34 3.75 21.80 20.96
CA GLU B 34 3.14 21.44 22.21
C GLU B 34 3.68 20.11 22.71
N ALA B 35 3.81 19.17 21.80
CA ALA B 35 4.31 17.84 22.15
C ALA B 35 5.77 17.90 22.60
N ILE B 36 6.56 18.67 21.88
CA ILE B 36 7.96 18.83 22.20
C ILE B 36 8.14 19.57 23.52
N SER B 37 7.33 20.60 23.71
CA SER B 37 7.40 21.41 24.91
C SER B 37 7.10 20.58 26.14
N LYS B 38 6.24 19.58 25.98
CA LYS B 38 5.90 18.73 27.11
C LYS B 38 7.08 17.83 27.47
N ARG B 39 7.67 17.20 26.45
CA ARG B 39 8.79 16.29 26.67
C ARG B 39 9.98 17.02 27.27
N PHE B 40 10.29 18.18 26.72
CA PHE B 40 11.40 18.97 27.21
C PHE B 40 10.95 19.92 28.31
N LYS B 41 9.65 19.96 28.58
CA LYS B 41 9.11 20.84 29.61
C LYS B 41 9.50 22.28 29.32
N SER B 42 9.59 22.61 28.04
CA SER B 42 9.95 23.95 27.60
C SER B 42 8.72 24.74 27.17
N GLN B 43 8.92 25.91 26.58
CA GLN B 43 7.79 26.73 26.13
C GLN B 43 7.85 26.89 24.62
N THR B 44 6.69 26.89 23.98
CA THR B 44 6.63 27.03 22.53
C THR B 44 7.10 28.42 22.10
N ASP B 45 7.25 29.33 23.06
CA ASP B 45 7.70 30.68 22.76
C ASP B 45 9.22 30.80 22.88
N GLN B 46 9.86 29.77 23.46
CA GLN B 46 11.31 29.78 23.62
C GLN B 46 11.95 28.79 22.66
N LEU B 47 11.20 27.78 22.26
CA LEU B 47 11.72 26.76 21.35
C LEU B 47 11.25 27.02 19.93
N VAL B 48 12.19 26.92 18.99
CA VAL B 48 11.87 27.15 17.59
C VAL B 48 12.31 25.97 16.73
N LEU B 49 11.46 25.55 15.81
CA LEU B 49 11.78 24.41 14.97
C LEU B 49 12.53 24.87 13.71
N ILE B 50 13.38 24.00 13.19
CA ILE B 50 14.15 24.30 11.98
C ILE B 50 14.12 23.12 11.02
N PHE B 51 13.83 23.41 9.75
CA PHE B 51 13.77 22.37 8.73
C PHE B 51 13.79 22.97 7.33
N ALA B 52 14.33 22.22 6.38
CA ALA B 52 14.41 22.68 4.99
C ALA B 52 15.23 23.97 4.89
N GLY B 53 16.05 24.22 5.91
CA GLY B 53 16.88 25.42 5.91
C GLY B 53 16.07 26.65 6.32
N LYS B 54 14.88 26.41 6.89
CA LYS B 54 14.02 27.50 7.32
C LYS B 54 13.42 27.20 8.68
N ILE B 55 13.18 28.25 9.45
CA ILE B 55 12.61 28.10 10.78
C ILE B 55 11.11 27.82 10.67
N LEU B 56 10.65 26.80 11.38
CA LEU B 56 9.25 26.42 11.38
C LEU B 56 8.56 27.00 12.62
N LYS B 57 7.43 27.64 12.38
CA LYS B 57 6.65 28.25 13.46
C LYS B 57 5.20 27.78 13.42
N ASP B 58 4.39 28.30 14.32
CA ASP B 58 2.97 27.92 14.38
C ASP B 58 2.28 28.20 13.05
N GLN B 59 2.66 29.28 12.40
CA GLN B 59 2.06 29.64 11.13
C GLN B 59 2.38 28.59 10.06
N ASP B 60 3.34 27.71 10.35
CA ASP B 60 3.74 26.68 9.41
C ASP B 60 3.10 25.33 9.76
N THR B 61 2.98 24.47 8.75
CA THR B 61 2.39 23.16 8.93
C THR B 61 3.42 22.06 8.67
N LEU B 62 3.20 20.90 9.26
CA LEU B 62 4.13 19.80 9.12
C LEU B 62 4.17 19.30 7.69
N ILE B 63 3.00 18.96 7.16
CA ILE B 63 2.91 18.49 5.78
C ILE B 63 3.18 19.60 4.80
N GLN B 64 2.87 20.81 5.21
CA GLN B 64 3.09 21.97 4.37
C GLN B 64 4.57 22.11 4.08
N HIS B 65 5.39 21.69 5.04
CA HIS B 65 6.83 21.76 4.85
C HIS B 65 7.36 20.47 4.25
N GLY B 66 6.51 19.44 4.18
CA GLY B 66 6.93 18.17 3.62
C GLY B 66 7.51 17.30 4.72
N ILE B 67 7.13 17.59 5.96
CA ILE B 67 7.64 16.80 7.07
C ILE B 67 6.77 15.55 7.28
N HIS B 68 7.30 14.40 6.88
CA HIS B 68 6.57 13.14 7.01
C HIS B 68 7.27 12.22 7.98
N ASP B 69 6.83 10.96 8.05
CA ASP B 69 7.43 10.00 8.95
C ASP B 69 8.90 9.77 8.62
N GLY B 70 9.71 9.53 9.65
CA GLY B 70 11.13 9.30 9.45
C GLY B 70 11.85 10.58 9.05
N LEU B 71 11.41 11.70 9.60
CA LEU B 71 12.02 12.98 9.28
C LEU B 71 12.89 13.46 10.43
N THR B 72 13.77 14.42 10.15
CA THR B 72 14.65 14.97 11.17
C THR B 72 14.47 16.48 11.29
N VAL B 73 13.98 16.93 12.44
CA VAL B 73 13.77 18.35 12.68
C VAL B 73 14.82 18.88 13.65
N HIS B 74 15.14 20.16 13.51
CA HIS B 74 16.12 20.80 14.38
C HIS B 74 15.45 21.76 15.34
N LEU B 75 15.45 21.41 16.61
CA LEU B 75 14.83 22.25 17.63
C LEU B 75 15.86 23.17 18.25
N VAL B 76 15.55 24.46 18.30
CA VAL B 76 16.46 25.43 18.89
C VAL B 76 15.78 26.23 19.99
N ILE B 77 16.22 26.00 21.23
CA ILE B 77 15.66 26.70 22.38
C ILE B 77 16.54 27.90 22.73
N LYS B 78 15.91 29.06 22.82
CA LYS B 78 16.63 30.29 23.14
C LYS B 78 15.70 31.50 23.08
N ALA C 1 -33.72 -10.75 2.06
CA ALA C 1 -32.62 -10.70 1.07
C ALA C 1 -31.26 -10.86 1.79
N PRO C 2 -30.99 -10.07 2.83
CA PRO C 2 -29.69 -10.17 3.56
C PRO C 2 -29.40 -11.59 4.05
N ALA C 3 -30.46 -12.31 4.44
CA ALA C 3 -30.30 -13.68 4.92
C ALA C 3 -29.73 -14.56 3.82
N GLU C 4 -28.78 -15.40 4.21
CA GLU C 4 -28.13 -16.32 3.28
C GLU C 4 -27.41 -15.54 2.18
N PRO C 5 -26.37 -16.13 1.61
CA PRO C 5 -25.59 -15.48 0.52
C PRO C 5 -26.46 -15.01 -0.65
N LYS C 6 -25.94 -14.12 -1.48
CA LYS C 6 -26.70 -13.60 -2.62
C LYS C 6 -25.77 -13.17 -3.74
N ILE C 7 -26.19 -13.43 -4.98
CA ILE C 7 -25.38 -13.05 -6.13
C ILE C 7 -25.57 -11.57 -6.46
N ILE C 8 -24.46 -10.88 -6.68
CA ILE C 8 -24.50 -9.48 -7.01
C ILE C 8 -23.80 -9.20 -8.32
N LYS C 9 -24.22 -8.14 -9.00
CA LYS C 9 -23.61 -7.80 -10.28
C LYS C 9 -22.72 -6.56 -10.12
N VAL C 10 -21.41 -6.76 -10.19
CA VAL C 10 -20.48 -5.65 -10.05
C VAL C 10 -20.06 -5.15 -11.43
N THR C 11 -20.06 -3.84 -11.60
CA THR C 11 -19.67 -3.26 -12.88
C THR C 11 -18.21 -2.85 -12.84
N VAL C 12 -17.38 -3.55 -13.58
CA VAL C 12 -15.97 -3.24 -13.61
C VAL C 12 -15.67 -2.31 -14.77
N LYS C 13 -14.89 -1.27 -14.51
CA LYS C 13 -14.55 -0.32 -15.56
C LYS C 13 -13.08 -0.43 -15.89
N THR C 14 -12.78 -0.61 -17.17
CA THR C 14 -11.39 -0.74 -17.60
C THR C 14 -11.06 0.31 -18.65
N PRO C 15 -9.79 0.60 -18.85
CA PRO C 15 -9.35 1.58 -19.87
C PRO C 15 -9.77 1.21 -21.28
N LYS C 16 -10.29 -0.01 -21.45
CA LYS C 16 -10.71 -0.47 -22.75
C LYS C 16 -12.24 -0.45 -22.81
N GLU C 17 -12.85 -0.85 -21.70
CA GLU C 17 -14.32 -0.89 -21.60
C GLU C 17 -14.76 -1.33 -20.21
N LYS C 18 -16.08 -1.41 -19.98
CA LYS C 18 -16.59 -1.84 -18.69
C LYS C 18 -17.50 -3.03 -18.87
N GLU C 19 -17.57 -3.87 -17.86
CA GLU C 19 -18.42 -5.04 -17.94
C GLU C 19 -19.03 -5.37 -16.57
N GLU C 20 -20.18 -6.04 -16.59
CA GLU C 20 -20.84 -6.42 -15.34
C GLU C 20 -20.66 -7.92 -15.08
N PHE C 21 -20.19 -8.24 -13.88
CA PHE C 21 -19.96 -9.63 -13.49
C PHE C 21 -20.87 -10.02 -12.33
N ALA C 22 -21.54 -11.16 -12.46
CA ALA C 22 -22.43 -11.64 -11.41
C ALA C 22 -21.69 -12.62 -10.49
N VAL C 23 -21.59 -12.29 -9.22
CA VAL C 23 -20.90 -13.16 -8.27
C VAL C 23 -21.46 -12.98 -6.87
N PRO C 24 -21.34 -13.98 -6.03
CA PRO C 24 -21.84 -13.90 -4.63
C PRO C 24 -21.26 -12.69 -3.90
N GLU C 25 -22.11 -12.04 -3.11
CA GLU C 25 -21.67 -10.86 -2.37
C GLU C 25 -20.49 -11.21 -1.47
N ASN C 26 -20.31 -12.50 -1.21
CA ASN C 26 -19.21 -12.97 -0.38
C ASN C 26 -17.98 -13.24 -1.22
N SER C 27 -17.96 -12.72 -2.44
CA SER C 27 -16.83 -12.92 -3.31
C SER C 27 -15.65 -12.06 -2.86
N SER C 28 -14.45 -12.65 -2.85
CA SER C 28 -13.26 -11.91 -2.45
C SER C 28 -12.67 -11.18 -3.64
N VAL C 29 -11.78 -10.24 -3.37
CA VAL C 29 -11.16 -9.48 -4.43
C VAL C 29 -10.39 -10.43 -5.36
N GLN C 30 -9.70 -11.40 -4.77
CA GLN C 30 -8.94 -12.35 -5.55
C GLN C 30 -9.84 -13.10 -6.52
N GLN C 31 -10.99 -13.53 -6.04
CA GLN C 31 -11.93 -14.25 -6.88
C GLN C 31 -12.48 -13.33 -7.96
N PHE C 32 -12.75 -12.09 -7.59
CA PHE C 32 -13.29 -11.13 -8.53
C PHE C 32 -12.27 -10.82 -9.61
N LYS C 33 -11.01 -10.66 -9.21
CA LYS C 33 -9.96 -10.37 -10.17
C LYS C 33 -9.86 -11.50 -11.16
N GLU C 34 -10.02 -12.72 -10.66
CA GLU C 34 -9.94 -13.88 -11.53
C GLU C 34 -11.07 -13.87 -12.56
N ALA C 35 -12.26 -13.42 -12.13
CA ALA C 35 -13.40 -13.39 -13.03
C ALA C 35 -13.22 -12.33 -14.10
N ILE C 36 -12.77 -11.15 -13.68
CA ILE C 36 -12.54 -10.05 -14.61
C ILE C 36 -11.40 -10.37 -15.55
N SER C 37 -10.34 -10.95 -15.00
CA SER C 37 -9.17 -11.30 -15.78
C SER C 37 -9.52 -12.32 -16.84
N LYS C 38 -10.47 -13.18 -16.54
CA LYS C 38 -10.87 -14.18 -17.49
C LYS C 38 -11.56 -13.52 -18.69
N ARG C 39 -12.52 -12.66 -18.42
CA ARG C 39 -13.26 -11.98 -19.49
C ARG C 39 -12.35 -11.06 -20.30
N PHE C 40 -11.55 -10.28 -19.59
CA PHE C 40 -10.62 -9.38 -20.25
C PHE C 40 -9.36 -10.11 -20.68
N LYS C 41 -9.22 -11.36 -20.26
CA LYS C 41 -8.05 -12.15 -20.63
C LYS C 41 -6.77 -11.51 -20.10
N SER C 42 -6.84 -10.98 -18.89
CA SER C 42 -5.69 -10.34 -18.27
C SER C 42 -5.15 -11.22 -17.14
N GLN C 43 -4.24 -10.67 -16.34
CA GLN C 43 -3.66 -11.41 -15.24
C GLN C 43 -3.76 -10.61 -13.96
N THR C 44 -4.00 -11.30 -12.84
CA THR C 44 -4.12 -10.63 -11.56
C THR C 44 -2.80 -10.00 -11.15
N ASP C 45 -1.73 -10.39 -11.84
CA ASP C 45 -0.41 -9.84 -11.54
C ASP C 45 -0.35 -8.36 -11.91
N GLN C 46 -1.17 -7.97 -12.87
CA GLN C 46 -1.21 -6.59 -13.32
C GLN C 46 -2.59 -5.98 -13.14
N LEU C 47 -3.54 -6.78 -12.65
CA LEU C 47 -4.89 -6.31 -12.44
C LEU C 47 -5.01 -5.64 -11.07
N VAL C 48 -5.36 -4.36 -11.08
CA VAL C 48 -5.52 -3.62 -9.83
C VAL C 48 -6.89 -2.96 -9.78
N LEU C 49 -7.62 -3.18 -8.69
CA LEU C 49 -8.95 -2.59 -8.59
C LEU C 49 -8.90 -1.29 -7.80
N ILE C 50 -9.86 -0.41 -8.07
CA ILE C 50 -9.93 0.89 -7.38
C ILE C 50 -11.34 1.17 -6.91
N PHE C 51 -11.47 1.61 -5.66
CA PHE C 51 -12.78 1.93 -5.12
C PHE C 51 -12.65 2.70 -3.80
N ALA C 52 -13.62 3.57 -3.53
CA ALA C 52 -13.60 4.36 -2.31
C ALA C 52 -12.34 5.20 -2.21
N GLY C 53 -11.68 5.42 -3.35
CA GLY C 53 -10.46 6.20 -3.37
C GLY C 53 -9.28 5.39 -2.84
N LYS C 54 -9.41 4.06 -2.91
CA LYS C 54 -8.37 3.18 -2.45
C LYS C 54 -8.26 1.96 -3.36
N ILE C 55 -7.03 1.61 -3.72
CA ILE C 55 -6.80 0.46 -4.59
C ILE C 55 -7.15 -0.83 -3.86
N LEU C 56 -8.07 -1.59 -4.44
CA LEU C 56 -8.50 -2.85 -3.84
C LEU C 56 -7.58 -3.98 -4.33
N LYS C 57 -7.19 -4.83 -3.39
CA LYS C 57 -6.30 -5.94 -3.71
C LYS C 57 -6.90 -7.27 -3.26
N ASP C 58 -6.24 -8.36 -3.63
CA ASP C 58 -6.70 -9.69 -3.26
C ASP C 58 -6.71 -9.88 -1.74
N GLN C 59 -6.07 -8.96 -1.03
CA GLN C 59 -6.02 -9.04 0.42
C GLN C 59 -7.33 -8.55 1.03
N ASP C 60 -8.18 -7.92 0.21
CA ASP C 60 -9.45 -7.42 0.69
C ASP C 60 -10.62 -8.17 0.06
N THR C 61 -11.84 -7.93 0.58
CA THR C 61 -13.03 -8.60 0.07
C THR C 61 -13.98 -7.57 -0.56
N LEU C 62 -14.82 -8.05 -1.46
CA LEU C 62 -15.76 -7.16 -2.14
C LEU C 62 -16.75 -6.58 -1.14
N ILE C 63 -17.35 -7.44 -0.34
CA ILE C 63 -18.30 -6.99 0.67
C ILE C 63 -17.62 -6.18 1.75
N GLN C 64 -16.38 -6.49 1.99
CA GLN C 64 -15.60 -5.79 2.99
C GLN C 64 -15.48 -4.33 2.58
N HIS C 65 -15.39 -4.10 1.28
CA HIS C 65 -15.30 -2.73 0.78
C HIS C 65 -16.66 -2.12 0.60
N GLY C 66 -17.71 -2.94 0.62
CA GLY C 66 -19.06 -2.43 0.44
C GLY C 66 -19.54 -2.69 -0.98
N ILE C 67 -18.84 -3.57 -1.68
CA ILE C 67 -19.22 -3.88 -3.05
C ILE C 67 -20.42 -4.82 -3.06
N HIS C 68 -21.49 -4.38 -3.70
CA HIS C 68 -22.71 -5.18 -3.78
C HIS C 68 -23.27 -5.19 -5.20
N ASP C 69 -24.55 -5.55 -5.33
CA ASP C 69 -25.19 -5.59 -6.63
C ASP C 69 -25.43 -4.19 -7.15
N GLY C 70 -24.81 -3.88 -8.27
CA GLY C 70 -24.96 -2.58 -8.90
C GLY C 70 -23.77 -1.67 -8.60
N LEU C 71 -22.89 -2.10 -7.71
CA LEU C 71 -21.72 -1.32 -7.35
C LEU C 71 -20.74 -1.28 -8.52
N THR C 72 -20.02 -0.17 -8.63
CA THR C 72 -19.04 -0.01 -9.70
C THR C 72 -17.62 -0.12 -9.16
N VAL C 73 -16.70 -0.55 -10.02
CA VAL C 73 -15.31 -0.70 -9.63
C VAL C 73 -14.40 -0.18 -10.73
N HIS C 74 -13.27 0.41 -10.34
CA HIS C 74 -12.32 0.94 -11.30
C HIS C 74 -11.15 -0.01 -11.48
N LEU C 75 -11.17 -0.75 -12.58
CA LEU C 75 -10.12 -1.71 -12.85
C LEU C 75 -8.97 -1.03 -13.60
N VAL C 76 -7.75 -1.27 -13.15
CA VAL C 76 -6.57 -0.70 -13.76
C VAL C 76 -5.54 -1.78 -14.06
N ILE C 77 -5.12 -1.88 -15.32
CA ILE C 77 -4.13 -2.87 -15.71
C ILE C 77 -2.76 -2.22 -15.84
N LYS C 78 -1.76 -2.85 -15.24
CA LYS C 78 -0.39 -2.33 -15.30
C LYS C 78 0.32 -2.85 -16.55
N MET A 1 34.12 31.83 -13.90
CA MET A 1 34.06 31.57 -12.43
C MET A 1 32.69 32.01 -11.90
N LEU A 2 32.25 31.36 -10.83
CA LEU A 2 30.95 31.69 -10.24
C LEU A 2 30.94 33.13 -9.73
N GLY A 3 32.07 33.55 -9.15
CA GLY A 3 32.17 34.90 -8.62
C GLY A 3 31.40 35.05 -7.31
N LEU A 4 31.09 33.92 -6.68
CA LEU A 4 30.35 33.93 -5.43
C LEU A 4 31.08 34.73 -4.37
N GLY A 5 30.40 35.72 -3.81
CA GLY A 5 30.99 36.57 -2.78
C GLY A 5 30.22 36.46 -1.47
N ALA A 6 29.80 35.24 -1.13
CA ALA A 6 29.06 35.03 0.10
C ALA A 6 29.89 35.45 1.31
N SER A 7 31.17 35.15 1.27
CA SER A 7 32.06 35.51 2.38
C SER A 7 32.11 37.01 2.56
N ASP A 8 32.20 37.74 1.45
CA ASP A 8 32.25 39.19 1.50
C ASP A 8 30.99 39.77 2.12
N PHE A 9 29.85 39.15 1.78
CA PHE A 9 28.57 39.62 2.32
C PHE A 9 28.52 39.42 3.82
N GLU A 10 29.08 38.31 4.29
CA GLU A 10 29.09 38.00 5.72
C GLU A 10 27.66 37.94 6.27
N PHE A 11 26.69 37.79 5.36
CA PHE A 11 25.29 37.71 5.76
C PHE A 11 24.65 36.45 5.19
N GLY A 12 25.17 36.00 4.07
CA GLY A 12 24.65 34.79 3.43
C GLY A 12 25.44 33.56 3.87
N VAL A 13 26.26 33.72 4.91
CA VAL A 13 27.06 32.62 5.40
C VAL A 13 26.49 32.07 6.71
N ASP A 14 26.30 32.96 7.67
CA ASP A 14 25.75 32.56 8.96
C ASP A 14 24.42 33.28 9.18
N PRO A 15 23.31 32.68 8.81
CA PRO A 15 21.96 33.30 8.95
C PRO A 15 21.77 33.98 10.30
N SER A 16 21.26 35.21 10.25
CA SER A 16 21.03 35.97 11.47
C SER A 16 22.36 36.29 12.16
N ALA A 17 23.46 36.12 11.43
CA ALA A 17 24.78 36.37 11.98
C ALA A 17 25.06 35.42 13.13
N ASP A 18 24.51 34.21 13.05
CA ASP A 18 24.71 33.21 14.10
C ASP A 18 25.25 31.90 13.50
N PRO A 19 26.34 31.36 14.04
CA PRO A 19 26.92 30.09 13.51
C PRO A 19 26.01 28.89 13.75
N GLU A 20 25.22 28.97 14.82
CA GLU A 20 24.30 27.89 15.16
C GLU A 20 23.27 27.70 14.07
N LEU A 21 22.68 28.80 13.62
CA LEU A 21 21.67 28.73 12.58
C LEU A 21 22.30 28.17 11.32
N ALA A 22 23.54 28.61 11.05
CA ALA A 22 24.25 28.12 9.89
C ALA A 22 24.43 26.61 10.00
N LEU A 23 24.73 26.14 11.20
CA LEU A 23 24.91 24.71 11.40
C LEU A 23 23.57 23.99 11.28
N ALA A 24 22.50 24.63 11.76
CA ALA A 24 21.18 24.03 11.70
C ALA A 24 20.80 23.76 10.24
N LEU A 25 21.08 24.72 9.37
CA LEU A 25 20.79 24.58 7.95
C LEU A 25 21.66 23.49 7.35
N ARG A 26 22.92 23.50 7.74
CA ARG A 26 23.88 22.53 7.25
C ARG A 26 23.43 21.13 7.61
N VAL A 27 23.03 20.96 8.85
CA VAL A 27 22.56 19.67 9.30
C VAL A 27 21.22 19.35 8.67
N SER A 28 20.36 20.36 8.57
CA SER A 28 19.03 20.17 7.99
C SER A 28 19.15 19.69 6.55
N MET A 29 20.06 20.32 5.81
CA MET A 29 20.28 19.95 4.43
C MET A 29 20.90 18.55 4.36
N GLU A 30 21.82 18.27 5.26
CA GLU A 30 22.46 16.96 5.31
C GLU A 30 21.45 15.88 5.69
N GLU A 31 20.52 16.20 6.59
CA GLU A 31 19.51 15.23 7.00
C GLU A 31 18.67 14.85 5.79
N GLN A 32 18.27 15.85 5.02
CA GLN A 32 17.49 15.60 3.82
C GLN A 32 18.37 14.92 2.79
N ARG A 33 19.64 15.28 2.78
CA ARG A 33 20.59 14.71 1.84
C ARG A 33 20.66 13.19 2.01
N GLN A 34 20.75 12.75 3.26
CA GLN A 34 20.80 11.32 3.55
C GLN A 34 19.54 10.63 3.05
N ARG A 35 18.40 11.22 3.35
CA ARG A 35 17.13 10.67 2.92
C ARG A 35 17.07 10.67 1.39
N GLN A 36 17.59 11.75 0.81
CA GLN A 36 17.60 11.90 -0.63
C GLN A 36 18.41 10.78 -1.25
N GLU A 37 19.54 10.48 -0.64
CA GLU A 37 20.41 9.41 -1.13
C GLU A 37 19.71 8.08 -1.01
N GLU A 38 19.03 7.87 0.11
CA GLU A 38 18.33 6.61 0.34
C GLU A 38 17.26 6.40 -0.74
N GLU A 39 16.50 7.45 -1.01
CA GLU A 39 15.45 7.38 -2.03
C GLU A 39 16.09 7.23 -3.40
N ALA A 40 17.18 7.97 -3.62
CA ALA A 40 17.88 7.92 -4.90
C ALA A 40 18.37 6.51 -5.18
N ARG A 41 18.94 5.89 -4.14
CA ARG A 41 19.44 4.53 -4.26
C ARG A 41 18.27 3.56 -4.44
N ARG A 42 17.18 3.82 -3.72
CA ARG A 42 16.01 2.97 -3.81
C ARG A 42 15.49 2.95 -5.24
N ALA A 43 15.42 4.13 -5.86
CA ALA A 43 14.96 4.21 -7.24
C ALA A 43 15.91 3.43 -8.15
N ALA A 44 17.20 3.56 -7.87
CA ALA A 44 18.21 2.85 -8.66
C ALA A 44 18.01 1.35 -8.56
N ALA A 45 17.72 0.87 -7.35
CA ALA A 45 17.48 -0.55 -7.15
C ALA A 45 16.27 -1.00 -7.94
N ALA A 46 15.21 -0.18 -7.92
CA ALA A 46 14.00 -0.51 -8.65
C ALA A 46 14.30 -0.58 -10.15
N SER A 47 15.10 0.36 -10.62
CA SER A 47 15.47 0.40 -12.03
C SER A 47 16.23 -0.86 -12.43
N ALA A 48 17.21 -1.22 -11.61
CA ALA A 48 18.02 -2.42 -11.89
C ALA A 48 17.12 -3.65 -11.86
N ALA A 49 16.20 -3.66 -10.91
CA ALA A 49 15.28 -4.78 -10.78
C ALA A 49 14.43 -4.89 -12.04
N GLU A 50 14.04 -3.74 -12.59
CA GLU A 50 13.22 -3.74 -13.79
C GLU A 50 13.97 -4.43 -14.93
N ALA A 51 15.24 -4.07 -15.10
CA ALA A 51 16.06 -4.66 -16.14
C ALA A 51 16.24 -6.15 -15.90
N GLY A 52 16.43 -6.53 -14.64
CA GLY A 52 16.62 -7.93 -14.29
C GLY A 52 15.36 -8.74 -14.56
N ILE A 53 14.21 -8.16 -14.26
CA ILE A 53 12.94 -8.83 -14.46
C ILE A 53 12.51 -8.79 -15.93
N ALA A 54 12.24 -9.96 -16.49
CA ALA A 54 11.82 -10.05 -17.88
C ALA A 54 10.85 -11.22 -18.08
N THR A 55 9.55 -10.93 -18.02
CA THR A 55 8.54 -11.96 -18.19
C THR A 55 7.46 -11.50 -19.17
N THR A 56 6.72 -12.45 -19.73
CA THR A 56 5.66 -12.13 -20.66
C THR A 56 4.40 -12.94 -20.36
N GLY A 57 4.59 -14.16 -19.86
CA GLY A 57 3.46 -15.02 -19.53
C GLY A 57 3.37 -15.23 -18.02
N THR A 58 4.21 -14.54 -17.26
CA THR A 58 4.20 -14.68 -15.81
C THR A 58 3.88 -13.35 -15.14
N GLU A 59 2.89 -13.37 -14.25
CA GLU A 59 2.49 -12.15 -13.55
C GLU A 59 2.28 -12.43 -12.05
N ASP A 60 3.29 -12.08 -11.26
CA ASP A 60 3.20 -12.28 -9.81
C ASP A 60 2.08 -11.43 -9.22
N SER A 61 1.89 -10.24 -9.78
CA SER A 61 0.84 -9.33 -9.31
C SER A 61 -0.51 -9.66 -9.95
N ASP A 62 -0.61 -10.82 -10.61
CA ASP A 62 -1.85 -11.22 -11.25
C ASP A 62 -2.98 -11.33 -10.24
N ASP A 63 -2.69 -11.89 -9.08
CA ASP A 63 -3.69 -12.03 -8.04
C ASP A 63 -4.16 -10.67 -7.57
N ALA A 64 -3.22 -9.74 -7.45
CA ALA A 64 -3.55 -8.41 -7.01
C ALA A 64 -4.53 -7.76 -7.97
N LEU A 65 -4.30 -7.99 -9.26
CA LEU A 65 -5.17 -7.44 -10.29
C LEU A 65 -6.59 -7.99 -10.12
N LEU A 66 -6.67 -9.29 -9.82
CA LEU A 66 -7.98 -9.91 -9.64
C LEU A 66 -8.76 -9.23 -8.54
N LYS A 67 -8.13 -9.03 -7.40
CA LYS A 67 -8.80 -8.39 -6.28
C LYS A 67 -9.22 -6.97 -6.65
N MET A 68 -8.33 -6.24 -7.32
CA MET A 68 -8.64 -4.86 -7.70
C MET A 68 -9.81 -4.81 -8.69
N THR A 69 -9.83 -5.74 -9.64
CA THR A 69 -10.88 -5.78 -10.65
C THR A 69 -12.25 -6.04 -9.99
N ILE A 70 -12.30 -7.05 -9.13
CA ILE A 70 -13.54 -7.39 -8.46
C ILE A 70 -13.90 -6.34 -7.42
N SER A 71 -12.89 -5.74 -6.81
CA SER A 71 -13.14 -4.72 -5.81
C SER A 71 -13.84 -3.52 -6.43
N GLN A 72 -13.41 -3.15 -7.64
CA GLN A 72 -14.03 -2.02 -8.33
C GLN A 72 -15.48 -2.32 -8.67
N GLN A 73 -15.73 -3.52 -9.17
CA GLN A 73 -17.11 -3.90 -9.54
C GLN A 73 -17.98 -4.08 -8.30
N GLU A 74 -17.42 -4.70 -7.27
CA GLU A 74 -18.16 -4.95 -6.04
C GLU A 74 -18.44 -3.65 -5.29
N PHE A 75 -17.43 -2.78 -5.23
CA PHE A 75 -17.55 -1.51 -4.54
C PHE A 75 -18.25 -1.68 -3.19
N GLY A 76 -17.77 -2.64 -2.41
CA GLY A 76 -18.35 -2.91 -1.10
C GLY A 76 -18.27 -1.68 -0.20
N ARG A 77 -17.15 -0.98 -0.27
CA ARG A 77 -16.96 0.21 0.54
C ARG A 77 -17.72 1.40 -0.07
N THR A 78 -19.03 1.36 0.04
CA THR A 78 -19.87 2.43 -0.51
C THR A 78 -20.66 3.11 0.61
N GLY A 79 -20.00 3.31 1.75
CA GLY A 79 -20.65 3.94 2.89
C GLY A 79 -21.48 2.95 3.69
N LEU A 80 -21.45 1.69 3.28
CA LEU A 80 -22.22 0.66 3.98
C LEU A 80 -23.68 1.08 4.14
N PRO A 81 -24.38 1.19 3.05
CA PRO A 81 -25.82 1.59 3.04
C PRO A 81 -26.71 0.58 3.77
N ASP A 82 -26.21 -0.66 3.89
CA ASP A 82 -26.97 -1.69 4.57
C ASP A 82 -28.33 -1.88 3.90
N LEU A 83 -28.32 -2.46 2.70
CA LEU A 83 -29.56 -2.67 1.96
C LEU A 83 -30.50 -3.58 2.76
N SER A 84 -29.93 -4.61 3.38
CA SER A 84 -30.73 -5.55 4.17
C SER A 84 -31.39 -4.83 5.34
N SER A 85 -30.63 -3.96 6.00
CA SER A 85 -31.14 -3.22 7.14
C SER A 85 -32.33 -2.35 6.73
N MET A 86 -32.19 -1.69 5.58
CA MET A 86 -33.25 -0.83 5.08
C MET A 86 -34.45 -1.67 4.63
N THR A 87 -35.62 -1.02 4.54
CA THR A 87 -36.82 -1.71 4.13
C THR A 87 -36.84 -1.91 2.62
N GLU A 88 -37.75 -2.74 2.15
CA GLU A 88 -37.85 -3.01 0.71
C GLU A 88 -38.13 -1.73 -0.05
N GLU A 89 -38.95 -0.86 0.51
CA GLU A 89 -39.28 0.41 -0.13
C GLU A 89 -38.04 1.28 -0.27
N GLU A 90 -37.21 1.29 0.76
CA GLU A 90 -35.99 2.10 0.74
C GLU A 90 -35.05 1.60 -0.35
N GLN A 91 -34.91 0.29 -0.44
CA GLN A 91 -34.04 -0.32 -1.44
C GLN A 91 -34.60 -0.06 -2.83
N ILE A 92 -35.91 -0.19 -2.95
CA ILE A 92 -36.58 0.05 -4.22
C ILE A 92 -36.40 1.50 -4.67
N ALA A 93 -36.55 2.42 -3.74
CA ALA A 93 -36.40 3.84 -4.04
C ALA A 93 -34.99 4.13 -4.54
N TYR A 94 -34.01 3.50 -3.89
CA TYR A 94 -32.61 3.71 -4.26
C TYR A 94 -32.36 3.27 -5.70
N ALA A 95 -32.92 2.11 -6.06
CA ALA A 95 -32.75 1.57 -7.40
C ALA A 95 -33.31 2.53 -8.45
N MET A 96 -34.44 3.16 -8.12
CA MET A 96 -35.06 4.09 -9.04
C MET A 96 -34.16 5.28 -9.27
N GLN A 97 -33.49 5.73 -8.21
CA GLN A 97 -32.61 6.88 -8.32
C GLN A 97 -31.47 6.59 -9.31
N MET A 98 -30.96 5.36 -9.24
CA MET A 98 -29.88 4.96 -10.13
C MET A 98 -30.35 5.00 -11.58
N SER A 99 -31.58 4.58 -11.82
CA SER A 99 -32.12 4.57 -13.17
C SER A 99 -32.18 5.99 -13.73
N LEU A 100 -32.65 6.91 -12.91
CA LEU A 100 -32.76 8.31 -13.33
C LEU A 100 -31.39 8.89 -13.64
N GLN A 101 -30.40 8.55 -12.82
CA GLN A 101 -29.04 9.06 -13.02
C GLN A 101 -28.48 8.58 -14.36
N GLY A 102 -28.73 7.31 -14.68
CA GLY A 102 -28.24 6.75 -15.93
C GLY A 102 -28.83 7.47 -17.12
N ALA A 103 -30.13 7.78 -17.04
CA ALA A 103 -30.82 8.47 -18.13
C ALA A 103 -30.20 9.85 -18.36
N GLU A 104 -29.86 10.54 -17.27
CA GLU A 104 -29.26 11.86 -17.37
C GLU A 104 -27.78 11.75 -17.74
N PHE A 105 -27.37 12.55 -18.72
CA PHE A 105 -25.98 12.54 -19.17
C PHE A 105 -25.64 13.86 -19.83
N GLY A 106 -24.39 14.31 -19.66
CA GLY A 106 -23.97 15.56 -20.26
C GLY A 106 -24.26 16.75 -19.35
N GLN A 107 -24.31 16.49 -18.05
CA GLN A 107 -24.59 17.56 -17.09
C GLN A 107 -23.57 18.68 -17.22
N ALA A 108 -24.04 19.91 -17.05
CA ALA A 108 -23.17 21.07 -17.15
C ALA A 108 -22.73 21.55 -15.77
N GLU A 109 -21.46 21.93 -15.67
CA GLU A 109 -20.92 22.40 -14.39
C GLU A 109 -21.02 21.31 -13.33
N SER A 110 -20.46 21.58 -12.16
CA SER A 110 -20.48 20.62 -11.06
C SER A 110 -21.91 20.36 -10.61
N ALA A 111 -22.20 19.09 -10.28
CA ALA A 111 -23.53 18.72 -9.83
C ALA A 111 -23.47 18.05 -8.47
N ALA B 1 -13.08 13.82 15.91
CA ALA B 1 -11.71 14.17 16.41
C ALA B 1 -10.82 14.50 15.22
N PRO B 2 -9.67 15.07 15.47
CA PRO B 2 -8.69 15.44 14.40
C PRO B 2 -8.30 14.26 13.53
N ALA B 3 -8.18 14.49 12.23
CA ALA B 3 -7.81 13.43 11.30
C ALA B 3 -6.36 13.00 11.51
N GLU B 4 -6.11 11.70 11.40
CA GLU B 4 -4.76 11.17 11.58
C GLU B 4 -4.48 10.06 10.57
N PRO B 5 -4.29 10.40 9.32
CA PRO B 5 -4.02 9.40 8.24
C PRO B 5 -2.90 8.44 8.60
N LYS B 6 -1.77 8.99 9.04
CA LYS B 6 -0.64 8.17 9.43
C LYS B 6 0.29 8.91 10.37
N ILE B 7 0.61 8.28 11.49
CA ILE B 7 1.48 8.91 12.48
C ILE B 7 2.93 8.91 11.99
N ILE B 8 3.59 10.04 12.19
CA ILE B 8 4.97 10.20 11.77
C ILE B 8 5.85 10.51 12.95
N LYS B 9 7.07 10.01 12.89
CA LYS B 9 8.02 10.25 13.95
C LYS B 9 9.09 11.25 13.51
N VAL B 10 9.18 12.33 14.26
CA VAL B 10 10.17 13.35 13.99
C VAL B 10 11.15 13.49 15.14
N THR B 11 12.44 13.47 14.83
CA THR B 11 13.46 13.61 15.84
C THR B 11 13.68 15.09 16.11
N VAL B 12 13.35 15.52 17.31
CA VAL B 12 13.51 16.91 17.69
C VAL B 12 14.83 17.10 18.40
N LYS B 13 15.70 17.94 17.85
CA LYS B 13 16.99 18.16 18.46
C LYS B 13 17.01 19.51 19.18
N THR B 14 17.48 19.50 20.42
CA THR B 14 17.56 20.72 21.21
C THR B 14 18.94 20.84 21.86
N PRO B 15 19.33 22.03 22.24
CA PRO B 15 20.66 22.29 22.88
C PRO B 15 20.90 21.42 24.12
N LYS B 16 19.85 20.78 24.62
CA LYS B 16 19.98 19.96 25.80
C LYS B 16 20.09 18.51 25.40
N GLU B 17 19.33 18.13 24.38
CA GLU B 17 19.32 16.75 23.89
C GLU B 17 18.34 16.59 22.70
N LYS B 18 18.12 15.35 22.25
CA LYS B 18 17.20 15.11 21.14
C LYS B 18 16.19 14.07 21.56
N GLU B 19 14.96 14.22 21.07
CA GLU B 19 13.90 13.27 21.41
C GLU B 19 12.99 13.03 20.22
N GLU B 20 12.56 11.79 20.04
CA GLU B 20 11.67 11.45 18.94
C GLU B 20 10.21 11.61 19.35
N PHE B 21 9.47 12.37 18.54
CA PHE B 21 8.05 12.61 18.81
C PHE B 21 7.19 12.05 17.68
N ALA B 22 6.13 11.33 18.05
CA ALA B 22 5.22 10.76 17.06
C ALA B 22 3.94 11.57 17.00
N VAL B 23 3.55 12.02 15.80
CA VAL B 23 2.33 12.82 15.65
C VAL B 23 1.70 12.59 14.29
N PRO B 24 0.44 12.82 14.14
CA PRO B 24 -0.25 12.61 12.83
C PRO B 24 0.48 13.30 11.68
N GLU B 25 0.59 12.61 10.55
CA GLU B 25 1.28 13.15 9.38
C GLU B 25 0.64 14.45 8.94
N ASN B 26 -0.63 14.62 9.26
CA ASN B 26 -1.34 15.83 8.88
C ASN B 26 -1.48 16.76 10.06
N SER B 27 -0.62 16.58 11.06
CA SER B 27 -0.67 17.42 12.23
C SER B 27 -0.11 18.81 11.93
N SER B 28 -0.48 19.78 12.76
CA SER B 28 -0.01 21.13 12.58
C SER B 28 1.22 21.38 13.44
N VAL B 29 1.96 22.41 13.09
CA VAL B 29 3.15 22.75 13.85
C VAL B 29 2.78 23.07 15.29
N GLN B 30 1.66 23.75 15.47
CA GLN B 30 1.20 24.13 16.78
C GLN B 30 1.01 22.90 17.65
N GLN B 31 0.43 21.84 17.08
CA GLN B 31 0.21 20.62 17.85
C GLN B 31 1.55 19.98 18.21
N PHE B 32 2.48 20.00 17.27
CA PHE B 32 3.78 19.42 17.48
C PHE B 32 4.55 20.21 18.54
N LYS B 33 4.47 21.53 18.47
CA LYS B 33 5.14 22.38 19.44
C LYS B 33 4.61 22.09 20.83
N GLU B 34 3.31 21.87 20.93
CA GLU B 34 2.71 21.60 22.24
C GLU B 34 3.27 20.31 22.83
N ALA B 35 3.43 19.30 21.98
CA ALA B 35 3.95 18.02 22.43
C ALA B 35 5.40 18.14 22.87
N ILE B 36 6.17 18.89 22.10
CA ILE B 36 7.57 19.10 22.39
C ILE B 36 7.75 19.92 23.65
N SER B 37 6.91 20.93 23.80
CA SER B 37 6.97 21.82 24.94
C SER B 37 6.70 21.05 26.22
N LYS B 38 5.86 20.04 26.11
CA LYS B 38 5.54 19.23 27.28
C LYS B 38 6.74 18.37 27.69
N ARG B 39 7.36 17.73 26.71
CA ARG B 39 8.50 16.86 26.96
C ARG B 39 9.70 17.65 27.50
N PHE B 40 9.95 18.79 26.87
CA PHE B 40 11.06 19.64 27.30
C PHE B 40 10.60 20.66 28.34
N LYS B 41 9.30 20.65 28.65
CA LYS B 41 8.76 21.58 29.64
C LYS B 41 9.08 23.01 29.26
N SER B 42 9.03 23.28 27.96
CA SER B 42 9.31 24.62 27.43
C SER B 42 7.99 25.33 27.09
N GLN B 43 8.11 26.52 26.48
CA GLN B 43 6.93 27.28 26.10
C GLN B 43 6.88 27.44 24.58
N THR B 44 5.69 27.36 24.01
CA THR B 44 5.54 27.49 22.57
C THR B 44 5.94 28.88 22.10
N ASP B 45 6.09 29.81 23.04
CA ASP B 45 6.45 31.18 22.69
C ASP B 45 7.96 31.29 22.46
N GLN B 46 8.72 30.40 23.11
CA GLN B 46 10.17 30.41 22.99
C GLN B 46 10.65 29.24 22.13
N LEU B 47 9.77 28.29 21.86
CA LEU B 47 10.12 27.13 21.06
C LEU B 47 10.01 27.45 19.57
N VAL B 48 11.13 27.33 18.86
CA VAL B 48 11.14 27.61 17.42
C VAL B 48 11.70 26.40 16.67
N LEU B 49 10.94 25.88 15.71
CA LEU B 49 11.41 24.72 14.96
C LEU B 49 12.18 25.15 13.73
N ILE B 50 13.04 24.27 13.25
CA ILE B 50 13.84 24.56 12.08
C ILE B 50 13.97 23.33 11.20
N PHE B 51 13.71 23.50 9.91
CA PHE B 51 13.80 22.39 8.98
C PHE B 51 14.14 22.89 7.59
N ALA B 52 15.09 22.21 6.95
CA ALA B 52 15.51 22.59 5.60
C ALA B 52 16.03 24.02 5.59
N GLY B 53 16.52 24.49 6.74
CA GLY B 53 17.05 25.85 6.84
C GLY B 53 15.92 26.87 7.02
N LYS B 54 14.69 26.38 7.15
CA LYS B 54 13.54 27.26 7.32
C LYS B 54 12.91 27.07 8.68
N ILE B 55 12.65 28.17 9.35
CA ILE B 55 12.05 28.11 10.68
C ILE B 55 10.58 27.70 10.58
N LEU B 56 10.23 26.66 11.34
CA LEU B 56 8.87 26.15 11.38
C LEU B 56 8.11 26.78 12.54
N LYS B 57 6.96 27.36 12.23
CA LYS B 57 6.15 28.00 13.25
C LYS B 57 4.77 27.37 13.33
N ASP B 58 4.02 27.74 14.37
CA ASP B 58 2.68 27.20 14.55
C ASP B 58 1.77 27.61 13.39
N GLN B 59 2.21 28.58 12.61
CA GLN B 59 1.41 29.04 11.47
C GLN B 59 1.56 28.09 10.29
N ASP B 60 2.54 27.18 10.37
CA ASP B 60 2.77 26.22 9.29
C ASP B 60 2.37 24.81 9.71
N THR B 61 2.37 23.90 8.75
CA THR B 61 2.01 22.51 9.01
C THR B 61 3.20 21.59 8.75
N LEU B 62 3.24 20.46 9.43
CA LEU B 62 4.36 19.53 9.27
C LEU B 62 4.41 18.99 7.84
N ILE B 63 3.28 18.52 7.36
CA ILE B 63 3.20 17.98 6.01
C ILE B 63 3.37 19.06 4.96
N GLN B 64 2.98 20.26 5.33
CA GLN B 64 3.12 21.39 4.43
C GLN B 64 4.60 21.62 4.16
N HIS B 65 5.41 21.38 5.19
CA HIS B 65 6.84 21.55 5.04
C HIS B 65 7.49 20.29 4.49
N GLY B 66 6.75 19.19 4.50
CA GLY B 66 7.30 17.94 3.99
C GLY B 66 7.81 17.09 5.14
N ILE B 67 7.42 17.44 6.36
CA ILE B 67 7.86 16.69 7.53
C ILE B 67 7.01 15.44 7.71
N HIS B 68 7.60 14.29 7.42
CA HIS B 68 6.90 13.01 7.54
C HIS B 68 7.61 12.14 8.58
N ASP B 69 7.41 10.83 8.49
CA ASP B 69 8.03 9.91 9.42
C ASP B 69 9.53 9.77 9.17
N GLY B 70 10.28 9.58 10.24
CA GLY B 70 11.74 9.42 10.12
C GLY B 70 12.39 10.72 9.69
N LEU B 71 11.83 11.84 10.11
CA LEU B 71 12.39 13.14 9.74
C LEU B 71 13.08 13.81 10.93
N THR B 72 14.13 14.56 10.65
CA THR B 72 14.87 15.24 11.71
C THR B 72 14.55 16.74 11.73
N VAL B 73 14.07 17.21 12.87
CA VAL B 73 13.73 18.62 13.03
C VAL B 73 14.74 19.27 13.99
N HIS B 74 14.96 20.55 13.80
CA HIS B 74 15.88 21.29 14.64
C HIS B 74 15.12 22.26 15.54
N LEU B 75 15.01 21.90 16.81
CA LEU B 75 14.28 22.74 17.76
C LEU B 75 15.24 23.72 18.41
N VAL B 76 14.84 24.99 18.43
CA VAL B 76 15.65 26.03 19.01
C VAL B 76 14.85 26.85 20.02
N ILE B 77 15.41 27.00 21.22
CA ILE B 77 14.74 27.74 22.28
C ILE B 77 15.37 29.12 22.41
N LYS B 78 14.53 30.15 22.42
CA LYS B 78 15.00 31.52 22.55
C LYS B 78 13.83 32.49 22.65
N ALA C 1 -33.97 -18.08 -45.20
CA ALA C 1 -33.62 -17.76 -43.78
C ALA C 1 -34.69 -16.84 -43.21
N PRO C 2 -35.84 -17.37 -42.91
CA PRO C 2 -36.98 -16.59 -42.33
C PRO C 2 -36.59 -15.88 -41.04
N ALA C 3 -37.10 -14.67 -40.85
CA ALA C 3 -36.80 -13.90 -39.65
C ALA C 3 -37.30 -14.63 -38.41
N GLU C 4 -36.53 -14.56 -37.33
CA GLU C 4 -36.92 -15.22 -36.08
C GLU C 4 -36.57 -14.35 -34.88
N PRO C 5 -37.18 -14.62 -33.74
CA PRO C 5 -36.93 -13.84 -32.49
C PRO C 5 -35.45 -13.85 -32.09
N LYS C 6 -34.91 -12.66 -31.86
CA LYS C 6 -33.50 -12.53 -31.48
C LYS C 6 -33.34 -12.46 -29.97
N ILE C 7 -32.40 -13.23 -29.46
CA ILE C 7 -32.14 -13.26 -28.03
C ILE C 7 -31.35 -12.02 -27.61
N ILE C 8 -31.75 -11.45 -26.49
CA ILE C 8 -31.11 -10.26 -25.96
C ILE C 8 -30.53 -10.52 -24.60
N LYS C 9 -29.47 -9.80 -24.27
CA LYS C 9 -28.84 -9.97 -22.97
C LYS C 9 -29.07 -8.74 -22.10
N VAL C 10 -29.87 -8.91 -21.06
CA VAL C 10 -30.15 -7.79 -20.16
C VAL C 10 -29.34 -7.94 -18.89
N THR C 11 -28.80 -6.83 -18.43
CA THR C 11 -28.01 -6.84 -17.22
C THR C 11 -28.91 -6.55 -16.03
N VAL C 12 -29.10 -7.55 -15.20
CA VAL C 12 -29.93 -7.40 -14.02
C VAL C 12 -29.07 -7.07 -12.81
N LYS C 13 -29.39 -5.99 -12.13
CA LYS C 13 -28.61 -5.60 -10.96
C LYS C 13 -29.39 -5.89 -9.69
N THR C 14 -28.91 -6.85 -8.92
CA THR C 14 -29.57 -7.23 -7.67
C THR C 14 -28.89 -6.54 -6.49
N PRO C 15 -29.56 -6.47 -5.38
CA PRO C 15 -29.01 -5.81 -4.16
C PRO C 15 -27.68 -6.38 -3.71
N LYS C 16 -27.32 -7.53 -4.25
CA LYS C 16 -26.08 -8.16 -3.88
C LYS C 16 -25.08 -8.03 -5.01
N GLU C 17 -25.54 -8.33 -6.24
CA GLU C 17 -24.67 -8.28 -7.43
C GLU C 17 -25.51 -8.18 -8.69
N LYS C 18 -24.86 -8.15 -9.86
CA LYS C 18 -25.59 -8.06 -11.12
C LYS C 18 -25.21 -9.22 -12.02
N GLU C 19 -26.12 -9.62 -12.88
CA GLU C 19 -25.86 -10.71 -13.79
C GLU C 19 -26.54 -10.49 -15.13
N GLU C 20 -25.89 -10.91 -16.20
CA GLU C 20 -26.45 -10.79 -17.53
C GLU C 20 -27.30 -12.01 -17.88
N PHE C 21 -28.54 -11.76 -18.27
CA PHE C 21 -29.45 -12.84 -18.64
C PHE C 21 -29.81 -12.75 -20.11
N ALA C 22 -29.66 -13.86 -20.83
CA ALA C 22 -29.98 -13.90 -22.25
C ALA C 22 -31.38 -14.48 -22.46
N VAL C 23 -32.27 -13.69 -23.07
CA VAL C 23 -33.63 -14.16 -23.31
C VAL C 23 -34.18 -13.57 -24.60
N PRO C 24 -35.14 -14.21 -25.23
CA PRO C 24 -35.75 -13.69 -26.48
C PRO C 24 -36.13 -12.22 -26.36
N GLU C 25 -35.90 -11.46 -27.43
CA GLU C 25 -36.23 -10.03 -27.43
C GLU C 25 -37.72 -9.82 -27.14
N ASN C 26 -38.50 -10.88 -27.28
CA ASN C 26 -39.94 -10.79 -27.03
C ASN C 26 -40.30 -11.46 -25.72
N SER C 27 -39.31 -11.61 -24.85
CA SER C 27 -39.54 -12.24 -23.57
C SER C 27 -40.34 -11.31 -22.66
N SER C 28 -41.28 -11.88 -21.92
CA SER C 28 -42.10 -11.12 -21.01
C SER C 28 -41.43 -11.01 -19.65
N VAL C 29 -41.92 -10.10 -18.84
CA VAL C 29 -41.36 -9.94 -17.52
C VAL C 29 -41.56 -11.22 -16.73
N GLN C 30 -42.69 -11.87 -16.97
CA GLN C 30 -43.03 -13.10 -16.28
C GLN C 30 -41.98 -14.19 -16.53
N GLN C 31 -41.55 -14.33 -17.78
CA GLN C 31 -40.56 -15.35 -18.09
C GLN C 31 -39.18 -14.92 -17.60
N PHE C 32 -38.96 -13.61 -17.60
CA PHE C 32 -37.70 -13.06 -17.15
C PHE C 32 -37.56 -13.20 -15.64
N LYS C 33 -38.65 -12.94 -14.93
CA LYS C 33 -38.63 -13.07 -13.49
C LYS C 33 -38.32 -14.49 -13.12
N GLU C 34 -38.89 -15.42 -13.88
CA GLU C 34 -38.63 -16.83 -13.62
C GLU C 34 -37.16 -17.16 -13.82
N ALA C 35 -36.57 -16.59 -14.87
CA ALA C 35 -35.16 -16.86 -15.15
C ALA C 35 -34.27 -16.28 -14.06
N ILE C 36 -34.58 -15.07 -13.64
CA ILE C 36 -33.83 -14.40 -12.60
C ILE C 36 -33.97 -15.14 -11.28
N SER C 37 -35.17 -15.61 -11.01
CA SER C 37 -35.47 -16.32 -9.77
C SER C 37 -34.63 -17.58 -9.68
N LYS C 38 -34.38 -18.21 -10.82
CA LYS C 38 -33.58 -19.43 -10.83
C LYS C 38 -32.11 -19.11 -10.52
N ARG C 39 -31.59 -18.05 -11.11
CA ARG C 39 -30.18 -17.67 -10.90
C ARG C 39 -29.93 -17.32 -9.45
N PHE C 40 -30.80 -16.53 -8.87
CA PHE C 40 -30.67 -16.12 -7.48
C PHE C 40 -31.45 -17.06 -6.56
N LYS C 41 -32.12 -18.05 -7.13
CA LYS C 41 -32.89 -19.00 -6.34
C LYS C 41 -33.95 -18.26 -5.51
N SER C 42 -34.44 -17.18 -6.08
CA SER C 42 -35.45 -16.36 -5.42
C SER C 42 -36.84 -16.73 -5.93
N GLN C 43 -37.85 -15.94 -5.58
CA GLN C 43 -39.21 -16.21 -6.01
C GLN C 43 -39.79 -14.97 -6.70
N THR C 44 -40.67 -15.20 -7.66
CA THR C 44 -41.27 -14.10 -8.40
C THR C 44 -42.18 -13.27 -7.51
N ASP C 45 -42.50 -13.80 -6.33
CA ASP C 45 -43.37 -13.10 -5.40
C ASP C 45 -42.67 -11.87 -4.83
N GLN C 46 -41.38 -12.01 -4.57
CA GLN C 46 -40.59 -10.93 -3.99
C GLN C 46 -39.72 -10.24 -5.04
N LEU C 47 -39.39 -10.97 -6.10
CA LEU C 47 -38.55 -10.42 -7.16
C LEU C 47 -39.29 -9.30 -7.89
N VAL C 48 -38.72 -8.10 -7.83
CA VAL C 48 -39.33 -6.93 -8.48
C VAL C 48 -38.30 -6.23 -9.36
N LEU C 49 -38.65 -5.93 -10.60
CA LEU C 49 -37.71 -5.24 -11.48
C LEU C 49 -37.96 -3.75 -11.50
N ILE C 50 -36.93 -3.00 -11.82
CA ILE C 50 -37.04 -1.54 -11.89
C ILE C 50 -36.36 -0.99 -13.12
N PHE C 51 -37.09 -0.16 -13.85
CA PHE C 51 -36.54 0.44 -15.06
C PHE C 51 -37.11 1.84 -15.28
N ALA C 52 -36.23 2.79 -15.59
CA ALA C 52 -36.65 4.17 -15.83
C ALA C 52 -37.33 4.75 -14.60
N GLY C 53 -37.00 4.20 -13.43
CA GLY C 53 -37.59 4.69 -12.18
C GLY C 53 -38.96 4.06 -11.94
N LYS C 54 -39.38 3.16 -12.82
CA LYS C 54 -40.66 2.51 -12.70
C LYS C 54 -40.51 1.01 -12.51
N ILE C 55 -41.20 0.49 -11.53
CA ILE C 55 -41.14 -0.94 -11.25
C ILE C 55 -41.82 -1.74 -12.34
N LEU C 56 -41.21 -2.86 -12.69
CA LEU C 56 -41.74 -3.73 -13.73
C LEU C 56 -42.18 -5.04 -13.10
N LYS C 57 -43.33 -5.54 -13.56
CA LYS C 57 -43.87 -6.79 -13.04
C LYS C 57 -44.13 -7.77 -14.18
N ASP C 58 -44.49 -9.00 -13.83
CA ASP C 58 -44.76 -10.03 -14.82
C ASP C 58 -45.91 -9.62 -15.74
N GLN C 59 -46.68 -8.60 -15.32
CA GLN C 59 -47.79 -8.13 -16.12
C GLN C 59 -47.30 -7.38 -17.36
N ASP C 60 -46.06 -6.92 -17.32
CA ASP C 60 -45.49 -6.17 -18.44
C ASP C 60 -44.49 -7.02 -19.23
N THR C 61 -44.06 -6.50 -20.37
CA THR C 61 -43.10 -7.20 -21.21
C THR C 61 -41.77 -6.45 -21.25
N LEU C 62 -40.69 -7.19 -21.48
CA LEU C 62 -39.36 -6.59 -21.51
C LEU C 62 -39.24 -5.60 -22.66
N ILE C 63 -39.63 -6.03 -23.85
CA ILE C 63 -39.58 -5.17 -25.03
C ILE C 63 -40.60 -4.05 -24.93
N GLN C 64 -41.69 -4.34 -24.25
CA GLN C 64 -42.72 -3.34 -24.06
C GLN C 64 -42.15 -2.17 -23.30
N HIS C 65 -41.25 -2.47 -22.36
CA HIS C 65 -40.63 -1.42 -21.58
C HIS C 65 -39.44 -0.83 -22.31
N GLY C 66 -38.98 -1.51 -23.35
CA GLY C 66 -37.84 -1.02 -24.11
C GLY C 66 -36.58 -1.79 -23.75
N ILE C 67 -36.75 -2.92 -23.07
CA ILE C 67 -35.62 -3.74 -22.68
C ILE C 67 -35.14 -4.55 -23.88
N HIS C 68 -33.87 -4.38 -24.22
CA HIS C 68 -33.30 -5.10 -25.36
C HIS C 68 -31.94 -5.68 -25.01
N ASP C 69 -31.15 -6.02 -26.03
CA ASP C 69 -29.84 -6.59 -25.80
C ASP C 69 -28.86 -5.51 -25.37
N GLY C 70 -28.45 -5.59 -24.12
CA GLY C 70 -27.50 -4.63 -23.57
C GLY C 70 -28.18 -3.64 -22.61
N LEU C 71 -29.48 -3.83 -22.38
CA LEU C 71 -30.21 -2.95 -21.49
C LEU C 71 -29.96 -3.34 -20.04
N THR C 72 -30.06 -2.37 -19.15
CA THR C 72 -29.84 -2.61 -17.72
C THR C 72 -31.15 -2.57 -16.96
N VAL C 73 -31.25 -3.39 -15.91
CA VAL C 73 -32.46 -3.43 -15.10
C VAL C 73 -32.10 -3.47 -13.62
N HIS C 74 -32.93 -2.86 -12.79
CA HIS C 74 -32.69 -2.84 -11.36
C HIS C 74 -33.55 -3.88 -10.66
N LEU C 75 -32.92 -4.96 -10.22
CA LEU C 75 -33.64 -6.03 -9.53
C LEU C 75 -33.72 -5.74 -8.04
N VAL C 76 -34.91 -5.86 -7.49
CA VAL C 76 -35.11 -5.61 -6.07
C VAL C 76 -35.90 -6.76 -5.44
N ILE C 77 -35.36 -7.29 -4.34
CA ILE C 77 -36.03 -8.40 -3.65
C ILE C 77 -36.67 -7.89 -2.37
N LYS C 78 -37.94 -8.22 -2.19
CA LYS C 78 -38.68 -7.80 -0.99
C LYS C 78 -38.27 -8.64 0.20
N MET A 1 37.19 31.42 -3.41
CA MET A 1 38.36 30.56 -3.04
C MET A 1 37.91 29.52 -2.01
N LEU A 2 38.79 28.58 -1.71
CA LEU A 2 38.48 27.54 -0.74
C LEU A 2 38.83 28.00 0.69
N GLY A 3 39.44 29.18 0.80
CA GLY A 3 39.81 29.71 2.11
C GLY A 3 38.58 30.16 2.87
N LEU A 4 38.76 30.44 4.15
CA LEU A 4 37.64 30.89 4.99
C LEU A 4 37.71 32.39 5.23
N GLY A 5 36.67 33.10 4.79
CA GLY A 5 36.62 34.55 4.97
C GLY A 5 35.19 35.05 4.92
N ALA A 6 34.83 35.94 5.84
CA ALA A 6 33.49 36.49 5.87
C ALA A 6 33.18 37.24 4.58
N SER A 7 34.16 37.99 4.11
CA SER A 7 33.99 38.76 2.88
C SER A 7 33.71 37.85 1.69
N ASP A 8 34.45 36.75 1.62
CA ASP A 8 34.28 35.79 0.53
C ASP A 8 32.86 35.24 0.50
N PHE A 9 32.31 34.99 1.68
CA PHE A 9 30.95 34.47 1.77
C PHE A 9 29.94 35.59 2.09
N GLU A 10 30.41 36.83 2.07
CA GLU A 10 29.54 37.96 2.36
C GLU A 10 28.73 37.72 3.63
N PHE A 11 29.43 37.48 4.73
CA PHE A 11 28.78 37.24 6.01
C PHE A 11 27.86 36.03 5.90
N GLY A 12 28.14 35.15 4.95
CA GLY A 12 27.32 33.96 4.75
C GLY A 12 28.08 32.72 5.22
N VAL A 13 28.46 32.72 6.50
CA VAL A 13 29.19 31.59 7.05
C VAL A 13 28.41 30.95 8.19
N ASP A 14 28.06 31.74 9.19
CA ASP A 14 27.30 31.24 10.34
C ASP A 14 26.02 32.05 10.50
N PRO A 15 24.95 31.62 9.88
CA PRO A 15 23.63 32.34 9.95
C PRO A 15 23.30 32.81 11.36
N SER A 16 22.89 34.07 11.46
CA SER A 16 22.55 34.65 12.76
C SER A 16 23.81 34.76 13.63
N ALA A 17 24.97 34.71 12.98
CA ALA A 17 26.23 34.80 13.70
C ALA A 17 26.30 33.73 14.78
N ASP A 18 25.68 32.58 14.52
CA ASP A 18 25.69 31.49 15.48
C ASP A 18 26.15 30.18 14.84
N PRO A 19 27.06 29.46 15.48
CA PRO A 19 27.56 28.16 14.94
C PRO A 19 26.48 27.09 14.93
N GLU A 20 25.55 27.17 15.87
CA GLU A 20 24.47 26.20 15.95
C GLU A 20 23.60 26.28 14.71
N LEU A 21 23.25 27.49 14.32
CA LEU A 21 22.41 27.68 13.15
C LEU A 21 23.14 27.15 11.92
N ALA A 22 24.44 27.41 11.86
CA ALA A 22 25.24 26.92 10.74
C ALA A 22 25.19 25.40 10.69
N LEU A 23 25.26 24.77 11.86
CA LEU A 23 25.19 23.32 11.92
C LEU A 23 23.79 22.84 11.58
N ALA A 24 22.79 23.57 12.04
CA ALA A 24 21.42 23.20 11.76
C ALA A 24 21.16 23.20 10.27
N LEU A 25 21.71 24.20 9.56
CA LEU A 25 21.52 24.29 8.12
C LEU A 25 22.27 23.20 7.38
N ARG A 26 23.52 22.98 7.77
CA ARG A 26 24.35 21.98 7.13
C ARG A 26 23.85 20.58 7.47
N VAL A 27 23.23 20.47 8.63
CA VAL A 27 22.69 19.20 9.05
C VAL A 27 21.32 18.97 8.43
N SER A 28 20.52 20.02 8.39
CA SER A 28 19.20 19.93 7.81
C SER A 28 19.32 19.60 6.32
N MET A 29 20.24 20.29 5.66
CA MET A 29 20.48 20.06 4.24
C MET A 29 20.96 18.63 4.04
N GLU A 30 21.85 18.18 4.88
CA GLU A 30 22.35 16.80 4.81
C GLU A 30 21.24 15.82 5.14
N GLU A 31 20.38 16.19 6.07
CA GLU A 31 19.27 15.34 6.45
C GLU A 31 18.43 14.99 5.23
N GLN A 32 18.05 16.02 4.49
CA GLN A 32 17.27 15.81 3.27
C GLN A 32 18.11 15.05 2.25
N ARG A 33 19.39 15.35 2.21
CA ARG A 33 20.30 14.68 1.29
C ARG A 33 20.29 13.18 1.55
N GLN A 34 20.31 12.80 2.82
CA GLN A 34 20.29 11.39 3.19
C GLN A 34 19.01 10.74 2.69
N ARG A 35 17.89 11.45 2.83
CA ARG A 35 16.61 10.94 2.37
C ARG A 35 16.62 10.82 0.85
N GLN A 36 17.23 11.81 0.19
CA GLN A 36 17.33 11.81 -1.24
C GLN A 36 18.17 10.63 -1.71
N GLU A 37 19.22 10.35 -0.95
CA GLU A 37 20.09 9.23 -1.27
C GLU A 37 19.33 7.92 -1.17
N GLU A 38 18.56 7.76 -0.10
CA GLU A 38 17.78 6.53 0.08
C GLU A 38 16.74 6.40 -1.02
N GLU A 39 16.08 7.49 -1.34
CA GLU A 39 15.07 7.47 -2.39
C GLU A 39 15.73 7.20 -3.74
N ALA A 40 16.86 7.86 -3.96
CA ALA A 40 17.60 7.72 -5.21
C ALA A 40 18.09 6.30 -5.38
N ARG A 41 18.58 5.72 -4.28
CA ARG A 41 19.09 4.35 -4.32
C ARG A 41 17.93 3.38 -4.40
N ARG A 42 16.80 3.76 -3.82
CA ARG A 42 15.63 2.90 -3.84
C ARG A 42 15.17 2.69 -5.27
N ALA A 43 15.02 3.81 -6.00
CA ALA A 43 14.60 3.74 -7.39
C ALA A 43 15.65 2.99 -8.22
N ALA A 44 16.91 3.25 -7.95
CA ALA A 44 18.00 2.60 -8.67
C ALA A 44 17.95 1.09 -8.45
N ALA A 45 17.68 0.69 -7.22
CA ALA A 45 17.61 -0.73 -6.89
C ALA A 45 16.51 -1.40 -7.70
N ALA A 46 15.33 -0.76 -7.72
CA ALA A 46 14.20 -1.29 -8.47
C ALA A 46 14.51 -1.29 -9.96
N SER A 47 15.13 -0.23 -10.42
CA SER A 47 15.49 -0.10 -11.83
C SER A 47 16.45 -1.20 -12.24
N ALA A 48 17.40 -1.51 -11.36
CA ALA A 48 18.38 -2.55 -11.64
C ALA A 48 17.66 -3.88 -11.84
N ALA A 49 16.67 -4.14 -11.01
CA ALA A 49 15.92 -5.38 -11.11
C ALA A 49 15.18 -5.44 -12.43
N GLU A 50 14.61 -4.31 -12.85
CA GLU A 50 13.87 -4.24 -14.10
C GLU A 50 14.79 -4.57 -15.28
N ALA A 51 16.01 -4.05 -15.21
CA ALA A 51 16.99 -4.30 -16.26
C ALA A 51 17.69 -5.65 -16.04
N GLY A 52 17.47 -6.23 -14.85
CA GLY A 52 18.08 -7.53 -14.53
C GLY A 52 17.07 -8.65 -14.68
N ILE A 53 16.55 -9.13 -13.56
CA ILE A 53 15.56 -10.22 -13.58
C ILE A 53 14.17 -9.68 -13.87
N ALA A 54 13.74 -9.82 -15.12
CA ALA A 54 12.41 -9.35 -15.52
C ALA A 54 11.54 -10.50 -15.97
N THR A 55 10.25 -10.44 -15.62
CA THR A 55 9.32 -11.50 -16.00
C THR A 55 8.30 -10.97 -17.00
N THR A 56 8.19 -11.66 -18.14
CA THR A 56 7.24 -11.25 -19.17
C THR A 56 6.69 -12.47 -19.90
N GLY A 57 6.67 -13.60 -19.20
CA GLY A 57 6.17 -14.84 -19.80
C GLY A 57 6.04 -15.93 -18.74
N THR A 58 5.70 -17.14 -19.19
CA THR A 58 5.55 -18.26 -18.28
C THR A 58 6.59 -19.33 -18.56
N GLU A 59 7.83 -18.90 -18.76
CA GLU A 59 8.92 -19.83 -19.04
C GLU A 59 9.33 -20.58 -17.78
N ASP A 60 8.43 -21.39 -17.24
CA ASP A 60 8.71 -22.15 -16.03
C ASP A 60 9.04 -23.61 -16.38
N SER A 61 9.25 -23.88 -17.68
CA SER A 61 9.55 -25.23 -18.12
C SER A 61 8.47 -26.20 -17.69
N ASP A 62 7.22 -25.75 -17.74
CA ASP A 62 6.09 -26.59 -17.34
C ASP A 62 5.99 -27.81 -18.24
N ASP A 63 6.21 -27.61 -19.54
CA ASP A 63 6.14 -28.69 -20.49
C ASP A 63 7.17 -29.77 -20.17
N ALA A 64 8.37 -29.32 -19.80
CA ALA A 64 9.42 -30.26 -19.47
C ALA A 64 9.03 -31.11 -18.28
N LEU A 65 8.38 -30.48 -17.30
CA LEU A 65 7.94 -31.20 -16.11
C LEU A 65 6.87 -32.22 -16.47
N LEU A 66 5.99 -31.86 -17.40
CA LEU A 66 4.92 -32.76 -17.80
C LEU A 66 5.50 -34.02 -18.44
N LYS A 67 6.53 -33.84 -19.27
CA LYS A 67 7.16 -34.98 -19.94
C LYS A 67 7.84 -35.89 -18.93
N MET A 68 8.54 -35.30 -17.97
CA MET A 68 9.23 -36.09 -16.96
C MET A 68 8.22 -36.83 -16.08
N THR A 69 7.13 -36.16 -15.74
CA THR A 69 6.10 -36.77 -14.90
C THR A 69 5.46 -37.99 -15.58
N ILE A 70 5.09 -37.82 -16.85
CA ILE A 70 4.48 -38.91 -17.59
C ILE A 70 5.50 -39.99 -17.90
N SER A 71 6.75 -39.59 -18.09
CA SER A 71 7.80 -40.55 -18.40
C SER A 71 7.99 -41.53 -17.24
N GLN A 72 8.00 -41.00 -16.02
CA GLN A 72 8.18 -41.83 -14.84
C GLN A 72 7.00 -42.78 -14.65
N GLN A 73 5.79 -42.24 -14.85
CA GLN A 73 4.57 -43.04 -14.70
C GLN A 73 4.50 -44.11 -15.80
N GLU A 74 4.86 -43.73 -17.01
CA GLU A 74 4.81 -44.64 -18.14
C GLU A 74 5.71 -45.85 -17.91
N PHE A 75 6.91 -45.59 -17.42
CA PHE A 75 7.86 -46.66 -17.15
C PHE A 75 7.58 -47.31 -15.79
N GLY A 76 6.73 -46.67 -14.99
CA GLY A 76 6.38 -47.21 -13.68
C GLY A 76 5.77 -48.60 -13.80
N ARG A 77 5.10 -48.85 -14.91
CA ARG A 77 4.48 -50.15 -15.13
C ARG A 77 5.50 -51.27 -15.00
N THR A 78 6.73 -51.02 -15.46
CA THR A 78 7.80 -52.01 -15.39
C THR A 78 7.31 -53.39 -15.83
N GLY A 79 6.27 -53.42 -16.66
CA GLY A 79 5.72 -54.67 -17.15
C GLY A 79 6.49 -55.18 -18.37
N LEU A 80 7.29 -54.30 -18.97
CA LEU A 80 8.07 -54.67 -20.14
C LEU A 80 9.29 -53.76 -20.29
N PRO A 81 10.19 -53.83 -19.36
CA PRO A 81 11.42 -53.00 -19.37
C PRO A 81 12.33 -53.31 -20.56
N ASP A 82 12.38 -52.41 -21.53
CA ASP A 82 13.22 -52.61 -22.70
C ASP A 82 14.68 -52.67 -22.31
N LEU A 83 15.39 -53.68 -22.82
CA LEU A 83 16.80 -53.84 -22.52
C LEU A 83 17.61 -52.68 -23.10
N SER A 84 17.25 -52.27 -24.31
CA SER A 84 17.95 -51.17 -24.97
C SER A 84 17.78 -49.88 -24.18
N SER A 85 16.57 -49.67 -23.67
CA SER A 85 16.27 -48.47 -22.91
C SER A 85 17.16 -48.39 -21.67
N MET A 86 17.36 -49.53 -21.01
CA MET A 86 18.19 -49.58 -19.82
C MET A 86 19.66 -49.50 -20.20
N THR A 87 20.50 -49.09 -19.24
CA THR A 87 21.93 -48.97 -19.48
C THR A 87 22.59 -50.35 -19.41
N GLU A 88 23.84 -50.43 -19.86
CA GLU A 88 24.57 -51.69 -19.85
C GLU A 88 24.69 -52.22 -18.42
N GLU A 89 24.88 -51.32 -17.47
CA GLU A 89 25.01 -51.71 -16.07
C GLU A 89 23.71 -52.32 -15.57
N GLU A 90 22.58 -51.73 -15.95
CA GLU A 90 21.29 -52.22 -15.52
C GLU A 90 21.02 -53.62 -16.06
N GLN A 91 21.32 -53.81 -17.34
CA GLN A 91 21.11 -55.10 -17.99
C GLN A 91 22.06 -56.15 -17.41
N ILE A 92 23.31 -55.73 -17.21
CA ILE A 92 24.32 -56.61 -16.64
C ILE A 92 23.93 -57.03 -15.23
N ALA A 93 23.47 -56.07 -14.44
CA ALA A 93 23.07 -56.35 -13.06
C ALA A 93 21.94 -57.35 -13.04
N TYR A 94 21.00 -57.20 -13.97
CA TYR A 94 19.85 -58.09 -14.04
C TYR A 94 20.32 -59.54 -14.25
N ALA A 95 21.30 -59.72 -15.13
CA ALA A 95 21.82 -61.05 -15.41
C ALA A 95 22.39 -61.69 -14.15
N MET A 96 23.12 -60.89 -13.36
CA MET A 96 23.69 -61.40 -12.13
C MET A 96 22.61 -61.73 -11.12
N GLN A 97 21.58 -60.91 -11.07
CA GLN A 97 20.50 -61.13 -10.12
C GLN A 97 19.82 -62.46 -10.38
N MET A 98 19.63 -62.78 -11.65
CA MET A 98 18.98 -64.04 -12.02
C MET A 98 19.87 -65.22 -11.64
N SER A 99 21.18 -65.06 -11.84
CA SER A 99 22.11 -66.14 -11.53
C SER A 99 22.14 -66.41 -10.03
N LEU A 100 22.05 -65.35 -9.24
CA LEU A 100 22.07 -65.49 -7.78
C LEU A 100 20.86 -66.27 -7.31
N GLN A 101 19.71 -66.00 -7.93
CA GLN A 101 18.48 -66.69 -7.54
C GLN A 101 18.59 -68.18 -7.83
N GLY A 102 19.18 -68.51 -8.98
CA GLY A 102 19.34 -69.90 -9.38
C GLY A 102 20.25 -70.64 -8.39
N ALA A 103 21.32 -69.96 -7.95
CA ALA A 103 22.25 -70.56 -7.02
C ALA A 103 21.57 -70.92 -5.71
N GLU A 104 20.76 -70.00 -5.20
CA GLU A 104 20.03 -70.23 -3.96
C GLU A 104 18.81 -71.11 -4.19
N PHE A 105 18.38 -71.22 -5.46
CA PHE A 105 17.21 -72.02 -5.82
C PHE A 105 15.93 -71.27 -5.47
N GLY A 106 15.85 -70.76 -4.24
CA GLY A 106 14.66 -70.03 -3.82
C GLY A 106 13.59 -70.98 -3.31
N GLN A 107 14.00 -72.17 -2.88
CA GLN A 107 13.06 -73.16 -2.37
C GLN A 107 12.36 -72.63 -1.13
N ALA A 108 11.09 -72.97 -0.98
CA ALA A 108 10.32 -72.53 0.17
C ALA A 108 10.27 -71.01 0.22
N GLU A 109 10.06 -70.39 -0.94
CA GLU A 109 9.99 -68.93 -1.02
C GLU A 109 8.85 -68.40 -0.16
N SER A 110 7.70 -69.08 -0.22
CA SER A 110 6.54 -68.66 0.55
C SER A 110 6.27 -69.65 1.68
N ALA A 111 6.17 -69.12 2.90
CA ALA A 111 5.92 -69.96 4.07
C ALA A 111 4.45 -70.37 4.13
N ALA B 1 -16.87 8.48 8.72
CA ALA B 1 -16.28 7.68 9.83
C ALA B 1 -15.25 8.54 10.57
N PRO B 2 -14.80 8.09 11.71
CA PRO B 2 -13.79 8.82 12.53
C PRO B 2 -12.53 9.14 11.75
N ALA B 3 -11.98 10.33 11.95
CA ALA B 3 -10.77 10.74 11.26
C ALA B 3 -9.54 10.28 12.02
N GLU B 4 -8.79 9.35 11.41
CA GLU B 4 -7.58 8.83 12.04
C GLU B 4 -6.40 8.85 11.06
N PRO B 5 -5.85 10.01 10.82
CA PRO B 5 -4.68 10.18 9.89
C PRO B 5 -3.46 9.40 10.35
N LYS B 6 -2.54 9.11 9.42
CA LYS B 6 -1.35 8.35 9.76
C LYS B 6 -0.44 9.14 10.69
N ILE B 7 0.07 8.47 11.70
CA ILE B 7 0.96 9.13 12.67
C ILE B 7 2.39 9.15 12.14
N ILE B 8 3.04 10.29 12.30
CA ILE B 8 4.40 10.46 11.84
C ILE B 8 5.34 10.68 12.99
N LYS B 9 6.55 10.18 12.84
CA LYS B 9 7.54 10.34 13.88
C LYS B 9 8.66 11.28 13.45
N VAL B 10 8.83 12.33 14.23
CA VAL B 10 9.87 13.32 13.95
C VAL B 10 10.90 13.39 15.08
N THR B 11 12.17 13.41 14.71
CA THR B 11 13.24 13.49 15.69
C THR B 11 13.56 14.95 15.98
N VAL B 12 13.25 15.38 17.20
CA VAL B 12 13.50 16.74 17.61
C VAL B 12 14.83 16.85 18.32
N LYS B 13 15.71 17.72 17.83
CA LYS B 13 17.00 17.89 18.45
C LYS B 13 17.11 19.24 19.13
N THR B 14 17.62 19.25 20.35
CA THR B 14 17.76 20.50 21.10
C THR B 14 19.16 20.60 21.69
N PRO B 15 19.56 21.79 22.09
CA PRO B 15 20.89 22.02 22.70
C PRO B 15 21.12 21.18 23.96
N LYS B 16 20.06 20.55 24.45
CA LYS B 16 20.15 19.73 25.63
C LYS B 16 20.17 18.26 25.26
N GLU B 17 19.33 17.90 24.28
CA GLU B 17 19.24 16.52 23.81
C GLU B 17 18.23 16.39 22.67
N LYS B 18 17.97 15.16 22.21
CA LYS B 18 17.01 14.96 21.13
C LYS B 18 16.05 13.86 21.49
N GLU B 19 14.84 13.94 20.98
CA GLU B 19 13.84 12.92 21.27
C GLU B 19 12.84 12.81 20.14
N GLU B 20 12.49 11.58 19.76
CA GLU B 20 11.54 11.37 18.69
C GLU B 20 10.10 11.46 19.19
N PHE B 21 9.30 12.24 18.49
CA PHE B 21 7.89 12.43 18.85
C PHE B 21 6.97 11.92 17.76
N ALA B 22 5.89 11.26 18.14
CA ALA B 22 4.93 10.74 17.18
C ALA B 22 3.65 11.55 17.21
N VAL B 23 3.25 12.07 16.05
CA VAL B 23 2.03 12.88 15.99
C VAL B 23 1.34 12.72 14.64
N PRO B 24 0.07 12.98 14.55
CA PRO B 24 -0.68 12.85 13.27
C PRO B 24 0.03 13.54 12.11
N GLU B 25 -0.02 12.91 10.94
CA GLU B 25 0.64 13.47 9.76
C GLU B 25 0.12 14.88 9.47
N ASN B 26 -1.08 15.16 9.93
CA ASN B 26 -1.69 16.47 9.70
C ASN B 26 -1.49 17.38 10.91
N SER B 27 -0.52 17.04 11.74
CA SER B 27 -0.25 17.83 12.91
C SER B 27 0.43 19.15 12.54
N SER B 28 -0.07 20.25 13.09
CA SER B 28 0.50 21.55 12.81
C SER B 28 1.71 21.79 13.68
N VAL B 29 2.50 22.80 13.32
CA VAL B 29 3.68 23.12 14.09
C VAL B 29 3.27 23.47 15.51
N GLN B 30 2.21 24.24 15.65
CA GLN B 30 1.74 24.64 16.96
C GLN B 30 1.42 23.42 17.83
N GLN B 31 0.79 22.42 17.23
CA GLN B 31 0.44 21.21 17.99
C GLN B 31 1.70 20.46 18.39
N PHE B 32 2.65 20.40 17.46
CA PHE B 32 3.90 19.71 17.70
C PHE B 32 4.72 20.44 18.77
N LYS B 33 4.73 21.76 18.68
CA LYS B 33 5.47 22.56 19.64
C LYS B 33 4.90 22.37 21.03
N GLU B 34 3.58 22.23 21.11
CA GLU B 34 2.93 22.04 22.38
C GLU B 34 3.39 20.73 23.02
N ALA B 35 3.40 19.67 22.22
CA ALA B 35 3.81 18.37 22.72
C ALA B 35 5.29 18.37 23.07
N ILE B 36 6.08 19.03 22.23
CA ILE B 36 7.51 19.11 22.45
C ILE B 36 7.82 19.89 23.71
N SER B 37 7.09 20.98 23.91
CA SER B 37 7.28 21.83 25.07
C SER B 37 6.98 21.04 26.33
N LYS B 38 6.10 20.06 26.22
CA LYS B 38 5.67 19.34 27.40
C LYS B 38 6.84 18.44 27.82
N ARG B 39 7.40 17.72 26.84
CA ARG B 39 8.50 16.81 27.12
C ARG B 39 9.73 17.56 27.62
N PHE B 40 10.08 18.63 26.92
CA PHE B 40 11.22 19.44 27.29
C PHE B 40 10.87 20.39 28.43
N LYS B 41 9.58 20.49 28.74
CA LYS B 41 9.13 21.38 29.81
C LYS B 41 9.52 22.81 29.51
N SER B 42 9.35 23.21 28.26
CA SER B 42 9.70 24.56 27.82
C SER B 42 8.44 25.31 27.38
N GLN B 43 8.63 26.48 26.75
CA GLN B 43 7.50 27.27 26.29
C GLN B 43 7.58 27.47 24.78
N THR B 44 6.43 27.63 24.14
CA THR B 44 6.39 27.84 22.71
C THR B 44 6.79 29.26 22.34
N ASP B 45 7.00 30.10 23.35
CA ASP B 45 7.39 31.48 23.12
C ASP B 45 8.88 31.58 22.82
N GLN B 46 9.62 30.48 23.06
CA GLN B 46 11.05 30.47 22.82
C GLN B 46 11.44 29.29 21.93
N LEU B 47 10.55 28.30 21.86
CA LEU B 47 10.81 27.10 21.04
C LEU B 47 10.68 27.44 19.56
N VAL B 48 11.80 27.28 18.83
CA VAL B 48 11.80 27.55 17.40
C VAL B 48 12.26 26.33 16.63
N LEU B 49 11.46 25.86 15.69
CA LEU B 49 11.82 24.68 14.91
C LEU B 49 12.61 25.05 13.68
N ILE B 50 13.47 24.15 13.24
CA ILE B 50 14.28 24.39 12.05
C ILE B 50 14.24 23.18 11.13
N PHE B 51 13.97 23.44 9.85
CA PHE B 51 13.91 22.35 8.87
C PHE B 51 14.11 22.89 7.45
N ALA B 52 14.83 22.13 6.64
CA ALA B 52 15.09 22.53 5.25
C ALA B 52 15.85 23.85 5.21
N GLY B 53 16.51 24.19 6.30
CA GLY B 53 17.27 25.44 6.37
C GLY B 53 16.35 26.62 6.67
N LYS B 54 15.10 26.34 7.00
CA LYS B 54 14.14 27.39 7.31
C LYS B 54 13.50 27.14 8.67
N ILE B 55 13.32 28.21 9.42
CA ILE B 55 12.72 28.11 10.74
C ILE B 55 11.22 27.88 10.63
N LEU B 56 10.74 26.83 11.28
CA LEU B 56 9.33 26.51 11.27
C LEU B 56 8.66 27.08 12.52
N LYS B 57 7.51 27.71 12.31
CA LYS B 57 6.77 28.32 13.41
C LYS B 57 5.38 27.71 13.53
N ASP B 58 4.68 28.07 14.60
CA ASP B 58 3.33 27.56 14.84
C ASP B 58 2.37 28.05 13.76
N GLN B 59 2.82 28.99 12.94
CA GLN B 59 1.98 29.52 11.87
C GLN B 59 1.96 28.57 10.68
N ASP B 60 2.89 27.62 10.65
CA ASP B 60 2.97 26.66 9.56
C ASP B 60 2.58 25.25 10.02
N THR B 61 2.41 24.35 9.06
CA THR B 61 2.04 22.97 9.38
C THR B 61 3.18 22.02 9.03
N LEU B 62 3.26 20.90 9.74
CA LEU B 62 4.33 19.95 9.51
C LEU B 62 4.23 19.37 8.10
N ILE B 63 3.06 18.90 7.75
CA ILE B 63 2.84 18.32 6.42
C ILE B 63 2.93 19.36 5.33
N GLN B 64 2.59 20.57 5.69
CA GLN B 64 2.65 21.68 4.75
C GLN B 64 4.09 21.91 4.35
N HIS B 65 5.00 21.67 5.30
CA HIS B 65 6.42 21.85 5.01
C HIS B 65 7.00 20.59 4.40
N GLY B 66 6.28 19.48 4.51
CA GLY B 66 6.77 18.23 3.96
C GLY B 66 7.35 17.35 5.07
N ILE B 67 7.04 17.70 6.32
CA ILE B 67 7.54 16.93 7.45
C ILE B 67 6.66 15.70 7.68
N HIS B 68 7.16 14.54 7.25
CA HIS B 68 6.43 13.29 7.40
C HIS B 68 7.15 12.37 8.37
N ASP B 69 6.73 11.11 8.42
CA ASP B 69 7.34 10.16 9.33
C ASP B 69 8.81 9.96 9.00
N GLY B 70 9.62 9.74 10.03
CA GLY B 70 11.04 9.51 9.83
C GLY B 70 11.75 10.78 9.39
N LEU B 71 11.33 11.91 9.97
CA LEU B 71 11.94 13.20 9.62
C LEU B 71 12.70 13.77 10.81
N THR B 72 13.75 14.52 10.52
CA THR B 72 14.57 15.11 11.58
C THR B 72 14.35 16.63 11.63
N VAL B 73 13.90 17.11 12.79
CA VAL B 73 13.67 18.54 12.97
C VAL B 73 14.66 19.10 13.99
N HIS B 74 15.07 20.35 13.78
CA HIS B 74 16.01 20.99 14.68
C HIS B 74 15.29 21.99 15.57
N LEU B 75 15.11 21.61 16.84
CA LEU B 75 14.45 22.48 17.79
C LEU B 75 15.47 23.35 18.51
N VAL B 76 15.24 24.66 18.47
CA VAL B 76 16.15 25.60 19.10
C VAL B 76 15.39 26.52 20.06
N ILE B 77 15.86 26.60 21.30
CA ILE B 77 15.22 27.46 22.29
C ILE B 77 16.02 28.74 22.47
N LYS B 78 15.33 29.86 22.45
CA LYS B 78 15.98 31.16 22.62
C LYS B 78 15.54 31.82 23.92
N ALA C 1 47.53 -92.78 -17.45
CA ALA C 1 48.03 -92.49 -18.83
C ALA C 1 47.36 -91.22 -19.38
N PRO C 2 46.04 -91.13 -19.35
CA PRO C 2 45.32 -89.93 -19.85
C PRO C 2 45.79 -88.65 -19.20
N ALA C 3 45.87 -87.57 -19.98
CA ALA C 3 46.31 -86.29 -19.46
C ALA C 3 45.33 -85.76 -18.41
N GLU C 4 45.86 -85.09 -17.39
CA GLU C 4 45.01 -84.52 -16.35
C GLU C 4 43.93 -83.62 -16.97
N PRO C 5 44.31 -82.67 -17.81
CA PRO C 5 43.33 -81.74 -18.44
C PRO C 5 42.16 -82.49 -19.09
N LYS C 6 40.97 -82.03 -18.79
CA LYS C 6 39.75 -82.63 -19.33
C LYS C 6 38.89 -81.59 -20.04
N ILE C 7 38.45 -81.91 -21.25
CA ILE C 7 37.63 -80.99 -22.02
C ILE C 7 36.24 -80.86 -21.40
N ILE C 8 35.81 -79.62 -21.21
CA ILE C 8 34.51 -79.35 -20.63
C ILE C 8 33.65 -78.54 -21.59
N LYS C 9 32.34 -78.71 -21.48
CA LYS C 9 31.42 -77.98 -22.34
C LYS C 9 30.68 -76.92 -21.55
N VAL C 10 31.06 -75.66 -21.74
CA VAL C 10 30.41 -74.56 -21.04
C VAL C 10 29.33 -73.94 -21.90
N THR C 11 28.18 -73.68 -21.31
CA THR C 11 27.08 -73.09 -22.03
C THR C 11 27.11 -71.58 -21.87
N VAL C 12 27.43 -70.88 -22.94
CA VAL C 12 27.49 -69.43 -22.90
C VAL C 12 26.18 -68.84 -23.35
N LYS C 13 25.68 -67.85 -22.61
CA LYS C 13 24.42 -67.23 -22.98
C LYS C 13 24.65 -65.78 -23.40
N THR C 14 24.25 -65.45 -24.62
CA THR C 14 24.45 -64.10 -25.13
C THR C 14 23.10 -63.45 -25.44
N PRO C 15 23.09 -62.16 -25.62
CA PRO C 15 21.85 -61.39 -25.94
C PRO C 15 21.18 -61.88 -27.22
N LYS C 16 21.89 -62.69 -27.99
CA LYS C 16 21.34 -63.19 -29.24
C LYS C 16 20.90 -64.62 -29.07
N GLU C 17 21.70 -65.38 -28.34
CA GLU C 17 21.42 -66.79 -28.09
C GLU C 17 22.50 -67.42 -27.22
N LYS C 18 22.38 -68.73 -26.97
CA LYS C 18 23.37 -69.41 -26.15
C LYS C 18 23.96 -70.58 -26.92
N GLU C 19 25.20 -70.91 -26.61
CA GLU C 19 25.84 -72.02 -27.28
C GLU C 19 26.82 -72.74 -26.35
N GLU C 20 26.99 -74.04 -26.56
CA GLU C 20 27.92 -74.82 -25.75
C GLU C 20 29.29 -74.90 -26.42
N PHE C 21 30.32 -74.55 -25.67
CA PHE C 21 31.69 -74.57 -26.19
C PHE C 21 32.53 -75.60 -25.45
N ALA C 22 33.20 -76.47 -26.20
CA ALA C 22 34.05 -77.50 -25.60
C ALA C 22 35.49 -77.01 -25.49
N VAL C 23 36.00 -76.93 -24.26
CA VAL C 23 37.37 -76.48 -24.07
C VAL C 23 37.97 -77.10 -22.81
N PRO C 24 39.26 -77.23 -22.75
CA PRO C 24 39.93 -77.82 -21.55
C PRO C 24 39.51 -77.13 -20.26
N GLU C 25 39.33 -77.93 -19.22
CA GLU C 25 38.93 -77.40 -17.91
C GLU C 25 39.91 -76.34 -17.42
N ASN C 26 41.09 -76.31 -18.03
CA ASN C 26 42.11 -75.34 -17.66
C ASN C 26 42.07 -74.13 -18.58
N SER C 27 40.96 -73.96 -19.28
CA SER C 27 40.80 -72.83 -20.18
C SER C 27 40.59 -71.53 -19.41
N SER C 28 41.35 -70.50 -19.76
CA SER C 28 41.21 -69.21 -19.10
C SER C 28 40.06 -68.44 -19.71
N VAL C 29 39.58 -67.45 -18.98
CA VAL C 29 38.48 -66.64 -19.47
C VAL C 29 38.91 -65.93 -20.75
N GLN C 30 40.16 -65.49 -20.80
CA GLN C 30 40.67 -64.81 -21.96
C GLN C 30 40.57 -65.70 -23.19
N GLN C 31 40.96 -66.97 -23.04
CA GLN C 31 40.89 -67.90 -24.16
C GLN C 31 39.45 -68.24 -24.50
N PHE C 32 38.64 -68.37 -23.47
CA PHE C 32 37.24 -68.70 -23.65
C PHE C 32 36.51 -67.56 -24.35
N LYS C 33 36.80 -66.34 -23.96
CA LYS C 33 36.17 -65.19 -24.56
C LYS C 33 36.51 -65.14 -26.02
N GLU C 34 37.75 -65.48 -26.34
CA GLU C 34 38.19 -65.48 -27.72
C GLU C 34 37.42 -66.51 -28.54
N ALA C 35 37.14 -67.66 -27.92
CA ALA C 35 36.41 -68.72 -28.61
C ALA C 35 34.96 -68.31 -28.86
N ILE C 36 34.36 -67.73 -27.85
CA ILE C 36 32.98 -67.28 -27.95
C ILE C 36 32.85 -66.12 -28.92
N SER C 37 33.83 -65.23 -28.88
CA SER C 37 33.85 -64.06 -29.74
C SER C 37 33.88 -64.50 -31.20
N LYS C 38 34.59 -65.58 -31.48
CA LYS C 38 34.73 -66.02 -32.84
C LYS C 38 33.37 -66.55 -33.32
N ARG C 39 32.73 -67.36 -32.48
CA ARG C 39 31.44 -67.95 -32.82
C ARG C 39 30.37 -66.88 -32.99
N PHE C 40 30.32 -65.96 -32.03
CA PHE C 40 29.35 -64.88 -32.08
C PHE C 40 29.88 -63.72 -32.92
N LYS C 41 31.12 -63.83 -33.39
CA LYS C 41 31.71 -62.78 -34.20
C LYS C 41 31.77 -61.47 -33.43
N SER C 42 31.94 -61.57 -32.12
CA SER C 42 32.02 -60.39 -31.26
C SER C 42 33.47 -60.03 -30.97
N GLN C 43 33.67 -59.01 -30.14
CA GLN C 43 35.02 -58.57 -29.81
C GLN C 43 35.27 -58.72 -28.31
N THR C 44 36.50 -59.08 -27.95
CA THR C 44 36.85 -59.26 -26.55
C THR C 44 36.83 -57.92 -25.81
N ASP C 45 36.71 -56.83 -26.56
CA ASP C 45 36.68 -55.50 -25.98
C ASP C 45 35.32 -55.21 -25.36
N GLN C 46 34.29 -55.85 -25.92
CA GLN C 46 32.93 -55.64 -25.42
C GLN C 46 32.37 -56.91 -24.78
N LEU C 47 33.15 -57.98 -24.86
CA LEU C 47 32.73 -59.25 -24.30
C LEU C 47 32.94 -59.29 -22.79
N VAL C 48 31.84 -59.36 -22.05
CA VAL C 48 31.92 -59.41 -20.59
C VAL C 48 31.19 -60.64 -20.08
N LEU C 49 31.89 -61.48 -19.32
CA LEU C 49 31.27 -62.69 -18.80
C LEU C 49 30.69 -62.44 -17.41
N ILE C 50 29.68 -63.22 -17.06
CA ILE C 50 29.04 -63.08 -15.76
C ILE C 50 28.77 -64.45 -15.14
N PHE C 51 29.12 -64.60 -13.87
CA PHE C 51 28.90 -65.86 -13.17
C PHE C 51 28.99 -65.69 -11.66
N ALA C 52 28.15 -66.41 -10.92
CA ALA C 52 28.15 -66.32 -9.47
C ALA C 52 27.78 -64.92 -9.01
N GLY C 53 27.10 -64.18 -9.87
CA GLY C 53 26.70 -62.81 -9.52
C GLY C 53 27.87 -61.85 -9.64
N LYS C 54 28.92 -62.27 -10.35
CA LYS C 54 30.10 -61.44 -10.54
C LYS C 54 30.54 -61.44 -11.99
N ILE C 55 31.06 -60.31 -12.45
CA ILE C 55 31.52 -60.21 -13.82
C ILE C 55 32.90 -60.85 -13.98
N LEU C 56 33.00 -61.81 -14.89
CA LEU C 56 34.26 -62.48 -15.14
C LEU C 56 35.00 -61.81 -16.29
N LYS C 57 36.31 -61.61 -16.12
CA LYS C 57 37.12 -60.96 -17.14
C LYS C 57 38.12 -61.93 -17.74
N ASP C 58 38.77 -61.51 -18.81
CA ASP C 58 39.76 -62.35 -19.49
C ASP C 58 40.86 -62.77 -18.52
N GLN C 59 41.16 -61.91 -17.56
CA GLN C 59 42.21 -62.22 -16.59
C GLN C 59 41.80 -63.37 -15.68
N ASP C 60 40.49 -63.63 -15.59
CA ASP C 60 39.99 -64.71 -14.76
C ASP C 60 40.09 -66.05 -15.46
N THR C 61 39.93 -67.14 -14.70
CA THR C 61 40.01 -68.47 -15.26
C THR C 61 38.70 -69.23 -15.04
N LEU C 62 38.37 -70.12 -15.97
CA LEU C 62 37.13 -70.88 -15.88
C LEU C 62 37.15 -71.77 -14.65
N ILE C 63 38.21 -72.54 -14.48
CA ILE C 63 38.32 -73.43 -13.34
C ILE C 63 38.47 -72.65 -12.05
N GLN C 64 39.07 -71.49 -12.15
CA GLN C 64 39.26 -70.64 -11.00
C GLN C 64 37.91 -70.22 -10.45
N HIS C 65 36.96 -70.05 -11.35
CA HIS C 65 35.62 -69.65 -10.92
C HIS C 65 34.76 -70.87 -10.62
N GLY C 66 35.23 -72.05 -11.02
CA GLY C 66 34.47 -73.26 -10.78
C GLY C 66 33.72 -73.70 -12.04
N ILE C 67 34.08 -73.09 -13.16
CA ILE C 67 33.44 -73.42 -14.42
C ILE C 67 33.94 -74.76 -14.94
N HIS C 68 33.02 -75.69 -15.14
CA HIS C 68 33.38 -77.03 -15.62
C HIS C 68 32.45 -77.47 -16.74
N ASP C 69 32.41 -78.77 -17.01
CA ASP C 69 31.56 -79.30 -18.06
C ASP C 69 30.11 -79.29 -17.64
N GLY C 70 29.31 -78.52 -18.35
CA GLY C 70 27.89 -78.41 -18.06
C GLY C 70 27.55 -77.10 -17.34
N LEU C 71 28.58 -76.33 -16.99
CA LEU C 71 28.38 -75.07 -16.31
C LEU C 71 27.85 -74.02 -17.27
N THR C 72 27.07 -73.08 -16.74
CA THR C 72 26.49 -72.02 -17.56
C THR C 72 27.18 -70.69 -17.28
N VAL C 73 27.24 -69.84 -18.30
CA VAL C 73 27.86 -68.53 -18.15
C VAL C 73 26.99 -67.45 -18.80
N HIS C 74 27.02 -66.26 -18.22
CA HIS C 74 26.23 -65.16 -18.74
C HIS C 74 27.11 -64.19 -19.51
N LEU C 75 27.03 -64.28 -20.83
CA LEU C 75 27.83 -63.41 -21.69
C LEU C 75 27.09 -62.11 -21.98
N VAL C 76 27.80 -61.01 -21.84
CA VAL C 76 27.22 -59.71 -22.10
C VAL C 76 28.09 -58.92 -23.08
N ILE C 77 27.50 -58.56 -24.22
CA ILE C 77 28.23 -57.80 -25.24
C ILE C 77 27.69 -56.37 -25.30
N LYS C 78 28.51 -55.42 -24.87
CA LYS C 78 28.11 -54.02 -24.87
C LYS C 78 29.19 -53.16 -24.23
N MET A 1 26.41 26.03 -15.12
CA MET A 1 26.51 27.51 -15.06
C MET A 1 25.93 28.01 -13.75
N LEU A 2 24.84 27.39 -13.32
CA LEU A 2 24.19 27.78 -12.07
C LEU A 2 23.75 29.25 -12.13
N GLY A 3 23.55 29.74 -13.35
CA GLY A 3 23.12 31.12 -13.53
C GLY A 3 21.77 31.37 -12.87
N LEU A 4 20.87 30.41 -13.01
CA LEU A 4 19.54 30.53 -12.42
C LEU A 4 19.64 30.61 -10.90
N GLY A 5 20.47 29.75 -10.31
CA GLY A 5 20.63 29.74 -8.87
C GLY A 5 21.30 31.02 -8.38
N ALA A 6 22.29 31.49 -9.14
CA ALA A 6 23.01 32.70 -8.78
C ALA A 6 22.05 33.89 -8.76
N SER A 7 21.14 33.94 -9.72
CA SER A 7 20.17 35.02 -9.80
C SER A 7 19.25 35.02 -8.59
N ASP A 8 18.84 33.83 -8.17
CA ASP A 8 17.95 33.70 -7.02
C ASP A 8 18.61 34.24 -5.77
N PHE A 9 19.91 33.98 -5.63
CA PHE A 9 20.65 34.45 -4.45
C PHE A 9 21.14 35.89 -4.64
N GLU A 10 22.03 36.08 -5.59
CA GLU A 10 22.58 37.41 -5.86
C GLU A 10 23.10 38.06 -4.58
N PHE A 11 23.76 37.26 -3.74
CA PHE A 11 24.31 37.77 -2.49
C PHE A 11 23.24 38.54 -1.72
N GLY A 12 21.98 38.16 -1.93
CA GLY A 12 20.87 38.81 -1.26
C GLY A 12 20.50 38.07 0.03
N VAL A 13 21.40 37.19 0.48
CA VAL A 13 21.16 36.42 1.70
C VAL A 13 22.29 36.64 2.69
N ASP A 14 21.98 36.47 3.99
CA ASP A 14 22.96 36.65 5.05
C ASP A 14 22.41 36.20 6.40
N PRO A 15 22.98 35.18 7.02
CA PRO A 15 22.49 34.59 8.31
C PRO A 15 21.94 35.62 9.29
N SER A 16 22.69 36.72 9.46
CA SER A 16 22.29 37.78 10.38
C SER A 16 21.76 37.20 11.67
N ALA A 17 22.31 36.04 12.07
CA ALA A 17 21.84 35.38 13.27
C ALA A 17 23.00 34.87 14.12
N ASP A 18 23.72 33.87 13.60
CA ASP A 18 24.85 33.28 14.34
C ASP A 18 25.27 31.96 13.69
N PRO A 19 26.49 31.54 13.93
CA PRO A 19 27.05 30.28 13.33
C PRO A 19 26.26 29.05 13.75
N GLU A 20 25.70 29.07 14.95
CA GLU A 20 24.92 27.95 15.44
C GLU A 20 23.66 27.75 14.60
N LEU A 21 22.98 28.84 14.32
CA LEU A 21 21.77 28.78 13.53
C LEU A 21 22.09 28.29 12.13
N ALA A 22 23.18 28.82 11.58
CA ALA A 22 23.62 28.43 10.26
C ALA A 22 23.99 26.95 10.25
N LEU A 23 24.63 26.49 11.33
CA LEU A 23 25.00 25.10 11.43
C LEU A 23 23.76 24.22 11.49
N ALA A 24 22.76 24.67 12.26
CA ALA A 24 21.53 23.89 12.38
C ALA A 24 20.86 23.74 11.04
N LEU A 25 20.83 24.82 10.28
CA LEU A 25 20.23 24.81 8.96
C LEU A 25 21.06 23.95 8.02
N ARG A 26 22.38 24.03 8.19
CA ARG A 26 23.30 23.25 7.38
C ARG A 26 23.03 21.78 7.58
N VAL A 27 22.89 21.38 8.84
CA VAL A 27 22.62 19.99 9.13
C VAL A 27 21.25 19.62 8.61
N SER A 28 20.28 20.50 8.80
CA SER A 28 18.93 20.26 8.34
C SER A 28 18.93 20.05 6.83
N MET A 29 19.66 20.90 6.13
CA MET A 29 19.76 20.78 4.69
C MET A 29 20.41 19.44 4.33
N GLU A 30 21.42 19.07 5.10
CA GLU A 30 22.10 17.80 4.87
C GLU A 30 21.15 16.64 5.13
N GLU A 31 20.30 16.76 6.13
CA GLU A 31 19.34 15.70 6.44
C GLU A 31 18.44 15.46 5.24
N GLN A 32 17.99 16.54 4.62
CA GLN A 32 17.14 16.41 3.44
C GLN A 32 17.92 15.77 2.31
N ARG A 33 19.18 16.15 2.19
CA ARG A 33 20.06 15.60 1.17
C ARG A 33 20.20 14.09 1.37
N GLN A 34 20.35 13.69 2.62
CA GLN A 34 20.49 12.27 2.95
C GLN A 34 19.24 11.53 2.52
N ARG A 35 18.08 12.14 2.76
CA ARG A 35 16.82 11.53 2.37
C ARG A 35 16.78 11.35 0.85
N GLN A 36 17.31 12.34 0.14
CA GLN A 36 17.34 12.28 -1.30
C GLN A 36 18.20 11.11 -1.75
N GLU A 37 19.32 10.94 -1.05
CA GLU A 37 20.23 9.84 -1.37
C GLU A 37 19.57 8.50 -1.06
N GLU A 38 18.90 8.42 0.07
CA GLU A 38 18.24 7.19 0.47
C GLU A 38 17.14 6.84 -0.53
N GLU A 39 16.34 7.84 -0.89
CA GLU A 39 15.28 7.64 -1.86
C GLU A 39 15.85 7.34 -3.22
N ALA A 40 16.92 8.04 -3.55
CA ALA A 40 17.57 7.86 -4.83
C ALA A 40 18.10 6.44 -4.95
N ARG A 41 18.73 5.97 -3.89
CA ARG A 41 19.27 4.62 -3.84
C ARG A 41 18.14 3.59 -3.85
N ARG A 42 17.09 3.90 -3.10
CA ARG A 42 15.94 2.99 -3.02
C ARG A 42 15.36 2.78 -4.41
N ALA A 43 15.14 3.88 -5.12
CA ALA A 43 14.60 3.81 -6.46
C ALA A 43 15.57 3.04 -7.36
N ALA A 44 16.86 3.31 -7.18
CA ALA A 44 17.89 2.64 -7.96
C ALA A 44 17.83 1.13 -7.74
N ALA A 45 17.63 0.72 -6.49
CA ALA A 45 17.55 -0.70 -6.17
C ALA A 45 16.38 -1.34 -6.91
N ALA A 46 15.23 -0.66 -6.89
CA ALA A 46 14.04 -1.17 -7.57
C ALA A 46 14.28 -1.21 -9.08
N SER A 47 14.93 -0.16 -9.58
CA SER A 47 15.23 -0.05 -11.00
C SER A 47 16.14 -1.19 -11.45
N ALA A 48 17.12 -1.51 -10.63
CA ALA A 48 18.04 -2.59 -10.96
C ALA A 48 17.28 -3.89 -11.08
N ALA A 49 16.35 -4.10 -10.17
CA ALA A 49 15.53 -5.31 -10.17
C ALA A 49 14.69 -5.35 -11.44
N GLU A 50 14.13 -4.20 -11.82
CA GLU A 50 13.32 -4.14 -13.02
C GLU A 50 14.15 -4.44 -14.26
N ALA A 51 15.36 -3.89 -14.29
CA ALA A 51 16.25 -4.11 -15.42
C ALA A 51 16.65 -5.59 -15.49
N GLY A 52 16.91 -6.18 -14.34
CA GLY A 52 17.30 -7.59 -14.27
C GLY A 52 16.15 -8.50 -14.69
N ILE A 53 14.95 -8.15 -14.29
CA ILE A 53 13.77 -8.95 -14.62
C ILE A 53 13.12 -8.44 -15.90
N ALA A 54 12.98 -9.31 -16.88
CA ALA A 54 12.37 -8.92 -18.15
C ALA A 54 10.92 -8.50 -17.95
N THR A 55 10.55 -7.36 -18.53
CA THR A 55 9.19 -6.85 -18.42
C THR A 55 8.68 -6.40 -19.78
N THR A 56 7.35 -6.28 -19.90
CA THR A 56 6.74 -5.85 -21.15
C THR A 56 6.08 -4.49 -20.98
N GLY A 57 6.37 -3.57 -21.90
CA GLY A 57 5.80 -2.22 -21.84
C GLY A 57 4.74 -2.02 -22.89
N THR A 58 3.81 -2.97 -22.99
CA THR A 58 2.73 -2.88 -23.98
C THR A 58 1.77 -1.76 -23.60
N GLU A 59 1.47 -0.88 -24.55
CA GLU A 59 0.56 0.22 -24.30
C GLU A 59 -0.85 -0.12 -24.77
N ASP A 60 -1.40 -1.21 -24.23
CA ASP A 60 -2.73 -1.65 -24.60
C ASP A 60 -3.74 -1.32 -23.50
N SER A 61 -3.51 -0.19 -22.83
CA SER A 61 -4.39 0.24 -21.75
C SER A 61 -4.29 -0.71 -20.56
N ASP A 62 -3.08 -1.22 -20.32
CA ASP A 62 -2.86 -2.15 -19.22
C ASP A 62 -3.17 -1.48 -17.88
N ASP A 63 -2.73 -0.24 -17.72
CA ASP A 63 -2.95 0.49 -16.49
C ASP A 63 -4.43 0.72 -16.26
N ALA A 64 -5.14 1.06 -17.33
CA ALA A 64 -6.56 1.31 -17.24
C ALA A 64 -7.29 0.06 -16.77
N LEU A 65 -6.86 -1.08 -17.30
CA LEU A 65 -7.47 -2.35 -16.94
C LEU A 65 -7.28 -2.63 -15.45
N LEU A 66 -6.09 -2.32 -14.94
CA LEU A 66 -5.80 -2.55 -13.53
C LEU A 66 -6.77 -1.78 -12.64
N LYS A 67 -6.97 -0.50 -12.96
CA LYS A 67 -7.88 0.32 -12.18
C LYS A 67 -9.30 -0.21 -12.30
N MET A 68 -9.66 -0.65 -13.49
CA MET A 68 -11.00 -1.19 -13.72
C MET A 68 -11.19 -2.50 -12.94
N THR A 69 -10.12 -3.28 -12.82
CA THR A 69 -10.18 -4.55 -12.09
C THR A 69 -10.56 -4.33 -10.64
N ILE A 70 -9.89 -3.38 -9.99
CA ILE A 70 -10.18 -3.09 -8.59
C ILE A 70 -11.54 -2.42 -8.45
N SER A 71 -11.94 -1.68 -9.48
CA SER A 71 -13.23 -1.01 -9.46
C SER A 71 -14.36 -2.01 -9.33
N GLN A 72 -14.31 -3.08 -10.12
CA GLN A 72 -15.33 -4.11 -10.08
C GLN A 72 -15.30 -4.84 -8.73
N GLN A 73 -14.10 -5.10 -8.25
CA GLN A 73 -13.95 -5.78 -6.97
C GLN A 73 -14.52 -4.94 -5.84
N GLU A 74 -14.31 -3.63 -5.91
CA GLU A 74 -14.80 -2.73 -4.87
C GLU A 74 -16.33 -2.78 -4.80
N PHE A 75 -16.97 -2.81 -5.96
CA PHE A 75 -18.43 -2.87 -6.01
C PHE A 75 -18.88 -3.86 -7.07
N GLY A 76 -18.45 -3.62 -8.31
CA GLY A 76 -18.79 -4.51 -9.41
C GLY A 76 -20.31 -4.66 -9.54
N ARG A 77 -21.03 -3.56 -9.35
CA ARG A 77 -22.48 -3.58 -9.45
C ARG A 77 -23.05 -4.64 -8.52
N THR A 78 -22.67 -4.58 -7.25
CA THR A 78 -23.13 -5.57 -6.28
C THR A 78 -22.56 -6.93 -6.61
N GLY A 79 -21.43 -6.95 -7.31
CA GLY A 79 -20.79 -8.19 -7.69
C GLY A 79 -21.53 -8.88 -8.83
N LEU A 80 -22.32 -8.12 -9.57
CA LEU A 80 -23.05 -8.69 -10.70
C LEU A 80 -23.93 -9.85 -10.27
N PRO A 81 -25.09 -9.58 -9.75
CA PRO A 81 -26.04 -10.63 -9.30
C PRO A 81 -26.18 -11.73 -10.34
N ASP A 82 -25.95 -11.38 -11.60
CA ASP A 82 -26.06 -12.36 -12.67
C ASP A 82 -25.05 -13.49 -12.43
N LEU A 83 -25.53 -14.73 -12.48
CA LEU A 83 -24.66 -15.88 -12.27
C LEU A 83 -23.68 -16.05 -13.43
N SER A 84 -24.19 -15.87 -14.65
CA SER A 84 -23.36 -16.01 -15.84
C SER A 84 -22.24 -14.97 -15.82
N SER A 85 -22.58 -13.75 -15.41
CA SER A 85 -21.60 -12.67 -15.36
C SER A 85 -20.50 -13.00 -14.36
N MET A 86 -20.88 -13.58 -13.22
CA MET A 86 -19.92 -13.94 -12.20
C MET A 86 -19.04 -15.10 -12.66
N THR A 87 -17.78 -15.07 -12.25
CA THR A 87 -16.84 -16.12 -12.63
C THR A 87 -17.00 -17.32 -11.71
N GLU A 88 -16.33 -18.41 -12.06
CA GLU A 88 -16.42 -19.63 -11.26
C GLU A 88 -15.99 -19.36 -9.82
N GLU A 89 -14.96 -18.55 -9.65
CA GLU A 89 -14.48 -18.21 -8.32
C GLU A 89 -15.53 -17.42 -7.56
N GLU A 90 -16.23 -16.53 -8.26
CA GLU A 90 -17.27 -15.72 -7.65
C GLU A 90 -18.41 -16.61 -7.15
N GLN A 91 -18.79 -17.59 -7.97
CA GLN A 91 -19.85 -18.51 -7.61
C GLN A 91 -19.41 -19.40 -6.45
N ILE A 92 -18.16 -19.84 -6.52
CA ILE A 92 -17.60 -20.67 -5.47
C ILE A 92 -17.59 -19.92 -4.15
N ALA A 93 -17.15 -18.67 -4.20
CA ALA A 93 -17.09 -17.84 -3.00
C ALA A 93 -18.49 -17.66 -2.41
N TYR A 94 -19.48 -17.49 -3.27
CA TYR A 94 -20.85 -17.29 -2.82
C TYR A 94 -21.31 -18.48 -1.97
N ALA A 95 -21.06 -19.68 -2.48
CA ALA A 95 -21.45 -20.91 -1.77
C ALA A 95 -20.71 -21.01 -0.43
N MET A 96 -19.44 -20.63 -0.44
CA MET A 96 -18.63 -20.69 0.76
C MET A 96 -19.17 -19.76 1.83
N GLN A 97 -19.63 -18.59 1.41
CA GLN A 97 -20.17 -17.62 2.34
C GLN A 97 -21.40 -18.18 3.04
N MET A 98 -22.25 -18.86 2.26
CA MET A 98 -23.46 -19.45 2.82
C MET A 98 -23.09 -20.54 3.82
N SER A 99 -22.06 -21.32 3.50
CA SER A 99 -21.63 -22.39 4.39
C SER A 99 -21.12 -21.83 5.71
N LEU A 100 -20.39 -20.73 5.62
CA LEU A 100 -19.84 -20.10 6.82
C LEU A 100 -20.94 -19.70 7.78
N GLN A 101 -21.98 -19.07 7.25
CA GLN A 101 -23.10 -18.64 8.08
C GLN A 101 -23.78 -19.86 8.73
N GLY A 102 -23.97 -20.91 7.94
CA GLY A 102 -24.59 -22.13 8.45
C GLY A 102 -23.77 -22.76 9.55
N ALA A 103 -22.45 -22.75 9.38
CA ALA A 103 -21.55 -23.34 10.38
C ALA A 103 -21.71 -22.65 11.71
N GLU A 104 -21.87 -21.33 11.69
CA GLU A 104 -22.03 -20.56 12.92
C GLU A 104 -20.87 -20.80 13.87
N PHE A 105 -19.66 -20.46 13.43
CA PHE A 105 -18.47 -20.64 14.25
C PHE A 105 -18.59 -19.81 15.53
N GLY A 106 -19.17 -18.63 15.42
CA GLY A 106 -19.33 -17.75 16.57
C GLY A 106 -18.20 -16.71 16.64
N GLN A 107 -17.19 -16.87 15.79
CA GLN A 107 -16.08 -15.94 15.77
C GLN A 107 -16.09 -15.13 14.48
N ALA A 108 -16.02 -13.81 14.61
CA ALA A 108 -16.03 -12.93 13.44
C ALA A 108 -14.82 -13.20 12.55
N GLU A 109 -13.67 -13.40 13.18
CA GLU A 109 -12.44 -13.66 12.44
C GLU A 109 -11.96 -15.09 12.67
N SER A 110 -11.67 -15.78 11.58
CA SER A 110 -11.20 -17.16 11.67
C SER A 110 -10.25 -17.48 10.51
N ALA A 111 -9.24 -18.30 10.80
CA ALA A 111 -8.27 -18.68 9.78
C ALA A 111 -8.54 -20.08 9.27
N ALA B 1 -3.28 5.23 3.25
CA ALA B 1 -3.40 5.96 1.96
C ALA B 1 -3.86 7.39 2.23
N PRO B 2 -3.79 8.26 1.24
CA PRO B 2 -4.22 9.68 1.36
C PRO B 2 -5.65 9.82 1.86
N ALA B 3 -6.45 8.78 1.59
CA ALA B 3 -7.85 8.80 2.01
C ALA B 3 -7.96 8.93 3.52
N GLU B 4 -7.06 8.27 4.24
CA GLU B 4 -7.08 8.33 5.69
C GLU B 4 -5.77 8.89 6.24
N PRO B 5 -5.79 9.52 7.39
CA PRO B 5 -4.57 10.10 8.02
C PRO B 5 -3.54 9.03 8.41
N LYS B 6 -2.36 9.48 8.84
CA LYS B 6 -1.29 8.56 9.24
C LYS B 6 -0.33 9.23 10.20
N ILE B 7 0.02 8.54 11.27
CA ILE B 7 0.94 9.09 12.26
C ILE B 7 2.37 9.03 11.76
N ILE B 8 3.10 10.12 11.94
CA ILE B 8 4.49 10.19 11.52
C ILE B 8 5.40 10.41 12.70
N LYS B 9 6.60 9.84 12.62
CA LYS B 9 7.55 10.00 13.70
C LYS B 9 8.66 10.93 13.29
N VAL B 10 8.72 12.10 13.91
CA VAL B 10 9.75 13.08 13.59
C VAL B 10 10.80 13.11 14.69
N THR B 11 12.06 13.08 14.29
CA THR B 11 13.15 13.12 15.24
C THR B 11 13.51 14.57 15.53
N VAL B 12 13.24 15.01 16.74
CA VAL B 12 13.54 16.38 17.12
C VAL B 12 14.87 16.46 17.84
N LYS B 13 15.77 17.30 17.34
CA LYS B 13 17.07 17.43 17.98
C LYS B 13 17.13 18.74 18.75
N THR B 14 17.62 18.67 19.99
CA THR B 14 17.72 19.86 20.82
C THR B 14 19.12 19.99 21.40
N PRO B 15 19.49 21.16 21.85
CA PRO B 15 20.82 21.40 22.46
C PRO B 15 21.07 20.52 23.69
N LYS B 16 20.02 19.88 24.19
CA LYS B 16 20.16 19.02 25.34
C LYS B 16 20.18 17.56 24.90
N GLU B 17 19.32 17.25 23.93
CA GLU B 17 19.22 15.89 23.42
C GLU B 17 18.20 15.82 22.26
N LYS B 18 17.96 14.62 21.72
CA LYS B 18 17.00 14.48 20.62
C LYS B 18 16.00 13.40 20.98
N GLU B 19 14.80 13.52 20.44
CA GLU B 19 13.79 12.51 20.72
C GLU B 19 12.76 12.45 19.59
N GLU B 20 12.31 11.24 19.27
CA GLU B 20 11.32 11.07 18.22
C GLU B 20 9.90 11.24 18.75
N PHE B 21 9.11 12.00 18.02
CA PHE B 21 7.72 12.26 18.40
C PHE B 21 6.77 11.76 17.32
N ALA B 22 5.75 11.01 17.73
CA ALA B 22 4.78 10.48 16.77
C ALA B 22 3.53 11.35 16.75
N VAL B 23 3.19 11.92 15.59
CA VAL B 23 2.00 12.76 15.50
C VAL B 23 1.38 12.66 14.11
N PRO B 24 0.11 12.91 13.97
CA PRO B 24 -0.57 12.86 12.66
C PRO B 24 0.20 13.60 11.56
N GLU B 25 0.29 12.97 10.38
CA GLU B 25 1.01 13.57 9.26
C GLU B 25 0.43 14.92 8.88
N ASN B 26 -0.83 15.13 9.22
CA ASN B 26 -1.49 16.39 8.91
C ASN B 26 -1.52 17.30 10.12
N SER B 27 -0.63 17.04 11.07
CA SER B 27 -0.57 17.84 12.28
C SER B 27 0.00 19.23 11.97
N SER B 28 -0.28 20.17 12.87
CA SER B 28 0.21 21.53 12.70
C SER B 28 1.46 21.74 13.53
N VAL B 29 2.22 22.76 13.17
CA VAL B 29 3.44 23.06 13.90
C VAL B 29 3.12 23.37 15.36
N GLN B 30 2.05 24.11 15.58
CA GLN B 30 1.65 24.48 16.92
C GLN B 30 1.40 23.24 17.77
N GLN B 31 0.74 22.23 17.19
CA GLN B 31 0.46 21.01 17.93
C GLN B 31 1.76 20.27 18.23
N PHE B 32 2.65 20.26 17.25
CA PHE B 32 3.94 19.60 17.41
C PHE B 32 4.76 20.30 18.48
N LYS B 33 4.79 21.63 18.44
CA LYS B 33 5.54 22.39 19.42
C LYS B 33 5.01 22.12 20.81
N GLU B 34 3.70 21.97 20.93
CA GLU B 34 3.11 21.70 22.24
C GLU B 34 3.60 20.36 22.78
N ALA B 35 3.65 19.37 21.90
CA ALA B 35 4.10 18.04 22.29
C ALA B 35 5.58 18.06 22.65
N ILE B 36 6.35 18.78 21.86
CA ILE B 36 7.78 18.89 22.08
C ILE B 36 8.07 19.65 23.37
N SER B 37 7.31 20.71 23.60
CA SER B 37 7.50 21.52 24.79
C SER B 37 7.12 20.74 26.02
N LYS B 38 6.24 19.76 25.85
CA LYS B 38 5.82 18.94 26.98
C LYS B 38 6.95 18.01 27.42
N ARG B 39 7.58 17.34 26.44
CA ARG B 39 8.66 16.41 26.74
C ARG B 39 9.85 17.13 27.34
N PHE B 40 10.22 18.24 26.73
CA PHE B 40 11.34 19.04 27.21
C PHE B 40 10.89 20.00 28.30
N LYS B 41 9.58 20.10 28.51
CA LYS B 41 9.06 21.00 29.54
C LYS B 41 9.48 22.44 29.26
N SER B 42 9.45 22.80 27.98
CA SER B 42 9.84 24.13 27.55
C SER B 42 8.60 24.94 27.16
N GLN B 43 8.81 26.12 26.57
CA GLN B 43 7.70 26.96 26.16
C GLN B 43 7.68 27.11 24.64
N THR B 44 6.50 27.07 24.06
CA THR B 44 6.36 27.21 22.61
C THR B 44 6.64 28.64 22.15
N ASP B 45 6.88 29.53 23.12
CA ASP B 45 7.16 30.93 22.80
C ASP B 45 8.63 31.12 22.49
N GLN B 46 9.46 30.15 22.89
CA GLN B 46 10.89 30.24 22.63
C GLN B 46 11.36 29.09 21.73
N LEU B 47 10.52 28.06 21.60
CA LEU B 47 10.84 26.91 20.77
C LEU B 47 10.72 27.26 19.29
N VAL B 48 11.82 27.12 18.56
CA VAL B 48 11.83 27.41 17.13
C VAL B 48 12.29 26.17 16.37
N LEU B 49 11.47 25.68 15.47
CA LEU B 49 11.84 24.49 14.71
C LEU B 49 12.55 24.87 13.42
N ILE B 50 13.44 24.00 12.97
CA ILE B 50 14.18 24.26 11.74
C ILE B 50 14.16 23.05 10.82
N PHE B 51 13.79 23.28 9.56
CA PHE B 51 13.74 22.19 8.60
C PHE B 51 13.82 22.71 7.16
N ALA B 52 14.50 21.97 6.30
CA ALA B 52 14.65 22.36 4.90
C ALA B 52 15.35 23.71 4.78
N GLY B 53 16.09 24.07 5.80
CA GLY B 53 16.81 25.35 5.79
C GLY B 53 15.86 26.50 6.11
N LYS B 54 14.67 26.17 6.61
CA LYS B 54 13.69 27.19 6.96
C LYS B 54 13.14 26.95 8.36
N ILE B 55 12.92 28.03 9.08
CA ILE B 55 12.39 27.93 10.43
C ILE B 55 10.89 27.66 10.38
N LEU B 56 10.47 26.65 11.14
CA LEU B 56 9.06 26.29 11.21
C LEU B 56 8.43 26.92 12.45
N LYS B 57 7.25 27.51 12.26
CA LYS B 57 6.54 28.16 13.35
C LYS B 57 5.10 27.67 13.42
N ASP B 58 4.39 28.10 14.46
CA ASP B 58 3.00 27.72 14.64
C ASP B 58 2.12 28.22 13.49
N GLN B 59 2.65 29.12 12.69
CA GLN B 59 1.90 29.66 11.56
C GLN B 59 1.96 28.71 10.36
N ASP B 60 2.81 27.67 10.45
CA ASP B 60 2.94 26.72 9.36
C ASP B 60 2.57 25.30 9.83
N THR B 61 2.48 24.37 8.88
CA THR B 61 2.14 22.99 9.20
C THR B 61 3.34 22.08 8.94
N LEU B 62 3.37 20.92 9.60
CA LEU B 62 4.48 20.00 9.42
C LEU B 62 4.54 19.47 8.00
N ILE B 63 3.40 19.00 7.51
CA ILE B 63 3.33 18.47 6.15
C ILE B 63 3.51 19.56 5.11
N GLN B 64 3.10 20.75 5.49
CA GLN B 64 3.24 21.88 4.59
C GLN B 64 4.71 22.18 4.38
N HIS B 65 5.50 21.92 5.42
CA HIS B 65 6.94 22.16 5.32
C HIS B 65 7.63 20.95 4.71
N GLY B 66 6.94 19.82 4.65
CA GLY B 66 7.54 18.63 4.09
C GLY B 66 7.99 17.68 5.20
N ILE B 67 7.58 17.98 6.43
CA ILE B 67 7.95 17.14 7.55
C ILE B 67 7.06 15.91 7.61
N HIS B 68 7.67 14.74 7.47
CA HIS B 68 6.92 13.49 7.50
C HIS B 68 7.55 12.51 8.48
N ASP B 69 7.24 11.22 8.33
CA ASP B 69 7.78 10.21 9.22
C ASP B 69 9.24 9.90 8.88
N GLY B 70 10.04 9.65 9.90
CA GLY B 70 11.44 9.32 9.70
C GLY B 70 12.24 10.55 9.27
N LEU B 71 11.71 11.73 9.57
CA LEU B 71 12.38 12.97 9.21
C LEU B 71 12.96 13.64 10.46
N THR B 72 14.12 14.27 10.30
CA THR B 72 14.77 14.94 11.43
C THR B 72 14.44 16.43 11.42
N VAL B 73 14.32 17.00 12.61
CA VAL B 73 14.02 18.42 12.75
C VAL B 73 14.98 19.05 13.74
N HIS B 74 15.36 20.29 13.49
CA HIS B 74 16.27 20.99 14.37
C HIS B 74 15.50 21.92 15.31
N LEU B 75 15.50 21.57 16.58
CA LEU B 75 14.79 22.38 17.57
C LEU B 75 15.75 23.38 18.19
N VAL B 76 15.37 24.65 18.15
CA VAL B 76 16.19 25.71 18.71
C VAL B 76 15.41 26.49 19.77
N ILE B 77 15.93 26.49 21.00
CA ILE B 77 15.27 27.22 22.07
C ILE B 77 16.00 28.52 22.33
N LYS B 78 15.25 29.62 22.33
CA LYS B 78 15.83 30.94 22.55
C LYS B 78 14.83 31.85 23.27
N ALA C 1 -25.90 -54.98 10.51
CA ALA C 1 -25.72 -53.52 10.70
C ALA C 1 -24.30 -53.22 11.22
N PRO C 2 -23.90 -53.73 12.38
CA PRO C 2 -22.54 -53.46 12.93
C PRO C 2 -21.44 -54.03 12.05
N ALA C 3 -21.80 -54.97 11.18
CA ALA C 3 -20.83 -55.58 10.28
C ALA C 3 -20.21 -54.53 9.37
N GLU C 4 -21.02 -53.56 8.94
CA GLU C 4 -20.54 -52.51 8.05
C GLU C 4 -20.92 -51.13 8.58
N PRO C 5 -20.26 -50.09 8.13
CA PRO C 5 -20.53 -48.70 8.56
C PRO C 5 -21.97 -48.28 8.30
N LYS C 6 -22.34 -47.11 8.81
CA LYS C 6 -23.70 -46.60 8.63
C LYS C 6 -23.79 -45.61 7.49
N ILE C 7 -24.79 -45.78 6.64
CA ILE C 7 -24.99 -44.89 5.50
C ILE C 7 -25.58 -43.56 5.96
N ILE C 8 -25.06 -42.49 5.39
CA ILE C 8 -25.50 -41.16 5.73
C ILE C 8 -26.04 -40.43 4.51
N LYS C 9 -27.02 -39.56 4.73
CA LYS C 9 -27.59 -38.82 3.63
C LYS C 9 -27.11 -37.37 3.66
N VAL C 10 -26.34 -37.00 2.66
CA VAL C 10 -25.82 -35.64 2.57
C VAL C 10 -26.59 -34.85 1.53
N THR C 11 -26.97 -33.63 1.89
CA THR C 11 -27.71 -32.79 0.96
C THR C 11 -26.74 -31.94 0.17
N VAL C 12 -26.65 -32.21 -1.13
CA VAL C 12 -25.75 -31.46 -1.98
C VAL C 12 -26.51 -30.34 -2.67
N LYS C 13 -25.91 -29.16 -2.71
CA LYS C 13 -26.56 -28.02 -3.35
C LYS C 13 -25.78 -27.60 -4.58
N THR C 14 -26.29 -27.99 -5.74
CA THR C 14 -25.66 -27.65 -7.00
C THR C 14 -26.03 -26.23 -7.39
N PRO C 15 -25.28 -25.63 -8.28
CA PRO C 15 -25.55 -24.24 -8.75
C PRO C 15 -26.95 -24.07 -9.36
N LYS C 16 -27.66 -25.17 -9.54
CA LYS C 16 -28.98 -25.12 -10.13
C LYS C 16 -30.04 -25.54 -9.13
N GLU C 17 -29.73 -26.59 -8.36
CA GLU C 17 -30.67 -27.14 -7.37
C GLU C 17 -29.98 -27.78 -6.17
N LYS C 18 -30.57 -28.87 -5.62
CA LYS C 18 -29.93 -29.62 -4.55
C LYS C 18 -30.50 -31.02 -4.54
N GLU C 19 -29.72 -31.97 -4.07
CA GLU C 19 -30.18 -33.35 -4.01
C GLU C 19 -29.54 -34.10 -2.85
N GLU C 20 -30.32 -34.95 -2.20
CA GLU C 20 -29.80 -35.74 -1.07
C GLU C 20 -29.24 -37.07 -1.56
N PHE C 21 -28.00 -37.34 -1.20
CA PHE C 21 -27.34 -38.58 -1.59
C PHE C 21 -26.99 -39.42 -0.38
N ALA C 22 -27.27 -40.72 -0.44
CA ALA C 22 -26.96 -41.62 0.67
C ALA C 22 -25.65 -42.35 0.41
N VAL C 23 -24.68 -42.20 1.31
CA VAL C 23 -23.40 -42.87 1.15
C VAL C 23 -22.82 -43.27 2.50
N PRO C 24 -21.99 -44.26 2.56
CA PRO C 24 -21.38 -44.73 3.84
C PRO C 24 -20.79 -43.57 4.64
N GLU C 25 -20.99 -43.60 5.94
CA GLU C 25 -20.45 -42.54 6.80
C GLU C 25 -18.94 -42.41 6.64
N ASN C 26 -18.32 -43.45 6.09
CA ASN C 26 -16.87 -43.43 5.88
C ASN C 26 -16.54 -43.23 4.42
N SER C 27 -17.48 -42.66 3.67
CA SER C 27 -17.25 -42.43 2.26
C SER C 27 -16.31 -41.25 2.06
N SER C 28 -15.44 -41.37 1.06
CA SER C 28 -14.49 -40.32 0.75
C SER C 28 -15.10 -39.30 -0.18
N VAL C 29 -14.44 -38.17 -0.32
CA VAL C 29 -14.93 -37.12 -1.19
C VAL C 29 -15.02 -37.65 -2.62
N GLN C 30 -14.02 -38.42 -3.03
CA GLN C 30 -14.00 -38.99 -4.36
C GLN C 30 -15.23 -39.84 -4.60
N GLN C 31 -15.57 -40.67 -3.62
CA GLN C 31 -16.74 -41.53 -3.76
C GLN C 31 -18.01 -40.70 -3.82
N PHE C 32 -18.05 -39.66 -3.00
CA PHE C 32 -19.20 -38.77 -2.96
C PHE C 32 -19.35 -38.03 -4.28
N LYS C 33 -18.23 -37.54 -4.81
CA LYS C 33 -18.26 -36.83 -6.07
C LYS C 33 -18.78 -37.75 -7.15
N GLU C 34 -18.39 -39.02 -7.09
CA GLU C 34 -18.84 -39.97 -8.08
C GLU C 34 -20.36 -40.15 -8.02
N ALA C 35 -20.92 -40.14 -6.81
CA ALA C 35 -22.35 -40.31 -6.64
C ALA C 35 -23.12 -39.12 -7.19
N ILE C 36 -22.65 -37.93 -6.84
CA ILE C 36 -23.26 -36.70 -7.30
C ILE C 36 -23.08 -36.53 -8.81
N SER C 37 -21.89 -36.86 -9.29
CA SER C 37 -21.56 -36.73 -10.68
C SER C 37 -22.43 -37.66 -11.52
N LYS C 38 -22.86 -38.76 -10.91
CA LYS C 38 -23.71 -39.70 -11.63
C LYS C 38 -25.10 -39.11 -11.81
N ARG C 39 -25.67 -38.58 -10.74
CA ARG C 39 -27.01 -38.00 -10.79
C ARG C 39 -27.05 -36.80 -11.73
N PHE C 40 -26.07 -35.93 -11.59
CA PHE C 40 -26.00 -34.75 -12.44
C PHE C 40 -25.26 -35.04 -13.74
N LYS C 41 -24.69 -36.24 -13.85
CA LYS C 41 -23.96 -36.62 -15.05
C LYS C 41 -22.82 -35.63 -15.31
N SER C 42 -22.15 -35.22 -14.24
CA SER C 42 -21.04 -34.29 -14.33
C SER C 42 -19.71 -35.03 -14.22
N GLN C 43 -18.60 -34.28 -14.21
CA GLN C 43 -17.29 -34.90 -14.12
C GLN C 43 -16.66 -34.52 -12.78
N THR C 44 -16.00 -35.48 -12.15
CA THR C 44 -15.35 -35.22 -10.87
C THR C 44 -14.20 -34.23 -11.03
N ASP C 45 -13.79 -33.98 -12.27
CA ASP C 45 -12.71 -33.05 -12.54
C ASP C 45 -13.21 -31.61 -12.49
N GLN C 46 -14.49 -31.43 -12.81
CA GLN C 46 -15.07 -30.09 -12.81
C GLN C 46 -15.93 -29.87 -11.56
N LEU C 47 -16.26 -30.96 -10.87
CA LEU C 47 -17.08 -30.88 -9.66
C LEU C 47 -16.23 -30.48 -8.46
N VAL C 48 -16.65 -29.42 -7.77
CA VAL C 48 -15.94 -28.94 -6.60
C VAL C 48 -16.88 -28.82 -5.42
N LEU C 49 -16.51 -29.39 -4.28
CA LEU C 49 -17.37 -29.34 -3.12
C LEU C 49 -16.96 -28.20 -2.18
N ILE C 50 -17.92 -27.67 -1.46
CA ILE C 50 -17.65 -26.58 -0.53
C ILE C 50 -18.30 -26.84 0.81
N PHE C 51 -17.51 -26.72 1.88
CA PHE C 51 -18.03 -26.95 3.23
C PHE C 51 -17.16 -26.27 4.28
N ALA C 52 -17.79 -25.75 5.33
CA ALA C 52 -17.07 -25.08 6.41
C ALA C 52 -16.29 -23.89 5.88
N GLY C 53 -16.74 -23.34 4.75
CA GLY C 53 -16.08 -22.19 4.16
C GLY C 53 -14.80 -22.61 3.44
N LYS C 54 -14.65 -23.91 3.20
CA LYS C 54 -13.47 -24.42 2.54
C LYS C 54 -13.85 -25.45 1.48
N ILE C 55 -13.18 -25.38 0.34
CA ILE C 55 -13.45 -26.32 -0.74
C ILE C 55 -12.94 -27.71 -0.40
N LEU C 56 -13.74 -28.70 -0.73
CA LEU C 56 -13.38 -30.09 -0.46
C LEU C 56 -13.08 -30.80 -1.78
N LYS C 57 -12.04 -31.63 -1.76
CA LYS C 57 -11.64 -32.38 -2.94
C LYS C 57 -11.56 -33.87 -2.64
N ASP C 58 -11.26 -34.66 -3.67
CA ASP C 58 -11.14 -36.11 -3.51
C ASP C 58 -10.06 -36.47 -2.49
N GLN C 59 -9.15 -35.54 -2.25
CA GLN C 59 -8.08 -35.76 -1.29
C GLN C 59 -8.60 -35.77 0.15
N ASP C 60 -9.82 -35.25 0.34
CA ASP C 60 -10.41 -35.20 1.67
C ASP C 60 -11.52 -36.25 1.82
N THR C 61 -11.97 -36.45 3.06
CA THR C 61 -13.02 -37.42 3.35
C THR C 61 -14.24 -36.71 3.95
N LEU C 62 -15.42 -37.29 3.73
CA LEU C 62 -16.64 -36.69 4.24
C LEU C 62 -16.65 -36.65 5.76
N ILE C 63 -16.37 -37.78 6.38
CA ILE C 63 -16.34 -37.85 7.83
C ILE C 63 -15.18 -37.07 8.40
N GLN C 64 -14.13 -36.97 7.63
CA GLN C 64 -12.95 -36.23 8.05
C GLN C 64 -13.35 -34.77 8.22
N HIS C 65 -14.25 -34.31 7.37
CA HIS C 65 -14.70 -32.92 7.47
C HIS C 65 -15.84 -32.79 8.47
N GLY C 66 -16.42 -33.91 8.86
CA GLY C 66 -17.53 -33.87 9.81
C GLY C 66 -18.86 -34.07 9.10
N ILE C 67 -18.79 -34.50 7.83
CA ILE C 67 -20.00 -34.73 7.05
C ILE C 67 -20.66 -36.02 7.49
N HIS C 68 -21.92 -35.92 7.92
CA HIS C 68 -22.65 -37.11 8.37
C HIS C 68 -24.06 -37.14 7.77
N ASP C 69 -24.94 -37.92 8.38
CA ASP C 69 -26.30 -38.03 7.88
C ASP C 69 -27.11 -36.79 8.25
N GLY C 70 -27.43 -36.01 7.23
CA GLY C 70 -28.20 -34.79 7.43
C GLY C 70 -27.34 -33.55 7.21
N LEU C 71 -26.07 -33.74 6.89
CA LEU C 71 -25.18 -32.63 6.65
C LEU C 71 -25.39 -32.05 5.26
N THR C 72 -25.10 -30.76 5.11
CA THR C 72 -25.27 -30.10 3.81
C THR C 72 -23.92 -29.82 3.17
N VAL C 73 -23.89 -29.84 1.84
CA VAL C 73 -22.66 -29.59 1.10
C VAL C 73 -22.96 -28.68 -0.10
N HIS C 74 -22.00 -27.83 -0.44
CA HIS C 74 -22.17 -26.91 -1.57
C HIS C 74 -21.42 -27.45 -2.78
N LEU C 75 -22.16 -27.79 -3.82
CA LEU C 75 -21.55 -28.32 -5.04
C LEU C 75 -21.36 -27.21 -6.07
N VAL C 76 -20.15 -27.11 -6.60
CA VAL C 76 -19.86 -26.09 -7.59
C VAL C 76 -19.20 -26.71 -8.81
N ILE C 77 -19.77 -26.45 -9.99
CA ILE C 77 -19.21 -26.99 -11.23
C ILE C 77 -18.39 -25.93 -11.93
N LYS C 78 -17.18 -26.32 -12.36
CA LYS C 78 -16.29 -25.40 -13.05
C LYS C 78 -16.98 -24.80 -14.27
N MET A 1 18.84 46.25 32.21
CA MET A 1 19.24 47.05 31.01
C MET A 1 18.27 46.76 29.87
N LEU A 2 17.78 47.83 29.24
CA LEU A 2 16.84 47.68 28.13
C LEU A 2 17.50 46.93 26.98
N GLY A 3 18.77 47.24 26.73
CA GLY A 3 19.51 46.59 25.65
C GLY A 3 18.83 46.84 24.31
N LEU A 4 18.63 45.77 23.54
CA LEU A 4 17.99 45.89 22.24
C LEU A 4 18.72 46.92 21.38
N GLY A 5 20.00 46.68 21.14
CA GLY A 5 20.81 47.60 20.33
C GLY A 5 20.80 47.17 18.85
N ALA A 6 20.01 46.15 18.53
CA ALA A 6 19.95 45.66 17.16
C ALA A 6 21.30 45.08 16.73
N SER A 7 22.20 44.90 17.70
CA SER A 7 23.51 44.34 17.40
C SER A 7 23.43 42.81 17.27
N ASP A 8 22.33 42.25 17.73
CA ASP A 8 22.15 40.80 17.65
C ASP A 8 21.92 40.37 16.20
N PHE A 9 21.60 41.34 15.34
CA PHE A 9 21.36 41.04 13.93
C PHE A 9 22.33 41.80 13.03
N GLU A 10 22.65 43.03 13.42
CA GLU A 10 23.67 43.82 12.71
C GLU A 10 22.90 44.02 11.38
N PHE A 11 23.33 43.29 10.35
CA PHE A 11 22.83 43.50 9.01
C PHE A 11 21.76 42.48 8.66
N GLY A 12 21.12 41.93 9.70
CA GLY A 12 20.08 40.93 9.48
C GLY A 12 20.70 39.55 9.27
N VAL A 13 21.95 39.39 9.68
CA VAL A 13 22.63 38.11 9.53
C VAL A 13 22.52 37.27 10.78
N ASP A 14 21.30 36.89 11.12
CA ASP A 14 21.08 36.00 12.26
C ASP A 14 21.99 34.76 12.26
N PRO A 15 22.11 34.05 11.16
CA PRO A 15 22.99 32.85 11.08
C PRO A 15 24.43 33.15 11.48
N SER A 16 24.93 34.29 11.01
CA SER A 16 26.30 34.69 11.32
C SER A 16 26.46 34.96 12.81
N ALA A 17 25.46 35.62 13.39
CA ALA A 17 25.51 35.96 14.81
C ALA A 17 25.54 34.70 15.67
N ASP A 18 24.74 33.71 15.30
CA ASP A 18 24.68 32.45 16.04
C ASP A 18 25.26 31.30 15.21
N PRO A 19 26.42 30.77 15.56
CA PRO A 19 27.05 29.64 14.79
C PRO A 19 26.18 28.39 14.79
N GLU A 20 25.30 28.30 15.77
CA GLU A 20 24.41 27.15 15.88
C GLU A 20 23.47 27.09 14.68
N LEU A 21 22.99 28.26 14.26
CA LEU A 21 22.08 28.32 13.12
C LEU A 21 22.78 27.78 11.88
N ALA A 22 24.05 28.12 11.74
CA ALA A 22 24.84 27.65 10.61
C ALA A 22 24.91 26.13 10.64
N LEU A 23 25.11 25.58 11.83
CA LEU A 23 25.17 24.13 11.97
C LEU A 23 23.81 23.51 11.71
N ALA A 24 22.76 24.17 12.18
CA ALA A 24 21.41 23.66 11.99
C ALA A 24 21.07 23.60 10.51
N LEU A 25 21.46 24.65 9.77
CA LEU A 25 21.20 24.70 8.34
C LEU A 25 21.96 23.59 7.63
N ARG A 26 23.23 23.44 7.98
CA ARG A 26 24.08 22.43 7.38
C ARG A 26 23.53 21.05 7.68
N VAL A 27 23.15 20.85 8.93
CA VAL A 27 22.64 19.56 9.34
C VAL A 27 21.29 19.30 8.66
N SER A 28 20.45 20.32 8.65
CA SER A 28 19.14 20.19 8.04
C SER A 28 19.28 19.84 6.57
N MET A 29 20.18 20.54 5.90
CA MET A 29 20.45 20.28 4.50
C MET A 29 21.01 18.88 4.34
N GLU A 30 21.86 18.47 5.28
CA GLU A 30 22.45 17.15 5.23
C GLU A 30 21.37 16.09 5.44
N GLU A 31 20.40 16.37 6.31
CA GLU A 31 19.32 15.42 6.55
C GLU A 31 18.55 15.18 5.26
N GLN A 32 18.34 16.25 4.50
CA GLN A 32 17.66 16.13 3.23
C GLN A 32 18.47 15.26 2.29
N ARG A 33 19.79 15.42 2.36
CA ARG A 33 20.68 14.64 1.51
C ARG A 33 20.47 13.15 1.77
N GLN A 34 20.34 12.77 3.04
CA GLN A 34 20.10 11.35 3.37
C GLN A 34 18.81 10.87 2.74
N ARG A 35 17.77 11.70 2.82
CA ARG A 35 16.48 11.36 2.23
C ARG A 35 16.63 11.23 0.73
N GLN A 36 17.40 12.14 0.15
CA GLN A 36 17.64 12.14 -1.28
C GLN A 36 18.38 10.87 -1.67
N GLU A 37 19.33 10.49 -0.83
CA GLU A 37 20.11 9.29 -1.08
C GLU A 37 19.22 8.07 -1.07
N GLU A 38 18.32 8.01 -0.09
CA GLU A 38 17.41 6.88 0.01
C GLU A 38 16.50 6.81 -1.21
N GLU A 39 16.02 7.97 -1.65
CA GLU A 39 15.16 8.01 -2.83
C GLU A 39 15.97 7.64 -4.07
N ALA A 40 17.19 8.15 -4.12
CA ALA A 40 18.08 7.88 -5.24
C ALA A 40 18.41 6.40 -5.31
N ARG A 41 18.67 5.79 -4.16
CA ARG A 41 19.01 4.38 -4.11
C ARG A 41 17.74 3.55 -4.31
N ARG A 42 16.62 4.10 -3.86
CA ARG A 42 15.34 3.39 -3.97
C ARG A 42 15.02 3.16 -5.44
N ALA A 43 15.13 4.21 -6.25
CA ALA A 43 14.87 4.10 -7.67
C ALA A 43 15.88 3.16 -8.33
N ALA A 44 17.14 3.29 -7.91
CA ALA A 44 18.20 2.45 -8.44
C ALA A 44 17.92 0.98 -8.14
N ALA A 45 17.44 0.72 -6.93
CA ALA A 45 17.14 -0.65 -6.52
C ALA A 45 16.05 -1.25 -7.42
N ALA A 46 15.00 -0.47 -7.66
CA ALA A 46 13.91 -0.92 -8.50
C ALA A 46 14.41 -1.12 -9.92
N SER A 47 15.23 -0.19 -10.38
CA SER A 47 15.78 -0.25 -11.72
C SER A 47 16.65 -1.50 -11.89
N ALA A 48 17.47 -1.78 -10.89
CA ALA A 48 18.34 -2.94 -10.95
C ALA A 48 17.49 -4.21 -11.03
N ALA A 49 16.43 -4.24 -10.23
CA ALA A 49 15.53 -5.38 -10.22
C ALA A 49 14.84 -5.52 -11.57
N GLU A 50 14.43 -4.39 -12.14
CA GLU A 50 13.76 -4.41 -13.43
C GLU A 50 14.69 -4.96 -14.50
N ALA A 51 15.93 -4.48 -14.48
CA ALA A 51 16.94 -4.91 -15.45
C ALA A 51 17.25 -6.40 -15.27
N GLY A 52 17.33 -6.83 -14.02
CA GLY A 52 17.64 -8.22 -13.72
C GLY A 52 16.51 -9.14 -14.18
N ILE A 53 15.27 -8.73 -13.92
CA ILE A 53 14.11 -9.52 -14.32
C ILE A 53 14.04 -9.65 -15.84
N ALA A 54 14.20 -8.52 -16.52
CA ALA A 54 14.16 -8.51 -17.99
C ALA A 54 12.91 -9.22 -18.49
N THR A 55 11.75 -8.60 -18.32
CA THR A 55 10.49 -9.20 -18.79
C THR A 55 9.53 -8.13 -19.30
N THR A 56 8.77 -8.48 -20.33
CA THR A 56 7.80 -7.54 -20.89
C THR A 56 6.86 -8.27 -21.86
N GLY A 57 5.57 -7.92 -21.79
CA GLY A 57 4.59 -8.55 -22.68
C GLY A 57 3.19 -8.00 -22.40
N THR A 58 2.24 -8.39 -23.24
CA THR A 58 0.87 -7.94 -23.06
C THR A 58 -0.08 -9.13 -22.99
N GLU A 59 -0.90 -9.17 -21.93
CA GLU A 59 -1.85 -10.25 -21.77
C GLU A 59 -3.14 -9.73 -21.13
N ASP A 60 -4.20 -9.70 -21.92
CA ASP A 60 -5.49 -9.22 -21.43
C ASP A 60 -6.63 -9.78 -22.29
N SER A 61 -6.59 -9.48 -23.58
CA SER A 61 -7.62 -9.95 -24.50
C SER A 61 -7.62 -11.48 -24.58
N ASP A 62 -6.43 -12.06 -24.49
CA ASP A 62 -6.31 -13.52 -24.56
C ASP A 62 -7.06 -14.19 -23.42
N ASP A 63 -6.94 -13.61 -22.22
CA ASP A 63 -7.62 -14.16 -21.06
C ASP A 63 -9.13 -14.08 -21.22
N ALA A 64 -9.58 -12.95 -21.75
CA ALA A 64 -11.01 -12.74 -21.95
C ALA A 64 -11.55 -13.78 -22.92
N LEU A 65 -10.78 -14.04 -23.97
CA LEU A 65 -11.18 -15.02 -24.96
C LEU A 65 -11.29 -16.41 -24.34
N LEU A 66 -10.36 -16.73 -23.45
CA LEU A 66 -10.38 -18.04 -22.80
C LEU A 66 -11.66 -18.22 -21.99
N LYS A 67 -12.02 -17.21 -21.22
CA LYS A 67 -13.23 -17.27 -20.39
C LYS A 67 -14.47 -17.42 -21.27
N MET A 68 -14.54 -16.61 -22.33
CA MET A 68 -15.69 -16.66 -23.22
C MET A 68 -15.81 -18.02 -23.89
N THR A 69 -14.67 -18.56 -24.33
CA THR A 69 -14.64 -19.86 -25.00
C THR A 69 -15.16 -20.96 -24.08
N ILE A 70 -14.67 -20.99 -22.84
CA ILE A 70 -15.11 -22.00 -21.89
C ILE A 70 -16.54 -21.75 -21.45
N SER A 71 -16.93 -20.48 -21.40
CA SER A 71 -18.28 -20.13 -20.97
C SER A 71 -19.31 -20.72 -21.93
N GLN A 72 -19.06 -20.58 -23.24
CA GLN A 72 -19.97 -21.11 -24.24
C GLN A 72 -20.00 -22.64 -24.19
N GLN A 73 -18.83 -23.24 -24.01
CA GLN A 73 -18.71 -24.68 -23.95
C GLN A 73 -19.45 -25.22 -22.72
N GLU A 74 -19.33 -24.50 -21.62
CA GLU A 74 -19.98 -24.91 -20.37
C GLU A 74 -21.50 -25.01 -20.54
N PHE A 75 -22.08 -23.99 -21.18
CA PHE A 75 -23.52 -23.99 -21.40
C PHE A 75 -23.89 -25.01 -22.47
N GLY A 76 -23.21 -24.94 -23.59
CA GLY A 76 -23.45 -25.86 -24.70
C GLY A 76 -24.43 -25.28 -25.71
N ARG A 77 -25.22 -24.31 -25.27
CA ARG A 77 -26.19 -23.67 -26.15
C ARG A 77 -26.42 -22.22 -25.75
N THR A 78 -26.40 -21.97 -24.44
CA THR A 78 -26.61 -20.62 -23.93
C THR A 78 -27.96 -20.06 -24.40
N GLY A 79 -28.84 -20.96 -24.85
CA GLY A 79 -30.16 -20.55 -25.32
C GLY A 79 -31.22 -20.77 -24.24
N LEU A 80 -30.77 -21.02 -23.01
CA LEU A 80 -31.71 -21.25 -21.92
C LEU A 80 -31.58 -20.17 -20.84
N PRO A 81 -32.11 -19.00 -21.12
CA PRO A 81 -32.07 -17.86 -20.16
C PRO A 81 -33.06 -18.05 -19.01
N ASP A 82 -32.73 -18.95 -18.09
CA ASP A 82 -33.60 -19.22 -16.96
C ASP A 82 -34.00 -17.93 -16.25
N LEU A 83 -33.01 -17.08 -16.00
CA LEU A 83 -33.27 -15.81 -15.33
C LEU A 83 -33.96 -16.02 -13.99
N SER A 84 -33.91 -17.24 -13.48
CA SER A 84 -34.54 -17.55 -12.19
C SER A 84 -33.52 -18.27 -11.31
N SER A 85 -32.83 -19.23 -11.90
CA SER A 85 -31.81 -19.98 -11.16
C SER A 85 -30.69 -19.06 -10.73
N MET A 86 -30.32 -18.14 -11.62
CA MET A 86 -29.24 -17.20 -11.37
C MET A 86 -29.61 -16.25 -10.22
N THR A 87 -28.62 -15.56 -9.69
CA THR A 87 -28.85 -14.63 -8.58
C THR A 87 -29.46 -13.34 -9.09
N GLU A 88 -29.96 -12.53 -8.17
CA GLU A 88 -30.56 -11.26 -8.55
C GLU A 88 -29.53 -10.35 -9.21
N GLU A 89 -28.31 -10.36 -8.69
CA GLU A 89 -27.25 -9.53 -9.24
C GLU A 89 -26.81 -10.08 -10.59
N GLU A 90 -26.78 -11.40 -10.69
CA GLU A 90 -26.36 -12.04 -11.94
C GLU A 90 -27.32 -11.67 -13.07
N GLN A 91 -28.62 -11.75 -12.81
CA GLN A 91 -29.62 -11.40 -13.81
C GLN A 91 -29.60 -9.91 -14.12
N ILE A 92 -29.44 -9.11 -13.07
CA ILE A 92 -29.38 -7.66 -13.23
C ILE A 92 -28.18 -7.25 -14.07
N ALA A 93 -27.04 -7.88 -13.81
CA ALA A 93 -25.82 -7.58 -14.54
C ALA A 93 -26.00 -7.89 -16.02
N TYR A 94 -26.66 -9.00 -16.31
CA TYR A 94 -26.88 -9.41 -17.68
C TYR A 94 -27.67 -8.35 -18.45
N ALA A 95 -28.72 -7.85 -17.83
CA ALA A 95 -29.54 -6.82 -18.45
C ALA A 95 -28.72 -5.56 -18.72
N MET A 96 -27.86 -5.21 -17.78
CA MET A 96 -27.02 -4.02 -17.90
C MET A 96 -26.03 -4.19 -19.05
N GLN A 97 -25.52 -5.40 -19.20
CA GLN A 97 -24.55 -5.66 -20.25
C GLN A 97 -25.16 -5.42 -21.62
N MET A 98 -26.41 -5.84 -21.79
CA MET A 98 -27.09 -5.64 -23.05
C MET A 98 -27.30 -4.16 -23.33
N SER A 99 -27.63 -3.41 -22.28
CA SER A 99 -27.86 -1.99 -22.43
C SER A 99 -26.59 -1.25 -22.83
N LEU A 100 -25.48 -1.66 -22.25
CA LEU A 100 -24.20 -1.04 -22.56
C LEU A 100 -23.80 -1.30 -24.01
N GLN A 101 -24.03 -2.54 -24.45
CA GLN A 101 -23.76 -2.90 -25.85
C GLN A 101 -22.25 -2.99 -26.02
N GLY A 102 -21.74 -4.22 -26.04
CA GLY A 102 -20.31 -4.44 -26.20
C GLY A 102 -19.58 -4.17 -24.89
N ALA A 103 -20.33 -4.17 -23.78
CA ALA A 103 -19.73 -3.92 -22.47
C ALA A 103 -18.70 -4.99 -22.14
N GLU A 104 -19.00 -6.23 -22.49
CA GLU A 104 -18.09 -7.34 -22.23
C GLU A 104 -16.77 -7.13 -22.96
N PHE A 105 -16.85 -6.70 -24.21
CA PHE A 105 -15.65 -6.46 -25.01
C PHE A 105 -14.78 -5.40 -24.34
N GLY A 106 -15.40 -4.30 -23.93
CA GLY A 106 -14.67 -3.21 -23.29
C GLY A 106 -13.62 -2.63 -24.23
N GLN A 107 -12.40 -2.45 -23.72
CA GLN A 107 -11.32 -1.90 -24.52
C GLN A 107 -10.07 -2.76 -24.41
N ALA A 108 -9.28 -2.80 -25.48
CA ALA A 108 -8.06 -3.58 -25.48
C ALA A 108 -6.91 -2.79 -26.10
N GLU A 109 -6.79 -2.84 -27.43
CA GLU A 109 -5.73 -2.12 -28.12
C GLU A 109 -5.89 -0.61 -27.95
N SER A 110 -7.12 -0.12 -28.08
CA SER A 110 -7.39 1.30 -27.93
C SER A 110 -8.88 1.53 -27.66
N ALA A 111 -9.21 2.75 -27.24
CA ALA A 111 -10.61 3.10 -26.95
C ALA A 111 -11.04 4.29 -27.80
N ALA B 1 -14.97 3.53 16.87
CA ALA B 1 -14.62 4.97 16.69
C ALA B 1 -14.22 5.21 15.25
N PRO B 2 -14.21 6.45 14.83
CA PRO B 2 -13.83 6.82 13.43
C PRO B 2 -12.34 6.66 13.16
N ALA B 3 -11.98 6.40 11.91
CA ALA B 3 -10.58 6.24 11.54
C ALA B 3 -9.84 7.58 11.64
N GLU B 4 -8.55 7.53 11.95
CA GLU B 4 -7.75 8.74 12.08
C GLU B 4 -6.59 8.73 11.07
N PRO B 5 -6.05 9.89 10.77
CA PRO B 5 -4.91 10.03 9.81
C PRO B 5 -3.67 9.24 10.24
N LYS B 6 -2.69 9.13 9.36
CA LYS B 6 -1.47 8.39 9.66
C LYS B 6 -0.54 9.19 10.56
N ILE B 7 -0.01 8.54 11.59
CA ILE B 7 0.90 9.20 12.51
C ILE B 7 2.32 9.18 11.97
N ILE B 8 3.01 10.30 12.11
CA ILE B 8 4.37 10.42 11.64
C ILE B 8 5.32 10.69 12.77
N LYS B 9 6.53 10.18 12.62
CA LYS B 9 7.54 10.37 13.64
C LYS B 9 8.60 11.36 13.20
N VAL B 10 8.70 12.44 13.94
CA VAL B 10 9.69 13.47 13.65
C VAL B 10 10.75 13.50 14.75
N THR B 11 12.01 13.49 14.33
CA THR B 11 13.10 13.52 15.28
C THR B 11 13.44 14.97 15.61
N VAL B 12 13.22 15.34 16.85
CA VAL B 12 13.49 16.70 17.29
C VAL B 12 14.85 16.75 17.98
N LYS B 13 15.74 17.59 17.48
CA LYS B 13 17.07 17.69 18.09
C LYS B 13 17.17 18.96 18.92
N THR B 14 17.76 18.84 20.10
CA THR B 14 17.91 19.99 20.99
C THR B 14 19.33 20.07 21.52
N PRO B 15 19.70 21.21 22.04
CA PRO B 15 21.05 21.44 22.63
C PRO B 15 21.36 20.47 23.77
N LYS B 16 20.32 19.82 24.29
CA LYS B 16 20.51 18.88 25.37
C LYS B 16 20.49 17.46 24.85
N GLU B 17 19.59 17.21 23.90
CA GLU B 17 19.46 15.88 23.31
C GLU B 17 18.40 15.88 22.20
N LYS B 18 18.12 14.71 21.62
CA LYS B 18 17.11 14.62 20.57
C LYS B 18 16.12 13.53 20.91
N GLU B 19 14.88 13.71 20.48
CA GLU B 19 13.86 12.72 20.75
C GLU B 19 12.85 12.64 19.62
N GLU B 20 12.35 11.43 19.35
CA GLU B 20 11.38 11.25 18.30
C GLU B 20 9.95 11.44 18.82
N PHE B 21 9.19 12.27 18.13
CA PHE B 21 7.82 12.55 18.50
C PHE B 21 6.85 12.05 17.43
N ALA B 22 5.83 11.31 17.85
CA ALA B 22 4.85 10.79 16.92
C ALA B 22 3.59 11.65 16.93
N VAL B 23 3.20 12.18 15.77
CA VAL B 23 2.01 13.03 15.69
C VAL B 23 1.30 12.84 14.36
N PRO B 24 0.03 13.14 14.27
CA PRO B 24 -0.74 12.98 13.01
C PRO B 24 -0.04 13.63 11.82
N GLU B 25 -0.07 12.95 10.68
CA GLU B 25 0.57 13.47 9.48
C GLU B 25 0.00 14.83 9.11
N ASN B 26 -1.20 15.11 9.60
CA ASN B 26 -1.84 16.39 9.30
C ASN B 26 -1.79 17.31 10.51
N SER B 27 -0.84 17.06 11.39
CA SER B 27 -0.70 17.88 12.57
C SER B 27 -0.09 19.24 12.22
N SER B 28 -0.29 20.20 13.11
CA SER B 28 0.23 21.54 12.88
C SER B 28 1.49 21.75 13.71
N VAL B 29 2.26 22.75 13.34
CA VAL B 29 3.48 23.05 14.07
C VAL B 29 3.14 23.39 15.51
N GLN B 30 2.05 24.12 15.71
CA GLN B 30 1.65 24.51 17.05
C GLN B 30 1.42 23.29 17.93
N GLN B 31 0.77 22.27 17.38
CA GLN B 31 0.51 21.05 18.13
C GLN B 31 1.80 20.30 18.41
N PHE B 32 2.67 20.28 17.42
CA PHE B 32 3.94 19.60 17.54
C PHE B 32 4.81 20.29 18.59
N LYS B 33 4.80 21.62 18.58
CA LYS B 33 5.58 22.39 19.53
C LYS B 33 5.10 22.08 20.95
N GLU B 34 3.79 21.92 21.09
CA GLU B 34 3.24 21.63 22.42
C GLU B 34 3.75 20.30 22.93
N ALA B 35 3.83 19.32 22.05
CA ALA B 35 4.31 17.99 22.41
C ALA B 35 5.78 18.04 22.82
N ILE B 36 6.56 18.79 22.06
CA ILE B 36 7.98 18.94 22.31
C ILE B 36 8.21 19.68 23.62
N SER B 37 7.43 20.74 23.83
CA SER B 37 7.56 21.55 25.02
C SER B 37 7.28 20.72 26.25
N LYS B 38 6.41 19.73 26.11
CA LYS B 38 6.08 18.88 27.23
C LYS B 38 7.26 17.96 27.58
N ARG B 39 7.86 17.37 26.56
CA ARG B 39 8.99 16.45 26.77
C ARG B 39 10.19 17.17 27.34
N PHE B 40 10.50 18.32 26.78
CA PHE B 40 11.63 19.12 27.25
C PHE B 40 11.20 20.12 28.32
N LYS B 41 9.90 20.14 28.63
CA LYS B 41 9.39 21.06 29.63
C LYS B 41 9.70 22.50 29.24
N SER B 42 9.65 22.77 27.94
CA SER B 42 9.93 24.11 27.42
C SER B 42 8.62 24.87 27.23
N GLN B 43 8.70 26.03 26.58
CA GLN B 43 7.51 26.84 26.36
C GLN B 43 7.40 27.21 24.88
N THR B 44 6.18 27.27 24.37
CA THR B 44 5.94 27.63 22.97
C THR B 44 6.28 29.09 22.71
N ASP B 45 6.53 29.85 23.77
CA ASP B 45 6.87 31.25 23.65
C ASP B 45 8.38 31.43 23.49
N GLN B 46 9.13 30.34 23.62
CA GLN B 46 10.59 30.40 23.48
C GLN B 46 11.08 29.22 22.64
N LEU B 47 10.15 28.40 22.16
CA LEU B 47 10.49 27.25 21.35
C LEU B 47 10.38 27.59 19.86
N VAL B 48 11.47 27.35 19.13
CA VAL B 48 11.48 27.62 17.69
C VAL B 48 11.96 26.37 16.93
N LEU B 49 11.20 25.97 15.91
CA LEU B 49 11.58 24.81 15.13
C LEU B 49 12.33 25.23 13.87
N ILE B 50 13.18 24.35 13.38
CA ILE B 50 13.95 24.64 12.17
C ILE B 50 13.99 23.44 11.24
N PHE B 51 13.73 23.70 9.96
CA PHE B 51 13.74 22.62 8.99
C PHE B 51 13.92 23.16 7.56
N ALA B 52 14.69 22.43 6.76
CA ALA B 52 14.93 22.85 5.38
C ALA B 52 15.58 24.23 5.33
N GLY B 53 16.26 24.60 6.41
CA GLY B 53 16.92 25.90 6.47
C GLY B 53 15.92 27.00 6.75
N LYS B 54 14.71 26.64 7.15
CA LYS B 54 13.68 27.62 7.44
C LYS B 54 13.08 27.37 8.81
N ILE B 55 12.90 28.45 9.56
CA ILE B 55 12.33 28.33 10.89
C ILE B 55 10.84 28.02 10.80
N LEU B 56 10.43 26.95 11.47
CA LEU B 56 9.03 26.55 11.47
C LEU B 56 8.33 27.11 12.70
N LYS B 57 7.16 27.70 12.48
CA LYS B 57 6.39 28.28 13.58
C LYS B 57 5.00 27.70 13.63
N ASP B 58 4.24 28.07 14.65
CA ASP B 58 2.88 27.58 14.82
C ASP B 58 1.98 28.05 13.68
N GLN B 59 2.46 29.01 12.89
CA GLN B 59 1.67 29.53 11.78
C GLN B 59 1.71 28.58 10.59
N ASP B 60 2.63 27.60 10.62
CA ASP B 60 2.76 26.65 9.53
C ASP B 60 2.39 25.24 9.98
N THR B 61 2.25 24.34 9.02
CA THR B 61 1.90 22.94 9.31
C THR B 61 3.06 22.02 8.97
N LEU B 62 3.13 20.87 9.63
CA LEU B 62 4.22 19.93 9.40
C LEU B 62 4.18 19.40 7.98
N ILE B 63 3.02 18.93 7.56
CA ILE B 63 2.86 18.40 6.22
C ILE B 63 2.94 19.49 5.17
N GLN B 64 2.55 20.68 5.56
CA GLN B 64 2.59 21.82 4.67
C GLN B 64 4.03 22.09 4.29
N HIS B 65 4.93 21.85 5.24
CA HIS B 65 6.35 22.07 4.99
C HIS B 65 6.98 20.83 4.36
N GLY B 66 6.29 19.71 4.44
CA GLY B 66 6.81 18.48 3.88
C GLY B 66 7.39 17.59 4.97
N ILE B 67 7.08 17.92 6.22
CA ILE B 67 7.57 17.13 7.35
C ILE B 67 6.68 15.91 7.56
N HIS B 68 7.21 14.75 7.20
CA HIS B 68 6.47 13.49 7.32
C HIS B 68 7.20 12.57 8.30
N ASP B 69 6.79 11.30 8.33
CA ASP B 69 7.41 10.35 9.24
C ASP B 69 8.89 10.15 8.90
N GLY B 70 9.68 9.84 9.92
CA GLY B 70 11.11 9.62 9.73
C GLY B 70 11.83 10.89 9.33
N LEU B 71 11.37 12.03 9.86
CA LEU B 71 11.97 13.31 9.53
C LEU B 71 12.88 13.79 10.66
N THR B 72 13.63 14.85 10.41
CA THR B 72 14.54 15.40 11.41
C THR B 72 14.38 16.92 11.51
N VAL B 73 13.82 17.37 12.63
CA VAL B 73 13.61 18.79 12.87
C VAL B 73 14.63 19.32 13.87
N HIS B 74 14.97 20.60 13.76
CA HIS B 74 15.92 21.21 14.66
C HIS B 74 15.19 22.13 15.64
N LEU B 75 15.21 21.75 16.91
CA LEU B 75 14.55 22.54 17.94
C LEU B 75 15.51 23.56 18.52
N VAL B 76 15.05 24.81 18.63
CA VAL B 76 15.88 25.86 19.17
C VAL B 76 15.14 26.63 20.26
N ILE B 77 15.76 26.76 21.42
CA ILE B 77 15.16 27.48 22.53
C ILE B 77 15.86 28.80 22.76
N LYS B 78 15.08 29.87 22.83
CA LYS B 78 15.62 31.19 23.06
C LYS B 78 14.66 32.03 23.90
N ALA C 1 -47.94 23.84 -23.70
CA ALA C 1 -49.09 23.14 -23.08
C ALA C 1 -48.56 22.09 -22.10
N PRO C 2 -47.93 22.54 -21.04
CA PRO C 2 -47.35 21.66 -19.99
C PRO C 2 -48.43 20.83 -19.29
N ALA C 3 -49.67 21.29 -19.38
CA ALA C 3 -50.78 20.58 -18.76
C ALA C 3 -50.90 19.17 -19.34
N GLU C 4 -50.67 19.04 -20.63
CA GLU C 4 -50.77 17.75 -21.29
C GLU C 4 -49.52 17.48 -22.13
N PRO C 5 -48.44 17.09 -21.50
CA PRO C 5 -47.15 16.78 -22.19
C PRO C 5 -47.29 15.64 -23.21
N LYS C 6 -46.29 15.45 -24.05
CA LYS C 6 -46.33 14.41 -25.07
C LYS C 6 -46.14 13.04 -24.46
N ILE C 7 -46.98 12.11 -24.87
CA ILE C 7 -46.90 10.74 -24.37
C ILE C 7 -45.83 9.97 -25.13
N ILE C 8 -45.03 9.22 -24.39
CA ILE C 8 -43.96 8.43 -24.98
C ILE C 8 -44.17 6.96 -24.72
N LYS C 9 -43.70 6.15 -25.66
CA LYS C 9 -43.82 4.72 -25.51
C LYS C 9 -42.46 4.10 -25.27
N VAL C 10 -42.34 3.45 -24.13
CA VAL C 10 -41.08 2.79 -23.77
C VAL C 10 -41.25 1.29 -23.76
N THR C 11 -40.26 0.59 -24.29
CA THR C 11 -40.30 -0.86 -24.32
C THR C 11 -39.62 -1.41 -23.08
N VAL C 12 -40.39 -2.04 -22.21
CA VAL C 12 -39.85 -2.62 -21.00
C VAL C 12 -39.64 -4.11 -21.16
N LYS C 13 -38.42 -4.57 -20.91
CA LYS C 13 -38.13 -5.99 -21.05
C LYS C 13 -38.03 -6.65 -19.68
N THR C 14 -38.76 -7.72 -19.49
CA THR C 14 -38.77 -8.43 -18.21
C THR C 14 -38.32 -9.87 -18.40
N PRO C 15 -37.96 -10.53 -17.33
CA PRO C 15 -37.51 -11.95 -17.37
C PRO C 15 -38.57 -12.89 -17.95
N LYS C 16 -39.80 -12.39 -18.06
CA LYS C 16 -40.88 -13.21 -18.58
C LYS C 16 -41.17 -12.80 -20.01
N GLU C 17 -41.12 -11.49 -20.26
CA GLU C 17 -41.40 -10.97 -21.59
C GLU C 17 -41.22 -9.44 -21.60
N LYS C 18 -41.46 -8.80 -22.74
CA LYS C 18 -41.33 -7.36 -22.84
C LYS C 18 -42.64 -6.75 -23.28
N GLU C 19 -42.89 -5.52 -22.87
CA GLU C 19 -44.11 -4.86 -23.28
C GLU C 19 -43.91 -3.35 -23.39
N GLU C 20 -44.50 -2.77 -24.42
CA GLU C 20 -44.37 -1.34 -24.63
C GLU C 20 -45.45 -0.59 -23.85
N PHE C 21 -45.02 0.33 -23.01
CA PHE C 21 -45.93 1.13 -22.20
C PHE C 21 -45.91 2.59 -22.65
N ALA C 22 -47.10 3.18 -22.77
CA ALA C 22 -47.21 4.58 -23.19
C ALA C 22 -47.50 5.46 -21.98
N VAL C 23 -46.65 6.46 -21.74
CA VAL C 23 -46.85 7.35 -20.60
C VAL C 23 -46.29 8.74 -20.91
N PRO C 24 -46.78 9.76 -20.26
CA PRO C 24 -46.31 11.16 -20.49
C PRO C 24 -44.79 11.25 -20.48
N GLU C 25 -44.24 12.10 -21.33
CA GLU C 25 -42.79 12.28 -21.42
C GLU C 25 -42.21 12.67 -20.07
N ASN C 26 -43.06 13.14 -19.17
CA ASN C 26 -42.61 13.57 -17.85
C ASN C 26 -42.89 12.51 -16.80
N SER C 27 -43.13 11.29 -17.26
CA SER C 27 -43.40 10.21 -16.33
C SER C 27 -42.16 9.90 -15.50
N SER C 28 -42.36 9.72 -14.20
CA SER C 28 -41.25 9.39 -13.32
C SER C 28 -41.09 7.90 -13.22
N VAL C 29 -39.94 7.46 -12.72
CA VAL C 29 -39.69 6.04 -12.59
C VAL C 29 -40.73 5.43 -11.66
N GLN C 30 -41.08 6.14 -10.60
CA GLN C 30 -42.05 5.65 -9.64
C GLN C 30 -43.40 5.41 -10.31
N GLN C 31 -43.82 6.34 -11.15
CA GLN C 31 -45.09 6.20 -11.85
C GLN C 31 -45.02 5.06 -12.87
N PHE C 32 -43.89 4.97 -13.54
CA PHE C 32 -43.68 3.94 -14.55
C PHE C 32 -43.65 2.56 -13.91
N LYS C 33 -42.96 2.47 -12.78
CA LYS C 33 -42.85 1.20 -12.07
C LYS C 33 -44.24 0.77 -11.66
N GLU C 34 -45.05 1.73 -11.27
CA GLU C 34 -46.41 1.43 -10.88
C GLU C 34 -47.19 0.87 -12.07
N ALA C 35 -47.02 1.49 -13.24
CA ALA C 35 -47.72 1.04 -14.43
C ALA C 35 -47.27 -0.35 -14.84
N ILE C 36 -45.96 -0.59 -14.75
CA ILE C 36 -45.37 -1.87 -15.13
C ILE C 36 -45.72 -2.95 -14.11
N SER C 37 -45.75 -2.57 -12.85
CA SER C 37 -46.06 -3.50 -11.78
C SER C 37 -47.49 -3.99 -11.94
N LYS C 38 -48.36 -3.12 -12.42
CA LYS C 38 -49.75 -3.50 -12.61
C LYS C 38 -49.90 -4.48 -13.77
N ARG C 39 -49.22 -4.20 -14.88
CA ARG C 39 -49.30 -5.07 -16.05
C ARG C 39 -48.71 -6.44 -15.76
N PHE C 40 -47.54 -6.44 -15.13
CA PHE C 40 -46.88 -7.70 -14.78
C PHE C 40 -47.37 -8.20 -13.43
N LYS C 41 -48.23 -7.42 -12.77
CA LYS C 41 -48.76 -7.80 -11.47
C LYS C 41 -47.63 -7.99 -10.46
N SER C 42 -46.55 -7.25 -10.67
CA SER C 42 -45.40 -7.31 -9.78
C SER C 42 -45.48 -6.20 -8.74
N GLN C 43 -44.40 -6.02 -7.98
CA GLN C 43 -44.38 -4.98 -6.96
C GLN C 43 -43.13 -4.11 -7.13
N THR C 44 -43.23 -2.85 -6.74
CA THR C 44 -42.10 -1.94 -6.87
C THR C 44 -40.98 -2.32 -5.92
N ASP C 45 -41.28 -3.21 -4.97
CA ASP C 45 -40.28 -3.65 -4.01
C ASP C 45 -39.23 -4.54 -4.66
N GLN C 46 -39.63 -5.26 -5.71
CA GLN C 46 -38.72 -6.16 -6.40
C GLN C 46 -38.46 -5.68 -7.84
N LEU C 47 -39.33 -4.84 -8.35
CA LEU C 47 -39.17 -4.34 -9.71
C LEU C 47 -38.04 -3.32 -9.77
N VAL C 48 -37.02 -3.64 -10.58
CA VAL C 48 -35.87 -2.76 -10.73
C VAL C 48 -35.64 -2.45 -12.21
N LEU C 49 -35.48 -1.19 -12.55
CA LEU C 49 -35.26 -0.81 -13.94
C LEU C 49 -33.77 -0.66 -14.22
N ILE C 50 -33.40 -0.87 -15.48
CA ILE C 50 -32.01 -0.76 -15.89
C ILE C 50 -31.89 -0.03 -17.21
N PHE C 51 -30.96 0.92 -17.27
CA PHE C 51 -30.74 1.69 -18.49
C PHE C 51 -29.42 2.43 -18.44
N ALA C 52 -28.82 2.63 -19.61
CA ALA C 52 -27.53 3.33 -19.70
C ALA C 52 -26.47 2.63 -18.86
N GLY C 53 -26.70 1.35 -18.56
CA GLY C 53 -25.75 0.58 -17.78
C GLY C 53 -25.87 0.91 -16.30
N LYS C 54 -27.02 1.44 -15.90
CA LYS C 54 -27.25 1.80 -14.51
C LYS C 54 -28.67 1.45 -14.10
N ILE C 55 -28.85 1.05 -12.85
CA ILE C 55 -30.19 0.70 -12.36
C ILE C 55 -31.00 1.95 -12.09
N LEU C 56 -32.20 2.01 -12.64
CA LEU C 56 -33.08 3.15 -12.45
C LEU C 56 -34.07 2.85 -11.32
N LYS C 57 -34.29 3.84 -10.47
CA LYS C 57 -35.20 3.67 -9.34
C LYS C 57 -36.27 4.75 -9.34
N ASP C 58 -37.23 4.62 -8.44
CA ASP C 58 -38.32 5.59 -8.34
C ASP C 58 -37.78 6.98 -7.96
N GLN C 59 -36.53 7.02 -7.52
CA GLN C 59 -35.92 8.29 -7.15
C GLN C 59 -35.53 9.10 -8.38
N ASP C 60 -35.52 8.45 -9.55
CA ASP C 60 -35.17 9.13 -10.79
C ASP C 60 -36.36 9.25 -11.73
N THR C 61 -36.20 10.03 -12.79
CA THR C 61 -37.26 10.22 -13.76
C THR C 61 -36.91 9.55 -15.08
N LEU C 62 -37.94 9.19 -15.85
CA LEU C 62 -37.71 8.52 -17.12
C LEU C 62 -36.99 9.44 -18.09
N ILE C 63 -37.48 10.66 -18.22
CA ILE C 63 -36.88 11.64 -19.11
C ILE C 63 -35.53 12.10 -18.59
N GLN C 64 -35.41 12.12 -17.29
CA GLN C 64 -34.16 12.52 -16.65
C GLN C 64 -33.07 11.57 -17.09
N HIS C 65 -33.44 10.30 -17.27
CA HIS C 65 -32.47 9.30 -17.69
C HIS C 65 -32.28 9.35 -19.19
N GLY C 66 -33.23 9.95 -19.90
CA GLY C 66 -33.13 10.05 -21.34
C GLY C 66 -34.16 9.16 -22.02
N ILE C 67 -35.21 8.80 -21.28
CA ILE C 67 -36.26 7.96 -21.83
C ILE C 67 -37.25 8.82 -22.62
N HIS C 68 -37.40 8.51 -23.90
CA HIS C 68 -38.30 9.27 -24.76
C HIS C 68 -39.06 8.34 -25.70
N ASP C 69 -40.09 8.87 -26.35
CA ASP C 69 -40.90 8.08 -27.26
C ASP C 69 -39.95 7.26 -28.14
N GLY C 70 -39.86 5.97 -27.86
CA GLY C 70 -39.04 5.08 -28.68
C GLY C 70 -37.77 4.63 -27.96
N LEU C 71 -37.82 4.62 -26.63
CA LEU C 71 -36.68 4.20 -25.83
C LEU C 71 -36.93 2.83 -25.21
N THR C 72 -35.86 2.11 -24.93
CA THR C 72 -35.97 0.79 -24.35
C THR C 72 -35.54 0.80 -22.88
N VAL C 73 -36.07 -0.13 -22.11
CA VAL C 73 -35.74 -0.22 -20.68
C VAL C 73 -35.57 -1.69 -20.29
N HIS C 74 -34.66 -1.95 -19.36
CA HIS C 74 -34.43 -3.31 -18.90
C HIS C 74 -35.02 -3.51 -17.52
N LEU C 75 -36.14 -4.21 -17.47
CA LEU C 75 -36.81 -4.47 -16.20
C LEU C 75 -36.30 -5.76 -15.59
N VAL C 76 -35.93 -5.69 -14.31
CA VAL C 76 -35.42 -6.85 -13.62
C VAL C 76 -36.17 -7.06 -12.30
N ILE C 77 -36.67 -8.27 -12.10
CA ILE C 77 -37.39 -8.60 -10.87
C ILE C 77 -36.52 -9.40 -9.93
N LYS C 78 -36.47 -8.97 -8.68
CA LYS C 78 -35.67 -9.66 -7.66
C LYS C 78 -36.49 -10.75 -6.98
N MET A 1 0.86 45.35 8.18
CA MET A 1 0.94 44.93 9.60
C MET A 1 2.38 44.50 9.92
N LEU A 2 3.34 45.18 9.29
CA LEU A 2 4.74 44.87 9.51
C LEU A 2 5.00 43.39 9.30
N GLY A 3 4.16 42.75 8.50
CA GLY A 3 4.30 41.33 8.23
C GLY A 3 5.34 41.09 7.14
N LEU A 4 5.43 39.85 6.67
CA LEU A 4 6.38 39.51 5.61
C LEU A 4 7.81 39.77 6.09
N GLY A 5 8.21 39.07 7.15
CA GLY A 5 9.55 39.23 7.68
C GLY A 5 10.54 38.34 6.95
N ALA A 6 10.10 37.68 5.88
CA ALA A 6 10.97 36.80 5.12
C ALA A 6 12.17 37.57 4.57
N SER A 7 11.91 38.76 4.04
CA SER A 7 12.97 39.60 3.50
C SER A 7 13.81 40.19 4.63
N ASP A 8 13.18 40.41 5.77
CA ASP A 8 13.87 40.98 6.92
C ASP A 8 14.97 40.04 7.40
N PHE A 9 14.75 38.74 7.25
CA PHE A 9 15.73 37.76 7.70
C PHE A 9 17.05 37.92 6.96
N GLU A 10 16.97 38.01 5.64
CA GLU A 10 18.17 38.17 4.83
C GLU A 10 18.77 39.56 5.03
N PHE A 11 17.89 40.57 5.14
CA PHE A 11 18.36 41.93 5.33
C PHE A 11 19.11 42.07 6.65
N GLY A 12 18.58 41.44 7.69
CA GLY A 12 19.21 41.49 8.99
C GLY A 12 20.29 40.42 9.10
N VAL A 13 20.31 39.47 8.17
CA VAL A 13 21.31 38.42 8.20
C VAL A 13 21.29 37.71 9.55
N ASP A 14 20.13 37.16 9.90
CA ASP A 14 20.01 36.37 11.12
C ASP A 14 21.07 35.27 11.22
N PRO A 15 21.24 34.46 10.18
CA PRO A 15 22.25 33.36 10.18
C PRO A 15 23.66 33.86 10.53
N SER A 16 24.03 35.01 9.97
CA SER A 16 25.34 35.58 10.23
C SER A 16 25.49 35.97 11.69
N ALA A 17 24.44 36.56 12.26
CA ALA A 17 24.48 36.98 13.66
C ALA A 17 24.68 35.78 14.57
N ASP A 18 23.99 34.69 14.28
CA ASP A 18 24.11 33.49 15.09
C ASP A 18 24.76 32.34 14.29
N PRO A 19 25.99 31.96 14.59
CA PRO A 19 26.69 30.86 13.86
C PRO A 19 25.97 29.52 13.99
N GLU A 20 25.18 29.40 15.04
CA GLU A 20 24.42 28.17 15.27
C GLU A 20 23.41 27.95 14.15
N LEU A 21 22.79 29.04 13.71
CA LEU A 21 21.80 28.96 12.65
C LEU A 21 22.44 28.42 11.38
N ALA A 22 23.67 28.85 11.12
CA ALA A 22 24.40 28.39 9.95
C ALA A 22 24.61 26.88 10.05
N LEU A 23 24.93 26.41 11.25
CA LEU A 23 25.15 24.98 11.45
C LEU A 23 23.85 24.23 11.25
N ALA A 24 22.78 24.77 11.82
CA ALA A 24 21.47 24.14 11.70
C ALA A 24 21.02 24.09 10.24
N LEU A 25 21.30 25.17 9.52
CA LEU A 25 20.91 25.25 8.10
C LEU A 25 21.68 24.21 7.29
N ARG A 26 22.97 24.11 7.54
CA ARG A 26 23.82 23.16 6.84
C ARG A 26 23.37 21.75 7.16
N VAL A 27 23.09 21.49 8.43
CA VAL A 27 22.65 20.18 8.84
C VAL A 27 21.28 19.87 8.24
N SER A 28 20.40 20.85 8.25
CA SER A 28 19.06 20.68 7.71
C SER A 28 19.16 20.32 6.24
N MET A 29 20.07 20.98 5.54
CA MET A 29 20.30 20.70 4.13
C MET A 29 20.77 19.26 3.95
N GLU A 30 21.62 18.82 4.88
CA GLU A 30 22.14 17.46 4.84
C GLU A 30 21.04 16.46 5.15
N GLU A 31 20.14 16.83 6.05
CA GLU A 31 19.04 15.96 6.42
C GLU A 31 18.18 15.67 5.19
N GLN A 32 17.93 16.72 4.41
CA GLN A 32 17.14 16.57 3.19
C GLN A 32 17.91 15.72 2.19
N ARG A 33 19.22 15.94 2.14
CA ARG A 33 20.08 15.19 1.22
C ARG A 33 19.98 13.70 1.54
N GLN A 34 19.99 13.38 2.84
CA GLN A 34 19.91 11.99 3.25
C GLN A 34 18.62 11.36 2.75
N ARG A 35 17.52 12.10 2.88
CA ARG A 35 16.23 11.62 2.41
C ARG A 35 16.29 11.43 0.90
N GLN A 36 16.94 12.37 0.23
CA GLN A 36 17.09 12.32 -1.22
C GLN A 36 17.90 11.09 -1.59
N GLU A 37 18.92 10.80 -0.80
CA GLU A 37 19.77 9.64 -1.04
C GLU A 37 18.96 8.36 -0.94
N GLU A 38 18.09 8.30 0.08
CA GLU A 38 17.27 7.11 0.26
C GLU A 38 16.37 6.90 -0.95
N GLU A 39 15.75 7.98 -1.42
CA GLU A 39 14.88 7.90 -2.58
C GLU A 39 15.70 7.58 -3.83
N ALA A 40 16.86 8.22 -3.93
CA ALA A 40 17.75 8.02 -5.08
C ALA A 40 18.20 6.56 -5.13
N ARG A 41 18.56 6.03 -3.97
CA ARG A 41 18.98 4.64 -3.87
C ARG A 41 17.81 3.73 -4.20
N ARG A 42 16.63 4.12 -3.75
CA ARG A 42 15.44 3.32 -4.01
C ARG A 42 15.23 3.18 -5.52
N ALA A 43 15.28 4.30 -6.22
CA ALA A 43 15.13 4.27 -7.67
C ALA A 43 16.27 3.49 -8.31
N ALA A 44 17.47 3.67 -7.77
CA ALA A 44 18.65 2.97 -8.27
C ALA A 44 18.45 1.47 -8.15
N ALA A 45 17.87 1.05 -7.03
CA ALA A 45 17.63 -0.37 -6.80
C ALA A 45 16.67 -0.91 -7.85
N ALA A 46 15.60 -0.17 -8.11
CA ALA A 46 14.62 -0.60 -9.11
C ALA A 46 15.26 -0.64 -10.49
N SER A 47 16.05 0.39 -10.80
CA SER A 47 16.73 0.45 -12.08
C SER A 47 17.70 -0.72 -12.24
N ALA A 48 18.42 -1.01 -11.18
CA ALA A 48 19.37 -2.11 -11.20
C ALA A 48 18.64 -3.42 -11.46
N ALA A 49 17.50 -3.59 -10.80
CA ALA A 49 16.69 -4.79 -10.98
C ALA A 49 16.18 -4.86 -12.42
N GLU A 50 15.80 -3.72 -12.97
CA GLU A 50 15.29 -3.69 -14.32
C GLU A 50 16.37 -4.16 -15.31
N ALA A 51 17.57 -3.64 -15.14
CA ALA A 51 18.69 -4.03 -16.00
C ALA A 51 19.03 -5.50 -15.78
N GLY A 52 18.97 -5.94 -14.53
CA GLY A 52 19.29 -7.32 -14.19
C GLY A 52 18.26 -8.27 -14.80
N ILE A 53 17.00 -7.87 -14.77
CA ILE A 53 15.93 -8.70 -15.33
C ILE A 53 15.84 -8.52 -16.83
N ALA A 54 16.03 -9.60 -17.56
CA ALA A 54 15.93 -9.58 -19.02
C ALA A 54 16.08 -10.97 -19.60
N THR A 55 14.96 -11.57 -20.00
CA THR A 55 14.99 -12.90 -20.58
C THR A 55 14.34 -12.91 -21.95
N THR A 56 14.82 -13.79 -22.83
CA THR A 56 14.28 -13.89 -24.18
C THR A 56 13.94 -15.35 -24.51
N GLY A 57 13.77 -16.17 -23.48
CA GLY A 57 13.44 -17.58 -23.69
C GLY A 57 12.16 -17.95 -22.96
N THR A 58 12.32 -18.57 -21.79
CA THR A 58 11.16 -18.97 -21.00
C THR A 58 11.27 -18.42 -19.58
N GLU A 59 10.20 -17.78 -19.13
CA GLU A 59 10.18 -17.20 -17.80
C GLU A 59 9.52 -18.16 -16.81
N ASP A 60 10.30 -18.58 -15.82
CA ASP A 60 9.79 -19.51 -14.80
C ASP A 60 8.62 -18.89 -14.06
N SER A 61 8.81 -17.64 -13.63
CA SER A 61 7.73 -16.92 -12.93
C SER A 61 8.02 -15.42 -12.89
N ASP A 62 8.88 -14.96 -13.80
CA ASP A 62 9.24 -13.54 -13.85
C ASP A 62 8.02 -12.69 -14.21
N ASP A 63 7.21 -13.19 -15.13
CA ASP A 63 6.03 -12.47 -15.57
C ASP A 63 5.04 -12.32 -14.43
N ALA A 64 4.88 -13.39 -13.66
CA ALA A 64 3.94 -13.35 -12.55
C ALA A 64 4.35 -12.26 -11.56
N LEU A 65 5.65 -12.18 -11.30
CA LEU A 65 6.15 -11.17 -10.39
C LEU A 65 5.91 -9.77 -10.96
N LEU A 66 6.13 -9.63 -12.27
CA LEU A 66 5.95 -8.34 -12.91
C LEU A 66 4.50 -7.89 -12.80
N LYS A 67 3.57 -8.81 -13.06
CA LYS A 67 2.15 -8.50 -12.99
C LYS A 67 1.75 -8.11 -11.58
N MET A 68 2.22 -8.86 -10.60
CA MET A 68 1.90 -8.57 -9.20
C MET A 68 2.44 -7.21 -8.79
N THR A 69 3.66 -6.91 -9.24
CA THR A 69 4.30 -5.65 -8.90
C THR A 69 3.51 -4.47 -9.45
N ILE A 70 3.13 -4.57 -10.72
CA ILE A 70 2.36 -3.50 -11.36
C ILE A 70 0.93 -3.49 -10.84
N SER A 71 0.44 -4.64 -10.42
CA SER A 71 -0.93 -4.73 -9.92
C SER A 71 -1.10 -3.88 -8.67
N GLN A 72 -0.17 -3.98 -7.74
CA GLN A 72 -0.23 -3.20 -6.51
C GLN A 72 0.06 -1.73 -6.77
N GLN A 73 1.04 -1.47 -7.64
CA GLN A 73 1.41 -0.09 -7.93
C GLN A 73 0.29 0.63 -8.66
N GLU A 74 -0.22 0.01 -9.72
CA GLU A 74 -1.29 0.60 -10.50
C GLU A 74 -2.62 0.55 -9.72
N PHE A 75 -2.86 -0.60 -9.08
CA PHE A 75 -4.08 -0.80 -8.31
C PHE A 75 -5.29 -0.88 -9.24
N GLY A 76 -5.69 0.26 -9.79
CA GLY A 76 -6.84 0.33 -10.68
C GLY A 76 -8.13 0.58 -9.90
N ARG A 77 -8.05 0.48 -8.58
CA ARG A 77 -9.22 0.71 -7.75
C ARG A 77 -8.90 1.66 -6.59
N THR A 78 -7.88 2.48 -6.78
CA THR A 78 -7.50 3.44 -5.76
C THR A 78 -8.62 4.43 -5.49
N GLY A 79 -9.58 4.48 -6.41
CA GLY A 79 -10.71 5.40 -6.26
C GLY A 79 -11.45 5.10 -4.96
N LEU A 80 -11.50 3.83 -4.60
CA LEU A 80 -12.19 3.44 -3.38
C LEU A 80 -11.28 3.61 -2.16
N PRO A 81 -11.86 3.79 -0.99
CA PRO A 81 -11.08 3.96 0.27
C PRO A 81 -10.54 2.63 0.80
N ASP A 82 -10.94 1.53 0.16
CA ASP A 82 -10.45 0.22 0.57
C ASP A 82 -11.06 -0.14 1.92
N LEU A 83 -12.00 -1.08 1.90
CA LEU A 83 -12.66 -1.51 3.12
C LEU A 83 -11.64 -2.11 4.09
N SER A 84 -10.69 -2.87 3.54
CA SER A 84 -9.68 -3.50 4.37
C SER A 84 -8.85 -2.44 5.10
N SER A 85 -8.55 -1.35 4.42
CA SER A 85 -7.77 -0.27 5.01
C SER A 85 -8.50 0.32 6.21
N MET A 86 -9.80 0.53 6.05
CA MET A 86 -10.61 1.10 7.11
C MET A 86 -10.73 0.12 8.28
N THR A 87 -10.87 0.66 9.48
CA THR A 87 -10.99 -0.18 10.68
C THR A 87 -12.40 -0.72 10.81
N GLU A 88 -12.58 -1.67 11.73
CA GLU A 88 -13.88 -2.27 11.94
C GLU A 88 -14.91 -1.21 12.29
N GLU A 89 -14.52 -0.26 13.13
CA GLU A 89 -15.42 0.81 13.54
C GLU A 89 -15.72 1.72 12.36
N GLU A 90 -14.71 1.97 11.54
CA GLU A 90 -14.89 2.82 10.37
C GLU A 90 -15.90 2.22 9.41
N GLN A 91 -15.75 0.92 9.15
CA GLN A 91 -16.66 0.23 8.24
C GLN A 91 -18.06 0.13 8.85
N ILE A 92 -18.11 -0.15 10.14
CA ILE A 92 -19.38 -0.25 10.85
C ILE A 92 -20.12 1.08 10.81
N ALA A 93 -19.41 2.17 11.07
CA ALA A 93 -20.00 3.49 11.06
C ALA A 93 -20.55 3.82 9.69
N TYR A 94 -19.81 3.45 8.65
CA TYR A 94 -20.20 3.71 7.28
C TYR A 94 -21.52 3.01 6.97
N ALA A 95 -21.64 1.76 7.41
CA ALA A 95 -22.85 0.98 7.16
C ALA A 95 -24.07 1.66 7.78
N MET A 96 -23.89 2.21 8.97
CA MET A 96 -25.00 2.88 9.65
C MET A 96 -25.46 4.09 8.88
N GLN A 97 -24.51 4.84 8.32
CA GLN A 97 -24.84 6.03 7.57
C GLN A 97 -25.66 5.68 6.33
N MET A 98 -25.27 4.59 5.67
CA MET A 98 -25.99 4.15 4.49
C MET A 98 -27.39 3.67 4.86
N SER A 99 -27.50 2.99 6.00
CA SER A 99 -28.79 2.47 6.45
C SER A 99 -29.79 3.61 6.64
N LEU A 100 -29.35 4.69 7.30
CA LEU A 100 -30.23 5.83 7.53
C LEU A 100 -30.62 6.48 6.21
N GLN A 101 -29.67 6.58 5.28
CA GLN A 101 -29.94 7.18 3.99
C GLN A 101 -30.98 6.37 3.22
N GLY A 102 -30.87 5.05 3.30
CA GLY A 102 -31.80 4.18 2.60
C GLY A 102 -33.23 4.39 3.08
N ALA A 103 -33.40 4.55 4.39
CA ALA A 103 -34.72 4.77 4.95
C ALA A 103 -34.83 6.18 5.54
N GLU A 104 -35.67 7.01 4.94
CA GLU A 104 -35.85 8.37 5.42
C GLU A 104 -37.27 8.58 5.93
N PHE A 105 -37.39 9.26 7.07
CA PHE A 105 -38.70 9.52 7.65
C PHE A 105 -38.62 10.71 8.60
N GLY A 106 -38.02 11.81 8.14
CA GLY A 106 -37.89 13.00 8.97
C GLY A 106 -39.25 13.54 9.37
N GLN A 107 -40.19 13.52 8.43
CA GLN A 107 -41.54 14.01 8.70
C GLN A 107 -42.56 13.29 7.81
N ALA A 108 -43.82 13.36 8.21
CA ALA A 108 -44.89 12.71 7.45
C ALA A 108 -46.14 13.57 7.44
N GLU A 109 -46.95 13.41 6.40
CA GLU A 109 -48.17 14.18 6.27
C GLU A 109 -49.36 13.26 5.97
N SER A 110 -50.55 13.71 6.34
CA SER A 110 -51.76 12.92 6.12
C SER A 110 -51.97 12.68 4.63
N ALA A 111 -51.41 13.56 3.80
CA ALA A 111 -51.55 13.43 2.36
C ALA A 111 -50.18 13.50 1.68
N ALA B 1 -12.27 11.04 15.90
CA ALA B 1 -12.11 11.28 14.45
C ALA B 1 -11.56 10.03 13.78
N PRO B 2 -12.38 9.03 13.62
CA PRO B 2 -11.98 7.74 12.98
C PRO B 2 -11.38 7.94 11.59
N ALA B 3 -10.75 6.89 11.07
CA ALA B 3 -10.13 6.97 9.75
C ALA B 3 -9.20 8.17 9.66
N GLU B 4 -8.48 8.41 10.75
CA GLU B 4 -7.55 9.53 10.79
C GLU B 4 -6.35 9.28 9.87
N PRO B 5 -5.63 10.32 9.53
CA PRO B 5 -4.42 10.22 8.64
C PRO B 5 -3.31 9.42 9.35
N LYS B 6 -2.21 9.21 8.62
CA LYS B 6 -1.14 8.34 9.10
C LYS B 6 -0.24 9.08 10.07
N ILE B 7 0.05 8.46 11.20
CA ILE B 7 0.90 9.06 12.21
C ILE B 7 2.37 8.95 11.80
N ILE B 8 3.11 10.03 12.01
CA ILE B 8 4.51 10.06 11.66
C ILE B 8 5.37 10.29 12.88
N LYS B 9 6.61 9.79 12.85
CA LYS B 9 7.51 9.98 13.98
C LYS B 9 8.66 10.89 13.60
N VAL B 10 8.65 12.09 14.14
CA VAL B 10 9.71 13.06 13.84
C VAL B 10 10.72 13.11 14.98
N THR B 11 12.00 13.11 14.62
CA THR B 11 13.04 13.15 15.62
C THR B 11 13.42 14.61 15.91
N VAL B 12 13.08 15.09 17.09
CA VAL B 12 13.39 16.45 17.46
C VAL B 12 14.75 16.51 18.13
N LYS B 13 15.67 17.28 17.57
CA LYS B 13 17.00 17.37 18.15
C LYS B 13 17.15 18.68 18.91
N THR B 14 17.71 18.59 20.10
CA THR B 14 17.91 19.78 20.93
C THR B 14 19.34 19.89 21.37
N PRO B 15 19.75 21.07 21.78
CA PRO B 15 21.14 21.31 22.25
C PRO B 15 21.58 20.37 23.34
N LYS B 16 20.64 19.67 23.94
CA LYS B 16 20.98 18.76 24.99
C LYS B 16 20.87 17.34 24.51
N GLU B 17 19.74 17.04 23.87
CA GLU B 17 19.46 15.69 23.35
C GLU B 17 18.35 15.70 22.30
N LYS B 18 17.95 14.53 21.81
CA LYS B 18 16.90 14.45 20.80
C LYS B 18 15.83 13.46 21.23
N GLU B 19 14.60 13.70 20.80
CA GLU B 19 13.50 12.83 21.15
C GLU B 19 12.53 12.69 19.98
N GLU B 20 12.06 11.46 19.74
CA GLU B 20 11.12 11.22 18.65
C GLU B 20 9.67 11.41 19.12
N PHE B 21 8.89 12.11 18.31
CA PHE B 21 7.49 12.37 18.63
C PHE B 21 6.58 11.83 17.54
N ALA B 22 5.57 11.07 17.94
CA ALA B 22 4.63 10.51 16.98
C ALA B 22 3.37 11.36 16.87
N VAL B 23 3.11 11.91 15.68
CA VAL B 23 1.93 12.74 15.49
C VAL B 23 1.38 12.60 14.08
N PRO B 24 0.13 12.87 13.88
CA PRO B 24 -0.50 12.76 12.53
C PRO B 24 0.33 13.44 11.44
N GLU B 25 0.40 12.79 10.27
CA GLU B 25 1.16 13.35 9.16
C GLU B 25 0.67 14.74 8.80
N ASN B 26 -0.55 15.07 9.20
CA ASN B 26 -1.13 16.37 8.91
C ASN B 26 -1.10 17.25 10.15
N SER B 27 -0.21 16.93 11.07
CA SER B 27 -0.10 17.71 12.30
C SER B 27 0.54 19.07 12.02
N SER B 28 0.01 20.10 12.67
CA SER B 28 0.53 21.45 12.49
C SER B 28 1.71 21.67 13.42
N VAL B 29 2.50 22.70 13.11
CA VAL B 29 3.65 23.01 13.92
C VAL B 29 3.21 23.33 15.34
N GLN B 30 2.09 24.04 15.46
CA GLN B 30 1.59 24.42 16.77
C GLN B 30 1.33 23.17 17.61
N GLN B 31 0.76 22.14 17.00
CA GLN B 31 0.50 20.90 17.71
C GLN B 31 1.80 20.21 18.09
N PHE B 32 2.75 20.24 17.16
CA PHE B 32 4.04 19.61 17.39
C PHE B 32 4.79 20.33 18.51
N LYS B 33 4.71 21.66 18.51
CA LYS B 33 5.36 22.46 19.54
C LYS B 33 4.81 22.08 20.90
N GLU B 34 3.52 21.82 20.96
CA GLU B 34 2.89 21.45 22.22
C GLU B 34 3.46 20.14 22.74
N ALA B 35 3.66 19.20 21.83
CA ALA B 35 4.20 17.90 22.20
C ALA B 35 5.65 18.01 22.66
N ILE B 36 6.42 18.80 21.95
CA ILE B 36 7.82 19.02 22.29
C ILE B 36 7.95 19.76 23.61
N SER B 37 7.11 20.77 23.78
CA SER B 37 7.12 21.58 24.98
C SER B 37 6.74 20.75 26.19
N LYS B 38 5.96 19.70 25.95
CA LYS B 38 5.54 18.84 27.04
C LYS B 38 6.71 17.98 27.52
N ARG B 39 7.40 17.35 26.57
CA ARG B 39 8.53 16.49 26.91
C ARG B 39 9.67 17.28 27.50
N PHE B 40 9.98 18.40 26.87
CA PHE B 40 11.06 19.25 27.35
C PHE B 40 10.55 20.25 28.39
N LYS B 41 9.25 20.26 28.63
CA LYS B 41 8.68 21.17 29.62
C LYS B 41 9.07 22.61 29.31
N SER B 42 8.94 22.97 28.03
CA SER B 42 9.28 24.31 27.58
C SER B 42 8.02 25.06 27.18
N GLN B 43 8.19 26.20 26.51
CA GLN B 43 7.05 27.00 26.09
C GLN B 43 6.90 26.92 24.57
N THR B 44 5.67 27.07 24.10
CA THR B 44 5.40 27.04 22.68
C THR B 44 5.84 28.33 21.99
N ASP B 45 6.27 29.30 22.79
CA ASP B 45 6.72 30.58 22.26
C ASP B 45 8.22 30.76 22.48
N GLN B 46 8.82 29.91 23.31
CA GLN B 46 10.24 30.02 23.59
C GLN B 46 11.04 29.08 22.69
N LEU B 47 10.40 27.98 22.29
CA LEU B 47 11.06 27.01 21.44
C LEU B 47 10.71 27.25 19.99
N VAL B 48 11.67 27.01 19.10
CA VAL B 48 11.44 27.18 17.67
C VAL B 48 11.94 25.98 16.89
N LEU B 49 11.19 25.54 15.88
CA LEU B 49 11.61 24.39 15.10
C LEU B 49 12.36 24.83 13.86
N ILE B 50 13.24 23.97 13.36
CA ILE B 50 14.02 24.28 12.15
C ILE B 50 14.12 23.06 11.24
N PHE B 51 13.92 23.27 9.94
CA PHE B 51 14.01 22.16 8.98
C PHE B 51 14.18 22.68 7.56
N ALA B 52 14.96 21.97 6.76
CA ALA B 52 15.19 22.36 5.37
C ALA B 52 15.81 23.75 5.30
N GLY B 53 16.46 24.17 6.39
CA GLY B 53 17.09 25.47 6.43
C GLY B 53 16.08 26.58 6.68
N LYS B 54 14.88 26.19 7.11
CA LYS B 54 13.82 27.15 7.38
C LYS B 54 13.27 26.96 8.78
N ILE B 55 12.95 28.06 9.43
CA ILE B 55 12.42 28.00 10.79
C ILE B 55 10.94 27.64 10.76
N LEU B 56 10.62 26.51 11.37
CA LEU B 56 9.23 26.06 11.45
C LEU B 56 8.53 26.76 12.61
N LYS B 57 7.41 27.40 12.29
CA LYS B 57 6.63 28.14 13.28
C LYS B 57 5.25 27.55 13.39
N ASP B 58 4.57 27.84 14.50
CA ASP B 58 3.22 27.33 14.75
C ASP B 58 2.28 27.70 13.61
N GLN B 59 2.57 28.80 12.93
CA GLN B 59 1.74 29.23 11.82
C GLN B 59 1.89 28.31 10.61
N ASP B 60 2.97 27.54 10.59
CA ASP B 60 3.22 26.62 9.49
C ASP B 60 2.84 25.19 9.87
N THR B 61 2.82 24.29 8.89
CA THR B 61 2.47 22.90 9.13
C THR B 61 3.68 22.00 8.90
N LEU B 62 3.71 20.86 9.58
CA LEU B 62 4.84 19.95 9.45
C LEU B 62 4.93 19.39 8.04
N ILE B 63 3.81 18.88 7.54
CA ILE B 63 3.79 18.34 6.19
C ILE B 63 3.99 19.42 5.14
N GLN B 64 3.57 20.62 5.49
CA GLN B 64 3.71 21.75 4.60
C GLN B 64 5.18 22.05 4.39
N HIS B 65 5.97 21.82 5.42
CA HIS B 65 7.40 22.05 5.33
C HIS B 65 8.11 20.83 4.74
N GLY B 66 7.41 19.70 4.72
CA GLY B 66 8.00 18.48 4.20
C GLY B 66 8.41 17.55 5.33
N ILE B 67 7.98 17.87 6.55
CA ILE B 67 8.32 17.05 7.70
C ILE B 67 7.50 15.76 7.69
N HIS B 68 8.19 14.63 7.69
CA HIS B 68 7.52 13.34 7.68
C HIS B 68 8.16 12.39 8.67
N ASP B 69 7.64 11.16 8.73
CA ASP B 69 8.17 10.17 9.65
C ASP B 69 9.60 9.78 9.27
N GLY B 70 10.44 9.70 10.29
CA GLY B 70 11.84 9.33 10.07
C GLY B 70 12.72 10.55 9.86
N LEU B 71 12.10 11.69 9.58
CA LEU B 71 12.85 12.91 9.37
C LEU B 71 13.15 13.60 10.70
N THR B 72 14.35 14.17 10.79
CA THR B 72 14.77 14.86 12.01
C THR B 72 14.39 16.32 11.96
N VAL B 73 14.47 16.98 13.10
CA VAL B 73 14.14 18.40 13.20
C VAL B 73 15.12 19.11 14.11
N HIS B 74 15.36 20.39 13.85
CA HIS B 74 16.28 21.17 14.66
C HIS B 74 15.52 22.06 15.63
N LEU B 75 15.48 21.65 16.88
CA LEU B 75 14.79 22.42 17.90
C LEU B 75 15.72 23.47 18.49
N VAL B 76 15.26 24.72 18.52
CA VAL B 76 16.06 25.80 19.07
C VAL B 76 15.27 26.58 20.12
N ILE B 77 15.69 26.46 21.37
CA ILE B 77 15.03 27.16 22.46
C ILE B 77 15.76 28.47 22.76
N LYS B 78 14.98 29.54 22.90
CA LYS B 78 15.56 30.85 23.19
C LYS B 78 14.52 31.78 23.81
N ALA C 1 -52.35 -24.79 17.00
CA ALA C 1 -51.44 -24.40 15.88
C ALA C 1 -50.24 -25.34 15.83
N PRO C 2 -50.48 -26.58 15.50
CA PRO C 2 -49.40 -27.61 15.43
C PRO C 2 -48.43 -27.35 14.27
N ALA C 3 -48.89 -26.58 13.29
CA ALA C 3 -48.07 -26.27 12.13
C ALA C 3 -46.81 -25.51 12.55
N GLU C 4 -45.70 -25.82 11.90
CA GLU C 4 -44.45 -25.16 12.21
C GLU C 4 -44.43 -23.73 11.70
N PRO C 5 -43.55 -22.90 12.21
CA PRO C 5 -43.42 -21.47 11.78
C PRO C 5 -43.16 -21.35 10.28
N LYS C 6 -43.18 -20.11 9.79
CA LYS C 6 -42.95 -19.85 8.37
C LYS C 6 -41.53 -19.39 8.12
N ILE C 7 -40.91 -19.96 7.09
CA ILE C 7 -39.54 -19.60 6.74
C ILE C 7 -39.51 -18.28 5.99
N ILE C 8 -38.53 -17.44 6.32
CA ILE C 8 -38.37 -16.15 5.67
C ILE C 8 -37.04 -16.03 4.98
N LYS C 9 -36.96 -15.12 4.02
CA LYS C 9 -35.72 -14.93 3.29
C LYS C 9 -35.20 -13.52 3.53
N VAL C 10 -34.07 -13.44 4.22
CA VAL C 10 -33.46 -12.15 4.51
C VAL C 10 -32.23 -11.92 3.64
N THR C 11 -32.14 -10.72 3.05
CA THR C 11 -31.01 -10.40 2.21
C THR C 11 -29.91 -9.76 3.04
N VAL C 12 -28.84 -10.51 3.25
CA VAL C 12 -27.72 -10.00 4.04
C VAL C 12 -26.70 -9.33 3.13
N LYS C 13 -26.21 -8.16 3.55
CA LYS C 13 -25.24 -7.45 2.74
C LYS C 13 -23.90 -7.40 3.46
N THR C 14 -22.96 -8.20 2.99
CA THR C 14 -21.63 -8.26 3.60
C THR C 14 -20.65 -7.36 2.86
N PRO C 15 -19.54 -7.05 3.47
CA PRO C 15 -18.49 -6.19 2.86
C PRO C 15 -17.95 -6.77 1.55
N LYS C 16 -18.26 -8.03 1.28
CA LYS C 16 -17.78 -8.67 0.07
C LYS C 16 -18.91 -8.76 -0.94
N GLU C 17 -20.11 -9.04 -0.43
CA GLU C 17 -21.28 -9.16 -1.29
C GLU C 17 -22.54 -9.42 -0.46
N LYS C 18 -23.69 -9.56 -1.12
CA LYS C 18 -24.93 -9.81 -0.40
C LYS C 18 -25.56 -11.09 -0.87
N GLU C 19 -26.29 -11.75 0.00
CA GLU C 19 -26.95 -12.98 -0.36
C GLU C 19 -28.24 -13.18 0.43
N GLU C 20 -29.20 -13.88 -0.17
CA GLU C 20 -30.47 -14.15 0.53
C GLU C 20 -30.40 -15.46 1.29
N PHE C 21 -30.76 -15.41 2.58
CA PHE C 21 -30.74 -16.61 3.42
C PHE C 21 -32.15 -16.97 3.89
N ALA C 22 -32.52 -18.23 3.73
CA ALA C 22 -33.83 -18.69 4.15
C ALA C 22 -33.77 -19.23 5.57
N VAL C 23 -34.52 -18.63 6.49
CA VAL C 23 -34.52 -19.10 7.86
C VAL C 23 -35.88 -18.89 8.50
N PRO C 24 -36.22 -19.65 9.50
CA PRO C 24 -37.53 -19.52 10.20
C PRO C 24 -37.83 -18.08 10.61
N GLU C 25 -39.09 -17.68 10.49
CA GLU C 25 -39.48 -16.32 10.85
C GLU C 25 -39.10 -16.02 12.30
N ASN C 26 -38.87 -17.07 13.09
CA ASN C 26 -38.50 -16.91 14.49
C ASN C 26 -37.02 -17.17 14.69
N SER C 27 -36.25 -17.03 13.62
CA SER C 27 -34.82 -17.27 13.70
C SER C 27 -34.14 -16.16 14.53
N SER C 28 -33.24 -16.58 15.41
CA SER C 28 -32.52 -15.63 16.25
C SER C 28 -31.26 -15.15 15.54
N VAL C 29 -30.70 -14.07 16.05
CA VAL C 29 -29.49 -13.53 15.46
C VAL C 29 -28.39 -14.57 15.51
N GLN C 30 -28.30 -15.31 16.61
CA GLN C 30 -27.28 -16.33 16.76
C GLN C 30 -27.41 -17.37 15.65
N GLN C 31 -28.64 -17.79 15.37
CA GLN C 31 -28.87 -18.76 14.32
C GLN C 31 -28.54 -18.17 12.96
N PHE C 32 -28.90 -16.91 12.77
CA PHE C 32 -28.67 -16.22 11.52
C PHE C 32 -27.17 -16.07 11.28
N LYS C 33 -26.45 -15.70 12.34
CA LYS C 33 -25.01 -15.53 12.23
C LYS C 33 -24.36 -16.83 11.82
N GLU C 34 -24.87 -17.93 12.36
CA GLU C 34 -24.32 -19.24 12.03
C GLU C 34 -24.54 -19.55 10.55
N ALA C 35 -25.71 -19.17 10.04
CA ALA C 35 -26.02 -19.44 8.64
C ALA C 35 -25.14 -18.60 7.71
N ILE C 36 -24.98 -17.33 8.07
CA ILE C 36 -24.17 -16.43 7.30
C ILE C 36 -22.69 -16.80 7.38
N SER C 37 -22.26 -17.20 8.57
CA SER C 37 -20.87 -17.57 8.79
C SER C 37 -20.52 -18.78 7.96
N LYS C 38 -21.50 -19.65 7.74
CA LYS C 38 -21.26 -20.84 6.94
C LYS C 38 -21.07 -20.47 5.47
N ARG C 39 -21.95 -19.62 4.96
CA ARG C 39 -21.89 -19.22 3.56
C ARG C 39 -20.64 -18.41 3.26
N PHE C 40 -20.34 -17.48 4.15
CA PHE C 40 -19.15 -16.66 4.00
C PHE C 40 -17.95 -17.29 4.69
N LYS C 41 -18.15 -18.45 5.30
CA LYS C 41 -17.06 -19.14 5.99
C LYS C 41 -16.39 -18.21 6.99
N SER C 42 -17.20 -17.38 7.65
CA SER C 42 -16.69 -16.44 8.64
C SER C 42 -16.95 -16.96 10.05
N GLN C 43 -16.75 -16.09 11.04
CA GLN C 43 -16.97 -16.47 12.42
C GLN C 43 -17.95 -15.50 13.09
N THR C 44 -18.79 -16.02 13.98
CA THR C 44 -19.75 -15.19 14.66
C THR C 44 -19.07 -14.16 15.55
N ASP C 45 -17.78 -14.37 15.82
CA ASP C 45 -17.02 -13.47 16.67
C ASP C 45 -16.77 -12.14 15.95
N GLN C 46 -16.56 -12.23 14.65
CA GLN C 46 -16.28 -11.04 13.84
C GLN C 46 -17.53 -10.58 13.09
N LEU C 47 -18.46 -11.50 12.89
CA LEU C 47 -19.69 -11.17 12.16
C LEU C 47 -20.60 -10.30 13.02
N VAL C 48 -20.91 -9.11 12.52
CA VAL C 48 -21.77 -8.19 13.25
C VAL C 48 -22.93 -7.73 12.36
N LEU C 49 -24.16 -7.81 12.86
CA LEU C 49 -25.31 -7.40 12.06
C LEU C 49 -25.64 -5.94 12.31
N ILE C 50 -26.26 -5.31 11.32
CA ILE C 50 -26.63 -3.90 11.44
C ILE C 50 -28.02 -3.66 10.85
N PHE C 51 -28.87 -3.00 11.63
CA PHE C 51 -30.23 -2.72 11.16
C PHE C 51 -30.81 -1.50 11.86
N ALA C 52 -31.47 -0.63 11.10
CA ALA C 52 -32.08 0.58 11.67
C ALA C 52 -31.02 1.48 12.28
N GLY C 53 -29.79 1.39 11.77
CA GLY C 53 -28.70 2.20 12.28
C GLY C 53 -28.20 1.68 13.62
N LYS C 54 -28.57 0.44 13.94
CA LYS C 54 -28.16 -0.18 15.19
C LYS C 54 -27.59 -1.56 14.95
N ILE C 55 -26.49 -1.87 15.62
CA ILE C 55 -25.87 -3.19 15.48
C ILE C 55 -26.67 -4.26 16.20
N LEU C 56 -26.76 -5.43 15.59
CA LEU C 56 -27.50 -6.54 16.16
C LEU C 56 -26.54 -7.67 16.54
N LYS C 57 -26.81 -8.30 17.67
CA LYS C 57 -25.97 -9.38 18.15
C LYS C 57 -26.80 -10.64 18.41
N ASP C 58 -26.12 -11.73 18.78
CA ASP C 58 -26.78 -12.99 19.06
C ASP C 58 -27.77 -12.85 20.22
N GLN C 59 -27.64 -11.76 20.98
CA GLN C 59 -28.52 -11.52 22.12
C GLN C 59 -29.90 -11.09 21.64
N ASP C 60 -30.00 -10.65 20.39
CA ASP C 60 -31.27 -10.21 19.85
C ASP C 60 -31.82 -11.21 18.83
N THR C 61 -33.08 -11.02 18.42
CA THR C 61 -33.72 -11.90 17.46
C THR C 61 -34.04 -11.14 16.18
N LEU C 62 -34.13 -11.86 15.07
CA LEU C 62 -34.42 -11.23 13.80
C LEU C 62 -35.80 -10.61 13.81
N ILE C 63 -36.80 -11.43 14.01
CA ILE C 63 -38.18 -10.94 14.06
C ILE C 63 -38.36 -9.89 15.13
N GLN C 64 -37.56 -10.00 16.16
CA GLN C 64 -37.59 -9.04 17.26
C GLN C 64 -37.11 -7.70 16.77
N HIS C 65 -36.20 -7.71 15.80
CA HIS C 65 -35.69 -6.47 15.26
C HIS C 65 -36.68 -5.89 14.25
N GLY C 66 -37.59 -6.73 13.78
CA GLY C 66 -38.57 -6.26 12.81
C GLY C 66 -38.14 -6.65 11.39
N ILE C 67 -37.28 -7.66 11.31
CA ILE C 67 -36.81 -8.10 10.01
C ILE C 67 -37.42 -9.46 9.66
N HIS C 68 -38.13 -9.53 8.55
CA HIS C 68 -38.77 -10.77 8.12
C HIS C 68 -38.40 -11.12 6.68
N ASP C 69 -39.28 -11.85 6.00
CA ASP C 69 -39.03 -12.24 4.62
C ASP C 69 -39.11 -11.05 3.68
N GLY C 70 -37.99 -10.77 3.03
CA GLY C 70 -37.92 -9.67 2.09
C GLY C 70 -37.16 -8.47 2.65
N LEU C 71 -36.89 -8.49 3.95
CA LEU C 71 -36.16 -7.41 4.57
C LEU C 71 -34.66 -7.58 4.34
N THR C 72 -33.94 -6.47 4.37
CA THR C 72 -32.50 -6.48 4.17
C THR C 72 -31.76 -6.30 5.50
N VAL C 73 -30.54 -6.82 5.54
CA VAL C 73 -29.69 -6.73 6.73
C VAL C 73 -28.28 -6.31 6.35
N HIS C 74 -27.63 -5.57 7.24
CA HIS C 74 -26.27 -5.10 6.98
C HIS C 74 -25.28 -5.92 7.77
N LEU C 75 -24.46 -6.69 7.07
CA LEU C 75 -23.46 -7.52 7.74
C LEU C 75 -22.11 -6.83 7.72
N VAL C 76 -21.48 -6.76 8.88
CA VAL C 76 -20.18 -6.13 9.00
C VAL C 76 -19.19 -7.05 9.72
N ILE C 77 -18.06 -7.33 9.08
CA ILE C 77 -17.05 -8.21 9.67
C ILE C 77 -15.92 -7.37 10.25
N LYS C 78 -15.59 -7.62 11.50
CA LYS C 78 -14.52 -6.89 12.17
C LYS C 78 -13.18 -7.20 11.52
N MET A 1 30.69 44.01 -8.48
CA MET A 1 29.29 44.26 -8.02
C MET A 1 29.33 45.14 -6.78
N LEU A 2 28.15 45.60 -6.36
CA LEU A 2 28.06 46.46 -5.17
C LEU A 2 28.54 45.69 -3.94
N GLY A 3 28.18 44.42 -3.86
CA GLY A 3 28.58 43.58 -2.74
C GLY A 3 27.36 43.01 -2.03
N LEU A 4 27.57 42.46 -0.84
CA LEU A 4 26.47 41.88 -0.07
C LEU A 4 25.63 42.98 0.56
N GLY A 5 24.34 42.98 0.25
CA GLY A 5 23.44 43.98 0.79
C GLY A 5 22.66 43.42 1.98
N ALA A 6 23.05 43.83 3.18
CA ALA A 6 22.39 43.37 4.40
C ALA A 6 20.93 43.79 4.41
N SER A 7 20.67 45.02 3.96
CA SER A 7 19.30 45.53 3.94
C SER A 7 18.43 44.68 3.03
N ASP A 8 18.95 44.33 1.86
CA ASP A 8 18.20 43.51 0.92
C ASP A 8 17.94 42.13 1.50
N PHE A 9 18.94 41.57 2.15
CA PHE A 9 18.82 40.24 2.75
C PHE A 9 17.77 40.24 3.86
N GLU A 10 17.77 41.29 4.68
CA GLU A 10 16.78 41.45 5.74
C GLU A 10 17.09 40.29 6.67
N PHE A 11 16.33 39.20 6.53
CA PHE A 11 16.47 38.06 7.43
C PHE A 11 17.42 37.02 6.85
N GLY A 12 17.86 37.23 5.62
CA GLY A 12 18.79 36.31 4.97
C GLY A 12 20.17 36.38 5.61
N VAL A 13 20.40 37.42 6.41
CA VAL A 13 21.68 37.60 7.08
C VAL A 13 21.64 37.02 8.50
N ASP A 14 20.45 36.59 8.93
CA ASP A 14 20.31 35.98 10.26
C ASP A 14 21.25 34.78 10.42
N PRO A 15 21.32 33.86 9.47
CA PRO A 15 22.21 32.66 9.57
C PRO A 15 23.68 33.05 9.78
N SER A 16 24.12 34.07 9.04
CA SER A 16 25.50 34.52 9.14
C SER A 16 25.77 35.16 10.50
N ALA A 17 24.78 35.89 11.02
CA ALA A 17 24.94 36.55 12.31
C ALA A 17 25.16 35.52 13.42
N ASP A 18 24.39 34.43 13.37
CA ASP A 18 24.50 33.39 14.38
C ASP A 18 25.07 32.10 13.77
N PRO A 19 26.30 31.74 14.09
CA PRO A 19 26.93 30.49 13.56
C PRO A 19 26.06 29.26 13.80
N GLU A 20 25.31 29.28 14.89
CA GLU A 20 24.43 28.17 15.24
C GLU A 20 23.37 27.98 14.17
N LEU A 21 22.79 29.07 13.72
CA LEU A 21 21.77 29.02 12.69
C LEU A 21 22.36 28.44 11.43
N ALA A 22 23.59 28.84 11.15
CA ALA A 22 24.28 28.33 9.97
C ALA A 22 24.44 26.82 10.10
N LEU A 23 24.76 26.36 11.31
CA LEU A 23 24.93 24.93 11.52
C LEU A 23 23.60 24.21 11.37
N ALA A 24 22.55 24.78 11.94
CA ALA A 24 21.22 24.19 11.87
C ALA A 24 20.72 24.12 10.43
N LEU A 25 21.00 25.16 9.67
CA LEU A 25 20.57 25.21 8.28
C LEU A 25 21.30 24.14 7.48
N ARG A 26 22.60 24.03 7.69
CA ARG A 26 23.40 23.04 7.00
C ARG A 26 22.95 21.65 7.39
N VAL A 27 22.70 21.47 8.68
CA VAL A 27 22.26 20.18 9.16
C VAL A 27 20.93 19.81 8.54
N SER A 28 20.01 20.77 8.51
CA SER A 28 18.70 20.53 7.94
C SER A 28 18.84 20.14 6.48
N MET A 29 19.68 20.88 5.77
CA MET A 29 19.93 20.60 4.37
C MET A 29 20.54 19.20 4.23
N GLU A 30 21.43 18.86 5.15
CA GLU A 30 22.07 17.56 5.14
C GLU A 30 21.04 16.46 5.42
N GLU A 31 20.08 16.76 6.29
CA GLU A 31 19.04 15.78 6.60
C GLU A 31 18.28 15.43 5.33
N GLN A 32 18.01 16.44 4.52
CA GLN A 32 17.31 16.20 3.27
C GLN A 32 18.17 15.32 2.37
N ARG A 33 19.47 15.57 2.39
CA ARG A 33 20.40 14.80 1.58
C ARG A 33 20.31 13.33 1.97
N GLN A 34 20.20 13.05 3.26
CA GLN A 34 20.11 11.67 3.72
C GLN A 34 18.87 11.00 3.13
N ARG A 35 17.76 11.72 3.13
CA ARG A 35 16.53 11.19 2.57
C ARG A 35 16.65 11.04 1.06
N GLN A 36 17.34 12.01 0.45
CA GLN A 36 17.54 11.99 -0.98
C GLN A 36 18.37 10.78 -1.35
N GLU A 37 19.37 10.48 -0.51
CA GLU A 37 20.23 9.33 -0.75
C GLU A 37 19.43 8.04 -0.66
N GLU A 38 18.57 7.97 0.36
CA GLU A 38 17.74 6.78 0.55
C GLU A 38 16.80 6.59 -0.63
N GLU A 39 16.20 7.68 -1.08
CA GLU A 39 15.30 7.61 -2.22
C GLU A 39 16.08 7.28 -3.49
N ALA A 40 17.24 7.91 -3.61
CA ALA A 40 18.11 7.70 -4.77
C ALA A 40 18.54 6.24 -4.85
N ARG A 41 18.87 5.66 -3.70
CA ARG A 41 19.30 4.27 -3.67
C ARG A 41 18.09 3.37 -3.85
N ARG A 42 16.95 3.84 -3.35
CA ARG A 42 15.71 3.08 -3.45
C ARG A 42 15.35 2.89 -4.92
N ALA A 43 15.39 3.98 -5.68
CA ALA A 43 15.08 3.91 -7.10
C ALA A 43 16.10 3.04 -7.81
N ALA A 44 17.36 3.18 -7.40
CA ALA A 44 18.44 2.41 -8.00
C ALA A 44 18.20 0.92 -7.81
N ALA A 45 17.77 0.53 -6.62
CA ALA A 45 17.49 -0.87 -6.35
C ALA A 45 16.37 -1.36 -7.25
N ALA A 46 15.33 -0.55 -7.39
CA ALA A 46 14.19 -0.90 -8.24
C ALA A 46 14.64 -1.02 -9.70
N SER A 47 15.50 -0.12 -10.11
CA SER A 47 16.01 -0.12 -11.48
C SER A 47 16.75 -1.42 -11.77
N ALA A 48 17.59 -1.85 -10.83
CA ALA A 48 18.32 -3.08 -11.01
C ALA A 48 17.36 -4.24 -11.17
N ALA A 49 16.30 -4.22 -10.36
CA ALA A 49 15.28 -5.25 -10.43
C ALA A 49 14.58 -5.23 -11.77
N GLU A 50 14.33 -4.03 -12.29
CA GLU A 50 13.66 -3.89 -13.59
C GLU A 50 14.66 -4.07 -14.73
N ALA A 51 15.96 -4.05 -14.40
CA ALA A 51 17.00 -4.20 -15.41
C ALA A 51 17.60 -5.61 -15.37
N GLY A 52 17.33 -6.36 -14.29
CA GLY A 52 17.85 -7.71 -14.15
C GLY A 52 16.94 -8.71 -14.85
N ILE A 53 15.63 -8.58 -14.63
CA ILE A 53 14.65 -9.47 -15.22
C ILE A 53 14.22 -8.98 -16.61
N ALA A 54 14.90 -9.48 -17.65
CA ALA A 54 14.58 -9.06 -19.01
C ALA A 54 13.56 -9.99 -19.64
N THR A 55 12.57 -10.41 -18.84
CA THR A 55 11.53 -11.30 -19.32
C THR A 55 10.25 -11.13 -18.51
N THR A 56 9.13 -10.98 -19.21
CA THR A 56 7.84 -10.80 -18.53
C THR A 56 7.04 -12.10 -18.56
N GLY A 57 6.64 -12.58 -17.40
CA GLY A 57 5.89 -13.82 -17.31
C GLY A 57 5.57 -14.14 -15.87
N THR A 58 5.21 -15.39 -15.62
CA THR A 58 4.87 -15.80 -14.27
C THR A 58 6.13 -15.92 -13.42
N GLU A 59 5.95 -15.94 -12.12
CA GLU A 59 7.07 -16.05 -11.20
C GLU A 59 7.33 -17.51 -10.82
N ASP A 60 7.82 -18.29 -11.77
CA ASP A 60 8.13 -19.69 -11.52
C ASP A 60 9.63 -19.91 -11.35
N SER A 61 10.39 -18.81 -11.30
CA SER A 61 11.84 -18.89 -11.15
C SER A 61 12.20 -19.55 -9.82
N ASP A 62 11.50 -19.17 -8.77
CA ASP A 62 11.76 -19.71 -7.44
C ASP A 62 11.55 -21.22 -7.42
N ASP A 63 10.48 -21.67 -8.08
CA ASP A 63 10.18 -23.10 -8.13
C ASP A 63 11.28 -23.85 -8.84
N ALA A 64 11.78 -23.26 -9.92
CA ALA A 64 12.83 -23.89 -10.69
C ALA A 64 14.07 -24.10 -9.82
N LEU A 65 14.36 -23.09 -9.01
CA LEU A 65 15.52 -23.16 -8.13
C LEU A 65 15.33 -24.28 -7.11
N LEU A 66 14.10 -24.47 -6.65
CA LEU A 66 13.83 -25.52 -5.66
C LEU A 66 14.14 -26.90 -6.22
N LYS A 67 13.71 -27.15 -7.45
CA LYS A 67 13.95 -28.43 -8.09
C LYS A 67 15.45 -28.65 -8.29
N MET A 68 16.14 -27.61 -8.71
CA MET A 68 17.59 -27.71 -8.92
C MET A 68 18.32 -27.92 -7.60
N THR A 69 17.85 -27.24 -6.55
CA THR A 69 18.47 -27.34 -5.24
C THR A 69 18.41 -28.77 -4.72
N ILE A 70 17.24 -29.38 -4.79
CA ILE A 70 17.09 -30.75 -4.31
C ILE A 70 17.78 -31.73 -5.24
N SER A 71 17.81 -31.40 -6.53
CA SER A 71 18.45 -32.26 -7.51
C SER A 71 19.93 -32.45 -7.18
N GLN A 72 20.62 -31.35 -6.91
CA GLN A 72 22.04 -31.41 -6.60
C GLN A 72 22.27 -32.13 -5.27
N GLN A 73 21.41 -31.85 -4.29
CA GLN A 73 21.54 -32.48 -2.98
C GLN A 73 21.33 -33.98 -3.06
N GLU A 74 20.35 -34.40 -3.86
CA GLU A 74 20.07 -35.82 -4.02
C GLU A 74 21.24 -36.53 -4.67
N PHE A 75 21.83 -35.90 -5.68
CA PHE A 75 22.96 -36.46 -6.40
C PHE A 75 22.74 -37.96 -6.68
N GLY A 76 21.57 -38.26 -7.23
CA GLY A 76 21.21 -39.64 -7.54
C GLY A 76 22.19 -40.25 -8.54
N ARG A 77 22.62 -39.45 -9.51
CA ARG A 77 23.55 -39.92 -10.52
C ARG A 77 24.88 -40.31 -9.89
N THR A 78 25.29 -39.55 -8.89
CA THR A 78 26.55 -39.81 -8.21
C THR A 78 27.73 -39.71 -9.17
N GLY A 79 27.50 -39.09 -10.32
CA GLY A 79 28.56 -38.94 -11.32
C GLY A 79 28.85 -40.27 -12.01
N LEU A 80 27.91 -41.21 -11.91
CA LEU A 80 28.06 -42.52 -12.52
C LEU A 80 29.27 -43.25 -11.94
N PRO A 81 29.31 -44.56 -12.05
CA PRO A 81 30.44 -45.37 -11.52
C PRO A 81 31.73 -45.12 -12.32
N ASP A 82 31.59 -44.61 -13.53
CA ASP A 82 32.75 -44.33 -14.38
C ASP A 82 33.63 -45.56 -14.48
N LEU A 83 33.05 -46.63 -15.02
CA LEU A 83 33.77 -47.89 -15.17
C LEU A 83 35.00 -47.70 -16.03
N SER A 84 34.89 -46.84 -17.04
CA SER A 84 36.01 -46.59 -17.93
C SER A 84 37.20 -46.04 -17.16
N SER A 85 36.93 -45.14 -16.22
CA SER A 85 37.98 -44.55 -15.40
C SER A 85 38.65 -45.60 -14.53
N MET A 86 37.85 -46.52 -14.00
CA MET A 86 38.38 -47.57 -13.14
C MET A 86 39.15 -48.60 -13.97
N THR A 87 40.03 -49.33 -13.30
CA THR A 87 40.83 -50.35 -13.97
C THR A 87 39.99 -51.58 -14.25
N GLU A 88 40.53 -52.49 -15.06
CA GLU A 88 39.82 -53.71 -15.41
C GLU A 88 39.50 -54.53 -14.16
N GLU A 89 40.42 -54.49 -13.20
CA GLU A 89 40.24 -55.22 -11.95
C GLU A 89 39.03 -54.68 -11.20
N GLU A 90 38.87 -53.37 -11.20
CA GLU A 90 37.75 -52.74 -10.49
C GLU A 90 36.43 -53.19 -11.11
N GLN A 91 36.39 -53.18 -12.44
CA GLN A 91 35.18 -53.59 -13.16
C GLN A 91 34.91 -55.07 -12.92
N ILE A 92 35.99 -55.86 -12.97
CA ILE A 92 35.88 -57.29 -12.73
C ILE A 92 35.36 -57.58 -11.32
N ALA A 93 35.89 -56.86 -10.34
CA ALA A 93 35.47 -57.05 -8.96
C ALA A 93 33.99 -56.76 -8.81
N TYR A 94 33.52 -55.71 -9.48
CA TYR A 94 32.13 -55.33 -9.39
C TYR A 94 31.22 -56.47 -9.86
N ALA A 95 31.57 -57.05 -11.01
CA ALA A 95 30.79 -58.14 -11.57
C ALA A 95 30.79 -59.35 -10.63
N MET A 96 31.94 -59.62 -10.02
CA MET A 96 32.08 -60.75 -9.11
C MET A 96 31.20 -60.54 -7.88
N GLN A 97 31.13 -59.30 -7.40
CA GLN A 97 30.33 -59.01 -6.22
C GLN A 97 28.86 -59.30 -6.49
N MET A 98 28.42 -58.95 -7.69
CA MET A 98 27.03 -59.20 -8.06
C MET A 98 26.74 -60.70 -8.07
N SER A 99 27.69 -61.48 -8.56
CA SER A 99 27.52 -62.93 -8.62
C SER A 99 27.34 -63.51 -7.22
N LEU A 100 28.15 -63.05 -6.28
CA LEU A 100 28.07 -63.53 -4.90
C LEU A 100 26.71 -63.22 -4.29
N GLN A 101 26.19 -62.03 -4.57
CA GLN A 101 24.90 -61.63 -4.04
C GLN A 101 23.80 -62.56 -4.55
N GLY A 102 23.85 -62.86 -5.84
CA GLY A 102 22.85 -63.74 -6.45
C GLY A 102 22.91 -65.13 -5.85
N ALA A 103 24.12 -65.61 -5.57
CA ALA A 103 24.29 -66.93 -5.00
C ALA A 103 23.56 -67.03 -3.67
N GLU A 104 22.91 -68.17 -3.47
CA GLU A 104 22.17 -68.41 -2.23
C GLU A 104 21.15 -67.30 -2.00
N PHE A 105 20.63 -66.74 -3.09
CA PHE A 105 19.63 -65.67 -2.99
C PHE A 105 18.42 -65.98 -3.84
N GLY A 106 17.81 -67.14 -3.60
CA GLY A 106 16.62 -67.54 -4.34
C GLY A 106 15.35 -67.25 -3.55
N GLN A 107 15.48 -66.59 -2.41
CA GLN A 107 14.33 -66.27 -1.58
C GLN A 107 14.33 -64.79 -1.23
N ALA A 108 13.15 -64.16 -1.31
CA ALA A 108 13.02 -62.75 -1.01
C ALA A 108 13.78 -61.90 -2.03
N GLU A 109 13.43 -62.08 -3.30
CA GLU A 109 14.08 -61.32 -4.37
C GLU A 109 13.83 -59.82 -4.20
N SER A 110 12.60 -59.48 -3.79
CA SER A 110 12.25 -58.08 -3.60
C SER A 110 11.80 -57.84 -2.17
N ALA A 111 12.35 -56.80 -1.54
CA ALA A 111 12.00 -56.46 -0.18
C ALA A 111 11.65 -54.98 -0.04
N ALA B 1 -16.71 14.01 3.17
CA ALA B 1 -15.44 14.74 3.47
C ALA B 1 -14.36 13.74 3.85
N PRO B 2 -13.82 13.05 2.87
CA PRO B 2 -12.75 12.03 3.10
C PRO B 2 -11.53 12.63 3.79
N ALA B 3 -10.92 11.86 4.68
CA ALA B 3 -9.74 12.32 5.40
C ALA B 3 -8.80 11.15 5.70
N GLU B 4 -7.50 11.44 5.72
CA GLU B 4 -6.51 10.41 6.00
C GLU B 4 -5.43 10.94 6.95
N PRO B 5 -5.76 11.07 8.21
CA PRO B 5 -4.80 11.56 9.23
C PRO B 5 -3.84 10.47 9.71
N LYS B 6 -2.75 10.30 8.99
CA LYS B 6 -1.75 9.30 9.33
C LYS B 6 -0.70 9.87 10.26
N ILE B 7 -0.44 9.17 11.35
CA ILE B 7 0.54 9.62 12.32
C ILE B 7 1.95 9.55 11.75
N ILE B 8 2.72 10.61 11.96
CA ILE B 8 4.07 10.68 11.49
C ILE B 8 5.04 10.85 12.62
N LYS B 9 6.22 10.26 12.46
CA LYS B 9 7.23 10.36 13.48
C LYS B 9 8.34 11.33 13.07
N VAL B 10 8.51 12.34 13.88
CA VAL B 10 9.53 13.35 13.64
C VAL B 10 10.58 13.33 14.74
N THR B 11 11.84 13.30 14.34
CA THR B 11 12.95 13.28 15.29
C THR B 11 13.41 14.70 15.52
N VAL B 12 13.20 15.18 16.74
CA VAL B 12 13.60 16.53 17.08
C VAL B 12 14.97 16.51 17.71
N LYS B 13 15.82 17.45 17.33
CA LYS B 13 17.17 17.50 17.90
C LYS B 13 17.34 18.77 18.70
N THR B 14 17.63 18.61 20.00
CA THR B 14 17.80 19.76 20.88
C THR B 14 19.23 19.84 21.38
N PRO B 15 19.62 20.98 21.89
CA PRO B 15 21.01 21.19 22.43
C PRO B 15 21.34 20.21 23.56
N LYS B 16 20.31 19.57 24.12
CA LYS B 16 20.53 18.64 25.19
C LYS B 16 20.50 17.22 24.66
N GLU B 17 19.59 16.97 23.73
CA GLU B 17 19.44 15.65 23.15
C GLU B 17 18.35 15.65 22.07
N LYS B 18 18.08 14.50 21.46
CA LYS B 18 17.06 14.42 20.42
C LYS B 18 15.99 13.43 20.84
N GLU B 19 14.77 13.64 20.37
CA GLU B 19 13.69 12.73 20.70
C GLU B 19 12.72 12.57 19.54
N GLU B 20 12.14 11.40 19.42
CA GLU B 20 11.20 11.15 18.34
C GLU B 20 9.76 11.28 18.83
N PHE B 21 8.98 12.10 18.15
CA PHE B 21 7.59 12.34 18.51
C PHE B 21 6.65 11.90 17.39
N ALA B 22 5.55 11.26 17.75
CA ALA B 22 4.58 10.81 16.75
C ALA B 22 3.32 11.69 16.80
N VAL B 23 2.96 12.29 15.67
CA VAL B 23 1.76 13.14 15.64
C VAL B 23 1.09 13.06 14.27
N PRO B 24 -0.18 13.36 14.18
CA PRO B 24 -0.92 13.32 12.88
C PRO B 24 -0.19 14.09 11.78
N GLU B 25 -0.14 13.50 10.60
CA GLU B 25 0.53 14.14 9.46
C GLU B 25 -0.12 15.48 9.14
N ASN B 26 -1.36 15.64 9.56
CA ASN B 26 -2.08 16.88 9.31
C ASN B 26 -2.10 17.76 10.55
N SER B 27 -1.22 17.46 11.48
CA SER B 27 -1.15 18.24 12.70
C SER B 27 -0.52 19.60 12.44
N SER B 28 -0.73 20.53 13.35
CA SER B 28 -0.18 21.87 13.20
C SER B 28 1.16 21.98 13.92
N VAL B 29 1.93 22.99 13.56
CA VAL B 29 3.22 23.18 14.20
C VAL B 29 3.04 23.39 15.69
N GLN B 30 1.99 24.13 16.05
CA GLN B 30 1.70 24.41 17.45
C GLN B 30 1.52 23.12 18.23
N GLN B 31 0.81 22.16 17.64
CA GLN B 31 0.57 20.90 18.32
C GLN B 31 1.89 20.16 18.53
N PHE B 32 2.72 20.18 17.51
CA PHE B 32 4.03 19.52 17.57
C PHE B 32 4.93 20.19 18.59
N LYS B 33 4.93 21.51 18.59
CA LYS B 33 5.74 22.28 19.51
C LYS B 33 5.28 22.04 20.93
N GLU B 34 3.97 21.93 21.09
CA GLU B 34 3.41 21.71 22.40
C GLU B 34 3.87 20.37 22.96
N ALA B 35 3.87 19.36 22.12
CA ALA B 35 4.28 18.02 22.52
C ALA B 35 5.75 18.01 22.89
N ILE B 36 6.55 18.70 22.10
CA ILE B 36 7.98 18.79 22.34
C ILE B 36 8.27 19.52 23.64
N SER B 37 7.55 20.61 23.86
CA SER B 37 7.75 21.42 25.05
C SER B 37 7.37 20.64 26.28
N LYS B 38 6.48 19.68 26.12
CA LYS B 38 6.05 18.87 27.24
C LYS B 38 7.17 17.91 27.65
N ARG B 39 7.67 17.15 26.68
CA ARG B 39 8.73 16.17 26.95
C ARG B 39 10.00 16.86 27.40
N PHE B 40 10.36 17.93 26.71
CA PHE B 40 11.56 18.68 27.06
C PHE B 40 11.26 19.70 28.16
N LYS B 41 9.98 19.84 28.52
CA LYS B 41 9.61 20.79 29.56
C LYS B 41 10.05 22.20 29.17
N SER B 42 9.92 22.52 27.90
CA SER B 42 10.30 23.83 27.39
C SER B 42 9.07 24.72 27.22
N GLN B 43 9.25 25.87 26.59
CA GLN B 43 8.14 26.79 26.38
C GLN B 43 7.98 27.12 24.90
N THR B 44 6.74 27.28 24.45
CA THR B 44 6.48 27.58 23.05
C THR B 44 6.88 29.03 22.73
N ASP B 45 7.24 29.80 23.76
CA ASP B 45 7.64 31.18 23.57
C ASP B 45 9.14 31.26 23.26
N GLN B 46 9.85 30.14 23.42
CA GLN B 46 11.28 30.11 23.15
C GLN B 46 11.64 28.93 22.26
N LEU B 47 10.68 28.02 22.08
CA LEU B 47 10.90 26.87 21.25
C LEU B 47 10.73 27.21 19.78
N VAL B 48 11.77 27.00 19.00
CA VAL B 48 11.73 27.29 17.57
C VAL B 48 12.17 26.05 16.78
N LEU B 49 11.38 25.66 15.79
CA LEU B 49 11.73 24.50 14.98
C LEU B 49 12.40 24.92 13.69
N ILE B 50 13.23 24.04 13.15
CA ILE B 50 13.94 24.35 11.90
C ILE B 50 13.93 23.17 10.95
N PHE B 51 13.60 23.44 9.69
CA PHE B 51 13.56 22.39 8.68
C PHE B 51 13.63 22.98 7.28
N ALA B 52 14.29 22.27 6.37
CA ALA B 52 14.43 22.73 4.99
C ALA B 52 15.15 24.07 4.92
N GLY B 53 15.88 24.40 5.99
CA GLY B 53 16.59 25.67 6.04
C GLY B 53 15.68 26.82 6.43
N LYS B 54 14.48 26.49 6.90
CA LYS B 54 13.52 27.49 7.31
C LYS B 54 13.01 27.23 8.71
N ILE B 55 12.79 28.30 9.45
CA ILE B 55 12.30 28.16 10.82
C ILE B 55 10.80 27.89 10.82
N LEU B 56 10.41 26.80 11.46
CA LEU B 56 9.01 26.42 11.55
C LEU B 56 8.40 27.01 12.81
N LYS B 57 7.23 27.63 12.65
CA LYS B 57 6.54 28.25 13.77
C LYS B 57 5.12 27.71 13.89
N ASP B 58 4.47 28.00 15.01
CA ASP B 58 3.11 27.54 15.24
C ASP B 58 2.17 28.07 14.16
N GLN B 59 2.57 29.12 13.47
CA GLN B 59 1.76 29.70 12.41
C GLN B 59 1.76 28.80 11.16
N ASP B 60 2.69 27.85 11.10
CA ASP B 60 2.79 26.95 9.96
C ASP B 60 2.34 25.54 10.33
N THR B 61 2.38 24.64 9.34
CA THR B 61 1.98 23.26 9.55
C THR B 61 3.13 22.31 9.21
N LEU B 62 3.13 21.13 9.81
CA LEU B 62 4.19 20.16 9.57
C LEU B 62 4.17 19.69 8.12
N ILE B 63 2.99 19.31 7.66
CA ILE B 63 2.83 18.84 6.29
C ILE B 63 3.00 19.96 5.30
N GLN B 64 2.66 21.14 5.72
CA GLN B 64 2.79 22.32 4.88
C GLN B 64 4.26 22.54 4.59
N HIS B 65 5.10 22.21 5.56
CA HIS B 65 6.54 22.37 5.37
C HIS B 65 7.13 21.15 4.67
N GLY B 66 6.36 20.06 4.62
CA GLY B 66 6.85 18.85 3.99
C GLY B 66 7.35 17.88 5.04
N ILE B 67 7.04 18.15 6.31
CA ILE B 67 7.47 17.27 7.37
C ILE B 67 6.51 16.09 7.50
N HIS B 68 7.03 14.89 7.26
CA HIS B 68 6.22 13.67 7.34
C HIS B 68 6.86 12.68 8.31
N ASP B 69 6.51 11.41 8.18
CA ASP B 69 7.06 10.38 9.05
C ASP B 69 8.53 10.12 8.73
N GLY B 70 9.31 9.83 9.77
CA GLY B 70 10.72 9.55 9.57
C GLY B 70 11.48 10.80 9.14
N LEU B 71 11.08 11.96 9.65
CA LEU B 71 11.76 13.21 9.30
C LEU B 71 12.47 13.82 10.50
N THR B 72 13.64 14.41 10.25
CA THR B 72 14.41 15.02 11.32
C THR B 72 14.20 16.54 11.33
N VAL B 73 13.97 17.09 12.52
CA VAL B 73 13.75 18.53 12.68
C VAL B 73 14.77 19.09 13.67
N HIS B 74 15.16 20.34 13.45
CA HIS B 74 16.13 20.99 14.33
C HIS B 74 15.41 21.85 15.34
N LEU B 75 15.53 21.48 16.60
CA LEU B 75 14.87 22.24 17.67
C LEU B 75 15.83 23.27 18.23
N VAL B 76 15.38 24.51 18.31
CA VAL B 76 16.21 25.57 18.83
C VAL B 76 15.49 26.33 19.95
N ILE B 77 16.08 26.31 21.13
CA ILE B 77 15.49 27.02 22.26
C ILE B 77 16.32 28.25 22.60
N LYS B 78 15.61 29.35 22.81
CA LYS B 78 16.28 30.60 23.14
C LYS B 78 15.64 31.26 24.36
N ALA C 1 31.80 -87.71 -29.32
CA ALA C 1 30.73 -86.69 -29.33
C ALA C 1 29.89 -86.81 -28.07
N PRO C 2 29.14 -85.79 -27.73
CA PRO C 2 28.27 -85.79 -26.51
C PRO C 2 27.07 -86.73 -26.66
N ALA C 3 26.76 -87.45 -25.59
CA ALA C 3 25.62 -88.37 -25.61
C ALA C 3 24.31 -87.63 -25.79
N GLU C 4 24.17 -86.49 -25.10
CA GLU C 4 22.96 -85.69 -25.19
C GLU C 4 23.27 -84.20 -25.17
N PRO C 5 23.69 -83.64 -26.28
CA PRO C 5 24.02 -82.19 -26.37
C PRO C 5 22.78 -81.30 -26.39
N LYS C 6 22.25 -81.03 -25.20
CA LYS C 6 21.08 -80.19 -25.07
C LYS C 6 21.45 -78.71 -25.08
N ILE C 7 20.81 -77.95 -25.95
CA ILE C 7 21.07 -76.52 -26.05
C ILE C 7 20.56 -75.78 -24.83
N ILE C 8 21.40 -74.93 -24.28
CA ILE C 8 21.04 -74.16 -23.11
C ILE C 8 21.18 -72.68 -23.37
N LYS C 9 20.37 -71.89 -22.70
CA LYS C 9 20.42 -70.45 -22.88
C LYS C 9 21.05 -69.79 -21.66
N VAL C 10 22.23 -69.21 -21.85
CA VAL C 10 22.91 -68.54 -20.76
C VAL C 10 22.75 -67.04 -20.89
N THR C 11 22.47 -66.38 -19.78
CA THR C 11 22.30 -64.95 -19.78
C THR C 11 23.61 -64.28 -19.40
N VAL C 12 24.22 -63.60 -20.35
CA VAL C 12 25.47 -62.91 -20.12
C VAL C 12 25.23 -61.45 -19.81
N LYS C 13 25.76 -60.99 -18.68
CA LYS C 13 25.57 -59.60 -18.31
C LYS C 13 26.87 -58.83 -18.53
N THR C 14 26.91 -58.07 -19.62
CA THR C 14 28.08 -57.27 -19.95
C THR C 14 28.05 -55.96 -19.20
N PRO C 15 29.17 -55.29 -19.10
CA PRO C 15 29.25 -54.00 -18.37
C PRO C 15 28.31 -52.93 -18.92
N LYS C 16 27.72 -53.21 -20.09
CA LYS C 16 26.83 -52.25 -20.69
C LYS C 16 25.40 -52.72 -20.63
N GLU C 17 25.21 -54.02 -20.90
CA GLU C 17 23.87 -54.63 -20.92
C GLU C 17 23.88 -56.11 -20.54
N LYS C 18 22.92 -56.89 -21.05
CA LYS C 18 22.94 -58.34 -20.90
C LYS C 18 22.23 -58.98 -22.08
N GLU C 19 22.68 -60.17 -22.46
CA GLU C 19 22.05 -60.88 -23.57
C GLU C 19 22.04 -62.37 -23.33
N GLU C 20 21.01 -63.04 -23.83
CA GLU C 20 20.90 -64.49 -23.68
C GLU C 20 21.39 -65.20 -24.94
N PHE C 21 22.29 -66.15 -24.75
CA PHE C 21 22.84 -66.92 -25.87
C PHE C 21 22.53 -68.40 -25.73
N ALA C 22 22.12 -69.02 -26.83
CA ALA C 22 21.80 -70.44 -26.82
C ALA C 22 23.00 -71.25 -27.32
N VAL C 23 23.46 -72.20 -26.51
CA VAL C 23 24.61 -73.03 -26.91
C VAL C 23 24.52 -74.40 -26.27
N PRO C 24 25.12 -75.40 -26.86
CA PRO C 24 25.08 -76.77 -26.29
C PRO C 24 25.53 -76.80 -24.84
N GLU C 25 24.86 -77.62 -24.04
CA GLU C 25 25.19 -77.74 -22.62
C GLU C 25 26.64 -78.16 -22.44
N ASN C 26 27.24 -78.68 -23.49
CA ASN C 26 28.62 -79.13 -23.44
C ASN C 26 29.55 -78.10 -24.04
N SER C 27 29.07 -76.86 -24.15
CA SER C 27 29.88 -75.81 -24.72
C SER C 27 30.97 -75.37 -23.74
N SER C 28 32.16 -75.12 -24.27
CA SER C 28 33.27 -74.68 -23.45
C SER C 28 33.24 -73.18 -23.27
N VAL C 29 34.01 -72.69 -22.32
CA VAL C 29 34.05 -71.26 -22.08
C VAL C 29 34.54 -70.55 -23.32
N GLN C 30 35.55 -71.12 -23.98
CA GLN C 30 36.08 -70.55 -25.21
C GLN C 30 35.01 -70.39 -26.26
N GLN C 31 34.19 -71.42 -26.42
CA GLN C 31 33.13 -71.38 -27.42
C GLN C 31 32.08 -70.33 -27.04
N PHE C 32 31.79 -70.25 -25.76
CA PHE C 32 30.80 -69.31 -25.27
C PHE C 32 31.26 -67.88 -25.46
N LYS C 33 32.51 -67.61 -25.10
CA LYS C 33 33.03 -66.27 -25.24
C LYS C 33 33.14 -65.92 -26.69
N GLU C 34 33.35 -66.94 -27.52
CA GLU C 34 33.43 -66.72 -28.93
C GLU C 34 32.07 -66.28 -29.46
N ALA C 35 31.02 -66.93 -28.98
CA ALA C 35 29.66 -66.56 -29.41
C ALA C 35 29.29 -65.16 -28.92
N ILE C 36 29.66 -64.87 -27.68
CA ILE C 36 29.37 -63.57 -27.09
C ILE C 36 30.17 -62.47 -27.78
N SER C 37 31.41 -62.78 -28.10
CA SER C 37 32.28 -61.83 -28.76
C SER C 37 31.74 -61.51 -30.14
N LYS C 38 31.06 -62.46 -30.75
CA LYS C 38 30.49 -62.24 -32.06
C LYS C 38 29.38 -61.19 -31.99
N ARG C 39 28.45 -61.40 -31.06
CA ARG C 39 27.33 -60.46 -30.90
C ARG C 39 27.80 -59.08 -30.50
N PHE C 40 28.69 -59.03 -29.53
CA PHE C 40 29.24 -57.76 -29.06
C PHE C 40 30.38 -57.30 -29.96
N LYS C 41 30.77 -58.15 -30.91
CA LYS C 41 31.86 -57.79 -31.81
C LYS C 41 33.14 -57.49 -31.03
N SER C 42 33.38 -58.26 -29.98
CA SER C 42 34.57 -58.07 -29.14
C SER C 42 35.60 -59.18 -29.42
N GLN C 43 36.63 -59.24 -28.60
CA GLN C 43 37.66 -60.25 -28.78
C GLN C 43 37.58 -61.28 -27.67
N THR C 44 37.80 -62.55 -28.03
CA THR C 44 37.76 -63.62 -27.06
C THR C 44 38.85 -63.45 -26.01
N ASP C 45 39.84 -62.61 -26.31
CA ASP C 45 40.93 -62.35 -25.38
C ASP C 45 40.75 -61.02 -24.66
N GLN C 46 39.62 -60.35 -24.92
CA GLN C 46 39.34 -59.06 -24.29
C GLN C 46 38.20 -59.20 -23.29
N LEU C 47 37.37 -60.22 -23.47
CA LEU C 47 36.26 -60.44 -22.57
C LEU C 47 36.56 -61.57 -21.59
N VAL C 48 36.11 -61.39 -20.36
CA VAL C 48 36.32 -62.38 -19.30
C VAL C 48 35.00 -62.74 -18.63
N LEU C 49 34.75 -64.03 -18.45
CA LEU C 49 33.52 -64.46 -17.81
C LEU C 49 33.68 -64.55 -16.30
N ILE C 50 32.59 -64.34 -15.59
CA ILE C 50 32.61 -64.39 -14.13
C ILE C 50 31.42 -65.17 -13.59
N PHE C 51 31.69 -66.10 -12.67
CA PHE C 51 30.61 -66.91 -12.10
C PHE C 51 31.06 -67.54 -10.78
N ALA C 52 30.12 -67.63 -9.83
CA ALA C 52 30.41 -68.22 -8.53
C ALA C 52 31.52 -67.43 -7.82
N GLY C 53 31.68 -66.17 -8.21
CA GLY C 53 32.71 -65.33 -7.60
C GLY C 53 34.09 -65.66 -8.15
N LYS C 54 34.12 -66.39 -9.26
CA LYS C 54 35.38 -66.78 -9.88
C LYS C 54 35.37 -66.49 -11.37
N ILE C 55 36.48 -66.03 -11.89
CA ILE C 55 36.58 -65.73 -13.31
C ILE C 55 36.67 -67.02 -14.12
N LEU C 56 35.83 -67.12 -15.14
CA LEU C 56 35.82 -68.29 -16.01
C LEU C 56 36.60 -67.99 -17.29
N LYS C 57 37.43 -68.95 -17.70
CA LYS C 57 38.24 -68.80 -18.90
C LYS C 57 38.08 -70.01 -19.80
N ASP C 58 38.70 -69.96 -20.98
CA ASP C 58 38.62 -71.05 -21.94
C ASP C 58 39.11 -72.36 -21.33
N GLN C 59 39.95 -72.26 -20.30
CA GLN C 59 40.48 -73.45 -19.65
C GLN C 59 39.36 -74.23 -18.97
N ASP C 60 38.25 -73.57 -18.70
CA ASP C 60 37.12 -74.20 -18.04
C ASP C 60 35.94 -74.39 -18.99
N THR C 61 34.98 -75.21 -18.58
CA THR C 61 33.81 -75.49 -19.40
C THR C 61 32.55 -74.96 -18.71
N LEU C 62 31.53 -74.66 -19.49
CA LEU C 62 30.29 -74.13 -18.93
C LEU C 62 29.63 -75.15 -18.01
N ILE C 63 29.51 -76.37 -18.48
CA ILE C 63 28.92 -77.44 -17.69
C ILE C 63 29.80 -77.81 -16.52
N GLN C 64 31.09 -77.62 -16.70
CA GLN C 64 32.04 -77.91 -15.65
C GLN C 64 31.75 -77.00 -14.47
N HIS C 65 31.34 -75.78 -14.77
CA HIS C 65 31.02 -74.83 -13.70
C HIS C 65 29.58 -75.00 -13.24
N GLY C 66 28.78 -75.72 -14.01
CA GLY C 66 27.39 -75.90 -13.65
C GLY C 66 26.50 -74.98 -14.45
N ILE C 67 27.06 -74.39 -15.50
CA ILE C 67 26.29 -73.49 -16.34
C ILE C 67 25.34 -74.29 -17.24
N HIS C 68 24.04 -74.02 -17.11
CA HIS C 68 23.05 -74.72 -17.91
C HIS C 68 22.03 -73.74 -18.50
N ASP C 69 20.88 -74.27 -18.91
CA ASP C 69 19.84 -73.43 -19.51
C ASP C 69 19.15 -72.61 -18.44
N GLY C 70 19.33 -71.30 -18.51
CA GLY C 70 18.72 -70.39 -17.54
C GLY C 70 19.74 -69.85 -16.55
N LEU C 71 20.99 -70.30 -16.65
CA LEU C 71 22.04 -69.85 -15.76
C LEU C 71 22.51 -68.45 -16.16
N THR C 72 22.97 -67.69 -15.18
CA THR C 72 23.44 -66.33 -15.43
C THR C 72 24.96 -66.25 -15.29
N VAL C 73 25.57 -65.45 -16.16
CA VAL C 73 27.01 -65.26 -16.13
C VAL C 73 27.34 -63.76 -16.19
N HIS C 74 28.47 -63.39 -15.59
CA HIS C 74 28.88 -62.00 -15.58
C HIS C 74 30.02 -61.79 -16.57
N LEU C 75 29.76 -61.00 -17.59
CA LEU C 75 30.78 -60.73 -18.60
C LEU C 75 31.51 -59.44 -18.29
N VAL C 76 32.84 -59.50 -18.32
CA VAL C 76 33.65 -58.33 -18.03
C VAL C 76 34.67 -58.10 -19.14
N ILE C 77 34.46 -57.05 -19.92
CA ILE C 77 35.38 -56.71 -21.02
C ILE C 77 36.43 -55.72 -20.54
N LYS C 78 37.67 -55.96 -20.92
CA LYS C 78 38.77 -55.08 -20.53
C LYS C 78 39.54 -54.60 -21.76
N MET A 1 26.18 55.26 18.89
CA MET A 1 24.76 55.59 18.57
C MET A 1 23.87 54.46 19.06
N LEU A 2 24.26 53.23 18.77
CA LEU A 2 23.48 52.06 19.18
C LEU A 2 22.06 52.15 18.65
N GLY A 3 21.87 52.93 17.58
CA GLY A 3 20.56 53.09 16.98
C GLY A 3 20.13 51.81 16.24
N LEU A 4 21.09 50.92 15.98
CA LEU A 4 20.81 49.68 15.28
C LEU A 4 20.66 48.53 16.28
N GLY A 5 19.74 47.62 15.98
CA GLY A 5 19.49 46.48 16.85
C GLY A 5 19.21 45.22 16.02
N ALA A 6 18.03 44.64 16.23
CA ALA A 6 17.63 43.44 15.50
C ALA A 6 17.57 43.71 14.01
N SER A 7 17.43 44.98 13.64
CA SER A 7 17.34 45.35 12.24
C SER A 7 18.59 44.87 11.49
N ASP A 8 19.74 44.97 12.14
CA ASP A 8 20.98 44.54 11.52
C ASP A 8 20.93 43.06 11.19
N PHE A 9 20.32 42.28 12.05
CA PHE A 9 20.21 40.84 11.83
C PHE A 9 19.27 40.55 10.66
N GLU A 10 18.30 41.44 10.46
CA GLU A 10 17.34 41.26 9.38
C GLU A 10 18.05 41.32 8.02
N PHE A 11 19.30 41.75 8.01
CA PHE A 11 20.07 41.82 6.77
C PHE A 11 20.76 40.50 6.48
N GLY A 12 20.27 39.42 7.09
CA GLY A 12 20.86 38.11 6.88
C GLY A 12 22.12 37.93 7.72
N VAL A 13 22.22 38.70 8.78
CA VAL A 13 23.39 38.62 9.65
C VAL A 13 23.04 37.83 10.90
N ASP A 14 22.13 36.89 10.75
CA ASP A 14 21.67 36.05 11.86
C ASP A 14 22.52 34.78 11.95
N PRO A 15 22.69 34.04 10.87
CA PRO A 15 23.50 32.77 10.89
C PRO A 15 24.92 33.00 11.40
N SER A 16 25.52 34.12 10.99
CA SER A 16 26.87 34.44 11.40
C SER A 16 26.93 34.72 12.90
N ALA A 17 25.91 35.41 13.41
CA ALA A 17 25.86 35.74 14.83
C ALA A 17 25.77 34.48 15.67
N ASP A 18 24.99 33.52 15.21
CA ASP A 18 24.81 32.26 15.94
C ASP A 18 25.36 31.08 15.13
N PRO A 19 26.57 30.63 15.41
CA PRO A 19 27.20 29.48 14.68
C PRO A 19 26.29 28.24 14.66
N GLU A 20 25.42 28.15 15.65
CA GLU A 20 24.50 27.03 15.75
C GLU A 20 23.58 26.99 14.54
N LEU A 21 23.14 28.17 14.11
CA LEU A 21 22.25 28.26 12.96
C LEU A 21 22.94 27.68 11.74
N ALA A 22 24.23 27.96 11.62
CA ALA A 22 25.00 27.44 10.51
C ALA A 22 25.00 25.93 10.56
N LEU A 23 25.12 25.37 11.76
CA LEU A 23 25.11 23.92 11.89
C LEU A 23 23.73 23.38 11.58
N ALA A 24 22.70 24.09 12.05
CA ALA A 24 21.34 23.66 11.80
C ALA A 24 21.04 23.65 10.31
N LEU A 25 21.53 24.68 9.62
CA LEU A 25 21.31 24.78 8.18
C LEU A 25 21.98 23.62 7.47
N ARG A 26 23.21 23.34 7.86
CA ARG A 26 23.97 22.25 7.26
C ARG A 26 23.30 20.93 7.56
N VAL A 27 22.87 20.78 8.79
CA VAL A 27 22.21 19.56 9.20
C VAL A 27 20.90 19.39 8.45
N SER A 28 20.16 20.49 8.32
CA SER A 28 18.88 20.44 7.62
C SER A 28 19.08 20.08 6.16
N MET A 29 20.07 20.72 5.55
CA MET A 29 20.40 20.46 4.15
C MET A 29 20.92 19.04 3.99
N GLU A 30 21.74 18.62 4.95
CA GLU A 30 22.30 17.28 4.93
C GLU A 30 21.20 16.25 5.15
N GLU A 31 20.25 16.57 6.02
CA GLU A 31 19.14 15.68 6.30
C GLU A 31 18.39 15.37 5.01
N GLN A 32 18.13 16.40 4.23
CA GLN A 32 17.44 16.21 2.95
C GLN A 32 18.29 15.33 2.06
N ARG A 33 19.59 15.55 2.10
CA ARG A 33 20.52 14.77 1.30
C ARG A 33 20.42 13.30 1.68
N GLN A 34 20.28 13.04 2.98
CA GLN A 34 20.18 11.67 3.47
C GLN A 34 18.95 10.99 2.86
N ARG A 35 17.83 11.70 2.89
CA ARG A 35 16.59 11.18 2.32
C ARG A 35 16.71 11.05 0.80
N GLN A 36 17.38 12.02 0.20
CA GLN A 36 17.58 12.02 -1.24
C GLN A 36 18.41 10.81 -1.62
N GLU A 37 19.42 10.52 -0.82
CA GLU A 37 20.29 9.39 -1.07
C GLU A 37 19.53 8.09 -0.85
N GLU A 38 18.73 8.05 0.21
CA GLU A 38 17.95 6.85 0.50
C GLU A 38 16.99 6.56 -0.64
N GLU A 39 16.26 7.58 -1.06
CA GLU A 39 15.32 7.43 -2.17
C GLU A 39 16.07 7.15 -3.45
N ALA A 40 17.20 7.82 -3.62
CA ALA A 40 18.01 7.64 -4.81
C ALA A 40 18.48 6.20 -4.92
N ARG A 41 18.93 5.66 -3.79
CA ARG A 41 19.39 4.28 -3.75
C ARG A 41 18.23 3.33 -4.00
N ARG A 42 17.07 3.64 -3.42
CA ARG A 42 15.89 2.79 -3.59
C ARG A 42 15.52 2.75 -5.07
N ALA A 43 15.54 3.91 -5.72
CA ALA A 43 15.22 3.99 -7.13
C ALA A 43 16.24 3.18 -7.94
N ALA A 44 17.51 3.30 -7.57
CA ALA A 44 18.58 2.58 -8.26
C ALA A 44 18.38 1.08 -8.13
N ALA A 45 18.08 0.62 -6.93
CA ALA A 45 17.86 -0.80 -6.69
C ALA A 45 16.65 -1.28 -7.47
N ALA A 46 15.57 -0.50 -7.43
CA ALA A 46 14.35 -0.84 -8.14
C ALA A 46 14.62 -0.86 -9.65
N SER A 47 15.38 0.11 -10.11
CA SER A 47 15.71 0.21 -11.52
C SER A 47 16.49 -1.02 -11.98
N ALA A 48 17.46 -1.44 -11.17
CA ALA A 48 18.26 -2.61 -11.50
C ALA A 48 17.38 -3.84 -11.55
N ALA A 49 16.45 -3.92 -10.61
CA ALA A 49 15.53 -5.05 -10.57
C ALA A 49 14.69 -5.11 -11.84
N GLU A 50 14.26 -3.93 -12.30
CA GLU A 50 13.46 -3.88 -13.52
C GLU A 50 14.25 -4.42 -14.70
N ALA A 51 15.51 -4.01 -14.79
CA ALA A 51 16.37 -4.47 -15.87
C ALA A 51 16.64 -5.97 -15.74
N GLY A 52 16.88 -6.41 -14.50
CA GLY A 52 17.17 -7.81 -14.23
C GLY A 52 15.93 -8.67 -14.41
N ILE A 53 14.76 -8.06 -14.29
CA ILE A 53 13.50 -8.79 -14.43
C ILE A 53 12.83 -8.44 -15.74
N ALA A 54 12.65 -9.45 -16.59
CA ALA A 54 12.02 -9.23 -17.88
C ALA A 54 10.56 -8.81 -17.71
N THR A 55 10.09 -7.93 -18.59
CA THR A 55 8.72 -7.44 -18.51
C THR A 55 7.88 -8.03 -19.64
N THR A 56 8.12 -9.31 -19.95
CA THR A 56 7.38 -9.99 -21.01
C THR A 56 6.08 -10.59 -20.47
N GLY A 57 5.99 -10.72 -19.15
CA GLY A 57 4.78 -11.28 -18.53
C GLY A 57 4.71 -10.88 -17.08
N THR A 58 3.51 -10.98 -16.50
CA THR A 58 3.32 -10.62 -15.10
C THR A 58 2.68 -11.77 -14.33
N GLU A 59 3.24 -12.07 -13.16
CA GLU A 59 2.69 -13.16 -12.33
C GLU A 59 2.12 -12.62 -11.03
N ASP A 60 0.86 -12.22 -11.06
CA ASP A 60 0.19 -11.70 -9.87
C ASP A 60 -0.79 -12.72 -9.29
N SER A 61 -0.66 -13.97 -9.72
CA SER A 61 -1.55 -15.03 -9.24
C SER A 61 -1.41 -15.22 -7.74
N ASP A 62 -0.27 -14.80 -7.20
CA ASP A 62 -0.04 -14.94 -5.76
C ASP A 62 -1.10 -14.22 -4.97
N ASP A 63 -1.58 -13.10 -5.49
CA ASP A 63 -2.62 -12.33 -4.81
C ASP A 63 -3.90 -13.13 -4.72
N ALA A 64 -4.22 -13.84 -5.80
CA ALA A 64 -5.44 -14.64 -5.84
C ALA A 64 -5.39 -15.71 -4.76
N LEU A 65 -4.22 -16.30 -4.59
CA LEU A 65 -4.06 -17.34 -3.58
C LEU A 65 -4.28 -16.77 -2.19
N LEU A 66 -3.82 -15.54 -1.97
CA LEU A 66 -3.99 -14.90 -0.67
C LEU A 66 -5.48 -14.73 -0.33
N LYS A 67 -6.26 -14.29 -1.32
CA LYS A 67 -7.69 -14.09 -1.11
C LYS A 67 -8.37 -15.43 -0.83
N MET A 68 -8.02 -16.44 -1.61
CA MET A 68 -8.61 -17.77 -1.42
C MET A 68 -8.25 -18.33 -0.05
N THR A 69 -7.01 -18.12 0.37
CA THR A 69 -6.54 -18.63 1.66
C THR A 69 -7.36 -18.05 2.81
N ILE A 70 -7.54 -16.73 2.79
CA ILE A 70 -8.31 -16.07 3.83
C ILE A 70 -9.78 -16.40 3.69
N SER A 71 -10.22 -16.64 2.46
CA SER A 71 -11.62 -16.96 2.22
C SER A 71 -12.01 -18.25 2.94
N GLN A 72 -11.16 -19.26 2.82
CA GLN A 72 -11.43 -20.53 3.47
C GLN A 72 -11.39 -20.38 4.99
N GLN A 73 -10.41 -19.63 5.48
CA GLN A 73 -10.27 -19.42 6.92
C GLN A 73 -11.46 -18.62 7.46
N GLU A 74 -11.89 -17.63 6.69
CA GLU A 74 -13.03 -16.81 7.09
C GLU A 74 -14.35 -17.50 6.77
N PHE A 75 -14.28 -18.57 5.99
CA PHE A 75 -15.48 -19.31 5.62
C PHE A 75 -15.99 -20.13 6.80
N GLY A 76 -17.24 -19.89 7.18
CA GLY A 76 -17.86 -20.60 8.29
C GLY A 76 -17.38 -20.06 9.63
N ARG A 77 -16.66 -18.94 9.60
CA ARG A 77 -16.16 -18.34 10.83
C ARG A 77 -16.37 -16.83 10.82
N THR A 78 -15.93 -16.19 9.75
CA THR A 78 -16.08 -14.75 9.62
C THR A 78 -15.39 -14.04 10.79
N GLY A 79 -14.46 -14.73 11.44
CA GLY A 79 -13.76 -14.15 12.57
C GLY A 79 -14.62 -14.14 13.83
N LEU A 80 -15.65 -14.99 13.84
CA LEU A 80 -16.55 -15.08 14.99
C LEU A 80 -17.06 -13.69 15.37
N PRO A 81 -17.77 -13.05 14.48
CA PRO A 81 -18.32 -11.69 14.72
C PRO A 81 -19.53 -11.71 15.65
N ASP A 82 -19.97 -12.91 16.03
CA ASP A 82 -21.13 -13.06 16.93
C ASP A 82 -22.38 -12.49 16.28
N LEU A 83 -22.88 -13.18 15.26
CA LEU A 83 -24.08 -12.74 14.56
C LEU A 83 -25.28 -12.75 15.52
N SER A 84 -25.35 -13.76 16.36
CA SER A 84 -26.44 -13.89 17.32
C SER A 84 -26.46 -12.69 18.26
N SER A 85 -25.28 -12.27 18.70
CA SER A 85 -25.15 -11.14 19.60
C SER A 85 -25.67 -9.86 18.94
N MET A 86 -25.36 -9.71 17.66
CA MET A 86 -25.79 -8.54 16.90
C MET A 86 -27.25 -8.67 16.47
N THR A 87 -27.86 -7.54 16.13
CA THR A 87 -29.25 -7.53 15.70
C THR A 87 -29.36 -7.93 14.23
N GLU A 88 -30.55 -8.29 13.80
CA GLU A 88 -30.78 -8.72 12.42
C GLU A 88 -30.34 -7.62 11.46
N GLU A 89 -30.55 -6.37 11.84
CA GLU A 89 -30.17 -5.24 11.01
C GLU A 89 -28.66 -5.21 10.82
N GLU A 90 -27.92 -5.46 11.90
CA GLU A 90 -26.46 -5.45 11.82
C GLU A 90 -25.96 -6.57 10.92
N GLN A 91 -26.55 -7.76 11.07
CA GLN A 91 -26.16 -8.91 10.27
C GLN A 91 -26.49 -8.66 8.81
N ILE A 92 -27.68 -8.09 8.58
CA ILE A 92 -28.11 -7.77 7.23
C ILE A 92 -27.19 -6.76 6.58
N ALA A 93 -26.81 -5.73 7.34
CA ALA A 93 -25.93 -4.70 6.83
C ALA A 93 -24.58 -5.29 6.42
N TYR A 94 -24.10 -6.23 7.22
CA TYR A 94 -22.81 -6.85 6.94
C TYR A 94 -22.84 -7.57 5.59
N ALA A 95 -23.91 -8.31 5.35
CA ALA A 95 -24.06 -9.04 4.10
C ALA A 95 -24.09 -8.08 2.91
N MET A 96 -24.74 -6.95 3.09
CA MET A 96 -24.85 -5.96 2.02
C MET A 96 -23.48 -5.41 1.66
N GLN A 97 -22.66 -5.19 2.69
CA GLN A 97 -21.32 -4.65 2.46
C GLN A 97 -20.50 -5.60 1.62
N MET A 98 -20.64 -6.89 1.90
CA MET A 98 -19.91 -7.90 1.16
C MET A 98 -20.31 -7.89 -0.31
N SER A 99 -21.59 -7.68 -0.56
CA SER A 99 -22.08 -7.66 -1.94
C SER A 99 -21.40 -6.56 -2.74
N LEU A 100 -21.35 -5.36 -2.16
CA LEU A 100 -20.72 -4.23 -2.82
C LEU A 100 -19.23 -4.47 -3.04
N GLN A 101 -18.57 -5.05 -2.03
CA GLN A 101 -17.15 -5.33 -2.11
C GLN A 101 -16.86 -6.34 -3.22
N GLY A 102 -17.72 -7.35 -3.33
CA GLY A 102 -17.55 -8.37 -4.35
C GLY A 102 -17.99 -7.87 -5.71
N ALA A 103 -17.33 -6.84 -6.21
CA ALA A 103 -17.67 -6.27 -7.50
C ALA A 103 -16.43 -6.17 -8.39
N GLU A 104 -16.52 -6.70 -9.60
CA GLU A 104 -15.41 -6.67 -10.53
C GLU A 104 -15.06 -5.22 -10.90
N PHE A 105 -16.10 -4.41 -11.11
CA PHE A 105 -15.90 -3.01 -11.47
C PHE A 105 -15.33 -2.24 -10.29
N GLY A 106 -15.80 -2.57 -9.09
CA GLY A 106 -15.33 -1.89 -7.88
C GLY A 106 -15.90 -0.48 -7.80
N GLN A 107 -15.39 0.41 -8.66
CA GLN A 107 -15.87 1.78 -8.68
C GLN A 107 -15.82 2.33 -10.10
N ALA A 108 -16.92 2.99 -10.51
CA ALA A 108 -16.99 3.56 -11.85
C ALA A 108 -17.35 5.04 -11.78
N GLU A 109 -16.74 5.83 -12.65
CA GLU A 109 -17.00 7.26 -12.68
C GLU A 109 -17.42 7.71 -14.08
N SER A 110 -18.57 8.38 -14.17
CA SER A 110 -19.07 8.85 -15.46
C SER A 110 -18.13 9.90 -16.04
N ALA A 111 -17.57 10.74 -15.17
CA ALA A 111 -16.67 11.79 -15.60
C ALA A 111 -15.29 11.21 -15.91
N ALA B 1 -5.22 0.60 4.71
CA ALA B 1 -4.87 1.62 5.76
C ALA B 1 -6.15 2.12 6.41
N PRO B 2 -6.03 2.75 7.56
CA PRO B 2 -7.19 3.29 8.32
C PRO B 2 -7.79 4.52 7.65
N ALA B 3 -9.08 4.75 7.88
CA ALA B 3 -9.76 5.90 7.30
C ALA B 3 -9.13 7.20 7.80
N GLU B 4 -8.77 7.23 9.07
CA GLU B 4 -8.17 8.41 9.67
C GLU B 4 -6.74 8.58 9.17
N PRO B 5 -6.18 9.76 9.31
CA PRO B 5 -4.78 10.05 8.87
C PRO B 5 -3.76 9.12 9.53
N LYS B 6 -2.53 9.19 9.06
CA LYS B 6 -1.45 8.36 9.59
C LYS B 6 -0.50 9.16 10.47
N ILE B 7 -0.10 8.57 11.59
CA ILE B 7 0.81 9.22 12.52
C ILE B 7 2.24 9.16 11.99
N ILE B 8 2.96 10.27 12.18
CA ILE B 8 4.32 10.36 11.72
C ILE B 8 5.27 10.59 12.88
N LYS B 9 6.48 10.08 12.72
CA LYS B 9 7.47 10.24 13.75
C LYS B 9 8.59 11.17 13.31
N VAL B 10 8.76 12.23 14.07
CA VAL B 10 9.78 13.23 13.79
C VAL B 10 10.80 13.32 14.92
N THR B 11 12.08 13.29 14.57
CA THR B 11 13.14 13.39 15.55
C THR B 11 13.44 14.85 15.84
N VAL B 12 13.15 15.26 17.07
CA VAL B 12 13.39 16.64 17.48
C VAL B 12 14.75 16.73 18.15
N LYS B 13 15.62 17.57 17.62
CA LYS B 13 16.95 17.71 18.20
C LYS B 13 17.10 19.05 18.88
N THR B 14 17.61 19.05 20.10
CA THR B 14 17.81 20.29 20.84
C THR B 14 19.22 20.37 21.39
N PRO B 15 19.63 21.54 21.82
CA PRO B 15 20.99 21.76 22.40
C PRO B 15 21.24 20.91 23.65
N LYS B 16 20.18 20.28 24.16
CA LYS B 16 20.32 19.47 25.35
C LYS B 16 20.28 18.00 24.98
N GLU B 17 19.42 17.68 24.02
CA GLU B 17 19.26 16.29 23.56
C GLU B 17 18.24 16.20 22.43
N LYS B 18 17.96 14.99 21.95
CA LYS B 18 16.99 14.81 20.88
C LYS B 18 15.99 13.73 21.28
N GLU B 19 14.76 13.88 20.80
CA GLU B 19 13.73 12.90 21.12
C GLU B 19 12.75 12.77 19.97
N GLU B 20 12.35 11.54 19.67
CA GLU B 20 11.41 11.30 18.58
C GLU B 20 9.97 11.47 19.07
N PHE B 21 9.20 12.26 18.33
CA PHE B 21 7.80 12.52 18.66
C PHE B 21 6.88 11.97 17.59
N ALA B 22 5.81 11.31 18.01
CA ALA B 22 4.85 10.75 17.06
C ALA B 22 3.57 11.57 17.06
N VAL B 23 3.19 12.11 15.89
CA VAL B 23 1.98 12.91 15.81
C VAL B 23 1.30 12.73 14.47
N PRO B 24 0.02 12.98 14.38
CA PRO B 24 -0.73 12.83 13.10
C PRO B 24 -0.02 13.53 11.93
N GLU B 25 0.00 12.87 10.77
CA GLU B 25 0.64 13.46 9.59
C GLU B 25 0.02 14.81 9.24
N ASN B 26 -1.18 15.05 9.73
CA ASN B 26 -1.88 16.29 9.46
C ASN B 26 -1.80 17.23 10.65
N SER B 27 -0.82 16.98 11.51
CA SER B 27 -0.66 17.80 12.68
C SER B 27 -0.03 19.14 12.32
N SER B 28 -0.24 20.13 13.18
CA SER B 28 0.30 21.46 12.93
C SER B 28 1.54 21.69 13.79
N VAL B 29 2.33 22.67 13.40
CA VAL B 29 3.53 22.99 14.15
C VAL B 29 3.15 23.36 15.57
N GLN B 30 2.03 24.03 15.75
CA GLN B 30 1.60 24.44 17.07
C GLN B 30 1.36 23.21 17.95
N GLN B 31 0.74 22.19 17.40
CA GLN B 31 0.48 20.97 18.17
C GLN B 31 1.76 20.19 18.40
N PHE B 32 2.59 20.12 17.37
CA PHE B 32 3.85 19.40 17.42
C PHE B 32 4.84 20.07 18.35
N LYS B 33 4.89 21.38 18.30
CA LYS B 33 5.82 22.12 19.14
C LYS B 33 5.32 22.12 20.58
N GLU B 34 4.00 22.05 20.73
CA GLU B 34 3.40 22.02 22.04
C GLU B 34 3.78 20.74 22.77
N ALA B 35 3.71 19.62 22.06
CA ALA B 35 4.04 18.33 22.64
C ALA B 35 5.52 18.28 23.02
N ILE B 36 6.34 18.81 22.14
CA ILE B 36 7.77 18.85 22.38
C ILE B 36 8.09 19.69 23.61
N SER B 37 7.41 20.81 23.73
CA SER B 37 7.63 21.72 24.85
C SER B 37 7.24 21.04 26.15
N LYS B 38 6.29 20.13 26.08
CA LYS B 38 5.87 19.44 27.28
C LYS B 38 6.99 18.53 27.80
N ARG B 39 7.59 17.76 26.89
CA ARG B 39 8.67 16.84 27.27
C ARG B 39 9.91 17.61 27.69
N PHE B 40 10.22 18.62 26.91
CA PHE B 40 11.39 19.44 27.21
C PHE B 40 11.07 20.45 28.31
N LYS B 41 9.79 20.59 28.63
CA LYS B 41 9.38 21.53 29.67
C LYS B 41 9.76 22.97 29.29
N SER B 42 9.47 23.33 28.05
CA SER B 42 9.77 24.67 27.56
C SER B 42 8.50 25.36 27.07
N GLN B 43 8.64 26.50 26.41
CA GLN B 43 7.49 27.24 25.92
C GLN B 43 7.49 27.25 24.39
N THR B 44 6.31 27.26 23.80
CA THR B 44 6.20 27.27 22.36
C THR B 44 6.80 28.56 21.78
N ASP B 45 6.98 29.55 22.64
CA ASP B 45 7.55 30.82 22.21
C ASP B 45 9.06 30.83 22.45
N GLN B 46 9.51 30.04 23.42
CA GLN B 46 10.93 29.97 23.73
C GLN B 46 11.63 28.94 22.85
N LEU B 47 10.85 28.10 22.18
CA LEU B 47 11.42 27.08 21.31
C LEU B 47 10.98 27.31 19.87
N VAL B 48 11.92 27.13 18.94
CA VAL B 48 11.64 27.31 17.53
C VAL B 48 12.09 26.10 16.72
N LEU B 49 11.26 25.65 15.78
CA LEU B 49 11.63 24.49 14.98
C LEU B 49 12.40 24.92 13.74
N ILE B 50 13.26 24.02 13.25
CA ILE B 50 14.04 24.31 12.05
C ILE B 50 14.07 23.11 11.11
N PHE B 51 13.82 23.36 9.84
CA PHE B 51 13.82 22.28 8.85
C PHE B 51 14.05 22.82 7.44
N ALA B 52 14.79 22.07 6.63
CA ALA B 52 15.07 22.47 5.26
C ALA B 52 15.78 23.83 5.23
N GLY B 53 16.45 24.15 6.33
CA GLY B 53 17.17 25.42 6.42
C GLY B 53 16.22 26.58 6.67
N LYS B 54 14.99 26.26 7.05
CA LYS B 54 13.99 27.28 7.32
C LYS B 54 13.35 27.07 8.69
N ILE B 55 13.17 28.16 9.40
CA ILE B 55 12.58 28.09 10.73
C ILE B 55 11.07 27.83 10.63
N LEU B 56 10.62 26.80 11.33
CA LEU B 56 9.22 26.45 11.34
C LEU B 56 8.54 27.00 12.60
N LYS B 57 7.37 27.60 12.41
CA LYS B 57 6.62 28.18 13.54
C LYS B 57 5.24 27.57 13.62
N ASP B 58 4.52 27.90 14.68
CA ASP B 58 3.17 27.38 14.88
C ASP B 58 2.22 27.88 13.78
N GLN B 59 2.66 28.85 13.00
CA GLN B 59 1.84 29.37 11.92
C GLN B 59 1.87 28.43 10.71
N ASP B 60 2.81 27.48 10.71
CA ASP B 60 2.93 26.53 9.61
C ASP B 60 2.52 25.11 10.04
N THR B 61 2.36 24.22 9.07
CA THR B 61 1.98 22.84 9.35
C THR B 61 3.10 21.88 8.96
N LEU B 62 3.14 20.72 9.62
CA LEU B 62 4.19 19.75 9.34
C LEU B 62 4.06 19.22 7.91
N ILE B 63 2.86 18.84 7.54
CA ILE B 63 2.61 18.33 6.20
C ILE B 63 2.76 19.41 5.16
N GLN B 64 2.49 20.63 5.57
CA GLN B 64 2.60 21.76 4.69
C GLN B 64 4.03 21.92 4.28
N HIS B 65 4.94 21.62 5.21
CA HIS B 65 6.36 21.72 4.90
C HIS B 65 6.88 20.43 4.28
N GLY B 66 6.09 19.37 4.37
CA GLY B 66 6.51 18.10 3.82
C GLY B 66 7.09 17.22 4.92
N ILE B 67 6.91 17.64 6.17
CA ILE B 67 7.42 16.88 7.29
C ILE B 67 6.53 15.66 7.58
N HIS B 68 7.02 14.48 7.24
CA HIS B 68 6.27 13.26 7.46
C HIS B 68 7.00 12.35 8.44
N ASP B 69 6.70 11.05 8.40
CA ASP B 69 7.35 10.10 9.30
C ASP B 69 8.82 9.92 8.95
N GLY B 70 9.63 9.67 9.97
CA GLY B 70 11.05 9.47 9.75
C GLY B 70 11.74 10.76 9.33
N LEU B 71 11.25 11.89 9.86
CA LEU B 71 11.84 13.18 9.52
C LEU B 71 12.62 13.73 10.70
N THR B 72 13.69 14.46 10.40
CA THR B 72 14.53 15.04 11.44
C THR B 72 14.34 16.56 11.50
N VAL B 73 13.88 17.05 12.65
CA VAL B 73 13.67 18.48 12.83
C VAL B 73 14.67 19.04 13.83
N HIS B 74 15.06 20.29 13.65
CA HIS B 74 16.01 20.94 14.54
C HIS B 74 15.30 21.90 15.47
N LEU B 75 15.21 21.53 16.73
CA LEU B 75 14.56 22.38 17.72
C LEU B 75 15.58 23.28 18.38
N VAL B 76 15.32 24.59 18.36
CA VAL B 76 16.24 25.55 18.96
C VAL B 76 15.53 26.40 20.02
N ILE B 77 15.98 26.29 21.25
CA ILE B 77 15.40 27.05 22.36
C ILE B 77 16.26 28.27 22.68
N LYS B 78 15.61 29.41 22.82
CA LYS B 78 16.30 30.65 23.14
C LYS B 78 15.58 31.40 24.25
N ALA C 1 -36.38 -13.68 -33.34
CA ALA C 1 -35.98 -15.10 -33.55
C ALA C 1 -36.45 -15.94 -32.37
N PRO C 2 -36.39 -17.25 -32.50
CA PRO C 2 -36.82 -18.19 -31.41
C PRO C 2 -36.09 -17.93 -30.10
N ALA C 3 -36.80 -18.07 -28.99
CA ALA C 3 -36.20 -17.86 -27.68
C ALA C 3 -36.83 -18.78 -26.65
N GLU C 4 -36.04 -19.15 -25.65
CA GLU C 4 -36.55 -20.03 -24.60
C GLU C 4 -35.80 -19.79 -23.29
N PRO C 5 -36.43 -20.08 -22.16
CA PRO C 5 -35.79 -19.89 -20.82
C PRO C 5 -34.62 -20.85 -20.57
N LYS C 6 -33.87 -20.60 -19.50
CA LYS C 6 -32.73 -21.44 -19.17
C LYS C 6 -32.50 -21.49 -17.67
N ILE C 7 -32.11 -22.65 -17.17
CA ILE C 7 -31.87 -22.83 -15.75
C ILE C 7 -30.52 -22.25 -15.35
N ILE C 8 -30.49 -21.53 -14.25
CA ILE C 8 -29.28 -20.92 -13.75
C ILE C 8 -28.98 -21.39 -12.35
N LYS C 9 -27.70 -21.41 -12.01
CA LYS C 9 -27.31 -21.84 -10.68
C LYS C 9 -26.84 -20.65 -9.84
N VAL C 10 -27.62 -20.32 -8.82
CA VAL C 10 -27.26 -19.20 -7.95
C VAL C 10 -26.69 -19.73 -6.63
N THR C 11 -25.56 -19.15 -6.21
CA THR C 11 -24.95 -19.56 -4.96
C THR C 11 -25.48 -18.70 -3.82
N VAL C 12 -26.31 -19.28 -2.98
CA VAL C 12 -26.88 -18.57 -1.85
C VAL C 12 -26.03 -18.77 -0.62
N LYS C 13 -25.63 -17.66 0.00
CA LYS C 13 -24.82 -17.75 1.20
C LYS C 13 -25.65 -17.46 2.44
N THR C 14 -25.76 -18.43 3.32
CA THR C 14 -26.55 -18.26 4.54
C THR C 14 -25.65 -18.21 5.76
N PRO C 15 -26.17 -17.74 6.87
CA PRO C 15 -25.40 -17.64 8.14
C PRO C 15 -24.85 -18.98 8.60
N LYS C 16 -25.36 -20.07 8.03
CA LYS C 16 -24.91 -21.39 8.40
C LYS C 16 -23.96 -21.93 7.35
N GLU C 17 -24.28 -21.66 6.08
CA GLU C 17 -23.47 -22.14 4.97
C GLU C 17 -24.03 -21.64 3.64
N LYS C 18 -23.37 -21.99 2.54
CA LYS C 18 -23.85 -21.56 1.23
C LYS C 18 -24.15 -22.76 0.37
N GLU C 19 -25.08 -22.60 -0.54
CA GLU C 19 -25.41 -23.69 -1.44
C GLU C 19 -25.83 -23.17 -2.81
N GLU C 20 -25.58 -23.98 -3.84
CA GLU C 20 -25.97 -23.58 -5.20
C GLU C 20 -27.34 -24.17 -5.57
N PHE C 21 -28.24 -23.29 -5.99
CA PHE C 21 -29.59 -23.72 -6.38
C PHE C 21 -29.83 -23.48 -7.87
N ALA C 22 -30.34 -24.50 -8.55
CA ALA C 22 -30.60 -24.38 -9.98
C ALA C 22 -32.06 -24.00 -10.22
N VAL C 23 -32.28 -22.85 -10.88
CA VAL C 23 -33.65 -22.42 -11.17
C VAL C 23 -33.70 -21.60 -12.44
N PRO C 24 -34.82 -21.57 -13.12
CA PRO C 24 -34.96 -20.79 -14.38
C PRO C 24 -34.54 -19.33 -14.18
N GLU C 25 -33.80 -18.80 -15.15
CA GLU C 25 -33.34 -17.42 -15.05
C GLU C 25 -34.52 -16.47 -14.90
N ASN C 26 -35.69 -16.95 -15.29
CA ASN C 26 -36.90 -16.14 -15.20
C ASN C 26 -37.65 -16.43 -13.91
N SER C 27 -36.96 -17.02 -12.95
CA SER C 27 -37.59 -17.33 -11.68
C SER C 27 -37.74 -16.07 -10.82
N SER C 28 -38.63 -16.14 -9.84
CA SER C 28 -38.86 -15.01 -8.96
C SER C 28 -38.27 -15.29 -7.59
N VAL C 29 -38.01 -14.24 -6.84
CA VAL C 29 -37.43 -14.41 -5.53
C VAL C 29 -38.36 -15.25 -4.66
N GLN C 30 -39.67 -15.05 -4.84
CA GLN C 30 -40.66 -15.78 -4.06
C GLN C 30 -40.50 -17.28 -4.25
N GLN C 31 -40.31 -17.71 -5.48
CA GLN C 31 -40.17 -19.14 -5.73
C GLN C 31 -38.81 -19.61 -5.24
N PHE C 32 -37.85 -18.71 -5.26
CA PHE C 32 -36.51 -19.03 -4.83
C PHE C 32 -36.46 -19.19 -3.31
N LYS C 33 -37.16 -18.31 -2.61
CA LYS C 33 -37.18 -18.39 -1.16
C LYS C 33 -37.83 -19.68 -0.75
N GLU C 34 -38.84 -20.08 -1.50
CA GLU C 34 -39.52 -21.32 -1.21
C GLU C 34 -38.55 -22.48 -1.34
N ALA C 35 -37.77 -22.49 -2.41
CA ALA C 35 -36.84 -23.58 -2.63
C ALA C 35 -35.73 -23.56 -1.58
N ILE C 36 -35.28 -22.37 -1.26
CA ILE C 36 -34.23 -22.19 -0.28
C ILE C 36 -34.71 -22.61 1.10
N SER C 37 -35.96 -22.27 1.39
CA SER C 37 -36.55 -22.59 2.67
C SER C 37 -36.61 -24.09 2.86
N LYS C 38 -36.82 -24.81 1.78
CA LYS C 38 -36.86 -26.26 1.88
C LYS C 38 -35.50 -26.85 2.22
N ARG C 39 -34.46 -26.38 1.52
CA ARG C 39 -33.11 -26.89 1.75
C ARG C 39 -32.61 -26.53 3.15
N PHE C 40 -32.79 -25.28 3.52
CA PHE C 40 -32.36 -24.81 4.82
C PHE C 40 -33.46 -25.02 5.86
N LYS C 41 -34.60 -25.55 5.43
CA LYS C 41 -35.71 -25.80 6.37
C LYS C 41 -36.05 -24.52 7.13
N SER C 42 -36.10 -23.41 6.40
CA SER C 42 -36.41 -22.11 7.00
C SER C 42 -37.80 -21.64 6.55
N GLN C 43 -38.11 -20.37 6.81
CA GLN C 43 -39.41 -19.83 6.43
C GLN C 43 -39.21 -18.58 5.58
N THR C 44 -40.07 -18.39 4.59
CA THR C 44 -39.97 -17.23 3.72
C THR C 44 -40.24 -15.93 4.48
N ASP C 45 -40.76 -16.05 5.69
CA ASP C 45 -41.06 -14.89 6.52
C ASP C 45 -39.80 -14.34 7.18
N GLN C 46 -38.84 -15.22 7.42
CA GLN C 46 -37.58 -14.82 8.05
C GLN C 46 -36.43 -14.82 7.04
N LEU C 47 -36.67 -15.37 5.85
CA LEU C 47 -35.64 -15.43 4.82
C LEU C 47 -35.57 -14.14 4.04
N VAL C 48 -34.41 -13.47 4.09
CA VAL C 48 -34.23 -12.21 3.38
C VAL C 48 -33.03 -12.31 2.44
N LEU C 49 -33.20 -11.94 1.18
CA LEU C 49 -32.10 -12.03 0.23
C LEU C 49 -31.41 -10.68 0.09
N ILE C 50 -30.13 -10.72 -0.25
CA ILE C 50 -29.36 -9.48 -0.42
C ILE C 50 -28.50 -9.55 -1.68
N PHE C 51 -28.51 -8.47 -2.45
CA PHE C 51 -27.71 -8.43 -3.68
C PHE C 51 -27.58 -7.00 -4.20
N ALA C 52 -26.43 -6.70 -4.80
CA ALA C 52 -26.20 -5.36 -5.34
C ALA C 52 -26.28 -4.30 -4.24
N GLY C 53 -26.11 -4.73 -3.00
CA GLY C 53 -26.17 -3.81 -1.87
C GLY C 53 -27.61 -3.48 -1.51
N LYS C 54 -28.54 -4.28 -2.01
CA LYS C 54 -29.96 -4.07 -1.73
C LYS C 54 -30.63 -5.36 -1.31
N ILE C 55 -31.60 -5.25 -0.41
CA ILE C 55 -32.30 -6.43 0.07
C ILE C 55 -33.36 -6.86 -0.95
N LEU C 56 -33.23 -8.10 -1.42
CA LEU C 56 -34.17 -8.65 -2.38
C LEU C 56 -35.31 -9.34 -1.64
N LYS C 57 -36.54 -9.10 -2.10
CA LYS C 57 -37.72 -9.69 -1.49
C LYS C 57 -38.40 -10.65 -2.46
N ASP C 58 -39.32 -11.44 -1.93
CA ASP C 58 -40.04 -12.41 -2.75
C ASP C 58 -40.70 -11.73 -3.95
N GLN C 59 -41.03 -10.46 -3.79
CA GLN C 59 -41.66 -9.71 -4.87
C GLN C 59 -40.67 -9.46 -6.01
N ASP C 60 -39.39 -9.38 -5.67
CA ASP C 60 -38.35 -9.14 -6.65
C ASP C 60 -38.06 -10.38 -7.50
N THR C 61 -37.41 -10.17 -8.64
CA THR C 61 -37.08 -11.28 -9.53
C THR C 61 -35.57 -11.38 -9.71
N LEU C 62 -35.08 -12.59 -9.94
CA LEU C 62 -33.65 -12.80 -10.10
C LEU C 62 -33.14 -12.07 -11.34
N ILE C 63 -33.79 -12.30 -12.46
CA ILE C 63 -33.40 -11.65 -13.71
C ILE C 63 -33.61 -10.16 -13.66
N GLN C 64 -34.59 -9.75 -12.88
CA GLN C 64 -34.89 -8.35 -12.73
C GLN C 64 -33.73 -7.66 -12.05
N HIS C 65 -33.05 -8.40 -11.18
CA HIS C 65 -31.89 -7.83 -10.49
C HIS C 65 -30.61 -8.11 -11.27
N GLY C 66 -30.69 -9.00 -12.26
CA GLY C 66 -29.50 -9.32 -13.04
C GLY C 66 -28.89 -10.62 -12.56
N ILE C 67 -29.61 -11.33 -11.69
CA ILE C 67 -29.11 -12.58 -11.15
C ILE C 67 -29.14 -13.66 -12.22
N HIS C 68 -27.98 -14.23 -12.51
CA HIS C 68 -27.90 -15.28 -13.53
C HIS C 68 -27.11 -16.49 -13.01
N ASP C 69 -26.77 -17.40 -13.91
CA ASP C 69 -26.03 -18.59 -13.54
C ASP C 69 -24.61 -18.24 -13.17
N GLY C 70 -24.24 -18.61 -11.95
CA GLY C 70 -22.90 -18.35 -11.45
C GLY C 70 -22.85 -17.14 -10.53
N LEU C 71 -23.97 -16.42 -10.41
CA LEU C 71 -24.02 -15.26 -9.54
C LEU C 71 -24.22 -15.69 -8.10
N THR C 72 -23.72 -14.87 -7.18
CA THR C 72 -23.85 -15.17 -5.75
C THR C 72 -24.95 -14.33 -5.12
N VAL C 73 -25.50 -14.84 -4.02
CA VAL C 73 -26.56 -14.13 -3.31
C VAL C 73 -26.31 -14.18 -1.80
N HIS C 74 -26.74 -13.13 -1.10
CA HIS C 74 -26.54 -13.07 0.34
C HIS C 74 -27.85 -13.35 1.06
N LEU C 75 -27.94 -14.52 1.66
CA LEU C 75 -29.14 -14.91 2.39
C LEU C 75 -29.01 -14.55 3.85
N VAL C 76 -30.04 -13.89 4.38
CA VAL C 76 -30.04 -13.49 5.78
C VAL C 76 -31.32 -13.96 6.48
N ILE C 77 -31.15 -14.65 7.60
CA ILE C 77 -32.29 -15.14 8.35
C ILE C 77 -32.46 -14.33 9.63
N LYS C 78 -33.68 -13.84 9.84
CA LYS C 78 -33.98 -13.04 11.02
C LYS C 78 -34.12 -13.94 12.25
N MET A 1 3.15 48.44 1.90
CA MET A 1 4.13 47.93 2.89
C MET A 1 4.78 46.66 2.36
N LEU A 2 6.09 46.71 2.15
CA LEU A 2 6.82 45.56 1.63
C LEU A 2 6.74 44.41 2.63
N GLY A 3 6.84 44.74 3.91
CA GLY A 3 6.78 43.71 4.95
C GLY A 3 8.12 43.00 5.10
N LEU A 4 8.12 41.93 5.88
CA LEU A 4 9.33 41.16 6.10
C LEU A 4 9.22 39.79 5.44
N GLY A 5 10.35 39.29 4.95
CA GLY A 5 10.36 37.98 4.28
C GLY A 5 11.78 37.45 4.14
N ALA A 6 12.02 36.71 3.06
CA ALA A 6 13.34 36.13 2.82
C ALA A 6 14.38 37.24 2.70
N SER A 7 14.01 38.34 2.07
CA SER A 7 14.93 39.46 1.89
C SER A 7 15.38 39.98 3.26
N ASP A 8 14.45 40.07 4.19
CA ASP A 8 14.77 40.54 5.52
C ASP A 8 15.78 39.61 6.18
N PHE A 9 15.61 38.32 5.97
CA PHE A 9 16.52 37.34 6.55
C PHE A 9 17.93 37.55 6.01
N GLU A 10 18.03 37.89 4.73
CA GLU A 10 19.33 38.10 4.10
C GLU A 10 20.06 39.26 4.78
N PHE A 11 19.34 40.33 5.05
CA PHE A 11 19.92 41.48 5.71
C PHE A 11 20.20 41.18 7.18
N GLY A 12 19.28 40.44 7.79
CA GLY A 12 19.40 40.08 9.20
C GLY A 12 20.63 39.20 9.43
N VAL A 13 20.87 38.30 8.49
CA VAL A 13 22.01 37.36 8.56
C VAL A 13 21.95 36.54 9.85
N ASP A 14 20.87 35.78 10.00
CA ASP A 14 20.72 34.92 11.18
C ASP A 14 21.92 33.99 11.36
N PRO A 15 22.31 33.26 10.35
CA PRO A 15 23.48 32.32 10.47
C PRO A 15 24.75 33.03 10.95
N SER A 16 25.02 34.21 10.39
CA SER A 16 26.19 34.97 10.78
C SER A 16 26.11 35.39 12.24
N ALA A 17 24.95 35.90 12.63
CA ALA A 17 24.75 36.35 14.00
C ALA A 17 24.90 35.19 14.98
N ASP A 18 24.35 34.04 14.61
CA ASP A 18 24.42 32.86 15.46
C ASP A 18 25.03 31.67 14.68
N PRO A 19 26.26 31.31 14.93
CA PRO A 19 26.92 30.16 14.23
C PRO A 19 26.07 28.90 14.30
N GLU A 20 25.30 28.78 15.37
CA GLU A 20 24.44 27.62 15.57
C GLU A 20 23.40 27.53 14.47
N LEU A 21 22.83 28.67 14.10
CA LEU A 21 21.83 28.70 13.05
C LEU A 21 22.47 28.21 11.76
N ALA A 22 23.70 28.64 11.52
CA ALA A 22 24.41 28.22 10.32
C ALA A 22 24.60 26.72 10.34
N LEU A 23 24.93 26.17 11.50
CA LEU A 23 25.12 24.74 11.62
C LEU A 23 23.80 24.00 11.47
N ALA A 24 22.73 24.58 12.02
CA ALA A 24 21.41 23.96 11.94
C ALA A 24 20.98 23.82 10.49
N LEU A 25 21.21 24.86 9.69
CA LEU A 25 20.85 24.81 8.28
C LEU A 25 21.70 23.79 7.54
N ARG A 26 22.99 23.79 7.84
CA ARG A 26 23.91 22.87 7.21
C ARG A 26 23.50 21.44 7.53
N VAL A 27 23.15 21.21 8.78
CA VAL A 27 22.72 19.90 9.18
C VAL A 27 21.40 19.57 8.51
N SER A 28 20.51 20.55 8.47
CA SER A 28 19.20 20.35 7.86
C SER A 28 19.37 19.96 6.40
N MET A 29 20.28 20.64 5.73
CA MET A 29 20.56 20.35 4.34
C MET A 29 21.07 18.92 4.22
N GLU A 30 21.93 18.52 5.14
CA GLU A 30 22.46 17.16 5.13
C GLU A 30 21.38 16.14 5.46
N GLU A 31 20.46 16.51 6.36
CA GLU A 31 19.39 15.59 6.73
C GLU A 31 18.56 15.25 5.51
N GLN A 32 18.24 16.27 4.72
CA GLN A 32 17.48 16.03 3.50
C GLN A 32 18.32 15.22 2.53
N ARG A 33 19.61 15.53 2.50
CA ARG A 33 20.54 14.83 1.61
C ARG A 33 20.54 13.34 1.91
N GLN A 34 20.58 12.99 3.20
CA GLN A 34 20.58 11.59 3.60
C GLN A 34 19.28 10.91 3.17
N ARG A 35 18.18 11.64 3.34
CA ARG A 35 16.88 11.11 2.95
C ARG A 35 16.80 11.00 1.44
N GLN A 36 17.45 11.94 0.77
CA GLN A 36 17.48 11.96 -0.68
C GLN A 36 18.18 10.72 -1.17
N GLU A 37 19.24 10.33 -0.47
CA GLU A 37 19.98 9.14 -0.83
C GLU A 37 19.09 7.92 -0.71
N GLU A 38 18.28 7.89 0.33
CA GLU A 38 17.38 6.77 0.54
C GLU A 38 16.45 6.61 -0.66
N GLU A 39 15.86 7.73 -1.10
CA GLU A 39 14.97 7.70 -2.25
C GLU A 39 15.75 7.35 -3.51
N ALA A 40 16.96 7.91 -3.62
CA ALA A 40 17.81 7.68 -4.77
C ALA A 40 18.15 6.20 -4.90
N ARG A 41 18.46 5.57 -3.76
CA ARG A 41 18.78 4.16 -3.74
C ARG A 41 17.54 3.33 -4.08
N ARG A 42 16.38 3.75 -3.57
CA ARG A 42 15.14 3.03 -3.86
C ARG A 42 14.87 3.07 -5.35
N ALA A 43 15.09 4.24 -5.96
CA ALA A 43 14.88 4.37 -7.40
C ALA A 43 15.82 3.43 -8.13
N ALA A 44 17.06 3.35 -7.65
CA ALA A 44 18.06 2.48 -8.25
C ALA A 44 17.60 1.03 -8.19
N ALA A 45 17.03 0.63 -7.05
CA ALA A 45 16.55 -0.74 -6.88
C ALA A 45 15.46 -1.03 -7.91
N ALA A 46 14.53 -0.10 -8.07
CA ALA A 46 13.45 -0.26 -9.03
C ALA A 46 14.02 -0.32 -10.45
N SER A 47 15.02 0.53 -10.70
CA SER A 47 15.66 0.57 -12.01
C SER A 47 16.31 -0.75 -12.35
N ALA A 48 16.99 -1.34 -11.37
CA ALA A 48 17.65 -2.62 -11.59
C ALA A 48 16.61 -3.68 -11.92
N ALA A 49 15.48 -3.62 -11.22
CA ALA A 49 14.40 -4.55 -11.43
C ALA A 49 13.87 -4.42 -12.86
N GLU A 50 13.80 -3.19 -13.36
CA GLU A 50 13.32 -2.98 -14.72
C GLU A 50 14.21 -3.71 -15.71
N ALA A 51 15.52 -3.61 -15.52
CA ALA A 51 16.46 -4.30 -16.38
C ALA A 51 16.33 -5.82 -16.23
N GLY A 52 16.17 -6.27 -14.99
CA GLY A 52 16.03 -7.69 -14.72
C GLY A 52 14.71 -8.24 -15.25
N ILE A 53 13.79 -7.34 -15.60
CA ILE A 53 12.50 -7.76 -16.13
C ILE A 53 12.69 -8.63 -17.36
N ALA A 54 13.83 -8.48 -18.04
CA ALA A 54 14.10 -9.28 -19.24
C ALA A 54 14.53 -10.69 -18.86
N THR A 55 13.77 -11.67 -19.33
CA THR A 55 14.08 -13.08 -19.04
C THR A 55 13.93 -13.93 -20.30
N THR A 56 14.51 -15.11 -20.29
CA THR A 56 14.42 -16.01 -21.44
C THR A 56 13.09 -16.74 -21.43
N GLY A 57 12.60 -17.09 -22.62
CA GLY A 57 11.32 -17.78 -22.74
C GLY A 57 10.98 -18.01 -24.20
N THR A 58 9.72 -17.75 -24.54
CA THR A 58 9.26 -17.93 -25.91
C THR A 58 8.87 -16.58 -26.50
N GLU A 59 8.99 -16.48 -27.82
CA GLU A 59 8.65 -15.23 -28.50
C GLU A 59 7.33 -15.36 -29.26
N ASP A 60 6.23 -15.09 -28.58
CA ASP A 60 4.91 -15.15 -29.21
C ASP A 60 4.49 -13.80 -29.78
N SER A 61 5.23 -12.75 -29.42
CA SER A 61 4.93 -11.40 -29.88
C SER A 61 5.05 -11.30 -31.40
N ASP A 62 6.02 -12.01 -31.95
CA ASP A 62 6.24 -11.98 -33.39
C ASP A 62 4.98 -12.38 -34.16
N ASP A 63 4.34 -13.47 -33.72
CA ASP A 63 3.12 -13.93 -34.36
C ASP A 63 2.01 -12.90 -34.19
N ALA A 64 1.94 -12.33 -32.99
CA ALA A 64 0.91 -11.34 -32.70
C ALA A 64 1.09 -10.13 -33.60
N LEU A 65 2.33 -9.75 -33.83
CA LEU A 65 2.64 -8.62 -34.67
C LEU A 65 2.15 -8.85 -36.09
N LEU A 66 2.33 -10.08 -36.57
CA LEU A 66 1.89 -10.41 -37.93
C LEU A 66 0.38 -10.24 -38.07
N LYS A 67 -0.36 -10.75 -37.08
CA LYS A 67 -1.81 -10.64 -37.12
C LYS A 67 -2.25 -9.17 -37.10
N MET A 68 -1.63 -8.39 -36.22
CA MET A 68 -1.97 -6.98 -36.10
C MET A 68 -1.61 -6.22 -37.39
N THR A 69 -0.48 -6.57 -37.99
CA THR A 69 -0.03 -5.91 -39.22
C THR A 69 -1.05 -6.09 -40.35
N ILE A 70 -1.50 -7.32 -40.54
CA ILE A 70 -2.47 -7.60 -41.58
C ILE A 70 -3.83 -7.03 -41.21
N SER A 71 -4.12 -7.00 -39.91
CA SER A 71 -5.39 -6.48 -39.44
C SER A 71 -5.56 -5.02 -39.85
N GLN A 72 -4.52 -4.21 -39.61
CA GLN A 72 -4.57 -2.80 -39.97
C GLN A 72 -4.65 -2.61 -41.48
N GLN A 73 -3.88 -3.43 -42.21
CA GLN A 73 -3.87 -3.35 -43.67
C GLN A 73 -5.23 -3.70 -44.26
N GLU A 74 -5.86 -4.72 -43.69
CA GLU A 74 -7.15 -5.16 -44.16
C GLU A 74 -8.19 -4.06 -43.97
N PHE A 75 -8.14 -3.41 -42.81
CA PHE A 75 -9.07 -2.34 -42.48
C PHE A 75 -8.80 -1.12 -43.34
N GLY A 76 -7.54 -0.94 -43.73
CA GLY A 76 -7.16 0.21 -44.55
C GLY A 76 -7.22 1.50 -43.75
N ARG A 77 -7.15 1.37 -42.43
CA ARG A 77 -7.21 2.54 -41.56
C ARG A 77 -8.48 3.34 -41.82
N THR A 78 -9.48 2.70 -42.44
CA THR A 78 -10.73 3.38 -42.74
C THR A 78 -10.49 4.62 -43.58
N GLY A 79 -9.39 4.63 -44.34
CA GLY A 79 -9.07 5.77 -45.19
C GLY A 79 -8.57 6.95 -44.36
N LEU A 80 -8.13 6.67 -43.13
CA LEU A 80 -7.63 7.73 -42.26
C LEU A 80 -8.62 8.89 -42.19
N PRO A 81 -9.74 8.67 -41.56
CA PRO A 81 -10.81 9.72 -41.41
C PRO A 81 -10.25 11.02 -40.87
N ASP A 82 -9.28 10.89 -39.97
CA ASP A 82 -8.66 12.06 -39.37
C ASP A 82 -9.67 12.87 -38.57
N LEU A 83 -10.20 12.27 -37.50
CA LEU A 83 -11.18 12.94 -36.66
C LEU A 83 -10.60 14.22 -36.08
N SER A 84 -9.29 14.21 -35.81
CA SER A 84 -8.64 15.39 -35.24
C SER A 84 -8.79 16.59 -36.17
N SER A 85 -8.52 16.37 -37.45
CA SER A 85 -8.64 17.44 -38.44
C SER A 85 -10.08 17.91 -38.53
N MET A 86 -11.00 16.95 -38.51
CA MET A 86 -12.42 17.26 -38.59
C MET A 86 -12.85 18.19 -37.46
N THR A 87 -13.79 19.08 -37.78
CA THR A 87 -14.29 20.03 -36.80
C THR A 87 -15.46 19.43 -36.02
N GLU A 88 -16.03 20.21 -35.10
CA GLU A 88 -17.15 19.74 -34.32
C GLU A 88 -18.32 19.34 -35.21
N GLU A 89 -18.59 20.17 -36.20
CA GLU A 89 -19.68 19.88 -37.13
C GLU A 89 -19.38 18.62 -37.94
N GLU A 90 -18.12 18.46 -38.33
CA GLU A 90 -17.72 17.31 -39.13
C GLU A 90 -17.87 16.01 -38.33
N GLN A 91 -17.42 16.03 -37.08
CA GLN A 91 -17.51 14.86 -36.21
C GLN A 91 -18.96 14.60 -35.83
N ILE A 92 -19.67 15.67 -35.53
CA ILE A 92 -21.07 15.56 -35.15
C ILE A 92 -21.88 15.00 -36.31
N ALA A 93 -21.61 15.50 -37.51
CA ALA A 93 -22.31 15.04 -38.71
C ALA A 93 -22.08 13.56 -38.93
N TYR A 94 -20.85 13.11 -38.69
CA TYR A 94 -20.49 11.72 -38.87
C TYR A 94 -21.35 10.82 -37.99
N ALA A 95 -21.50 11.21 -36.73
CA ALA A 95 -22.31 10.45 -35.78
C ALA A 95 -23.76 10.38 -36.25
N MET A 96 -24.25 11.48 -36.80
CA MET A 96 -25.62 11.55 -37.29
C MET A 96 -25.82 10.57 -38.45
N GLN A 97 -24.81 10.47 -39.30
CA GLN A 97 -24.89 9.58 -40.43
C GLN A 97 -25.05 8.15 -39.95
N MET A 98 -24.35 7.81 -38.88
CA MET A 98 -24.44 6.48 -38.31
C MET A 98 -25.85 6.21 -37.80
N SER A 99 -26.45 7.23 -37.19
CA SER A 99 -27.80 7.08 -36.66
C SER A 99 -28.79 6.82 -37.78
N LEU A 100 -28.47 7.30 -38.97
CA LEU A 100 -29.34 7.10 -40.12
C LEU A 100 -28.93 5.87 -40.94
N GLN A 101 -28.17 4.98 -40.32
CA GLN A 101 -27.73 3.77 -40.99
C GLN A 101 -26.97 4.09 -42.28
N GLY A 102 -25.99 4.98 -42.18
CA GLY A 102 -25.20 5.37 -43.34
C GLY A 102 -26.00 6.29 -44.25
N ALA A 103 -26.57 7.35 -43.68
CA ALA A 103 -27.35 8.29 -44.47
C ALA A 103 -26.52 8.85 -45.63
N GLU A 104 -27.16 8.96 -46.80
CA GLU A 104 -26.49 9.47 -47.97
C GLU A 104 -27.50 10.10 -48.94
N PHE A 105 -27.03 11.01 -49.77
CA PHE A 105 -27.90 11.67 -50.74
C PHE A 105 -27.09 12.14 -51.95
N GLY A 106 -27.78 12.39 -53.05
CA GLY A 106 -27.10 12.82 -54.27
C GLY A 106 -26.51 11.64 -55.03
N GLN A 107 -26.70 10.42 -54.50
CA GLN A 107 -26.17 9.23 -55.15
C GLN A 107 -27.19 8.10 -55.11
N ALA A 108 -27.37 7.42 -56.24
CA ALA A 108 -28.32 6.32 -56.32
C ALA A 108 -27.68 5.11 -56.99
N GLU A 109 -28.03 3.92 -56.50
CA GLU A 109 -27.49 2.69 -57.06
C GLU A 109 -27.93 2.51 -58.50
N SER A 110 -27.00 2.14 -59.35
CA SER A 110 -27.30 1.93 -60.77
C SER A 110 -26.49 0.77 -61.32
N ALA A 111 -27.11 -0.03 -62.19
CA ALA A 111 -26.43 -1.16 -62.80
C ALA A 111 -27.19 -1.64 -64.04
N ALA B 1 -11.81 1.83 14.25
CA ALA B 1 -10.43 2.32 13.96
C ALA B 1 -10.37 3.83 14.20
N PRO B 2 -9.18 4.37 14.34
CA PRO B 2 -9.00 5.83 14.58
C PRO B 2 -9.32 6.67 13.34
N ALA B 3 -9.87 7.86 13.57
CA ALA B 3 -10.21 8.75 12.48
C ALA B 3 -8.99 9.54 12.01
N GLU B 4 -7.93 9.55 12.82
CA GLU B 4 -6.71 10.28 12.47
C GLU B 4 -5.96 9.59 11.33
N PRO B 5 -5.18 10.33 10.59
CA PRO B 5 -4.39 9.78 9.44
C PRO B 5 -3.14 9.02 9.91
N LYS B 6 -2.20 8.82 9.00
CA LYS B 6 -0.98 8.09 9.32
C LYS B 6 -0.08 8.88 10.25
N ILE B 7 0.42 8.22 11.28
CA ILE B 7 1.30 8.86 12.23
C ILE B 7 2.72 8.92 11.71
N ILE B 8 3.36 10.07 11.87
CA ILE B 8 4.72 10.28 11.41
C ILE B 8 5.63 10.53 12.58
N LYS B 9 6.87 10.11 12.45
CA LYS B 9 7.82 10.30 13.52
C LYS B 9 8.90 11.27 13.09
N VAL B 10 8.99 12.39 13.79
CA VAL B 10 10.01 13.38 13.50
C VAL B 10 11.06 13.41 14.60
N THR B 11 12.32 13.48 14.20
CA THR B 11 13.39 13.53 15.15
C THR B 11 13.70 14.98 15.47
N VAL B 12 13.37 15.36 16.69
CA VAL B 12 13.60 16.73 17.15
C VAL B 12 14.98 16.82 17.75
N LYS B 13 15.84 17.65 17.16
CA LYS B 13 17.18 17.78 17.68
C LYS B 13 17.31 19.10 18.43
N THR B 14 17.50 18.99 19.73
CA THR B 14 17.64 20.14 20.58
C THR B 14 19.09 20.60 20.58
N PRO B 15 19.38 21.74 21.15
CA PRO B 15 20.76 22.28 21.19
C PRO B 15 21.78 21.25 21.65
N LYS B 16 21.39 20.40 22.59
CA LYS B 16 22.29 19.36 23.09
C LYS B 16 21.53 18.05 23.35
N GLU B 17 20.36 17.94 22.76
CA GLU B 17 19.52 16.75 22.93
C GLU B 17 18.86 16.36 21.61
N LYS B 18 18.13 15.24 21.62
CA LYS B 18 17.48 14.74 20.42
C LYS B 18 16.43 13.71 20.82
N GLU B 19 15.21 13.85 20.33
CA GLU B 19 14.15 12.89 20.64
C GLU B 19 13.13 12.77 19.52
N GLU B 20 12.67 11.55 19.25
CA GLU B 20 11.69 11.33 18.19
C GLU B 20 10.26 11.44 18.72
N PHE B 21 9.45 12.23 18.02
CA PHE B 21 8.06 12.43 18.39
C PHE B 21 7.13 11.89 17.30
N ALA B 22 6.16 11.07 17.69
CA ALA B 22 5.21 10.51 16.73
C ALA B 22 3.90 11.28 16.77
N VAL B 23 3.48 11.82 15.63
CA VAL B 23 2.23 12.58 15.59
C VAL B 23 1.54 12.41 14.23
N PRO B 24 0.26 12.62 14.16
CA PRO B 24 -0.50 12.48 12.88
C PRO B 24 0.17 13.25 11.74
N GLU B 25 0.18 12.64 10.55
CA GLU B 25 0.79 13.26 9.38
C GLU B 25 0.20 14.64 9.13
N ASN B 26 -0.99 14.89 9.68
CA ASN B 26 -1.66 16.17 9.49
C ASN B 26 -1.50 17.04 10.71
N SER B 27 -0.46 16.77 11.50
CA SER B 27 -0.21 17.54 12.69
C SER B 27 0.37 18.91 12.34
N SER B 28 -0.14 19.95 12.99
CA SER B 28 0.34 21.29 12.76
C SER B 28 1.55 21.56 13.62
N VAL B 29 2.28 22.62 13.30
CA VAL B 29 3.44 22.96 14.09
C VAL B 29 3.04 23.27 15.52
N GLN B 30 1.93 23.98 15.67
CA GLN B 30 1.43 24.36 16.98
C GLN B 30 1.18 23.13 17.83
N GLN B 31 0.58 22.09 17.23
CA GLN B 31 0.31 20.87 17.96
C GLN B 31 1.60 20.18 18.36
N PHE B 32 2.54 20.18 17.43
CA PHE B 32 3.83 19.56 17.65
C PHE B 32 4.58 20.28 18.76
N LYS B 33 4.52 21.61 18.74
CA LYS B 33 5.19 22.39 19.76
C LYS B 33 4.63 22.05 21.13
N GLU B 34 3.33 21.83 21.19
CA GLU B 34 2.71 21.48 22.47
C GLU B 34 3.28 20.18 23.02
N ALA B 35 3.43 19.20 22.13
CA ALA B 35 3.96 17.91 22.51
C ALA B 35 5.42 18.02 22.92
N ILE B 36 6.15 18.82 22.15
CA ILE B 36 7.56 19.04 22.40
C ILE B 36 7.78 19.78 23.71
N SER B 37 6.93 20.75 23.94
CA SER B 37 7.01 21.57 25.14
C SER B 37 6.82 20.71 26.36
N LYS B 38 5.97 19.69 26.24
CA LYS B 38 5.73 18.79 27.35
C LYS B 38 6.97 17.94 27.64
N ARG B 39 7.56 17.36 26.59
CA ARG B 39 8.72 16.50 26.74
C ARG B 39 9.91 17.28 27.28
N PHE B 40 10.14 18.45 26.72
CA PHE B 40 11.24 19.30 27.16
C PHE B 40 10.81 20.22 28.28
N LYS B 41 9.53 20.18 28.64
CA LYS B 41 9.01 21.03 29.71
C LYS B 41 9.35 22.49 29.42
N SER B 42 9.26 22.85 28.16
CA SER B 42 9.55 24.21 27.72
C SER B 42 8.26 24.95 27.39
N GLN B 43 8.37 26.17 26.84
CA GLN B 43 7.20 26.95 26.49
C GLN B 43 7.13 27.12 24.98
N THR B 44 5.93 27.02 24.42
CA THR B 44 5.77 27.16 22.98
C THR B 44 6.24 28.52 22.50
N ASP B 45 6.28 29.48 23.41
CA ASP B 45 6.72 30.83 23.08
C ASP B 45 8.21 30.85 22.80
N GLN B 46 8.95 30.05 23.55
CA GLN B 46 10.41 29.98 23.40
C GLN B 46 10.83 28.86 22.46
N LEU B 47 9.94 27.89 22.25
CA LEU B 47 10.25 26.76 21.37
C LEU B 47 10.12 27.17 19.91
N VAL B 48 11.23 27.02 19.17
CA VAL B 48 11.24 27.38 17.75
C VAL B 48 11.76 26.19 16.93
N LEU B 49 11.04 25.81 15.89
CA LEU B 49 11.48 24.69 15.07
C LEU B 49 12.25 25.18 13.85
N ILE B 50 13.15 24.34 13.35
CA ILE B 50 13.95 24.70 12.19
C ILE B 50 14.02 23.54 11.20
N PHE B 51 13.73 23.84 9.94
CA PHE B 51 13.77 22.81 8.91
C PHE B 51 14.02 23.42 7.54
N ALA B 52 14.84 22.74 6.75
CA ALA B 52 15.16 23.21 5.40
C ALA B 52 15.80 24.59 5.45
N GLY B 53 16.44 24.91 6.56
CA GLY B 53 17.09 26.21 6.73
C GLY B 53 16.06 27.30 6.99
N LYS B 54 14.84 26.89 7.35
CA LYS B 54 13.78 27.84 7.64
C LYS B 54 13.12 27.54 8.97
N ILE B 55 12.88 28.59 9.74
CA ILE B 55 12.26 28.42 11.04
C ILE B 55 10.78 28.12 10.89
N LEU B 56 10.33 27.06 11.55
CA LEU B 56 8.93 26.66 11.50
C LEU B 56 8.22 27.13 12.78
N LYS B 57 7.07 27.76 12.60
CA LYS B 57 6.30 28.27 13.73
C LYS B 57 4.93 27.63 13.78
N ASP B 58 4.18 27.93 14.83
CA ASP B 58 2.85 27.36 14.98
C ASP B 58 1.93 27.77 13.81
N GLN B 59 2.34 28.78 13.06
CA GLN B 59 1.54 29.23 11.92
C GLN B 59 1.73 28.28 10.73
N ASP B 60 2.74 27.43 10.81
CA ASP B 60 3.01 26.49 9.72
C ASP B 60 2.55 25.07 10.08
N THR B 61 2.46 24.21 9.07
CA THR B 61 2.03 22.83 9.27
C THR B 61 3.15 21.86 8.86
N LEU B 62 3.19 20.70 9.50
CA LEU B 62 4.23 19.73 9.20
C LEU B 62 4.10 19.21 7.78
N ILE B 63 2.91 18.79 7.41
CA ILE B 63 2.66 18.29 6.06
C ILE B 63 2.71 19.39 5.03
N GLN B 64 2.38 20.58 5.46
CA GLN B 64 2.41 21.72 4.58
C GLN B 64 3.83 21.96 4.12
N HIS B 65 4.77 21.70 5.02
CA HIS B 65 6.18 21.87 4.68
C HIS B 65 6.74 20.62 4.03
N GLY B 66 6.02 19.51 4.14
CA GLY B 66 6.49 18.28 3.56
C GLY B 66 7.14 17.40 4.63
N ILE B 67 6.95 17.77 5.89
CA ILE B 67 7.53 17.00 6.98
C ILE B 67 6.69 15.77 7.26
N HIS B 68 7.20 14.61 6.85
CA HIS B 68 6.49 13.35 7.06
C HIS B 68 7.29 12.45 8.00
N ASP B 69 7.02 11.16 7.97
CA ASP B 69 7.73 10.23 8.83
C ASP B 69 9.20 10.14 8.45
N GLY B 70 10.04 9.89 9.45
CA GLY B 70 11.47 9.75 9.22
C GLY B 70 12.12 11.09 8.86
N LEU B 71 11.54 12.17 9.37
CA LEU B 71 12.08 13.50 9.10
C LEU B 71 12.85 14.01 10.31
N THR B 72 13.82 14.89 10.06
CA THR B 72 14.62 15.46 11.13
C THR B 72 14.37 16.96 11.26
N VAL B 73 14.02 17.41 12.46
CA VAL B 73 13.77 18.83 12.69
C VAL B 73 14.74 19.37 13.73
N HIS B 74 15.06 20.65 13.63
CA HIS B 74 15.98 21.26 14.57
C HIS B 74 15.21 22.14 15.56
N LEU B 75 15.20 21.73 16.82
CA LEU B 75 14.49 22.50 17.84
C LEU B 75 15.43 23.49 18.51
N VAL B 76 14.98 24.73 18.59
CA VAL B 76 15.78 25.78 19.20
C VAL B 76 14.98 26.56 20.24
N ILE B 77 15.55 26.74 21.42
CA ILE B 77 14.86 27.48 22.48
C ILE B 77 15.47 28.86 22.64
N LYS B 78 14.61 29.87 22.67
CA LYS B 78 15.06 31.25 22.83
C LYS B 78 13.88 32.18 23.06
N ALA C 1 -52.62 -0.53 -8.06
CA ALA C 1 -52.61 -0.36 -9.54
C ALA C 1 -51.18 -0.52 -10.06
N PRO C 2 -51.02 -0.73 -11.33
CA PRO C 2 -49.67 -0.90 -11.95
C PRO C 2 -48.89 0.42 -12.01
N ALA C 3 -47.57 0.33 -11.98
CA ALA C 3 -46.72 1.52 -12.04
C ALA C 3 -46.97 2.28 -13.33
N GLU C 4 -46.83 3.60 -13.25
CA GLU C 4 -47.03 4.47 -14.41
C GLU C 4 -45.72 4.61 -15.20
N PRO C 5 -44.62 4.96 -14.56
CA PRO C 5 -43.32 5.12 -15.26
C PRO C 5 -42.58 3.79 -15.42
N LYS C 6 -41.49 3.79 -16.19
CA LYS C 6 -40.72 2.57 -16.40
C LYS C 6 -39.30 2.91 -16.77
N ILE C 7 -38.35 2.24 -16.15
CA ILE C 7 -36.94 2.48 -16.44
C ILE C 7 -36.55 1.85 -17.77
N ILE C 8 -35.86 2.63 -18.58
CA ILE C 8 -35.42 2.18 -19.88
C ILE C 8 -33.91 2.21 -19.99
N LYS C 9 -33.37 1.33 -20.82
CA LYS C 9 -31.93 1.28 -21.00
C LYS C 9 -31.55 1.79 -22.38
N VAL C 10 -30.93 2.96 -22.42
CA VAL C 10 -30.51 3.52 -23.69
C VAL C 10 -29.03 3.29 -23.90
N THR C 11 -28.67 2.88 -25.10
CA THR C 11 -27.28 2.64 -25.41
C THR C 11 -26.67 3.91 -25.95
N VAL C 12 -25.74 4.48 -25.20
CA VAL C 12 -25.08 5.70 -25.63
C VAL C 12 -23.77 5.36 -26.29
N LYS C 13 -23.49 6.00 -27.42
CA LYS C 13 -22.24 5.74 -28.13
C LYS C 13 -21.38 7.00 -28.12
N THR C 14 -20.35 7.00 -27.30
CA THR C 14 -19.47 8.15 -27.19
C THR C 14 -18.17 7.91 -27.95
N PRO C 15 -17.42 8.94 -28.21
CA PRO C 15 -16.12 8.84 -28.93
C PRO C 15 -15.12 7.96 -28.19
N LYS C 16 -15.43 7.61 -26.95
CA LYS C 16 -14.54 6.78 -26.18
C LYS C 16 -15.03 5.35 -26.19
N GLU C 17 -16.35 5.21 -26.08
CA GLU C 17 -16.96 3.89 -26.07
C GLU C 17 -18.48 3.99 -25.98
N LYS C 18 -19.14 2.85 -25.91
CA LYS C 18 -20.59 2.81 -25.84
C LYS C 18 -21.04 2.12 -24.57
N GLU C 19 -22.01 2.69 -23.91
CA GLU C 19 -22.52 2.09 -22.69
C GLU C 19 -24.02 2.26 -22.54
N GLU C 20 -24.67 1.29 -21.91
CA GLU C 20 -26.11 1.36 -21.68
C GLU C 20 -26.43 2.00 -20.33
N PHE C 21 -27.32 2.98 -20.36
CA PHE C 21 -27.73 3.70 -19.17
C PHE C 21 -29.20 3.46 -18.88
N ALA C 22 -29.51 3.09 -17.64
CA ALA C 22 -30.89 2.84 -17.23
C ALA C 22 -31.49 4.09 -16.60
N VAL C 23 -32.58 4.60 -17.18
CA VAL C 23 -33.23 5.80 -16.66
C VAL C 23 -34.71 5.78 -16.95
N PRO C 24 -35.50 6.47 -16.17
CA PRO C 24 -36.99 6.52 -16.40
C PRO C 24 -37.32 6.86 -17.85
N GLU C 25 -38.34 6.19 -18.38
CA GLU C 25 -38.74 6.42 -19.77
C GLU C 25 -39.15 7.87 -19.97
N ASN C 26 -39.44 8.55 -18.88
CA ASN C 26 -39.84 9.95 -18.95
C ASN C 26 -38.69 10.87 -18.58
N SER C 27 -37.48 10.35 -18.62
CA SER C 27 -36.33 11.14 -18.29
C SER C 27 -36.05 12.18 -19.38
N SER C 28 -35.63 13.36 -18.97
CA SER C 28 -35.32 14.42 -19.92
C SER C 28 -33.89 14.28 -20.40
N VAL C 29 -33.58 14.97 -21.49
CA VAL C 29 -32.23 14.93 -22.02
C VAL C 29 -31.26 15.46 -20.98
N GLN C 30 -31.64 16.53 -20.29
CA GLN C 30 -30.80 17.13 -19.29
C GLN C 30 -30.44 16.12 -18.21
N GLN C 31 -31.42 15.33 -17.79
CA GLN C 31 -31.17 14.32 -16.76
C GLN C 31 -30.26 13.24 -17.31
N PHE C 32 -30.48 12.89 -18.56
CA PHE C 32 -29.70 11.85 -19.21
C PHE C 32 -28.25 12.31 -19.36
N LYS C 33 -28.08 13.57 -19.73
CA LYS C 33 -26.74 14.11 -19.88
C LYS C 33 -26.02 14.02 -18.56
N GLU C 34 -26.73 14.25 -17.48
CA GLU C 34 -26.14 14.17 -16.16
C GLU C 34 -25.67 12.75 -15.87
N ALA C 35 -26.48 11.77 -16.30
CA ALA C 35 -26.13 10.37 -16.06
C ALA C 35 -24.88 9.98 -16.85
N ILE C 36 -24.86 10.38 -18.11
CA ILE C 36 -23.74 10.10 -19.00
C ILE C 36 -22.49 10.85 -18.56
N SER C 37 -22.68 12.09 -18.14
CA SER C 37 -21.57 12.93 -17.72
C SER C 37 -20.85 12.31 -16.54
N LYS C 38 -21.61 11.74 -15.63
CA LYS C 38 -21.02 11.10 -14.46
C LYS C 38 -20.19 9.89 -14.87
N ARG C 39 -20.77 9.05 -15.71
CA ARG C 39 -20.09 7.82 -16.16
C ARG C 39 -18.81 8.13 -16.92
N PHE C 40 -18.90 9.08 -17.83
CA PHE C 40 -17.75 9.47 -18.63
C PHE C 40 -16.96 10.58 -17.94
N LYS C 41 -17.46 11.04 -16.80
CA LYS C 41 -16.82 12.14 -16.08
C LYS C 41 -16.69 13.37 -16.97
N SER C 42 -17.68 13.57 -17.83
CA SER C 42 -17.68 14.71 -18.74
C SER C 42 -18.65 15.78 -18.24
N GLN C 43 -18.89 16.80 -19.07
CA GLN C 43 -19.80 17.87 -18.69
C GLN C 43 -21.02 17.87 -19.62
N THR C 44 -22.19 18.13 -19.04
CA THR C 44 -23.41 18.15 -19.82
C THR C 44 -23.37 19.28 -20.86
N ASP C 45 -22.44 20.21 -20.68
CA ASP C 45 -22.31 21.33 -21.61
C ASP C 45 -21.19 21.06 -22.62
N GLN C 46 -20.53 19.92 -22.50
CA GLN C 46 -19.46 19.55 -23.41
C GLN C 46 -19.86 18.36 -24.27
N LEU C 47 -20.91 17.65 -23.87
CA LEU C 47 -21.37 16.49 -24.62
C LEU C 47 -22.75 16.77 -25.23
N VAL C 48 -22.92 16.30 -26.45
CA VAL C 48 -24.19 16.48 -27.18
C VAL C 48 -24.73 15.14 -27.64
N LEU C 49 -26.04 14.97 -27.61
CA LEU C 49 -26.64 13.71 -28.02
C LEU C 49 -27.17 13.80 -29.45
N ILE C 50 -27.16 12.68 -30.15
CA ILE C 50 -27.65 12.64 -31.52
C ILE C 50 -28.58 11.47 -31.75
N PHE C 51 -29.71 11.74 -32.38
CA PHE C 51 -30.69 10.69 -32.65
C PHE C 51 -31.69 11.13 -33.71
N ALA C 52 -32.14 10.17 -34.51
CA ALA C 52 -33.11 10.46 -35.57
C ALA C 52 -32.53 11.46 -36.58
N GLY C 53 -31.22 11.57 -36.62
CA GLY C 53 -30.58 12.50 -37.54
C GLY C 53 -30.66 13.92 -37.01
N LYS C 54 -30.93 14.06 -35.72
CA LYS C 54 -31.02 15.37 -35.10
C LYS C 54 -30.27 15.42 -33.78
N ILE C 55 -29.67 16.55 -33.49
CA ILE C 55 -28.93 16.69 -32.25
C ILE C 55 -29.89 16.94 -31.09
N LEU C 56 -29.85 16.06 -30.11
CA LEU C 56 -30.70 16.17 -28.93
C LEU C 56 -30.00 17.00 -27.86
N LYS C 57 -30.75 17.91 -27.25
CA LYS C 57 -30.20 18.77 -26.22
C LYS C 57 -31.02 18.67 -24.93
N ASP C 58 -30.52 19.28 -23.87
CA ASP C 58 -31.22 19.26 -22.59
C ASP C 58 -32.61 19.91 -22.69
N GLN C 59 -32.82 20.68 -23.76
CA GLN C 59 -34.10 21.35 -23.95
C GLN C 59 -35.19 20.35 -24.36
N ASP C 60 -34.77 19.18 -24.84
CA ASP C 60 -35.73 18.16 -25.27
C ASP C 60 -35.77 17.00 -24.28
N THR C 61 -36.75 16.11 -24.48
CA THR C 61 -36.91 14.96 -23.62
C THR C 61 -36.59 13.67 -24.39
N LEU C 62 -36.16 12.65 -23.66
CA LEU C 62 -35.81 11.38 -24.27
C LEU C 62 -37.01 10.75 -24.97
N ILE C 63 -38.11 10.67 -24.23
CA ILE C 63 -39.33 10.09 -24.78
C ILE C 63 -39.94 10.98 -25.85
N GLN C 64 -39.70 12.26 -25.70
CA GLN C 64 -40.19 13.22 -26.68
C GLN C 64 -39.55 12.93 -28.01
N HIS C 65 -38.30 12.47 -27.97
CA HIS C 65 -37.60 12.13 -29.21
C HIS C 65 -37.91 10.72 -29.64
N GLY C 66 -38.49 9.93 -28.74
CA GLY C 66 -38.82 8.56 -29.06
C GLY C 66 -37.79 7.60 -28.48
N ILE C 67 -36.98 8.10 -27.56
CA ILE C 67 -35.96 7.27 -26.93
C ILE C 67 -36.64 6.30 -25.95
N HIS C 68 -36.43 5.01 -26.16
CA HIS C 68 -37.04 4.00 -25.29
C HIS C 68 -35.99 2.96 -24.86
N ASP C 69 -36.45 1.94 -24.14
CA ASP C 69 -35.54 0.90 -23.68
C ASP C 69 -35.04 0.06 -24.84
N GLY C 70 -33.74 0.13 -25.07
CA GLY C 70 -33.12 -0.65 -26.13
C GLY C 70 -32.78 0.22 -27.35
N LEU C 71 -32.95 1.53 -27.22
CA LEU C 71 -32.64 2.44 -28.31
C LEU C 71 -31.19 2.93 -28.20
N THR C 72 -30.57 3.16 -29.35
CA THR C 72 -29.19 3.64 -29.37
C THR C 72 -29.15 5.15 -29.52
N VAL C 73 -28.06 5.76 -29.04
CA VAL C 73 -27.91 7.20 -29.11
C VAL C 73 -26.46 7.53 -29.49
N HIS C 74 -26.28 8.61 -30.25
CA HIS C 74 -24.95 9.03 -30.66
C HIS C 74 -24.48 10.20 -29.82
N LEU C 75 -23.52 9.93 -28.94
CA LEU C 75 -22.99 10.96 -28.08
C LEU C 75 -21.74 11.56 -28.69
N VAL C 76 -21.69 12.88 -28.75
CA VAL C 76 -20.54 13.56 -29.34
C VAL C 76 -20.03 14.64 -28.39
N ILE C 77 -18.77 14.49 -27.95
CA ILE C 77 -18.16 15.45 -27.04
C ILE C 77 -17.30 16.44 -27.81
N LYS C 78 -17.41 17.71 -27.44
CA LYS C 78 -16.62 18.76 -28.10
C LYS C 78 -15.91 19.62 -27.07
N MET A 1 19.98 49.27 14.29
CA MET A 1 18.74 50.09 14.16
C MET A 1 17.56 49.19 13.83
N LEU A 2 16.38 49.78 13.77
CA LEU A 2 15.17 49.02 13.45
C LEU A 2 15.27 48.43 12.04
N GLY A 3 15.83 49.21 11.12
CA GLY A 3 15.99 48.76 9.75
C GLY A 3 14.85 49.27 8.87
N LEU A 4 15.07 49.26 7.56
CA LEU A 4 14.06 49.73 6.63
C LEU A 4 12.80 48.88 6.71
N GLY A 5 12.99 47.56 6.84
CA GLY A 5 11.87 46.65 6.94
C GLY A 5 12.34 45.25 7.34
N ALA A 6 11.46 44.50 8.01
CA ALA A 6 11.78 43.15 8.43
C ALA A 6 11.67 42.18 7.26
N SER A 7 10.87 42.55 6.26
CA SER A 7 10.70 41.70 5.08
C SER A 7 11.85 41.88 4.10
N ASP A 8 12.70 42.86 4.35
CA ASP A 8 13.84 43.12 3.48
C ASP A 8 14.80 41.93 3.50
N PHE A 9 14.84 41.24 4.63
CA PHE A 9 15.73 40.08 4.77
C PHE A 9 14.92 38.81 5.05
N GLU A 10 13.71 38.97 5.56
CA GLU A 10 12.87 37.83 5.87
C GLU A 10 13.58 36.85 6.79
N PHE A 11 14.22 37.39 7.82
CA PHE A 11 14.96 36.56 8.77
C PHE A 11 16.02 35.72 8.05
N GLY A 12 16.44 36.19 6.88
CA GLY A 12 17.46 35.50 6.12
C GLY A 12 18.88 35.89 6.57
N VAL A 13 18.95 36.80 7.54
CA VAL A 13 20.23 37.25 8.05
C VAL A 13 20.55 36.56 9.38
N ASP A 14 19.52 35.99 10.02
CA ASP A 14 19.72 35.25 11.26
C ASP A 14 20.83 34.20 11.12
N PRO A 15 20.85 33.40 10.07
CA PRO A 15 21.90 32.36 9.87
C PRO A 15 23.31 32.94 9.91
N SER A 16 23.48 34.11 9.30
CA SER A 16 24.78 34.76 9.26
C SER A 16 25.06 35.44 10.59
N ALA A 17 24.01 35.86 11.28
CA ALA A 17 24.16 36.54 12.56
C ALA A 17 24.86 35.63 13.58
N ASP A 18 24.48 34.35 13.59
CA ASP A 18 25.09 33.41 14.53
C ASP A 18 25.55 32.15 13.80
N PRO A 19 26.63 31.54 14.26
CA PRO A 19 27.18 30.30 13.64
C PRO A 19 26.29 29.09 13.88
N GLU A 20 25.58 29.08 15.00
CA GLU A 20 24.71 27.98 15.34
C GLU A 20 23.59 27.84 14.33
N LEU A 21 22.98 28.98 13.99
CA LEU A 21 21.90 28.98 13.01
C LEU A 21 22.44 28.51 11.68
N ALA A 22 23.63 28.98 11.33
CA ALA A 22 24.25 28.58 10.08
C ALA A 22 24.48 27.07 10.09
N LEU A 23 24.93 26.54 11.23
CA LEU A 23 25.17 25.12 11.33
C LEU A 23 23.88 24.32 11.27
N ALA A 24 22.84 24.84 11.91
CA ALA A 24 21.55 24.17 11.92
C ALA A 24 20.98 24.04 10.50
N LEU A 25 21.12 25.11 9.72
CA LEU A 25 20.62 25.10 8.36
C LEU A 25 21.45 24.16 7.50
N ARG A 26 22.77 24.19 7.72
CA ARG A 26 23.67 23.33 6.98
C ARG A 26 23.34 21.88 7.26
N VAL A 27 23.12 21.57 8.53
CA VAL A 27 22.78 20.21 8.91
C VAL A 27 21.42 19.85 8.36
N SER A 28 20.49 20.79 8.43
CA SER A 28 19.14 20.56 7.95
C SER A 28 19.18 20.22 6.46
N MET A 29 20.01 20.96 5.74
CA MET A 29 20.18 20.73 4.32
C MET A 29 20.69 19.32 4.09
N GLU A 30 21.62 18.89 4.95
CA GLU A 30 22.15 17.53 4.84
C GLU A 30 21.11 16.50 5.21
N GLU A 31 20.25 16.82 6.17
CA GLU A 31 19.21 15.88 6.57
C GLU A 31 18.35 15.54 5.37
N GLN A 32 18.02 16.56 4.59
CA GLN A 32 17.21 16.33 3.39
C GLN A 32 18.03 15.54 2.38
N ARG A 33 19.32 15.84 2.31
CA ARG A 33 20.19 15.16 1.37
C ARG A 33 20.17 13.65 1.63
N GLN A 34 20.25 13.27 2.90
CA GLN A 34 20.21 11.85 3.24
C GLN A 34 18.89 11.23 2.80
N ARG A 35 17.81 11.96 3.02
CA ARG A 35 16.49 11.48 2.63
C ARG A 35 16.45 11.30 1.12
N GLN A 36 17.01 12.27 0.41
CA GLN A 36 17.07 12.23 -1.04
C GLN A 36 17.91 11.05 -1.50
N GLU A 37 19.00 10.80 -0.79
CA GLU A 37 19.89 9.70 -1.12
C GLU A 37 19.15 8.38 -1.04
N GLU A 38 18.35 8.21 0.02
CA GLU A 38 17.60 6.98 0.21
C GLU A 38 16.60 6.80 -0.92
N GLU A 39 15.93 7.90 -1.29
CA GLU A 39 14.97 7.84 -2.38
C GLU A 39 15.66 7.59 -3.69
N ALA A 40 16.80 8.24 -3.86
CA ALA A 40 17.58 8.10 -5.07
C ALA A 40 18.08 6.67 -5.23
N ARG A 41 18.51 6.08 -4.11
CA ARG A 41 19.01 4.72 -4.14
C ARG A 41 17.83 3.76 -4.21
N ARG A 42 16.70 4.17 -3.65
CA ARG A 42 15.50 3.34 -3.68
C ARG A 42 15.06 3.11 -5.11
N ALA A 43 14.99 4.20 -5.89
CA ALA A 43 14.60 4.09 -7.28
C ALA A 43 15.61 3.27 -8.05
N ALA A 44 16.89 3.49 -7.76
CA ALA A 44 17.97 2.76 -8.43
C ALA A 44 17.86 1.27 -8.15
N ALA A 45 17.57 0.92 -6.89
CA ALA A 45 17.43 -0.48 -6.51
C ALA A 45 16.29 -1.13 -7.28
N ALA A 46 15.16 -0.44 -7.34
CA ALA A 46 14.00 -0.95 -8.04
C ALA A 46 14.30 -1.07 -9.53
N SER A 47 14.97 -0.06 -10.06
CA SER A 47 15.32 -0.03 -11.47
C SER A 47 16.25 -1.20 -11.82
N ALA A 48 17.20 -1.46 -10.95
CA ALA A 48 18.14 -2.55 -11.17
C ALA A 48 17.38 -3.87 -11.25
N ALA A 49 16.43 -4.03 -10.35
CA ALA A 49 15.62 -5.24 -10.33
C ALA A 49 14.82 -5.35 -11.61
N GLU A 50 14.28 -4.22 -12.07
CA GLU A 50 13.50 -4.22 -13.30
C GLU A 50 14.37 -4.62 -14.48
N ALA A 51 15.57 -4.05 -14.53
CA ALA A 51 16.52 -4.36 -15.59
C ALA A 51 16.91 -5.83 -15.56
N GLY A 52 17.11 -6.35 -14.35
CA GLY A 52 17.50 -7.74 -14.20
C GLY A 52 16.39 -8.68 -14.65
N ILE A 53 15.15 -8.33 -14.32
CA ILE A 53 14.01 -9.17 -14.69
C ILE A 53 13.62 -8.92 -16.15
N ALA A 54 13.06 -7.76 -16.43
CA ALA A 54 12.65 -7.42 -17.78
C ALA A 54 12.47 -5.92 -17.93
N THR A 55 12.71 -5.40 -19.12
CA THR A 55 12.57 -3.97 -19.37
C THR A 55 11.37 -3.70 -20.28
N THR A 56 10.18 -4.00 -19.79
CA THR A 56 8.97 -3.78 -20.57
C THR A 56 7.90 -3.10 -19.71
N GLY A 57 7.01 -2.37 -20.36
CA GLY A 57 5.93 -1.68 -19.66
C GLY A 57 4.61 -1.78 -20.42
N THR A 58 4.57 -2.65 -21.42
CA THR A 58 3.37 -2.83 -22.22
C THR A 58 2.90 -4.29 -22.19
N GLU A 59 3.15 -4.96 -21.07
CA GLU A 59 2.77 -6.36 -20.93
C GLU A 59 1.25 -6.50 -20.86
N ASP A 60 0.61 -6.62 -22.02
CA ASP A 60 -0.84 -6.78 -22.08
C ASP A 60 -1.23 -8.25 -22.21
N SER A 61 -0.47 -8.97 -23.02
CA SER A 61 -0.73 -10.39 -23.24
C SER A 61 -0.56 -11.17 -21.95
N ASP A 62 0.41 -10.76 -21.15
CA ASP A 62 0.69 -11.43 -19.89
C ASP A 62 -0.51 -11.33 -18.95
N ASP A 63 -1.15 -10.17 -18.95
CA ASP A 63 -2.32 -9.95 -18.11
C ASP A 63 -3.46 -10.85 -18.54
N ALA A 64 -3.62 -10.99 -19.85
CA ALA A 64 -4.70 -11.83 -20.35
C ALA A 64 -4.51 -13.27 -19.88
N LEU A 65 -3.26 -13.72 -19.88
CA LEU A 65 -2.96 -15.07 -19.44
C LEU A 65 -3.34 -15.25 -17.98
N LEU A 66 -3.01 -14.25 -17.17
CA LEU A 66 -3.32 -14.32 -15.75
C LEU A 66 -4.83 -14.39 -15.53
N LYS A 67 -5.57 -13.61 -16.30
CA LYS A 67 -7.02 -13.59 -16.19
C LYS A 67 -7.60 -14.98 -16.48
N MET A 68 -7.11 -15.60 -17.55
CA MET A 68 -7.60 -16.93 -17.92
C MET A 68 -7.25 -17.96 -16.84
N THR A 69 -6.05 -17.87 -16.30
CA THR A 69 -5.61 -18.82 -15.28
C THR A 69 -6.41 -18.65 -13.99
N ILE A 70 -6.58 -17.41 -13.54
CA ILE A 70 -7.33 -17.16 -12.32
C ILE A 70 -8.80 -17.46 -12.54
N SER A 71 -9.26 -17.26 -13.77
CA SER A 71 -10.65 -17.52 -14.09
C SER A 71 -10.99 -18.98 -13.83
N GLN A 72 -10.13 -19.89 -14.29
CA GLN A 72 -10.38 -21.31 -14.08
C GLN A 72 -10.35 -21.64 -12.59
N GLN A 73 -9.38 -21.06 -11.87
CA GLN A 73 -9.27 -21.32 -10.44
C GLN A 73 -10.49 -20.79 -9.67
N GLU A 74 -10.98 -19.63 -10.08
CA GLU A 74 -12.14 -19.04 -9.42
C GLU A 74 -13.36 -19.95 -9.55
N PHE A 75 -13.52 -20.56 -10.72
CA PHE A 75 -14.64 -21.46 -10.94
C PHE A 75 -14.30 -22.89 -10.51
N GLY A 76 -13.18 -23.05 -9.80
CA GLY A 76 -12.75 -24.36 -9.34
C GLY A 76 -13.35 -24.67 -7.95
N ARG A 77 -14.31 -23.86 -7.53
CA ARG A 77 -14.95 -24.04 -6.23
C ARG A 77 -13.92 -23.98 -5.11
N THR A 78 -12.81 -23.29 -5.39
CA THR A 78 -11.75 -23.16 -4.40
C THR A 78 -11.30 -24.51 -3.85
N GLY A 79 -11.57 -25.57 -4.62
CA GLY A 79 -11.18 -26.91 -4.20
C GLY A 79 -11.92 -27.31 -2.93
N LEU A 80 -13.16 -26.83 -2.80
CA LEU A 80 -13.99 -27.11 -1.64
C LEU A 80 -13.37 -26.49 -0.38
N PRO A 81 -14.16 -26.29 0.63
CA PRO A 81 -13.68 -25.68 1.91
C PRO A 81 -12.72 -26.60 2.66
N ASP A 82 -12.83 -27.90 2.43
CA ASP A 82 -11.97 -28.87 3.09
C ASP A 82 -11.94 -28.60 4.59
N LEU A 83 -13.01 -29.01 5.28
CA LEU A 83 -13.09 -28.79 6.73
C LEU A 83 -11.94 -29.49 7.44
N SER A 84 -11.61 -30.70 6.99
CA SER A 84 -10.52 -31.46 7.60
C SER A 84 -9.21 -30.70 7.47
N SER A 85 -8.98 -30.11 6.30
CA SER A 85 -7.75 -29.34 6.05
C SER A 85 -7.69 -28.12 6.95
N MET A 86 -8.82 -27.44 7.08
CA MET A 86 -8.91 -26.24 7.89
C MET A 86 -8.76 -26.57 9.36
N THR A 87 -8.41 -25.55 10.16
CA THR A 87 -8.23 -25.74 11.59
C THR A 87 -9.58 -25.81 12.29
N GLU A 88 -9.56 -26.24 13.55
CA GLU A 88 -10.79 -26.36 14.33
C GLU A 88 -11.49 -25.00 14.44
N GLU A 89 -10.72 -23.93 14.56
CA GLU A 89 -11.27 -22.60 14.67
C GLU A 89 -12.04 -22.23 13.41
N GLU A 90 -11.49 -22.61 12.25
CA GLU A 90 -12.13 -22.30 10.99
C GLU A 90 -13.47 -23.03 10.87
N GLN A 91 -13.47 -24.30 11.24
CA GLN A 91 -14.68 -25.10 11.19
C GLN A 91 -15.71 -24.57 12.18
N ILE A 92 -15.22 -24.22 13.37
CA ILE A 92 -16.08 -23.66 14.39
C ILE A 92 -16.70 -22.35 13.93
N ALA A 93 -15.90 -21.51 13.30
CA ALA A 93 -16.37 -20.23 12.79
C ALA A 93 -17.46 -20.43 11.76
N TYR A 94 -17.28 -21.45 10.92
CA TYR A 94 -18.25 -21.74 9.87
C TYR A 94 -19.62 -22.03 10.47
N ALA A 95 -19.64 -22.86 11.51
CA ALA A 95 -20.89 -23.22 12.18
C ALA A 95 -21.57 -21.98 12.75
N MET A 96 -20.76 -21.07 13.28
CA MET A 96 -21.28 -19.85 13.87
C MET A 96 -21.98 -19.01 12.82
N GLN A 97 -21.38 -18.97 11.62
CA GLN A 97 -21.96 -18.19 10.54
C GLN A 97 -23.35 -18.70 10.19
N MET A 98 -23.48 -20.03 10.14
CA MET A 98 -24.75 -20.65 9.82
C MET A 98 -25.76 -20.39 10.94
N SER A 99 -25.29 -20.39 12.17
CA SER A 99 -26.17 -20.16 13.32
C SER A 99 -26.86 -18.81 13.20
N LEU A 100 -26.12 -17.81 12.76
CA LEU A 100 -26.68 -16.47 12.61
C LEU A 100 -27.36 -16.30 11.24
N GLN A 101 -27.64 -17.42 10.57
CA GLN A 101 -28.30 -17.38 9.27
C GLN A 101 -27.47 -16.59 8.26
N GLY A 102 -26.18 -16.95 8.16
CA GLY A 102 -25.29 -16.27 7.23
C GLY A 102 -24.89 -14.90 7.75
N ALA A 103 -24.21 -14.88 8.90
CA ALA A 103 -23.78 -13.63 9.49
C ALA A 103 -22.65 -12.99 8.67
N GLU A 104 -23.02 -12.44 7.51
CA GLU A 104 -22.04 -11.82 6.63
C GLU A 104 -21.74 -10.39 7.10
N PHE A 105 -20.46 -10.06 7.13
CA PHE A 105 -20.04 -8.73 7.56
C PHE A 105 -19.41 -7.98 6.40
N GLY A 106 -19.93 -6.79 6.11
CA GLY A 106 -19.40 -5.99 5.03
C GLY A 106 -20.03 -4.61 5.01
N GLN A 107 -19.57 -3.76 4.10
CA GLN A 107 -20.11 -2.40 3.99
C GLN A 107 -20.73 -2.19 2.61
N ALA A 108 -21.70 -1.27 2.54
CA ALA A 108 -22.31 -0.93 1.28
C ALA A 108 -22.89 -2.20 0.65
N GLU A 109 -23.29 -2.09 -0.61
CA GLU A 109 -23.86 -3.24 -1.32
C GLU A 109 -22.83 -4.35 -1.42
N SER A 110 -21.59 -4.00 -1.75
CA SER A 110 -20.53 -4.99 -1.87
C SER A 110 -19.18 -4.38 -1.50
N ALA A 111 -19.20 -3.27 -0.76
CA ALA A 111 -17.97 -2.61 -0.35
C ALA A 111 -17.28 -3.39 0.77
N ALA B 1 -9.02 11.05 -4.77
CA ALA B 1 -8.20 9.90 -4.30
C ALA B 1 -7.64 10.21 -2.91
N PRO B 2 -8.51 10.35 -1.94
CA PRO B 2 -8.11 10.66 -0.53
C PRO B 2 -7.43 9.47 0.14
N ALA B 3 -6.59 9.76 1.13
CA ALA B 3 -5.88 8.72 1.86
C ALA B 3 -6.15 8.82 3.35
N GLU B 4 -6.14 7.67 4.03
CA GLU B 4 -6.41 7.64 5.47
C GLU B 4 -5.23 8.24 6.25
N PRO B 5 -5.50 8.79 7.42
CA PRO B 5 -4.44 9.39 8.29
C PRO B 5 -3.39 8.38 8.74
N LYS B 6 -2.22 8.86 9.17
CA LYS B 6 -1.15 7.98 9.62
C LYS B 6 -0.24 8.71 10.59
N ILE B 7 0.13 8.04 11.67
CA ILE B 7 1.01 8.64 12.66
C ILE B 7 2.46 8.58 12.21
N ILE B 8 3.15 9.70 12.35
CA ILE B 8 4.54 9.80 11.97
C ILE B 8 5.41 10.10 13.17
N LYS B 9 6.64 9.64 13.14
CA LYS B 9 7.55 9.89 14.26
C LYS B 9 8.66 10.82 13.82
N VAL B 10 8.63 12.03 14.33
CA VAL B 10 9.65 13.02 13.98
C VAL B 10 10.68 13.09 15.08
N THR B 11 11.94 13.09 14.70
CA THR B 11 13.01 13.17 15.67
C THR B 11 13.37 14.62 15.92
N VAL B 12 13.04 15.10 17.11
CA VAL B 12 13.33 16.47 17.47
C VAL B 12 14.68 16.54 18.13
N LYS B 13 15.60 17.29 17.55
CA LYS B 13 16.94 17.39 18.12
C LYS B 13 17.11 18.73 18.82
N THR B 14 17.21 18.67 20.15
CA THR B 14 17.38 19.85 20.95
C THR B 14 18.84 20.28 20.94
N PRO B 15 19.14 21.43 21.48
CA PRO B 15 20.54 21.97 21.51
C PRO B 15 21.54 20.95 22.03
N LYS B 16 21.11 20.13 22.98
CA LYS B 16 21.98 19.10 23.54
C LYS B 16 21.21 17.82 23.83
N GLU B 17 20.01 17.74 23.29
CA GLU B 17 19.16 16.56 23.51
C GLU B 17 18.48 16.16 22.19
N LYS B 18 17.69 15.09 22.23
CA LYS B 18 16.98 14.61 21.05
C LYS B 18 15.94 13.57 21.45
N GLU B 19 14.74 13.71 20.90
CA GLU B 19 13.66 12.78 21.21
C GLU B 19 12.71 12.64 20.04
N GLU B 20 12.05 11.48 19.94
CA GLU B 20 11.11 11.25 18.85
C GLU B 20 9.68 11.49 19.31
N PHE B 21 8.91 12.18 18.48
CA PHE B 21 7.52 12.49 18.78
C PHE B 21 6.59 11.87 17.74
N ALA B 22 5.60 11.10 18.20
CA ALA B 22 4.65 10.46 17.29
C ALA B 22 3.40 11.33 17.15
N VAL B 23 3.09 11.75 15.93
CA VAL B 23 1.90 12.58 15.72
C VAL B 23 1.33 12.35 14.33
N PRO B 24 0.07 12.60 14.12
CA PRO B 24 -0.55 12.40 12.78
C PRO B 24 0.20 13.14 11.67
N GLU B 25 0.33 12.49 10.52
CA GLU B 25 1.05 13.08 9.39
C GLU B 25 0.41 14.42 8.99
N ASN B 26 -0.83 14.62 9.39
CA ASN B 26 -1.53 15.86 9.05
C ASN B 26 -1.52 16.81 10.23
N SER B 27 -0.57 16.61 11.14
CA SER B 27 -0.47 17.46 12.31
C SER B 27 0.07 18.83 11.93
N SER B 28 -0.18 19.81 12.79
CA SER B 28 0.28 21.16 12.56
C SER B 28 1.51 21.45 13.41
N VAL B 29 2.29 22.41 12.99
CA VAL B 29 3.50 22.75 13.72
C VAL B 29 3.13 23.15 15.13
N GLN B 30 2.04 23.90 15.28
CA GLN B 30 1.59 24.35 16.58
C GLN B 30 1.35 23.17 17.50
N GLN B 31 0.73 22.12 16.98
CA GLN B 31 0.45 20.93 17.78
C GLN B 31 1.75 20.22 18.14
N PHE B 32 2.66 20.19 17.19
CA PHE B 32 3.95 19.54 17.38
C PHE B 32 4.75 20.27 18.44
N LYS B 33 4.72 21.61 18.39
CA LYS B 33 5.44 22.41 19.36
C LYS B 33 4.89 22.16 20.75
N GLU B 34 3.58 22.00 20.84
CA GLU B 34 2.95 21.75 22.13
C GLU B 34 3.45 20.45 22.74
N ALA B 35 3.60 19.43 21.89
CA ALA B 35 4.07 18.14 22.34
C ALA B 35 5.49 18.21 22.86
N ILE B 36 6.32 18.93 22.11
CA ILE B 36 7.71 19.09 22.47
C ILE B 36 7.85 19.90 23.77
N SER B 37 7.05 20.95 23.87
CA SER B 37 7.09 21.82 25.02
C SER B 37 6.65 21.07 26.27
N LYS B 38 5.85 20.04 26.08
CA LYS B 38 5.39 19.25 27.22
C LYS B 38 6.51 18.37 27.75
N ARG B 39 7.20 17.67 26.84
CA ARG B 39 8.29 16.78 27.24
C ARG B 39 9.47 17.57 27.77
N PHE B 40 9.75 18.66 27.07
CA PHE B 40 10.85 19.53 27.47
C PHE B 40 10.40 20.52 28.54
N LYS B 41 9.09 20.60 28.78
CA LYS B 41 8.56 21.52 29.78
C LYS B 41 8.98 22.95 29.46
N SER B 42 8.92 23.30 28.19
CA SER B 42 9.29 24.63 27.73
C SER B 42 8.06 25.38 27.23
N GLN B 43 8.26 26.54 26.60
CA GLN B 43 7.15 27.32 26.09
C GLN B 43 7.25 27.45 24.57
N THR B 44 6.11 27.52 23.90
CA THR B 44 6.09 27.64 22.45
C THR B 44 6.57 29.03 22.02
N ASP B 45 6.72 29.92 22.99
CA ASP B 45 7.16 31.28 22.70
C ASP B 45 8.64 31.30 22.29
N GLN B 46 9.42 30.41 22.89
CA GLN B 46 10.85 30.36 22.61
C GLN B 46 11.21 29.16 21.73
N LEU B 47 10.31 28.19 21.70
CA LEU B 47 10.55 26.98 20.91
C LEU B 47 10.47 27.29 19.42
N VAL B 48 11.59 27.08 18.72
CA VAL B 48 11.64 27.34 17.29
C VAL B 48 12.18 26.10 16.58
N LEU B 49 11.47 25.63 15.55
CA LEU B 49 11.92 24.46 14.84
C LEU B 49 12.70 24.85 13.59
N ILE B 50 13.57 23.96 13.14
CA ILE B 50 14.36 24.22 11.95
C ILE B 50 14.38 23.01 11.04
N PHE B 51 14.10 23.24 9.76
CA PHE B 51 14.08 22.15 8.78
C PHE B 51 14.05 22.70 7.35
N ALA B 52 14.64 21.95 6.43
CA ALA B 52 14.69 22.35 5.04
C ALA B 52 15.43 23.67 4.88
N GLY B 53 16.22 24.02 5.90
CA GLY B 53 16.98 25.26 5.87
C GLY B 53 16.11 26.44 6.25
N LYS B 54 14.92 26.17 6.78
CA LYS B 54 14.00 27.22 7.18
C LYS B 54 13.46 26.95 8.57
N ILE B 55 13.19 28.02 9.30
CA ILE B 55 12.67 27.88 10.64
C ILE B 55 11.18 27.54 10.61
N LEU B 56 10.86 26.37 11.15
CA LEU B 56 9.48 25.91 11.22
C LEU B 56 8.74 26.62 12.33
N LYS B 57 7.57 27.15 12.00
CA LYS B 57 6.75 27.88 12.96
C LYS B 57 5.35 27.31 13.05
N ASP B 58 4.62 27.72 14.08
CA ASP B 58 3.26 27.26 14.26
C ASP B 58 2.35 27.75 13.13
N GLN B 59 2.87 28.68 12.33
CA GLN B 59 2.09 29.23 11.22
C GLN B 59 2.06 28.25 10.04
N ASP B 60 2.90 27.21 10.09
CA ASP B 60 2.95 26.22 9.02
C ASP B 60 2.63 24.82 9.55
N THR B 61 2.52 23.86 8.64
CA THR B 61 2.21 22.49 9.00
C THR B 61 3.44 21.61 8.84
N LEU B 62 3.44 20.46 9.51
CA LEU B 62 4.59 19.58 9.43
C LEU B 62 4.72 18.99 8.03
N ILE B 63 3.62 18.47 7.52
CA ILE B 63 3.62 17.87 6.19
C ILE B 63 3.75 18.92 5.11
N GLN B 64 3.22 20.09 5.39
CA GLN B 64 3.29 21.18 4.45
C GLN B 64 4.72 21.63 4.30
N HIS B 65 5.49 21.45 5.36
CA HIS B 65 6.89 21.83 5.33
C HIS B 65 7.73 20.71 4.74
N GLY B 66 7.18 19.49 4.74
CA GLY B 66 7.92 18.35 4.21
C GLY B 66 8.39 17.44 5.34
N ILE B 67 7.86 17.67 6.55
CA ILE B 67 8.24 16.85 7.69
C ILE B 67 7.39 15.59 7.73
N HIS B 68 8.06 14.44 7.73
CA HIS B 68 7.35 13.16 7.76
C HIS B 68 7.96 12.21 8.79
N ASP B 69 7.54 10.96 8.74
CA ASP B 69 8.05 9.97 9.68
C ASP B 69 9.50 9.65 9.40
N GLY B 70 10.30 9.65 10.44
CA GLY B 70 11.72 9.34 10.32
C GLY B 70 12.53 10.59 10.01
N LEU B 71 11.86 11.71 9.73
CA LEU B 71 12.57 12.95 9.42
C LEU B 71 13.02 13.63 10.71
N THR B 72 14.24 14.15 10.70
CA THR B 72 14.79 14.84 11.86
C THR B 72 14.47 16.33 11.81
N VAL B 73 14.42 16.95 12.97
CA VAL B 73 14.14 18.38 13.05
C VAL B 73 15.09 19.05 14.04
N HIS B 74 15.44 20.29 13.77
CA HIS B 74 16.34 21.01 14.65
C HIS B 74 15.56 21.95 15.57
N LEU B 75 15.46 21.57 16.82
CA LEU B 75 14.72 22.38 17.80
C LEU B 75 15.66 23.38 18.47
N VAL B 76 15.26 24.63 18.47
CA VAL B 76 16.05 25.68 19.07
C VAL B 76 15.20 26.53 20.02
N ILE B 77 15.65 26.65 21.27
CA ILE B 77 14.92 27.45 22.25
C ILE B 77 15.64 28.78 22.47
N LYS B 78 14.89 29.87 22.34
CA LYS B 78 15.46 31.20 22.52
C LYS B 78 14.38 32.26 22.40
N ALA C 1 -46.16 -28.15 36.56
CA ALA C 1 -47.09 -29.21 37.06
C ALA C 1 -46.34 -30.19 37.96
N PRO C 2 -45.29 -30.85 37.50
CA PRO C 2 -44.54 -31.82 38.34
C PRO C 2 -43.66 -31.13 39.38
N ALA C 3 -43.34 -31.84 40.46
CA ALA C 3 -42.51 -31.29 41.52
C ALA C 3 -41.14 -30.90 40.97
N GLU C 4 -40.59 -31.76 40.11
CA GLU C 4 -39.29 -31.50 39.52
C GLU C 4 -39.43 -30.67 38.24
N PRO C 5 -38.35 -30.09 37.77
CA PRO C 5 -38.34 -29.27 36.53
C PRO C 5 -38.79 -30.07 35.30
N LYS C 6 -39.06 -29.37 34.20
CA LYS C 6 -39.51 -30.02 32.98
C LYS C 6 -38.34 -30.40 32.09
N ILE C 7 -38.36 -31.62 31.60
CA ILE C 7 -37.30 -32.12 30.72
C ILE C 7 -37.52 -31.59 29.32
N ILE C 8 -36.42 -31.20 28.68
CA ILE C 8 -36.48 -30.66 27.34
C ILE C 8 -35.66 -31.50 26.39
N LYS C 9 -36.00 -31.44 25.12
CA LYS C 9 -35.26 -32.20 24.12
C LYS C 9 -34.51 -31.26 23.19
N VAL C 10 -33.21 -31.19 23.35
CA VAL C 10 -32.40 -30.32 22.51
C VAL C 10 -31.76 -31.12 21.40
N THR C 11 -31.81 -30.59 20.20
CA THR C 11 -31.22 -31.27 19.06
C THR C 11 -29.76 -30.87 18.93
N VAL C 12 -28.87 -31.81 19.20
CA VAL C 12 -27.45 -31.56 19.11
C VAL C 12 -26.92 -31.96 17.75
N LYS C 13 -26.27 -31.03 17.07
CA LYS C 13 -25.74 -31.33 15.75
C LYS C 13 -24.22 -31.42 15.80
N THR C 14 -23.67 -32.46 15.20
CA THR C 14 -22.23 -32.66 15.17
C THR C 14 -21.77 -33.03 13.77
N PRO C 15 -20.49 -32.88 13.51
CA PRO C 15 -19.90 -33.19 12.17
C PRO C 15 -20.17 -34.63 11.72
N LYS C 16 -20.64 -35.47 12.63
CA LYS C 16 -20.92 -36.84 12.30
C LYS C 16 -22.41 -37.00 12.05
N GLU C 17 -23.20 -36.33 12.88
CA GLU C 17 -24.65 -36.40 12.77
C GLU C 17 -25.32 -35.56 13.86
N LYS C 18 -26.65 -35.68 14.01
CA LYS C 18 -27.37 -34.93 15.03
C LYS C 18 -28.29 -35.85 15.80
N GLU C 19 -28.53 -35.51 17.05
CA GLU C 19 -29.41 -36.34 17.86
C GLU C 19 -30.08 -35.52 18.96
N GLU C 20 -31.34 -35.80 19.22
CA GLU C 20 -32.08 -35.09 20.28
C GLU C 20 -31.82 -35.71 21.64
N PHE C 21 -31.47 -34.87 22.59
CA PHE C 21 -31.18 -35.32 23.94
C PHE C 21 -32.20 -34.75 24.93
N ALA C 22 -32.77 -35.63 25.75
CA ALA C 22 -33.75 -35.21 26.74
C ALA C 22 -33.04 -34.87 28.05
N VAL C 23 -33.09 -33.61 28.46
CA VAL C 23 -32.44 -33.21 29.71
C VAL C 23 -33.25 -32.13 30.41
N PRO C 24 -33.16 -32.03 31.70
CA PRO C 24 -33.92 -31.00 32.48
C PRO C 24 -33.78 -29.61 31.85
N GLU C 25 -34.89 -28.87 31.84
CA GLU C 25 -34.87 -27.52 31.26
C GLU C 25 -33.83 -26.64 31.95
N ASN C 26 -33.41 -27.06 33.14
CA ASN C 26 -32.43 -26.29 33.90
C ASN C 26 -31.07 -26.95 33.85
N SER C 27 -30.86 -27.80 32.85
CA SER C 27 -29.60 -28.49 32.72
C SER C 27 -28.50 -27.55 32.22
N SER C 28 -27.32 -27.68 32.83
CA SER C 28 -26.20 -26.84 32.43
C SER C 28 -25.51 -27.45 31.23
N VAL C 29 -24.68 -26.65 30.59
CA VAL C 29 -23.96 -27.12 29.43
C VAL C 29 -23.06 -28.27 29.83
N GLN C 30 -22.43 -28.14 31.01
CA GLN C 30 -21.55 -29.17 31.51
C GLN C 30 -22.29 -30.50 31.61
N GLN C 31 -23.50 -30.46 32.14
CA GLN C 31 -24.29 -31.68 32.27
C GLN C 31 -24.67 -32.22 30.90
N PHE C 32 -25.00 -31.31 29.99
CA PHE C 32 -25.39 -31.71 28.65
C PHE C 32 -24.21 -32.31 27.92
N LYS C 33 -23.03 -31.71 28.11
CA LYS C 33 -21.83 -32.21 27.46
C LYS C 33 -21.57 -33.62 27.91
N GLU C 34 -21.82 -33.89 29.18
CA GLU C 34 -21.61 -35.23 29.69
C GLU C 34 -22.52 -36.23 28.98
N ALA C 35 -23.77 -35.82 28.75
CA ALA C 35 -24.74 -36.69 28.09
C ALA C 35 -24.40 -36.88 26.62
N ILE C 36 -24.02 -35.80 25.97
CA ILE C 36 -23.65 -35.82 24.57
C ILE C 36 -22.36 -36.60 24.38
N SER C 37 -21.44 -36.43 25.32
CA SER C 37 -20.17 -37.10 25.27
C SER C 37 -20.35 -38.60 25.26
N LYS C 38 -21.27 -39.08 26.09
CA LYS C 38 -21.51 -40.50 26.15
C LYS C 38 -22.08 -41.01 24.81
N ARG C 39 -23.06 -40.29 24.26
CA ARG C 39 -23.69 -40.70 23.01
C ARG C 39 -22.71 -40.72 21.85
N PHE C 40 -21.96 -39.66 21.72
CA PHE C 40 -20.97 -39.56 20.65
C PHE C 40 -19.64 -40.18 21.08
N LYS C 41 -19.56 -40.61 22.33
CA LYS C 41 -18.31 -41.16 22.84
C LYS C 41 -17.13 -40.22 22.61
N SER C 42 -17.34 -38.95 22.89
CA SER C 42 -16.32 -37.93 22.71
C SER C 42 -15.79 -37.46 24.07
N GLN C 43 -14.99 -36.38 24.08
CA GLN C 43 -14.44 -35.87 25.32
C GLN C 43 -14.95 -34.44 25.53
N THR C 44 -15.29 -34.11 26.76
CA THR C 44 -15.78 -32.78 27.07
C THR C 44 -14.76 -31.71 26.74
N ASP C 45 -13.50 -32.13 26.60
CA ASP C 45 -12.42 -31.20 26.29
C ASP C 45 -12.53 -30.69 24.86
N GLN C 46 -12.91 -31.60 23.96
CA GLN C 46 -13.03 -31.27 22.55
C GLN C 46 -14.47 -30.87 22.20
N LEU C 47 -15.41 -31.21 23.07
CA LEU C 47 -16.81 -30.89 22.83
C LEU C 47 -17.09 -29.41 23.07
N VAL C 48 -17.37 -28.68 22.01
CA VAL C 48 -17.66 -27.26 22.11
C VAL C 48 -19.03 -26.96 21.50
N LEU C 49 -19.93 -26.38 22.27
CA LEU C 49 -21.26 -26.08 21.75
C LEU C 49 -21.30 -24.70 21.11
N ILE C 50 -22.24 -24.51 20.21
CA ILE C 50 -22.39 -23.23 19.52
C ILE C 50 -23.86 -22.82 19.45
N PHE C 51 -24.15 -21.59 19.83
CA PHE C 51 -25.52 -21.10 19.80
C PHE C 51 -25.56 -19.57 19.83
N ALA C 52 -26.52 -18.99 19.12
CA ALA C 52 -26.66 -17.54 19.08
C ALA C 52 -25.41 -16.89 18.50
N GLY C 53 -24.64 -17.66 17.74
CA GLY C 53 -23.42 -17.14 17.14
C GLY C 53 -22.29 -17.09 18.15
N LYS C 54 -22.48 -17.74 19.31
CA LYS C 54 -21.48 -17.75 20.35
C LYS C 54 -21.19 -19.16 20.81
N ILE C 55 -19.93 -19.44 21.11
CA ILE C 55 -19.56 -20.77 21.56
C ILE C 55 -19.96 -20.96 23.03
N LEU C 56 -20.73 -22.02 23.28
CA LEU C 56 -21.17 -22.33 24.63
C LEU C 56 -20.23 -23.34 25.26
N LYS C 57 -19.91 -23.13 26.54
CA LYS C 57 -19.01 -24.01 27.25
C LYS C 57 -19.71 -24.69 28.41
N ASP C 58 -19.05 -25.67 29.00
CA ASP C 58 -19.63 -26.40 30.12
C ASP C 58 -20.05 -25.45 31.24
N GLN C 59 -19.37 -24.31 31.33
CA GLN C 59 -19.67 -23.32 32.35
C GLN C 59 -21.02 -22.64 32.08
N ASP C 60 -21.43 -22.62 30.81
CA ASP C 60 -22.68 -22.00 30.43
C ASP C 60 -23.88 -22.89 30.76
N THR C 61 -25.07 -22.32 30.74
CA THR C 61 -26.28 -23.07 31.04
C THR C 61 -27.23 -23.03 29.85
N LEU C 62 -28.00 -24.10 29.67
CA LEU C 62 -28.92 -24.15 28.54
C LEU C 62 -30.01 -23.11 28.67
N ILE C 63 -30.71 -23.13 29.79
CA ILE C 63 -31.78 -22.17 30.04
C ILE C 63 -31.23 -20.76 30.15
N GLN C 64 -30.00 -20.68 30.60
CA GLN C 64 -29.34 -19.40 30.74
C GLN C 64 -29.19 -18.76 29.37
N HIS C 65 -28.98 -19.60 28.37
CA HIS C 65 -28.83 -19.12 27.00
C HIS C 65 -30.19 -19.06 26.30
N GLY C 66 -31.19 -19.68 26.91
CA GLY C 66 -32.52 -19.69 26.31
C GLY C 66 -32.79 -21.01 25.61
N ILE C 67 -31.90 -21.99 25.84
CA ILE C 67 -32.07 -23.29 25.23
C ILE C 67 -33.22 -24.02 25.89
N HIS C 68 -34.21 -24.41 25.09
CA HIS C 68 -35.38 -25.11 25.62
C HIS C 68 -35.70 -26.34 24.78
N ASP C 69 -36.85 -26.94 25.04
CA ASP C 69 -37.27 -28.13 24.30
C ASP C 69 -37.58 -27.79 22.86
N GLY C 70 -36.87 -28.44 21.96
CA GLY C 70 -37.08 -28.23 20.53
C GLY C 70 -36.01 -27.31 19.92
N LEU C 71 -35.20 -26.70 20.76
CA LEU C 71 -34.15 -25.81 20.28
C LEU C 71 -32.99 -26.63 19.71
N THR C 72 -32.27 -26.05 18.76
CA THR C 72 -31.14 -26.73 18.13
C THR C 72 -29.83 -26.18 18.67
N VAL C 73 -28.81 -27.04 18.68
CA VAL C 73 -27.49 -26.65 19.16
C VAL C 73 -26.43 -27.14 18.18
N HIS C 74 -25.36 -26.36 18.04
CA HIS C 74 -24.29 -26.71 17.13
C HIS C 74 -23.09 -27.23 17.90
N LEU C 75 -22.97 -28.54 17.96
CA LEU C 75 -21.86 -29.16 18.68
C LEU C 75 -20.68 -29.36 17.75
N VAL C 76 -19.52 -28.89 18.19
CA VAL C 76 -18.31 -28.98 17.40
C VAL C 76 -17.21 -29.70 18.18
N ILE C 77 -16.64 -30.74 17.58
CA ILE C 77 -15.59 -31.50 18.23
C ILE C 77 -14.23 -31.14 17.65
N LYS C 78 -13.29 -30.82 18.53
CA LYS C 78 -11.94 -30.46 18.08
C LYS C 78 -11.22 -31.67 17.51
#